data_5YRV
#
_entry.id   5YRV
#
_cell.length_a   72.777
_cell.length_b   95.666
_cell.length_c   114.514
_cell.angle_alpha   80.61
_cell.angle_beta   87.77
_cell.angle_gamma   81.25
#
_symmetry.space_group_name_H-M   'P 1'
#
loop_
_entity.id
_entity.type
_entity.pdbx_description
1 polymer 'Diol dehydrase alpha subunit'
2 polymer 'Diol dehydrase beta subunit'
3 polymer 'Diol dehydrase gamma subunit'
4 non-polymer 'CALCIUM ION'
5 non-polymer 'POTASSIUM ION'
6 non-polymer S-1,2-PROPANEDIOL
7 non-polymer "5'-DEOXYADENOSINE"
8 non-polymer 'CHLORIDE ION'
9 non-polymer COBALAMIN
10 water water
#
loop_
_entity_poly.entity_id
_entity_poly.type
_entity_poly.pdbx_seq_one_letter_code
_entity_poly.pdbx_strand_id
1 'polypeptide(L)'
;MRSKRFEALAKRPVNQDGFVKEWIEEGFIAMESPNDPKPSIKIVNGAVTELDGKPVSDFDLIDHFIARYGINLNRAEEVM
AMDSVKLANMLCDPNVKRSEIVPLTTAMTPAKIVEVVSHMNVVEMMMAMQKMRARRTPSQQAHVTNVKDNPVQIAADAAE
GAWRGFDEQETTVAVARYAPFNAIALLVGSQVGRPGVLTQCSLEEATELKLGMLGHTCYAETISVYGTEPVFTDGDDTPW
SKGFLASSYASRGLKMRFTSGSGSEVQMGYAEGKSMLYLEARCIYITKAAGVQGLQNGSVSCIGVPSAVPSGIRAVLAEN
LICSSLDLECASSNDQTFTHSDMRRTARLLMQFLPGTDFISSGYSAVPNYDNMFAGSNEDAEDFDDYNVIQRDLKVDGGL
RPVREEDVIAIRNKAARALQAVFAGMGLPPITDEEVEAATYAHGSKDMPERNIVEDIKFAQEIINKNRNGLEVVKALAQG
GFTDVAQDMLNIQKAKLTGDYLHTSAIIVGDGQVLSAVNDVNDYAGPATGYRLQGERWEEIKNIPGALDPNEID
;
A,D,G,J
2 'polypeptide(L)'
;MSSHHHHHHSAALEVLFQGPGGFLTEVGEARQGTQQDEVIIAVGPAFGLAQTVNIVGIPHKSILREVIAGIEEEGIKARV
IRCFKSSDVAFVAVEGNRLSGSGISIGIQSKGTTVIHQQGLPPLSNLELFPQAPLLTLETYRQIGKNAARYAKRESPQPV
PTLNDQMARPKYQAKSAILHIKETKYVVTGKNPQELRVAL
;
B,E,H,K
3 'polypeptide(L)'
;MARVSDYPLANKHPEWVKTATNKTLDDFTLENVLSNKVTAQDMRITPETLRLQASIAKDAGRDRLAMNFERAAELTAVPD
DRILEIYNALRPYRSTKEELLAIADDLESRYQAKICAAFVREAATLYVERKKLKGDD
;
C,F,I,L
#
loop_
_chem_comp.id
_chem_comp.type
_chem_comp.name
_chem_comp.formula
5AD non-polymer 5'-DEOXYADENOSINE 'C10 H13 N5 O3'
B12 non-polymer COBALAMIN 'C62 H89 Co N13 O14 P 2'
CA non-polymer 'CALCIUM ION' 'Ca 2'
CL non-polymer 'CHLORIDE ION' 'Cl -1'
K non-polymer 'POTASSIUM ION' 'K 1'
PGO non-polymer S-1,2-PROPANEDIOL 'C3 H8 O2'
#
# COMPACT_ATOMS: atom_id res chain seq x y z
N MET A 1 37.82 -4.70 -4.63
CA MET A 1 38.50 -4.05 -3.53
C MET A 1 37.49 -3.51 -2.52
N ARG A 2 37.73 -3.76 -1.24
CA ARG A 2 36.82 -3.36 -0.17
C ARG A 2 37.20 -2.00 0.39
N SER A 3 36.17 -1.22 0.74
CA SER A 3 36.40 -0.03 1.55
C SER A 3 36.67 -0.44 3.01
N LYS A 4 37.79 0.03 3.57
CA LYS A 4 38.07 -0.27 4.96
C LYS A 4 37.10 0.42 5.90
N ARG A 5 36.54 1.56 5.47
CA ARG A 5 35.45 2.19 6.22
C ARG A 5 34.28 1.22 6.38
N PHE A 6 33.88 0.58 5.28
CA PHE A 6 32.74 -0.32 5.37
C PHE A 6 33.10 -1.63 6.07
N GLU A 7 34.35 -2.07 5.95
CA GLU A 7 34.79 -3.24 6.71
C GLU A 7 34.70 -2.97 8.21
N ALA A 8 35.07 -1.76 8.64
CA ALA A 8 34.97 -1.42 10.07
C ALA A 8 33.51 -1.39 10.51
N LEU A 9 32.65 -0.76 9.71
CA LEU A 9 31.24 -0.68 10.08
C LEU A 9 30.59 -2.06 10.11
N ALA A 10 31.00 -2.96 9.20
CA ALA A 10 30.33 -4.26 9.15
C ALA A 10 30.58 -5.07 10.41
N LYS A 11 31.67 -4.79 11.11
CA LYS A 11 31.97 -5.45 12.37
C LYS A 11 31.23 -4.85 13.56
N ARG A 12 30.51 -3.74 13.39
CA ARG A 12 29.88 -3.10 14.54
C ARG A 12 28.80 -3.99 15.13
N PRO A 13 28.68 -4.02 16.47
CA PRO A 13 27.63 -4.84 17.10
C PRO A 13 26.24 -4.63 16.54
N VAL A 14 25.88 -3.39 16.16
CA VAL A 14 24.50 -3.13 15.73
C VAL A 14 24.17 -3.96 14.49
N ASN A 15 25.17 -4.33 13.69
CA ASN A 15 24.90 -5.09 12.48
C ASN A 15 24.74 -6.57 12.75
N GLN A 16 24.77 -6.98 14.02
CA GLN A 16 24.35 -8.32 14.41
CA GLN A 16 24.34 -8.31 14.39
C GLN A 16 22.86 -8.38 14.76
N ASP A 17 22.20 -7.23 14.90
CA ASP A 17 20.80 -7.17 15.24
C ASP A 17 19.94 -7.66 14.08
N GLY A 18 18.74 -8.11 14.41
CA GLY A 18 17.82 -8.54 13.37
C GLY A 18 16.93 -7.43 12.88
N PHE A 19 17.05 -7.09 11.59
CA PHE A 19 16.21 -6.08 10.96
C PHE A 19 15.43 -6.71 9.82
N VAL A 20 14.18 -6.28 9.63
CA VAL A 20 13.40 -6.78 8.50
C VAL A 20 12.66 -5.62 7.84
N LYS A 21 12.41 -5.78 6.54
CA LYS A 21 11.53 -4.88 5.82
C LYS A 21 10.10 -5.17 6.20
N GLU A 22 9.25 -4.14 6.16
CA GLU A 22 7.86 -4.31 6.56
C GLU A 22 7.19 -5.40 5.72
N TRP A 23 6.39 -6.23 6.38
CA TRP A 23 5.63 -7.33 5.79
C TRP A 23 4.19 -7.14 6.25
N ILE A 24 3.44 -6.35 5.50
CA ILE A 24 2.12 -5.90 5.97
C ILE A 24 1.17 -7.09 6.11
N GLU A 25 1.25 -8.04 5.17
CA GLU A 25 0.28 -9.14 5.16
C GLU A 25 0.31 -9.95 6.45
N GLU A 26 1.48 -10.09 7.09
CA GLU A 26 1.60 -10.85 8.32
C GLU A 26 1.81 -9.95 9.54
N GLY A 27 1.49 -8.66 9.44
CA GLY A 27 1.54 -7.81 10.59
C GLY A 27 2.93 -7.40 11.02
N PHE A 28 3.94 -7.65 10.20
CA PHE A 28 5.31 -7.24 10.54
C PHE A 28 5.48 -5.77 10.13
N ILE A 29 4.79 -4.92 10.90
CA ILE A 29 4.78 -3.48 10.71
C ILE A 29 4.38 -2.92 12.07
N ALA A 30 5.14 -1.93 12.57
CA ALA A 30 4.98 -1.51 13.97
C ALA A 30 3.70 -0.72 14.19
N MET A 31 3.41 0.22 13.31
CA MET A 31 2.23 1.05 13.49
C MET A 31 1.83 1.59 12.13
N GLU A 32 0.67 2.23 12.09
CA GLU A 32 0.23 2.97 10.91
C GLU A 32 0.19 2.06 9.68
N SER A 33 -0.47 0.86 9.84
CA SER A 33 -0.62 -0.07 8.73
C SER A 33 -1.86 0.27 7.91
N PRO A 34 -1.79 0.07 6.59
CA PRO A 34 -2.99 0.22 5.75
C PRO A 34 -4.11 -0.73 6.12
N ASN A 35 -3.82 -1.87 6.73
CA ASN A 35 -4.89 -2.80 7.10
C ASN A 35 -5.54 -2.47 8.43
N ASP A 36 -5.02 -1.51 9.19
CA ASP A 36 -5.62 -1.20 10.48
C ASP A 36 -6.99 -0.58 10.27
N PRO A 37 -7.97 -0.89 11.13
CA PRO A 37 -9.31 -0.34 10.95
C PRO A 37 -9.37 1.13 11.31
N LYS A 38 -10.24 1.85 10.60
CA LYS A 38 -10.55 3.22 10.97
C LYS A 38 -11.45 3.24 12.21
N PRO A 39 -11.33 4.28 13.03
CA PRO A 39 -12.16 4.35 14.24
C PRO A 39 -13.64 4.50 13.92
N SER A 40 -14.46 3.77 14.67
CA SER A 40 -15.91 3.96 14.63
C SER A 40 -16.51 3.33 15.86
N ILE A 41 -17.70 3.82 16.23
CA ILE A 41 -18.47 3.18 17.29
C ILE A 41 -19.93 3.50 17.05
N LYS A 42 -20.75 2.46 17.07
CA LYS A 42 -22.20 2.59 17.01
C LYS A 42 -22.76 1.96 18.27
N ILE A 43 -23.66 2.68 18.94
CA ILE A 43 -24.22 2.29 20.21
C ILE A 43 -25.73 2.34 20.08
N VAL A 44 -26.39 1.22 20.38
CA VAL A 44 -27.83 1.05 20.28
C VAL A 44 -28.31 0.38 21.57
N ASN A 45 -29.33 0.97 22.21
CA ASN A 45 -29.85 0.45 23.47
C ASN A 45 -28.74 0.29 24.51
N GLY A 46 -27.80 1.23 24.51
CA GLY A 46 -26.71 1.20 25.47
C GLY A 46 -25.66 0.14 25.23
N ALA A 47 -25.68 -0.51 24.07
CA ALA A 47 -24.73 -1.56 23.73
C ALA A 47 -24.07 -1.26 22.40
N VAL A 48 -22.80 -1.64 22.29
CA VAL A 48 -22.03 -1.41 21.08
C VAL A 48 -22.46 -2.40 19.99
N THR A 49 -22.81 -1.86 18.82
CA THR A 49 -23.18 -2.69 17.67
C THR A 49 -22.13 -2.67 16.57
N GLU A 50 -21.18 -1.74 16.64
CA GLU A 50 -20.09 -1.68 15.68
C GLU A 50 -18.90 -1.08 16.40
N LEU A 51 -17.73 -1.67 16.20
CA LEU A 51 -16.50 -1.21 16.84
C LEU A 51 -15.41 -1.17 15.77
N ASP A 52 -14.95 0.04 15.45
CA ASP A 52 -13.86 0.23 14.49
C ASP A 52 -14.16 -0.49 13.19
N GLY A 53 -15.36 -0.25 12.69
CA GLY A 53 -15.80 -0.78 11.41
C GLY A 53 -16.31 -2.20 11.44
N LYS A 54 -16.13 -2.92 12.53
CA LYS A 54 -16.51 -4.32 12.63
C LYS A 54 -17.90 -4.43 13.24
N PRO A 55 -18.87 -5.05 12.58
CA PRO A 55 -20.19 -5.25 13.20
C PRO A 55 -20.11 -6.30 14.31
N VAL A 56 -21.04 -6.20 15.26
CA VAL A 56 -21.04 -7.10 16.41
C VAL A 56 -21.07 -8.56 15.96
N SER A 57 -21.69 -8.85 14.81
CA SER A 57 -21.74 -10.22 14.30
C SER A 57 -20.36 -10.76 13.95
N ASP A 58 -19.40 -9.89 13.65
CA ASP A 58 -18.03 -10.33 13.36
C ASP A 58 -17.13 -10.31 14.59
N PHE A 59 -17.63 -9.89 15.74
CA PHE A 59 -16.79 -9.78 16.93
C PHE A 59 -16.16 -11.12 17.31
N ASP A 60 -14.87 -11.09 17.63
CA ASP A 60 -14.23 -12.21 18.29
C ASP A 60 -14.33 -11.98 19.81
N LEU A 61 -13.77 -12.89 20.60
CA LEU A 61 -13.88 -12.74 22.05
C LEU A 61 -13.26 -11.43 22.53
N ILE A 62 -12.24 -10.95 21.83
CA ILE A 62 -11.58 -9.71 22.23
C ILE A 62 -12.50 -8.53 21.97
N ASP A 63 -13.10 -8.45 20.78
CA ASP A 63 -14.06 -7.38 20.49
C ASP A 63 -15.20 -7.38 21.50
N HIS A 64 -15.77 -8.56 21.78
CA HIS A 64 -16.89 -8.62 22.70
C HIS A 64 -16.48 -8.10 24.07
N PHE A 65 -15.29 -8.49 24.53
CA PHE A 65 -14.86 -8.11 25.88
C PHE A 65 -14.61 -6.60 25.95
N ILE A 66 -13.95 -6.05 24.93
CA ILE A 66 -13.67 -4.62 24.86
C ILE A 66 -14.98 -3.84 24.75
N ALA A 67 -15.86 -4.27 23.84
CA ALA A 67 -17.09 -3.52 23.59
C ALA A 67 -18.00 -3.53 24.82
N ARG A 68 -18.03 -4.64 25.55
CA ARG A 68 -18.94 -4.76 26.68
C ARG A 68 -18.39 -4.10 27.94
N TYR A 69 -17.07 -4.10 28.12
CA TYR A 69 -16.47 -3.72 29.40
C TYR A 69 -15.35 -2.70 29.31
N GLY A 70 -14.79 -2.43 28.13
CA GLY A 70 -13.55 -1.69 28.08
C GLY A 70 -13.60 -0.26 27.59
N ILE A 71 -14.78 0.23 27.24
CA ILE A 71 -14.92 1.57 26.68
C ILE A 71 -15.92 2.37 27.52
N ASN A 72 -15.52 3.55 27.96
CA ASN A 72 -16.39 4.46 28.69
C ASN A 72 -17.44 5.02 27.75
N LEU A 73 -18.61 4.39 27.69
CA LEU A 73 -19.62 4.84 26.74
C LEU A 73 -20.21 6.20 27.09
N ASN A 74 -19.98 6.68 28.32
CA ASN A 74 -20.59 7.93 28.77
C ASN A 74 -20.01 9.17 28.09
N ARG A 75 -18.79 9.09 27.55
CA ARG A 75 -18.19 10.20 26.82
C ARG A 75 -17.84 9.80 25.40
N ALA A 76 -18.44 8.72 24.89
CA ALA A 76 -17.94 8.12 23.65
C ALA A 76 -18.32 8.95 22.43
N GLU A 77 -19.53 9.52 22.40
CA GLU A 77 -19.89 10.32 21.23
C GLU A 77 -19.06 11.60 21.18
N GLU A 78 -18.80 12.23 22.33
CA GLU A 78 -18.01 13.45 22.33
C GLU A 78 -16.58 13.17 21.84
N VAL A 79 -15.91 12.15 22.37
CA VAL A 79 -14.52 11.95 21.99
C VAL A 79 -14.41 11.43 20.55
N MET A 80 -15.36 10.60 20.11
CA MET A 80 -15.30 10.15 18.72
C MET A 80 -15.45 11.32 17.75
N ALA A 81 -16.22 12.34 18.14
CA ALA A 81 -16.43 13.52 17.33
C ALA A 81 -15.26 14.48 17.34
N MET A 82 -14.33 14.33 18.29
CA MET A 82 -13.22 15.26 18.40
C MET A 82 -12.13 14.90 17.41
N ASP A 83 -11.46 15.93 16.90
CA ASP A 83 -10.38 15.71 15.96
C ASP A 83 -9.22 15.01 16.64
N SER A 84 -8.68 13.97 16.00
CA SER A 84 -7.60 13.21 16.61
C SER A 84 -6.33 14.02 16.76
N VAL A 85 -6.10 14.99 15.87
CA VAL A 85 -4.93 15.87 16.03
C VAL A 85 -5.10 16.73 17.28
N LYS A 86 -6.28 17.31 17.47
CA LYS A 86 -6.54 18.09 18.67
C LYS A 86 -6.36 17.26 19.93
N LEU A 87 -6.82 16.01 19.90
CA LEU A 87 -6.66 15.12 21.04
C LEU A 87 -5.19 14.83 21.32
N ALA A 88 -4.39 14.62 20.26
CA ALA A 88 -2.95 14.40 20.46
C ALA A 88 -2.29 15.65 21.03
N ASN A 89 -2.72 16.82 20.55
CA ASN A 89 -2.26 18.07 21.12
C ASN A 89 -2.61 18.17 22.60
N MET A 90 -3.85 17.82 22.98
CA MET A 90 -4.22 17.85 24.39
C MET A 90 -3.32 16.94 25.23
N LEU A 91 -2.95 15.77 24.69
CA LEU A 91 -2.08 14.86 25.44
C LEU A 91 -0.77 15.52 25.87
N CYS A 92 -0.14 16.29 24.98
CA CYS A 92 1.17 16.84 25.33
C CYS A 92 1.10 18.28 25.80
N ASP A 93 -0.06 18.92 25.71
CA ASP A 93 -0.24 20.28 26.20
C ASP A 93 -0.08 20.31 27.72
N PRO A 94 0.89 21.05 28.27
CA PRO A 94 1.08 21.01 29.73
C PRO A 94 -0.08 21.57 30.53
N ASN A 95 -0.99 22.31 29.89
CA ASN A 95 -2.05 23.01 30.61
C ASN A 95 -3.41 22.34 30.46
N VAL A 96 -3.47 21.17 29.83
CA VAL A 96 -4.68 20.35 29.83
C VAL A 96 -4.47 19.24 30.85
N LYS A 97 -5.21 19.29 31.95
CA LYS A 97 -4.97 18.40 33.08
C LYS A 97 -5.23 16.94 32.71
N ARG A 98 -4.43 16.05 33.33
CA ARG A 98 -4.68 14.62 33.22
C ARG A 98 -6.13 14.27 33.56
N SER A 99 -6.67 14.89 34.62
CA SER A 99 -8.03 14.56 35.06
C SER A 99 -9.07 14.95 34.01
N GLU A 100 -8.77 15.95 33.18
CA GLU A 100 -9.65 16.35 32.10
C GLU A 100 -9.58 15.41 30.91
N ILE A 101 -8.43 14.75 30.71
CA ILE A 101 -8.21 13.89 29.57
C ILE A 101 -8.76 12.48 29.79
N VAL A 102 -8.56 11.93 31.01
CA VAL A 102 -8.88 10.52 31.26
C VAL A 102 -10.33 10.17 30.92
N PRO A 103 -11.34 10.99 31.22
CA PRO A 103 -12.70 10.61 30.84
C PRO A 103 -12.87 10.49 29.33
N LEU A 104 -12.09 11.24 28.57
CA LEU A 104 -12.18 11.17 27.11
C LEU A 104 -11.35 10.02 26.53
N THR A 105 -10.10 9.86 26.98
CA THR A 105 -9.30 8.78 26.42
C THR A 105 -9.92 7.44 26.74
N THR A 106 -10.48 7.28 27.95
CA THR A 106 -11.11 6.00 28.28
C THR A 106 -12.40 5.75 27.51
N ALA A 107 -12.93 6.77 26.83
CA ALA A 107 -14.11 6.64 25.99
C ALA A 107 -13.77 6.39 24.53
N MET A 108 -12.48 6.42 24.18
CA MET A 108 -12.02 6.18 22.82
C MET A 108 -12.09 4.70 22.47
N THR A 109 -12.33 4.40 21.18
CA THR A 109 -12.15 3.04 20.73
C THR A 109 -10.66 2.73 20.60
N PRO A 110 -10.29 1.45 20.51
CA PRO A 110 -8.87 1.14 20.29
C PRO A 110 -8.30 1.82 19.04
N ALA A 111 -9.01 1.78 17.91
CA ALA A 111 -8.46 2.44 16.74
C ALA A 111 -8.38 3.95 16.91
N LYS A 112 -9.33 4.54 17.66
CA LYS A 112 -9.29 5.98 17.87
C LYS A 112 -8.02 6.40 18.61
N ILE A 113 -7.72 5.75 19.73
CA ILE A 113 -6.58 6.21 20.51
C ILE A 113 -5.27 5.91 19.79
N VAL A 114 -5.24 4.83 18.99
CA VAL A 114 -4.07 4.57 18.14
C VAL A 114 -3.90 5.70 17.13
N GLU A 115 -5.01 6.13 16.52
CA GLU A 115 -4.95 7.24 15.58
C GLU A 115 -4.43 8.51 16.27
N VAL A 116 -4.87 8.74 17.50
CA VAL A 116 -4.44 9.92 18.24
C VAL A 116 -2.93 9.91 18.43
N VAL A 117 -2.40 8.82 19.03
CA VAL A 117 -0.98 8.86 19.38
C VAL A 117 -0.10 8.75 18.15
N SER A 118 -0.60 8.20 17.05
CA SER A 118 0.22 8.09 15.85
C SER A 118 0.47 9.44 15.20
N HIS A 119 -0.25 10.50 15.61
CA HIS A 119 0.08 11.85 15.18
C HIS A 119 1.31 12.43 15.87
N MET A 120 1.89 11.72 16.84
CA MET A 120 2.90 12.31 17.71
C MET A 120 4.30 11.80 17.39
N ASN A 121 5.30 12.66 17.57
CA ASN A 121 6.69 12.21 17.59
C ASN A 121 7.08 11.83 19.01
N VAL A 122 8.27 11.25 19.17
CA VAL A 122 8.61 10.72 20.50
C VAL A 122 8.78 11.83 21.53
N VAL A 123 9.21 13.02 21.12
CA VAL A 123 9.31 14.13 22.07
C VAL A 123 7.92 14.48 22.61
N GLU A 124 6.94 14.58 21.72
CA GLU A 124 5.56 14.84 22.15
C GLU A 124 5.04 13.73 23.04
N MET A 125 5.36 12.48 22.71
CA MET A 125 4.88 11.36 23.52
C MET A 125 5.48 11.43 24.91
N MET A 126 6.77 11.76 25.03
CA MET A 126 7.38 11.89 26.34
C MET A 126 6.77 13.05 27.13
N MET A 127 6.56 14.20 26.46
CA MET A 127 5.91 15.34 27.09
C MET A 127 4.54 14.95 27.65
N ALA A 128 3.83 14.10 26.92
CA ALA A 128 2.53 13.61 27.37
C ALA A 128 2.68 12.59 28.49
N MET A 129 3.67 11.70 28.39
CA MET A 129 3.79 10.62 29.36
C MET A 129 4.08 11.14 30.76
N GLN A 130 4.89 12.20 30.89
CA GLN A 130 5.18 12.72 32.23
C GLN A 130 3.92 13.24 32.90
N LYS A 131 2.88 13.54 32.11
CA LYS A 131 1.60 14.01 32.64
C LYS A 131 0.61 12.88 32.83
N MET A 132 0.59 11.92 31.88
CA MET A 132 -0.42 10.87 31.93
C MET A 132 -0.06 9.74 32.89
N ARG A 133 1.22 9.58 33.24
CA ARG A 133 1.60 8.60 34.25
C ARG A 133 0.72 8.73 35.50
N ALA A 134 0.15 7.61 35.96
CA ALA A 134 -0.85 7.68 37.03
C ALA A 134 -0.22 8.07 38.35
N ARG A 135 0.89 7.42 38.73
CA ARG A 135 1.51 7.76 40.01
C ARG A 135 2.44 8.96 39.83
N ARG A 136 2.37 9.89 40.78
CA ARG A 136 3.21 11.07 40.66
C ARG A 136 4.69 10.71 40.75
N THR A 137 5.03 9.76 41.63
CA THR A 137 6.43 9.38 41.83
C THR A 137 6.78 8.23 40.88
N PRO A 138 7.81 8.35 40.04
CA PRO A 138 8.25 7.19 39.25
C PRO A 138 8.91 6.14 40.14
N SER A 139 8.88 4.89 39.66
CA SER A 139 9.52 3.79 40.38
C SER A 139 10.26 2.90 39.38
N GLN A 140 10.66 1.72 39.84
CA GLN A 140 11.57 0.84 39.12
C GLN A 140 11.37 -0.59 39.59
N GLN A 141 11.53 -1.55 38.67
CA GLN A 141 11.37 -2.98 38.95
C GLN A 141 12.57 -3.73 38.39
N ALA A 142 13.04 -4.76 39.11
CA ALA A 142 14.21 -5.52 38.70
C ALA A 142 13.92 -7.01 38.54
N HIS A 143 14.70 -7.66 37.68
CA HIS A 143 14.79 -9.11 37.64
C HIS A 143 15.83 -9.62 38.62
N VAL A 144 15.53 -10.73 39.28
CA VAL A 144 16.48 -11.44 40.13
C VAL A 144 16.38 -12.92 39.80
N THR A 145 17.34 -13.43 39.02
CA THR A 145 17.31 -14.79 38.51
C THR A 145 18.75 -15.29 38.42
N ASN A 146 18.91 -16.59 38.19
CA ASN A 146 20.20 -17.07 37.71
C ASN A 146 19.99 -18.40 37.01
N VAL A 147 20.97 -18.81 36.20
CA VAL A 147 20.77 -19.97 35.34
C VAL A 147 20.74 -21.28 36.11
N LYS A 148 21.06 -21.27 37.39
CA LYS A 148 21.00 -22.47 38.21
C LYS A 148 19.77 -22.51 39.11
N ASP A 149 18.93 -21.48 39.09
CA ASP A 149 17.87 -21.30 40.09
C ASP A 149 18.44 -21.39 41.51
N ASN A 150 19.67 -20.93 41.68
CA ASN A 150 20.34 -21.01 42.97
C ASN A 150 19.63 -20.11 43.96
N PRO A 151 19.02 -20.64 45.02
CA PRO A 151 18.24 -19.78 45.92
C PRO A 151 19.09 -18.87 46.78
N VAL A 152 20.29 -19.30 47.17
CA VAL A 152 21.15 -18.45 47.99
C VAL A 152 21.53 -17.20 47.22
N GLN A 153 21.90 -17.37 45.94
CA GLN A 153 22.25 -16.23 45.11
C GLN A 153 21.04 -15.33 44.88
N ILE A 154 19.85 -15.91 44.70
CA ILE A 154 18.66 -15.09 44.48
C ILE A 154 18.42 -14.19 45.68
N ALA A 155 18.55 -14.74 46.89
CA ALA A 155 18.32 -13.94 48.10
C ALA A 155 19.30 -12.79 48.18
N ALA A 156 20.60 -13.06 47.92
CA ALA A 156 21.62 -12.01 47.99
C ALA A 156 21.41 -10.95 46.90
N ASP A 157 21.23 -11.38 45.65
CA ASP A 157 20.96 -10.43 44.57
C ASP A 157 19.69 -9.62 44.85
N ALA A 158 18.65 -10.26 45.40
CA ALA A 158 17.43 -9.52 45.73
C ALA A 158 17.68 -8.47 46.81
N ALA A 159 18.50 -8.79 47.81
CA ALA A 159 18.79 -7.82 48.85
C ALA A 159 19.52 -6.62 48.28
N GLU A 160 20.52 -6.87 47.42
CA GLU A 160 21.23 -5.77 46.77
C GLU A 160 20.31 -4.92 45.92
N GLY A 161 19.45 -5.56 45.12
CA GLY A 161 18.55 -4.81 44.27
C GLY A 161 17.61 -3.93 45.08
N ALA A 162 17.05 -4.48 46.16
CA ALA A 162 16.20 -3.66 47.02
C ALA A 162 17.00 -2.48 47.61
N TRP A 163 18.25 -2.75 48.00
CA TRP A 163 19.07 -1.68 48.56
C TRP A 163 19.34 -0.59 47.52
N ARG A 164 19.44 -0.96 46.25
CA ARG A 164 19.74 0.02 45.22
C ARG A 164 18.53 0.86 44.84
N GLY A 165 17.33 0.45 45.22
CA GLY A 165 16.18 1.29 44.96
C GLY A 165 14.98 0.66 44.29
N PHE A 166 15.08 -0.59 43.82
CA PHE A 166 13.95 -1.24 43.17
C PHE A 166 12.80 -1.43 44.16
N ASP A 167 11.59 -1.07 43.73
CA ASP A 167 10.42 -1.21 44.60
C ASP A 167 9.61 -2.46 44.29
N GLU A 168 9.87 -3.10 43.15
CA GLU A 168 9.36 -4.41 42.79
C GLU A 168 10.51 -5.24 42.26
N GLN A 169 10.49 -6.55 42.55
CA GLN A 169 11.48 -7.45 42.01
C GLN A 169 10.82 -8.77 41.60
N GLU A 170 11.37 -9.37 40.55
CA GLU A 170 10.73 -10.46 39.83
C GLU A 170 11.71 -11.59 39.58
N THR A 171 11.32 -12.82 39.88
CA THR A 171 12.13 -13.97 39.51
C THR A 171 11.34 -14.86 38.56
N THR A 172 12.03 -15.85 37.99
CA THR A 172 11.42 -16.92 37.23
C THR A 172 12.41 -18.07 37.25
N VAL A 173 12.12 -19.14 36.49
CA VAL A 173 12.78 -20.43 36.69
C VAL A 173 13.37 -20.96 35.39
N ALA A 174 14.59 -21.49 35.49
CA ALA A 174 15.11 -22.35 34.44
C ALA A 174 14.40 -23.70 34.47
N VAL A 175 14.22 -24.26 35.65
CA VAL A 175 13.51 -25.52 35.86
C VAL A 175 12.25 -25.21 36.66
N ALA A 176 11.08 -25.47 36.06
CA ALA A 176 9.85 -24.96 36.64
C ALA A 176 9.61 -25.49 38.06
N ARG A 177 10.06 -26.71 38.37
CA ARG A 177 9.83 -27.28 39.70
C ARG A 177 10.57 -26.54 40.80
N TYR A 178 11.56 -25.71 40.45
CA TYR A 178 12.31 -24.96 41.44
C TYR A 178 11.51 -23.79 42.01
N ALA A 179 10.40 -23.41 41.38
CA ALA A 179 9.76 -22.11 41.63
C ALA A 179 9.54 -21.77 43.10
N PRO A 180 9.01 -22.65 43.96
CA PRO A 180 8.82 -22.23 45.38
C PRO A 180 10.10 -21.74 46.04
N PHE A 181 11.25 -22.36 45.73
CA PHE A 181 12.51 -21.90 46.30
C PHE A 181 12.89 -20.53 45.77
N ASN A 182 12.81 -20.36 44.43
CA ASN A 182 13.08 -19.04 43.83
C ASN A 182 12.23 -17.96 44.48
N ALA A 183 10.94 -18.24 44.66
CA ALA A 183 10.01 -17.24 45.18
C ALA A 183 10.30 -16.91 46.64
N ILE A 184 10.50 -17.94 47.48
CA ILE A 184 10.83 -17.69 48.88
C ILE A 184 12.15 -16.94 48.98
N ALA A 185 13.16 -17.36 48.22
CA ALA A 185 14.45 -16.69 48.27
C ALA A 185 14.33 -15.23 47.88
N LEU A 186 13.54 -14.94 46.84
CA LEU A 186 13.35 -13.57 46.38
C LEU A 186 12.65 -12.74 47.46
N LEU A 187 11.63 -13.32 48.08
CA LEU A 187 10.86 -12.57 49.07
C LEU A 187 11.72 -12.25 50.29
N VAL A 188 12.44 -13.24 50.82
CA VAL A 188 13.30 -13.04 51.99
C VAL A 188 14.36 -12.00 51.68
N GLY A 189 15.08 -12.17 50.56
CA GLY A 189 16.14 -11.24 50.24
C GLY A 189 15.64 -9.82 50.03
N SER A 190 14.50 -9.68 49.34
CA SER A 190 13.95 -8.34 49.12
C SER A 190 13.60 -7.65 50.45
N GLN A 191 12.98 -8.38 51.38
CA GLN A 191 12.63 -7.77 52.66
C GLN A 191 13.86 -7.43 53.49
N VAL A 192 14.94 -8.19 53.35
CA VAL A 192 16.19 -7.82 54.01
C VAL A 192 16.73 -6.53 53.41
N GLY A 193 16.69 -6.42 52.08
CA GLY A 193 17.24 -5.23 51.43
C GLY A 193 16.42 -3.98 51.68
N ARG A 194 15.11 -4.07 51.53
CA ARG A 194 14.26 -2.96 51.96
C ARG A 194 12.86 -3.48 52.24
N PRO A 195 12.45 -3.52 53.51
CA PRO A 195 11.09 -3.96 53.85
C PRO A 195 10.05 -3.19 53.05
N GLY A 196 9.15 -3.93 52.39
CA GLY A 196 8.14 -3.34 51.56
C GLY A 196 8.29 -3.60 50.08
N VAL A 197 9.48 -4.00 49.62
CA VAL A 197 9.64 -4.36 48.22
C VAL A 197 8.70 -5.51 47.87
N LEU A 198 7.96 -5.37 46.75
CA LEU A 198 7.00 -6.39 46.33
C LEU A 198 7.70 -7.39 45.41
N THR A 199 7.32 -8.67 45.52
CA THR A 199 8.00 -9.73 44.80
C THR A 199 7.01 -10.62 44.06
N GLN A 200 7.43 -11.11 42.91
CA GLN A 200 6.61 -11.94 42.06
C GLN A 200 7.49 -13.06 41.48
N CYS A 201 6.85 -14.15 41.09
CA CYS A 201 7.52 -15.28 40.46
C CYS A 201 6.73 -15.68 39.21
N SER A 202 7.32 -15.44 38.04
CA SER A 202 6.58 -15.52 36.78
CA SER A 202 6.60 -15.53 36.77
C SER A 202 6.54 -16.96 36.28
N LEU A 203 5.34 -17.54 36.21
CA LEU A 203 5.15 -18.95 35.87
C LEU A 203 3.93 -19.13 34.96
N GLU A 204 3.69 -20.38 34.55
CA GLU A 204 2.39 -20.75 34.00
C GLU A 204 1.29 -20.26 34.94
N GLU A 205 0.14 -19.86 34.38
CA GLU A 205 -0.81 -19.07 35.17
C GLU A 205 -1.36 -19.84 36.36
N ALA A 206 -1.80 -21.08 36.16
CA ALA A 206 -2.40 -21.78 37.29
C ALA A 206 -1.36 -22.07 38.37
N THR A 207 -0.13 -22.32 37.94
CA THR A 207 0.96 -22.54 38.89
C THR A 207 1.27 -21.28 39.68
N GLU A 208 1.27 -20.13 39.02
CA GLU A 208 1.64 -18.90 39.70
C GLU A 208 0.57 -18.49 40.71
N LEU A 209 -0.70 -18.68 40.37
CA LEU A 209 -1.76 -18.34 41.32
C LEU A 209 -1.68 -19.21 42.56
N LYS A 210 -1.46 -20.51 42.40
CA LYS A 210 -1.31 -21.40 43.55
C LYS A 210 -0.14 -20.98 44.42
N LEU A 211 0.99 -20.60 43.79
CA LEU A 211 2.15 -20.18 44.58
C LEU A 211 1.83 -18.93 45.38
N GLY A 212 1.09 -17.99 44.78
CA GLY A 212 0.65 -16.82 45.52
C GLY A 212 -0.34 -17.15 46.64
N MET A 213 -1.23 -18.11 46.39
CA MET A 213 -2.15 -18.55 47.44
C MET A 213 -1.42 -19.06 48.67
N LEU A 214 -0.28 -19.73 48.48
CA LEU A 214 0.52 -20.23 49.57
C LEU A 214 1.32 -19.15 50.27
N GLY A 215 1.33 -17.93 49.74
CA GLY A 215 1.95 -16.80 50.41
C GLY A 215 3.41 -16.54 50.08
N HIS A 216 3.96 -17.13 49.02
CA HIS A 216 5.37 -17.00 48.73
C HIS A 216 5.67 -15.93 47.69
N THR A 217 4.65 -15.20 47.26
CA THR A 217 4.78 -14.02 46.43
C THR A 217 3.93 -12.90 47.04
N CYS A 218 4.19 -11.67 46.57
CA CYS A 218 3.47 -10.46 46.95
C CYS A 218 2.50 -9.97 45.90
N TYR A 219 2.78 -10.29 44.64
CA TYR A 219 1.96 -9.80 43.55
C TYR A 219 2.26 -10.68 42.35
N ALA A 220 1.53 -10.43 41.27
CA ALA A 220 1.79 -11.11 40.01
C ALA A 220 1.69 -10.11 38.87
N GLU A 221 2.53 -10.29 37.86
CA GLU A 221 2.54 -9.32 36.76
C GLU A 221 2.39 -9.96 35.40
N THR A 222 2.96 -11.15 35.20
CA THR A 222 3.04 -11.76 33.86
C THR A 222 1.77 -12.53 33.53
N ILE A 223 0.65 -11.85 33.79
CA ILE A 223 -0.69 -12.37 33.60
C ILE A 223 -1.09 -11.93 32.19
N SER A 224 -0.79 -12.77 31.21
CA SER A 224 -0.62 -12.32 29.83
C SER A 224 -1.93 -12.22 29.07
N VAL A 225 -2.07 -11.15 28.29
CA VAL A 225 -3.17 -11.03 27.34
C VAL A 225 -2.58 -10.76 25.97
N TYR A 226 -3.40 -11.03 24.94
CA TYR A 226 -2.94 -11.08 23.56
C TYR A 226 -3.99 -10.42 22.67
N GLY A 227 -3.54 -9.92 21.51
CA GLY A 227 -4.33 -9.04 20.67
C GLY A 227 -5.07 -9.66 19.51
N THR A 228 -4.94 -10.97 19.29
CA THR A 228 -5.78 -11.69 18.35
C THR A 228 -6.26 -12.97 19.03
N GLU A 229 -7.42 -13.44 18.62
CA GLU A 229 -8.01 -14.62 19.25
C GLU A 229 -7.18 -15.88 19.07
N PRO A 230 -6.63 -16.20 17.90
CA PRO A 230 -5.82 -17.43 17.81
C PRO A 230 -4.58 -17.38 18.70
N VAL A 231 -3.97 -16.21 18.83
CA VAL A 231 -2.80 -16.08 19.69
C VAL A 231 -3.20 -16.20 21.16
N PHE A 232 -4.29 -15.52 21.56
CA PHE A 232 -4.80 -15.68 22.91
C PHE A 232 -5.01 -17.16 23.23
N THR A 233 -5.53 -17.91 22.26
CA THR A 233 -5.83 -19.32 22.44
C THR A 233 -4.56 -20.14 22.67
N ASP A 234 -3.53 -19.94 21.82
CA ASP A 234 -2.25 -20.61 22.08
C ASP A 234 -1.61 -20.11 23.37
N GLY A 235 -1.96 -18.91 23.83
CA GLY A 235 -1.62 -18.47 25.17
C GLY A 235 -2.39 -19.15 26.27
N ASP A 236 -3.33 -20.05 25.92
CA ASP A 236 -4.13 -20.87 26.84
C ASP A 236 -5.07 -20.03 27.70
N ASP A 237 -5.63 -18.96 27.13
CA ASP A 237 -6.62 -18.17 27.84
C ASP A 237 -7.60 -17.57 26.85
N THR A 238 -8.68 -16.99 27.41
CA THR A 238 -9.61 -16.11 26.74
C THR A 238 -9.67 -14.83 27.56
N PRO A 239 -10.28 -13.77 27.05
CA PRO A 239 -10.47 -12.59 27.90
C PRO A 239 -11.24 -12.91 29.18
N TRP A 240 -12.15 -13.88 29.13
CA TRP A 240 -12.93 -14.22 30.32
C TRP A 240 -12.12 -15.05 31.31
N SER A 241 -11.28 -15.99 30.84
CA SER A 241 -10.47 -16.70 31.81
C SER A 241 -9.47 -15.75 32.47
N LYS A 242 -8.92 -14.79 31.72
CA LYS A 242 -7.97 -13.85 32.32
C LYS A 242 -8.65 -12.85 33.24
N GLY A 243 -9.88 -12.44 32.91
CA GLY A 243 -10.63 -11.58 33.82
C GLY A 243 -11.00 -12.28 35.12
N PHE A 244 -11.40 -13.56 35.03
CA PHE A 244 -11.62 -14.35 36.23
C PHE A 244 -10.34 -14.50 37.05
N LEU A 245 -9.21 -14.75 36.38
CA LEU A 245 -7.93 -14.88 37.09
C LEU A 245 -7.56 -13.58 37.81
N ALA A 246 -7.79 -12.43 37.17
CA ALA A 246 -7.54 -11.14 37.79
C ALA A 246 -8.31 -10.99 39.09
N SER A 247 -9.60 -11.35 39.07
CA SER A 247 -10.43 -11.24 40.26
C SER A 247 -10.05 -12.29 41.31
N SER A 248 -9.55 -13.44 40.86
CA SER A 248 -9.05 -14.46 41.77
C SER A 248 -7.86 -13.95 42.59
N TYR A 249 -6.91 -13.26 41.92
CA TYR A 249 -5.80 -12.67 42.67
C TYR A 249 -6.31 -11.66 43.69
N ALA A 250 -7.16 -10.73 43.25
CA ALA A 250 -7.71 -9.74 44.18
C ALA A 250 -8.46 -10.40 45.32
N SER A 251 -9.14 -11.53 45.05
CA SER A 251 -9.90 -12.20 46.10
C SER A 251 -9.02 -12.81 47.17
N ARG A 252 -7.74 -13.01 46.89
CA ARG A 252 -6.74 -13.40 47.88
C ARG A 252 -5.92 -12.20 48.38
N GLY A 253 -6.34 -10.99 48.03
CA GLY A 253 -5.68 -9.80 48.53
C GLY A 253 -4.37 -9.49 47.86
N LEU A 254 -4.13 -10.03 46.66
CA LEU A 254 -2.84 -9.93 45.99
C LEU A 254 -2.92 -8.89 44.88
N LYS A 255 -2.01 -7.92 44.91
CA LYS A 255 -1.84 -6.99 43.79
C LYS A 255 -1.52 -7.76 42.50
N MET A 256 -2.08 -7.32 41.37
CA MET A 256 -1.66 -7.91 40.11
C MET A 256 -1.84 -6.90 38.98
N ARG A 257 -1.08 -7.12 37.90
CA ARG A 257 -1.29 -6.41 36.65
C ARG A 257 -1.30 -7.48 35.56
N PHE A 258 -1.80 -7.10 34.39
CA PHE A 258 -1.62 -7.92 33.20
C PHE A 258 -0.27 -7.59 32.57
N THR A 259 0.12 -8.40 31.58
CA THR A 259 1.23 -8.10 30.68
C THR A 259 0.78 -8.25 29.24
N SER A 260 1.19 -7.32 28.39
CA SER A 260 1.01 -7.48 26.96
C SER A 260 2.29 -6.96 26.30
N GLY A 261 2.18 -6.45 25.07
CA GLY A 261 3.32 -5.83 24.45
C GLY A 261 3.35 -6.08 22.96
N SER A 262 3.70 -5.04 22.20
CA SER A 262 3.71 -5.13 20.76
C SER A 262 4.55 -6.31 20.25
N GLY A 263 4.05 -6.97 19.23
CA GLY A 263 4.80 -8.00 18.54
C GLY A 263 4.52 -9.42 18.98
N SER A 264 3.75 -9.61 20.06
CA SER A 264 3.47 -10.99 20.49
C SER A 264 2.69 -11.76 19.43
N GLU A 265 1.77 -11.11 18.73
CA GLU A 265 0.93 -11.82 17.79
C GLU A 265 1.70 -12.24 16.55
N VAL A 266 2.66 -11.40 16.14
CA VAL A 266 3.58 -11.79 15.08
C VAL A 266 4.45 -12.96 15.54
N GLN A 267 5.01 -12.86 16.74
CA GLN A 267 5.86 -13.93 17.26
C GLN A 267 5.11 -15.25 17.35
N MET A 268 3.83 -15.19 17.69
CA MET A 268 3.02 -16.40 17.85
C MET A 268 2.21 -16.74 16.60
N GLY A 269 2.45 -16.05 15.50
CA GLY A 269 2.10 -16.55 14.18
C GLY A 269 0.79 -16.05 13.60
N TYR A 270 0.02 -15.20 14.32
CA TYR A 270 -1.30 -14.76 13.83
C TYR A 270 -1.55 -13.29 14.15
N ALA A 271 -1.03 -12.40 13.31
CA ALA A 271 -1.29 -10.97 13.49
C ALA A 271 -2.55 -10.49 12.78
N GLU A 272 -3.24 -11.36 12.05
CA GLU A 272 -4.46 -11.00 11.31
C GLU A 272 -4.23 -9.76 10.43
N GLY A 273 -3.02 -9.63 9.90
CA GLY A 273 -2.67 -8.55 9.01
C GLY A 273 -2.64 -7.17 9.62
N LYS A 274 -2.64 -7.04 10.95
CA LYS A 274 -2.73 -5.75 11.62
C LYS A 274 -1.37 -5.30 12.14
N SER A 275 -1.23 -3.99 12.30
CA SER A 275 0.01 -3.46 12.88
C SER A 275 0.13 -3.86 14.35
N MET A 276 1.38 -3.88 14.82
CA MET A 276 1.66 -4.25 16.20
C MET A 276 0.97 -3.29 17.16
N LEU A 277 0.97 -2.00 16.83
CA LEU A 277 0.39 -1.02 17.74
C LEU A 277 -1.12 -1.19 17.85
N TYR A 278 -1.81 -1.44 16.73
CA TYR A 278 -3.24 -1.64 16.83
C TYR A 278 -3.57 -2.89 17.65
N LEU A 279 -2.83 -3.99 17.46
CA LEU A 279 -3.12 -5.19 18.23
C LEU A 279 -2.79 -4.96 19.71
N GLU A 280 -1.74 -4.18 19.97
CA GLU A 280 -1.40 -3.88 21.36
C GLU A 280 -2.47 -2.99 22.00
N ALA A 281 -3.03 -2.05 21.26
CA ALA A 281 -4.17 -1.29 21.81
C ALA A 281 -5.28 -2.24 22.26
N ARG A 282 -5.59 -3.26 21.45
CA ARG A 282 -6.60 -4.25 21.86
C ARG A 282 -6.23 -4.87 23.21
N CYS A 283 -4.95 -5.23 23.39
CA CYS A 283 -4.50 -5.78 24.67
C CYS A 283 -4.68 -4.80 25.82
N ILE A 284 -4.40 -3.51 25.57
CA ILE A 284 -4.55 -2.51 26.63
C ILE A 284 -6.02 -2.39 27.02
N TYR A 285 -6.93 -2.43 26.04
CA TYR A 285 -8.35 -2.35 26.35
C TYR A 285 -8.87 -3.63 27.00
N ILE A 286 -8.30 -4.80 26.69
CA ILE A 286 -8.64 -6.02 27.42
C ILE A 286 -8.31 -5.85 28.90
N THR A 287 -7.15 -5.26 29.18
CA THR A 287 -6.74 -5.02 30.56
C THR A 287 -7.70 -4.06 31.25
N LYS A 288 -8.01 -2.95 30.59
CA LYS A 288 -8.97 -2.01 31.13
C LYS A 288 -10.30 -2.69 31.40
N ALA A 289 -10.81 -3.41 30.40
CA ALA A 289 -12.12 -4.07 30.49
C ALA A 289 -12.18 -5.08 31.63
N ALA A 290 -11.06 -5.76 31.92
CA ALA A 290 -11.02 -6.73 33.00
C ALA A 290 -11.09 -6.08 34.37
N GLY A 291 -10.91 -4.76 34.45
CA GLY A 291 -10.81 -4.13 35.75
C GLY A 291 -9.47 -4.31 36.41
N VAL A 292 -8.46 -4.66 35.63
CA VAL A 292 -7.09 -4.77 36.14
C VAL A 292 -6.48 -3.38 36.26
N GLN A 293 -5.77 -3.12 37.37
CA GLN A 293 -5.35 -1.75 37.66
C GLN A 293 -4.17 -1.29 36.83
N GLY A 294 -3.34 -2.21 36.31
CA GLY A 294 -2.12 -1.81 35.64
C GLY A 294 -1.72 -2.82 34.59
N LEU A 295 -0.67 -2.49 33.86
CA LEU A 295 -0.23 -3.27 32.72
C LEU A 295 1.27 -3.13 32.53
N GLN A 296 1.94 -4.25 32.29
CA GLN A 296 3.31 -4.24 31.81
C GLN A 296 3.26 -4.31 30.28
N ASN A 297 3.73 -3.26 29.60
CA ASN A 297 3.79 -3.31 28.14
C ASN A 297 4.93 -2.43 27.66
N GLY A 298 5.03 -2.27 26.34
CA GLY A 298 6.24 -1.72 25.72
C GLY A 298 7.01 -2.83 25.03
N SER A 299 6.28 -3.70 24.32
CA SER A 299 6.77 -4.91 23.63
C SER A 299 7.20 -6.01 24.61
N VAL A 300 7.92 -5.64 25.68
CA VAL A 300 8.36 -6.59 26.70
C VAL A 300 9.19 -7.69 26.02
N SER A 301 8.81 -8.96 26.16
CA SER A 301 9.63 -10.07 25.69
C SER A 301 9.69 -10.22 24.17
N CYS A 302 8.83 -9.52 23.43
CA CYS A 302 8.81 -9.64 21.97
C CYS A 302 9.48 -8.46 21.28
N ILE A 303 10.36 -7.76 22.00
CA ILE A 303 10.98 -6.50 21.52
C ILE A 303 11.79 -6.68 20.25
N GLY A 304 12.25 -7.89 19.96
CA GLY A 304 12.91 -8.14 18.68
C GLY A 304 11.98 -8.02 17.49
N VAL A 305 10.67 -7.99 17.72
CA VAL A 305 9.71 -7.89 16.62
C VAL A 305 9.52 -6.43 16.25
N PRO A 306 9.01 -5.52 17.11
CA PRO A 306 8.93 -4.13 16.64
C PRO A 306 10.27 -3.51 16.34
N SER A 307 11.32 -3.87 17.08
CA SER A 307 12.60 -3.21 16.82
C SER A 307 13.15 -3.55 15.45
N ALA A 308 12.74 -4.67 14.87
CA ALA A 308 13.23 -5.04 13.55
C ALA A 308 12.73 -4.11 12.46
N VAL A 309 11.60 -3.45 12.67
CA VAL A 309 10.93 -2.71 11.59
C VAL A 309 10.95 -1.20 11.86
N PRO A 310 10.66 -0.37 10.85
CA PRO A 310 10.70 1.08 11.06
C PRO A 310 9.73 1.55 12.15
N SER A 311 10.18 2.54 12.92
CA SER A 311 9.36 3.20 13.95
C SER A 311 8.93 2.25 15.06
N GLY A 312 9.66 1.14 15.25
CA GLY A 312 9.27 0.16 16.24
C GLY A 312 9.47 0.65 17.66
N ILE A 313 10.59 1.33 17.92
CA ILE A 313 10.85 1.84 19.27
C ILE A 313 9.93 3.02 19.58
N ARG A 314 9.60 3.84 18.57
CA ARG A 314 8.56 4.86 18.76
C ARG A 314 7.21 4.22 19.06
N ALA A 315 6.86 3.12 18.38
CA ALA A 315 5.61 2.43 18.67
C ALA A 315 5.59 1.91 20.11
N VAL A 316 6.74 1.46 20.59
CA VAL A 316 6.86 1.00 21.96
C VAL A 316 6.52 2.12 22.95
N LEU A 317 7.02 3.33 22.71
CA LEU A 317 6.63 4.44 23.57
C LEU A 317 5.15 4.75 23.40
N ALA A 318 4.64 4.64 22.18
CA ALA A 318 3.24 4.94 21.93
C ALA A 318 2.35 4.02 22.74
N GLU A 319 2.71 2.73 22.80
CA GLU A 319 1.83 1.81 23.51
C GLU A 319 1.88 2.04 25.02
N ASN A 320 3.04 2.46 25.54
CA ASN A 320 3.11 2.89 26.94
C ASN A 320 2.21 4.10 27.15
N LEU A 321 2.26 5.07 26.23
CA LEU A 321 1.44 6.26 26.39
C LEU A 321 -0.05 5.93 26.35
N ILE A 322 -0.45 5.01 25.46
CA ILE A 322 -1.85 4.57 25.44
C ILE A 322 -2.24 3.98 26.79
N CYS A 323 -1.36 3.16 27.37
CA CYS A 323 -1.66 2.55 28.66
C CYS A 323 -1.93 3.61 29.73
N SER A 324 -1.00 4.55 29.88
CA SER A 324 -1.18 5.57 30.91
C SER A 324 -2.39 6.45 30.59
N SER A 325 -2.63 6.72 29.31
CA SER A 325 -3.75 7.58 28.93
C SER A 325 -5.09 6.92 29.24
N LEU A 326 -5.12 5.59 29.27
CA LEU A 326 -6.30 4.83 29.68
C LEU A 326 -6.39 4.68 31.20
N ASP A 327 -5.58 5.42 31.94
CA ASP A 327 -5.64 5.48 33.41
C ASP A 327 -5.32 4.11 34.01
N LEU A 328 -4.33 3.45 33.42
CA LEU A 328 -3.73 2.22 33.93
C LEU A 328 -2.31 2.54 34.39
N GLU A 329 -1.91 1.92 35.49
CA GLU A 329 -0.50 1.87 35.84
C GLU A 329 0.27 1.24 34.68
N CYS A 330 1.43 1.82 34.35
CA CYS A 330 2.25 1.33 33.24
C CYS A 330 3.62 0.91 33.77
N ALA A 331 3.90 -0.38 33.73
CA ALA A 331 5.23 -0.92 34.01
C ALA A 331 5.88 -1.06 32.65
N SER A 332 6.75 -0.11 32.29
CA SER A 332 7.03 0.17 30.88
C SER A 332 8.28 -0.54 30.34
N SER A 333 8.36 -1.86 30.53
CA SER A 333 9.33 -2.74 29.85
C SER A 333 10.76 -2.28 30.09
N ASN A 334 11.56 -1.98 29.05
CA ASN A 334 13.00 -1.75 29.27
C ASN A 334 13.60 -2.89 30.07
N ASP A 335 13.15 -4.09 29.75
CA ASP A 335 13.43 -5.26 30.55
C ASP A 335 13.93 -6.42 29.70
N GLN A 336 14.13 -6.21 28.39
CA GLN A 336 14.40 -7.31 27.48
C GLN A 336 15.38 -6.87 26.40
N THR A 337 16.32 -7.77 26.10
CA THR A 337 17.36 -7.48 25.11
C THR A 337 16.78 -7.46 23.70
N PHE A 338 17.17 -6.45 22.93
CA PHE A 338 16.86 -6.44 21.50
C PHE A 338 18.05 -6.06 20.64
N THR A 339 19.18 -5.69 21.21
CA THR A 339 20.28 -5.18 20.41
C THR A 339 21.63 -5.53 21.04
N HIS A 340 22.63 -5.68 20.17
CA HIS A 340 24.03 -5.80 20.57
C HIS A 340 24.67 -4.45 20.86
N SER A 341 23.97 -3.34 20.57
CA SER A 341 24.56 -2.00 20.58
C SER A 341 24.18 -1.24 21.85
N ASP A 342 25.19 -0.75 22.56
CA ASP A 342 24.92 0.10 23.73
C ASP A 342 24.23 1.40 23.35
N MET A 343 24.63 2.02 22.23
CA MET A 343 23.94 3.23 21.77
CA MET A 343 23.94 3.22 21.79
C MET A 343 22.47 2.95 21.55
N ARG A 344 22.15 1.87 20.84
CA ARG A 344 20.77 1.61 20.47
C ARG A 344 19.89 1.32 21.68
N ARG A 345 20.39 0.53 22.64
CA ARG A 345 19.54 0.19 23.78
C ARG A 345 19.36 1.38 24.72
N THR A 346 20.32 2.31 24.73
CA THR A 346 20.15 3.52 25.53
C THR A 346 19.07 4.41 24.96
N ALA A 347 19.00 4.52 23.63
CA ALA A 347 17.94 5.33 23.01
C ALA A 347 16.57 4.74 23.34
N ARG A 348 16.46 3.41 23.31
CA ARG A 348 15.18 2.77 23.63
C ARG A 348 14.77 3.01 25.07
N LEU A 349 15.74 3.02 26.00
CA LEU A 349 15.45 3.23 27.41
C LEU A 349 15.01 4.66 27.70
N LEU A 350 15.67 5.64 27.07
CA LEU A 350 15.43 7.02 27.47
C LEU A 350 13.98 7.45 27.19
N MET A 351 13.31 6.79 26.24
CA MET A 351 11.91 7.12 25.93
C MET A 351 11.02 7.09 27.16
N GLN A 352 11.24 6.14 28.08
CA GLN A 352 10.50 6.04 29.33
C GLN A 352 11.23 6.67 30.50
N PHE A 353 12.56 6.56 30.51
CA PHE A 353 13.36 7.08 31.63
C PHE A 353 13.23 8.60 31.74
N LEU A 354 13.23 9.32 30.61
CA LEU A 354 13.24 10.77 30.69
C LEU A 354 11.95 11.33 31.27
N PRO A 355 10.73 10.93 30.80
CA PRO A 355 9.52 11.48 31.42
C PRO A 355 9.17 10.82 32.75
N GLY A 356 9.57 9.56 32.91
CA GLY A 356 9.13 8.77 34.04
C GLY A 356 7.82 8.05 33.79
N THR A 357 7.76 6.78 34.21
CA THR A 357 6.53 5.99 34.20
C THR A 357 6.36 5.35 35.56
N ASP A 358 5.26 4.61 35.77
CA ASP A 358 5.07 4.02 37.10
C ASP A 358 6.22 3.08 37.44
N PHE A 359 6.75 2.34 36.45
CA PHE A 359 7.99 1.58 36.60
C PHE A 359 8.77 1.83 35.32
N ILE A 360 9.79 2.70 35.42
CA ILE A 360 10.56 3.09 34.23
C ILE A 360 11.04 1.85 33.47
N SER A 361 11.59 0.91 34.21
CA SER A 361 11.81 -0.44 33.73
CA SER A 361 11.81 -0.43 33.72
C SER A 361 10.91 -1.39 34.51
N SER A 362 10.30 -2.33 33.81
CA SER A 362 9.62 -3.44 34.46
C SER A 362 10.50 -4.68 34.49
N GLY A 363 11.79 -4.50 34.73
CA GLY A 363 12.68 -5.64 34.78
C GLY A 363 14.08 -5.29 34.36
N TYR A 364 14.64 -4.24 34.95
CA TYR A 364 16.08 -4.02 34.91
C TYR A 364 16.76 -5.26 35.50
N SER A 365 17.76 -5.82 34.82
CA SER A 365 18.35 -7.04 35.39
C SER A 365 19.30 -6.67 36.54
N ALA A 366 18.97 -7.11 37.76
CA ALA A 366 19.85 -6.89 38.90
C ALA A 366 20.92 -7.96 38.99
N VAL A 367 21.05 -8.78 37.97
CA VAL A 367 22.14 -9.74 37.83
C VAL A 367 22.79 -9.48 36.47
N PRO A 368 24.03 -9.92 36.27
CA PRO A 368 24.60 -9.87 34.92
C PRO A 368 23.71 -10.65 33.97
N ASN A 369 23.63 -10.16 32.73
CA ASN A 369 22.66 -10.73 31.79
C ASN A 369 22.87 -12.21 31.52
N TYR A 370 24.09 -12.76 31.68
CA TYR A 370 24.24 -14.18 31.47
C TYR A 370 23.35 -15.00 32.42
N ASP A 371 23.00 -14.42 33.58
CA ASP A 371 22.14 -15.06 34.56
C ASP A 371 20.67 -14.69 34.41
N ASN A 372 20.32 -13.86 33.43
CA ASN A 372 18.97 -13.34 33.33
C ASN A 372 18.07 -14.38 32.66
N MET A 373 17.13 -14.94 33.42
CA MET A 373 16.31 -16.04 32.92
C MET A 373 15.11 -15.56 32.13
N PHE A 374 15.00 -14.26 31.87
CA PHE A 374 14.13 -13.75 30.83
C PHE A 374 14.92 -13.52 29.54
N ALA A 375 16.04 -14.22 29.38
CA ALA A 375 16.90 -14.19 28.20
C ALA A 375 17.56 -12.83 28.01
N GLY A 376 17.80 -12.11 29.10
CA GLY A 376 18.53 -10.85 29.03
C GLY A 376 17.63 -9.63 29.08
N SER A 377 18.06 -8.61 29.82
CA SER A 377 17.35 -7.35 29.95
C SER A 377 18.06 -6.23 29.20
N ASN A 378 17.30 -5.16 28.92
CA ASN A 378 17.85 -3.98 28.26
C ASN A 378 18.90 -3.27 29.10
N GLU A 379 18.90 -3.50 30.42
CA GLU A 379 19.93 -3.05 31.34
C GLU A 379 20.27 -4.22 32.25
N ASP A 380 21.52 -4.32 32.69
CA ASP A 380 21.83 -5.38 33.63
C ASP A 380 22.74 -4.82 34.74
N ALA A 381 23.22 -5.71 35.60
CA ALA A 381 23.92 -5.24 36.79
C ALA A 381 25.21 -4.50 36.46
N GLU A 382 25.79 -4.77 35.29
CA GLU A 382 27.03 -4.08 34.94
C GLU A 382 26.76 -2.66 34.44
N ASP A 383 25.50 -2.30 34.24
CA ASP A 383 25.13 -0.93 33.86
C ASP A 383 24.80 -0.05 35.04
N PHE A 384 24.84 -0.58 36.28
CA PHE A 384 24.35 0.20 37.43
C PHE A 384 25.03 1.56 37.52
N ASP A 385 26.34 1.62 37.27
CA ASP A 385 27.07 2.88 37.44
C ASP A 385 26.73 3.87 36.33
N ASP A 386 26.56 3.38 35.10
CA ASP A 386 26.09 4.24 34.01
C ASP A 386 24.71 4.80 34.30
N TYR A 387 23.82 3.95 34.81
CA TYR A 387 22.47 4.42 35.08
C TYR A 387 22.48 5.56 36.09
N ASN A 388 23.28 5.42 37.15
CA ASN A 388 23.35 6.49 38.14
C ASN A 388 23.99 7.73 37.56
N VAL A 389 24.99 7.56 36.69
CA VAL A 389 25.65 8.72 36.11
C VAL A 389 24.67 9.51 35.23
N ILE A 390 23.84 8.82 34.46
CA ILE A 390 22.91 9.52 33.59
C ILE A 390 21.84 10.24 34.42
N GLN A 391 21.37 9.61 35.52
CA GLN A 391 20.47 10.32 36.45
C GLN A 391 21.07 11.65 36.86
N ARG A 392 22.36 11.65 37.19
CA ARG A 392 23.04 12.86 37.66
C ARG A 392 23.26 13.85 36.53
N ASP A 393 23.61 13.34 35.33
CA ASP A 393 23.86 14.20 34.16
C ASP A 393 22.63 15.01 33.80
N LEU A 394 21.46 14.38 33.83
CA LEU A 394 20.24 14.93 33.27
C LEU A 394 19.31 15.47 34.34
N LYS A 395 19.65 15.30 35.61
CA LYS A 395 18.76 15.57 36.74
C LYS A 395 17.41 14.91 36.51
N VAL A 396 17.45 13.58 36.32
CA VAL A 396 16.27 12.76 36.13
C VAL A 396 16.27 11.68 37.20
N ASP A 397 15.12 11.50 37.86
CA ASP A 397 14.96 10.44 38.85
C ASP A 397 14.61 9.14 38.12
N GLY A 398 15.59 8.27 37.95
CA GLY A 398 15.38 6.97 37.39
C GLY A 398 15.08 5.89 38.40
N GLY A 399 14.86 6.25 39.68
CA GLY A 399 14.42 5.29 40.66
C GLY A 399 15.51 4.54 41.41
N LEU A 400 16.78 4.73 41.06
CA LEU A 400 17.88 3.99 41.70
C LEU A 400 18.85 4.99 42.32
N ARG A 401 19.81 4.47 43.08
CA ARG A 401 20.76 5.33 43.77
C ARG A 401 22.15 4.70 43.78
N PRO A 402 23.19 5.52 43.88
CA PRO A 402 24.52 5.00 44.24
C PRO A 402 24.50 4.30 45.58
N VAL A 403 25.31 3.25 45.73
CA VAL A 403 25.42 2.51 46.98
C VAL A 403 26.87 2.15 47.25
N ARG A 404 27.18 1.93 48.54
CA ARG A 404 28.54 1.58 48.98
C ARG A 404 28.76 0.07 48.95
N GLU A 405 29.95 -0.33 48.50
CA GLU A 405 30.27 -1.76 48.46
C GLU A 405 30.14 -2.41 49.83
N GLU A 406 30.60 -1.73 50.89
CA GLU A 406 30.52 -2.33 52.22
C GLU A 406 29.07 -2.56 52.63
N ASP A 407 28.17 -1.64 52.27
CA ASP A 407 26.75 -1.81 52.59
C ASP A 407 26.13 -2.96 51.82
N VAL A 408 26.49 -3.10 50.54
CA VAL A 408 25.94 -4.17 49.72
C VAL A 408 26.43 -5.52 50.22
N ILE A 409 27.73 -5.63 50.55
CA ILE A 409 28.25 -6.87 51.12
C ILE A 409 27.48 -7.25 52.38
N ALA A 410 27.24 -6.27 53.25
CA ALA A 410 26.56 -6.55 54.51
C ALA A 410 25.11 -6.97 54.27
N ILE A 411 24.44 -6.34 53.31
CA ILE A 411 23.02 -6.67 53.09
C ILE A 411 22.90 -8.00 52.35
N ARG A 412 23.81 -8.28 51.41
CA ARG A 412 23.78 -9.59 50.76
C ARG A 412 24.08 -10.70 51.76
N ASN A 413 25.04 -10.46 52.67
CA ASN A 413 25.39 -11.49 53.65
C ASN A 413 24.21 -11.75 54.59
N LYS A 414 23.55 -10.69 55.06
CA LYS A 414 22.40 -10.88 55.93
C LYS A 414 21.28 -11.64 55.22
N ALA A 415 21.03 -11.32 53.95
CA ALA A 415 20.02 -12.06 53.19
C ALA A 415 20.39 -13.54 53.08
N ALA A 416 21.65 -13.83 52.76
CA ALA A 416 22.08 -15.23 52.64
C ALA A 416 21.98 -15.95 53.97
N ARG A 417 22.36 -15.29 55.07
CA ARG A 417 22.22 -15.90 56.38
C ARG A 417 20.75 -16.09 56.75
N ALA A 418 19.88 -15.14 56.40
CA ALA A 418 18.47 -15.30 56.73
C ALA A 418 17.85 -16.47 55.97
N LEU A 419 18.19 -16.62 54.69
CA LEU A 419 17.68 -17.77 53.94
C LEU A 419 18.27 -19.07 54.46
N GLN A 420 19.55 -19.06 54.85
CA GLN A 420 20.12 -20.23 55.51
C GLN A 420 19.30 -20.61 56.73
N ALA A 421 18.86 -19.61 57.49
CA ALA A 421 18.04 -19.92 58.67
C ALA A 421 16.66 -20.44 58.27
N VAL A 422 16.08 -19.88 57.21
CA VAL A 422 14.80 -20.39 56.71
C VAL A 422 14.93 -21.86 56.33
N PHE A 423 15.96 -22.19 55.56
CA PHE A 423 16.12 -23.56 55.07
C PHE A 423 16.36 -24.52 56.22
N ALA A 424 17.16 -24.13 57.21
CA ALA A 424 17.36 -24.97 58.38
C ALA A 424 16.06 -25.13 59.15
N GLY A 425 15.32 -24.04 59.32
CA GLY A 425 14.10 -24.09 60.12
C GLY A 425 13.02 -24.94 59.46
N MET A 426 12.96 -24.90 58.13
CA MET A 426 11.95 -25.63 57.39
C MET A 426 12.41 -27.01 56.96
N GLY A 427 13.61 -27.42 57.33
CA GLY A 427 14.09 -28.74 56.98
C GLY A 427 14.31 -28.93 55.49
N LEU A 428 14.78 -27.90 54.81
CA LEU A 428 15.13 -27.91 53.40
C LEU A 428 16.60 -28.25 53.23
N PRO A 429 17.04 -28.63 52.04
CA PRO A 429 18.47 -29.00 51.85
C PRO A 429 19.39 -27.87 52.27
N PRO A 430 20.38 -28.16 53.10
CA PRO A 430 21.10 -27.08 53.79
C PRO A 430 21.74 -26.06 52.86
N ILE A 431 21.80 -24.82 53.35
CA ILE A 431 22.63 -23.77 52.77
C ILE A 431 23.89 -23.70 53.62
N THR A 432 25.04 -24.04 53.04
CA THR A 432 26.26 -24.10 53.82
C THR A 432 26.83 -22.70 54.05
N ASP A 433 27.71 -22.60 55.05
CA ASP A 433 28.43 -21.35 55.28
C ASP A 433 29.23 -20.95 54.05
N GLU A 434 29.82 -21.93 53.33
CA GLU A 434 30.52 -21.62 52.09
C GLU A 434 29.61 -20.94 51.08
N GLU A 435 28.36 -21.42 50.97
CA GLU A 435 27.41 -20.80 50.04
C GLU A 435 27.04 -19.40 50.50
N VAL A 436 26.90 -19.19 51.82
CA VAL A 436 26.58 -17.86 52.32
C VAL A 436 27.69 -16.89 51.93
N GLU A 437 28.94 -17.29 52.15
CA GLU A 437 30.07 -16.44 51.77
CA GLU A 437 30.07 -16.43 51.78
C GLU A 437 30.08 -16.19 50.27
N ALA A 438 29.89 -17.25 49.48
CA ALA A 438 29.89 -17.11 48.03
C ALA A 438 28.81 -16.13 47.57
N ALA A 439 27.60 -16.27 48.11
CA ALA A 439 26.53 -15.36 47.70
C ALA A 439 26.82 -13.93 48.10
N THR A 440 27.50 -13.74 49.24
CA THR A 440 27.82 -12.40 49.69
C THR A 440 28.64 -11.64 48.68
N TYR A 441 29.65 -12.30 48.09
CA TYR A 441 30.61 -11.66 47.20
C TYR A 441 30.39 -11.97 45.72
N ALA A 442 29.34 -12.70 45.36
CA ALA A 442 29.16 -13.12 43.98
C ALA A 442 28.82 -11.95 43.06
N HIS A 443 29.23 -12.06 41.81
CA HIS A 443 28.64 -11.27 40.75
C HIS A 443 27.50 -12.04 40.09
N GLY A 444 27.67 -13.34 39.91
CA GLY A 444 26.61 -14.18 39.40
C GLY A 444 26.88 -15.64 39.71
N SER A 445 26.14 -16.52 39.03
CA SER A 445 26.19 -17.94 39.37
C SER A 445 27.52 -18.59 39.02
N LYS A 446 28.32 -17.97 38.16
CA LYS A 446 29.69 -18.45 37.95
C LYS A 446 30.49 -18.43 39.23
N ASP A 447 30.06 -17.64 40.22
CA ASP A 447 30.78 -17.48 41.49
C ASP A 447 30.17 -18.28 42.63
N MET A 448 29.17 -19.13 42.34
CA MET A 448 28.47 -19.92 43.35
C MET A 448 28.85 -21.40 43.29
N PRO A 449 28.96 -22.06 44.43
CA PRO A 449 29.13 -23.52 44.42
C PRO A 449 27.91 -24.20 43.81
N GLU A 450 28.12 -25.34 43.18
CA GLU A 450 27.02 -26.10 42.62
C GLU A 450 26.18 -26.70 43.75
N ARG A 451 24.86 -26.60 43.62
CA ARG A 451 23.95 -27.22 44.57
C ARG A 451 23.42 -28.53 44.02
N ASN A 452 22.87 -29.34 44.92
CA ASN A 452 22.19 -30.57 44.53
C ASN A 452 20.80 -30.18 44.05
N ILE A 453 20.68 -29.98 42.73
CA ILE A 453 19.44 -29.48 42.14
C ILE A 453 18.33 -30.52 42.28
N VAL A 454 18.67 -31.81 42.14
CA VAL A 454 17.67 -32.87 42.27
C VAL A 454 17.04 -32.85 43.67
N GLU A 455 17.87 -32.67 44.70
CA GLU A 455 17.33 -32.60 46.06
C GLU A 455 16.51 -31.33 46.28
N ASP A 456 16.99 -30.20 45.75
CA ASP A 456 16.26 -28.94 45.91
C ASP A 456 14.87 -29.03 45.30
N ILE A 457 14.76 -29.56 44.08
CA ILE A 457 13.45 -29.53 43.43
C ILE A 457 12.51 -30.56 44.05
N LYS A 458 13.04 -31.63 44.65
CA LYS A 458 12.21 -32.53 45.45
C LYS A 458 11.55 -31.78 46.60
N PHE A 459 12.35 -31.05 47.39
CA PHE A 459 11.79 -30.33 48.52
C PHE A 459 10.97 -29.11 48.08
N ALA A 460 11.36 -28.46 46.97
CA ALA A 460 10.57 -27.34 46.48
C ALA A 460 9.16 -27.78 46.12
N GLN A 461 9.03 -28.91 45.42
CA GLN A 461 7.69 -29.35 45.06
C GLN A 461 6.90 -29.86 46.26
N GLU A 462 7.58 -30.37 47.28
CA GLU A 462 6.91 -30.72 48.53
C GLU A 462 6.26 -29.51 49.19
N ILE A 463 6.85 -28.32 49.03
CA ILE A 463 6.21 -27.10 49.53
C ILE A 463 4.84 -26.92 48.90
N ILE A 464 4.72 -27.19 47.60
CA ILE A 464 3.42 -27.12 46.95
C ILE A 464 2.53 -28.26 47.39
N ASN A 465 3.05 -29.48 47.35
CA ASN A 465 2.22 -30.66 47.56
C ASN A 465 1.72 -30.77 49.01
N LYS A 466 2.47 -30.27 49.98
CA LYS A 466 2.03 -30.24 51.37
C LYS A 466 1.50 -28.88 51.78
N ASN A 467 1.36 -27.95 50.83
CA ASN A 467 0.81 -26.62 51.10
C ASN A 467 1.54 -25.92 52.24
N ARG A 468 2.86 -25.96 52.19
CA ARG A 468 3.67 -25.24 53.17
C ARG A 468 3.57 -23.74 52.88
N ASN A 469 3.08 -22.96 53.83
CA ASN A 469 2.70 -21.59 53.51
C ASN A 469 3.73 -20.58 54.04
N GLY A 470 3.44 -19.31 53.78
CA GLY A 470 4.38 -18.25 54.13
C GLY A 470 4.62 -18.11 55.62
N LEU A 471 3.67 -18.53 56.46
CA LEU A 471 3.90 -18.40 57.90
C LEU A 471 4.98 -19.35 58.39
N GLU A 472 5.22 -20.46 57.67
CA GLU A 472 6.35 -21.32 58.00
C GLU A 472 7.67 -20.56 57.83
N VAL A 473 7.76 -19.73 56.79
CA VAL A 473 8.95 -18.92 56.58
C VAL A 473 9.11 -17.91 57.70
N VAL A 474 8.02 -17.22 58.06
CA VAL A 474 8.03 -16.29 59.19
C VAL A 474 8.54 -16.99 60.46
N LYS A 475 7.95 -18.16 60.78
CA LYS A 475 8.36 -18.90 61.97
C LYS A 475 9.84 -19.26 61.92
N ALA A 476 10.32 -19.75 60.77
CA ALA A 476 11.71 -20.19 60.69
C ALA A 476 12.66 -19.02 60.91
N LEU A 477 12.33 -17.85 60.37
CA LEU A 477 13.15 -16.67 60.60
C LEU A 477 13.16 -16.30 62.07
N ALA A 478 11.98 -16.29 62.70
CA ALA A 478 11.89 -15.91 64.10
C ALA A 478 12.65 -16.88 64.98
N GLN A 479 12.57 -18.17 64.69
CA GLN A 479 13.24 -19.19 65.51
C GLN A 479 14.73 -19.29 65.21
N GLY A 480 15.17 -18.76 64.06
CA GLY A 480 16.57 -18.85 63.70
C GLY A 480 17.34 -17.57 63.92
N GLY A 481 16.81 -16.66 64.74
CA GLY A 481 17.52 -15.45 65.12
C GLY A 481 17.37 -14.29 64.16
N PHE A 482 16.30 -14.26 63.37
CA PHE A 482 16.03 -13.13 62.49
C PHE A 482 14.65 -12.59 62.80
N THR A 483 14.44 -12.20 64.06
CA THR A 483 13.14 -11.68 64.45
CA THR A 483 13.14 -11.65 64.48
C THR A 483 12.75 -10.45 63.63
N ASP A 484 13.73 -9.60 63.30
CA ASP A 484 13.42 -8.41 62.53
C ASP A 484 12.93 -8.77 61.13
N VAL A 485 13.64 -9.67 60.46
CA VAL A 485 13.23 -10.08 59.12
C VAL A 485 11.88 -10.79 59.18
N ALA A 486 11.66 -11.58 60.23
CA ALA A 486 10.38 -12.26 60.40
C ALA A 486 9.25 -11.24 60.48
N GLN A 487 9.45 -10.18 61.28
CA GLN A 487 8.45 -9.12 61.39
C GLN A 487 8.18 -8.48 60.04
N ASP A 488 9.23 -8.20 59.27
CA ASP A 488 9.04 -7.56 57.96
C ASP A 488 8.32 -8.50 56.99
N MET A 489 8.61 -9.79 57.05
CA MET A 489 7.87 -10.75 56.24
C MET A 489 6.41 -10.79 56.67
N LEU A 490 6.15 -10.77 57.98
CA LEU A 490 4.79 -10.73 58.49
C LEU A 490 4.06 -9.47 58.02
N ASN A 491 4.76 -8.33 57.99
CA ASN A 491 4.12 -7.09 57.55
C ASN A 491 3.72 -7.14 56.08
N ILE A 492 4.55 -7.76 55.23
CA ILE A 492 4.17 -7.94 53.83
C ILE A 492 2.90 -8.76 53.71
N GLN A 493 2.78 -9.82 54.51
CA GLN A 493 1.57 -10.64 54.46
C GLN A 493 0.35 -9.83 54.94
N LYS A 494 0.55 -8.94 55.92
CA LYS A 494 -0.56 -8.14 56.42
C LYS A 494 -1.08 -7.17 55.36
N ALA A 495 -0.24 -6.77 54.40
CA ALA A 495 -0.70 -5.89 53.33
C ALA A 495 -1.74 -6.56 52.46
N LYS A 496 -1.79 -7.89 52.44
CA LYS A 496 -2.79 -8.62 51.67
C LYS A 496 -4.16 -8.60 52.34
N LEU A 497 -4.28 -8.01 53.53
CA LEU A 497 -5.54 -8.01 54.26
C LEU A 497 -6.37 -6.75 54.07
N THR A 498 -5.74 -5.62 53.71
CA THR A 498 -6.38 -4.31 53.70
C THR A 498 -6.90 -3.91 52.34
N GLY A 499 -6.42 -4.52 51.26
CA GLY A 499 -6.76 -4.12 49.90
C GLY A 499 -6.11 -2.83 49.42
N ASP A 500 -5.35 -2.14 50.27
CA ASP A 500 -4.85 -0.82 49.89
C ASP A 500 -3.91 -0.90 48.69
N TYR A 501 -3.02 -1.89 48.67
CA TYR A 501 -2.06 -1.96 47.58
C TYR A 501 -2.63 -2.64 46.34
N LEU A 502 -3.95 -2.89 46.30
CA LEU A 502 -4.58 -3.35 45.07
C LEU A 502 -4.87 -2.23 44.09
N HIS A 503 -4.75 -0.98 44.54
CA HIS A 503 -5.12 0.17 43.74
C HIS A 503 -4.03 0.53 42.74
N THR A 504 -4.43 1.30 41.73
CA THR A 504 -3.57 1.71 40.62
C THR A 504 -2.21 2.18 41.09
N SER A 505 -1.16 1.50 40.62
CA SER A 505 0.25 1.88 40.77
C SER A 505 0.79 1.69 42.19
N ALA A 506 0.13 0.90 43.02
CA ALA A 506 0.53 0.84 44.43
C ALA A 506 1.88 0.15 44.59
N ILE A 507 2.75 0.79 45.39
CA ILE A 507 3.91 0.18 45.97
C ILE A 507 3.87 0.44 47.48
N ILE A 508 4.84 -0.09 48.20
CA ILE A 508 4.90 0.07 49.65
C ILE A 508 6.26 0.67 49.99
N VAL A 509 6.26 1.88 50.56
CA VAL A 509 7.49 2.61 50.80
C VAL A 509 7.64 2.88 52.28
N GLY A 510 8.88 3.22 52.66
CA GLY A 510 9.09 3.70 54.02
C GLY A 510 8.70 2.66 55.03
N ASP A 511 7.83 3.04 55.96
CA ASP A 511 7.47 2.17 57.07
C ASP A 511 6.08 1.56 56.83
N GLY A 512 6.02 0.72 55.80
CA GLY A 512 4.78 0.04 55.48
C GLY A 512 3.70 0.90 54.87
N GLN A 513 4.07 2.08 54.36
CA GLN A 513 3.12 3.03 53.80
C GLN A 513 2.84 2.71 52.33
N VAL A 514 1.57 2.52 51.99
CA VAL A 514 1.22 2.32 50.60
C VAL A 514 1.28 3.65 49.87
N LEU A 515 1.87 3.63 48.67
CA LEU A 515 1.99 4.80 47.80
C LEU A 515 1.44 4.41 46.45
N SER A 516 0.26 4.94 46.11
CA SER A 516 -0.38 4.56 44.86
C SER A 516 -0.87 5.81 44.15
N ALA A 517 -1.47 5.62 42.97
CA ALA A 517 -2.05 6.75 42.27
C ALA A 517 -3.22 7.37 43.02
N VAL A 518 -3.79 6.69 44.01
CA VAL A 518 -4.90 7.28 44.76
C VAL A 518 -4.40 8.34 45.73
N ASN A 519 -3.32 8.07 46.47
CA ASN A 519 -2.80 9.06 47.43
C ASN A 519 -1.53 9.75 46.95
N ASP A 520 -1.06 9.45 45.74
CA ASP A 520 0.09 10.12 45.13
C ASP A 520 -0.28 10.44 43.68
N VAL A 521 -1.39 11.16 43.49
CA VAL A 521 -1.86 11.33 42.12
C VAL A 521 -0.97 12.32 41.39
N ASN A 522 -0.68 12.01 40.13
CA ASN A 522 0.14 12.88 39.31
C ASN A 522 -0.62 14.15 38.99
N ASP A 523 -0.01 15.31 39.27
CA ASP A 523 -0.65 16.61 39.10
C ASP A 523 0.18 17.51 38.20
N TYR A 524 0.78 16.92 37.15
CA TYR A 524 1.66 17.68 36.28
C TYR A 524 0.93 18.83 35.59
N ALA A 525 1.58 20.01 35.59
CA ALA A 525 1.00 21.20 34.96
C ALA A 525 2.09 22.09 34.37
N GLY A 526 3.15 21.49 33.86
CA GLY A 526 4.19 22.26 33.22
C GLY A 526 5.41 22.47 34.10
N PRO A 527 6.36 23.26 33.59
CA PRO A 527 7.58 23.55 34.33
C PRO A 527 7.31 23.94 35.78
N ALA A 528 8.17 23.43 36.67
CA ALA A 528 8.14 23.76 38.10
C ALA A 528 6.90 23.24 38.80
N THR A 529 6.18 22.31 38.18
CA THR A 529 5.03 21.63 38.80
C THR A 529 5.17 20.12 38.62
N GLY A 530 4.34 19.37 39.36
CA GLY A 530 4.42 17.93 39.33
C GLY A 530 5.69 17.43 39.99
N TYR A 531 5.97 16.14 39.77
CA TYR A 531 7.17 15.56 40.37
C TYR A 531 8.41 16.29 39.88
N ARG A 532 9.27 16.68 40.83
CA ARG A 532 10.56 17.26 40.47
C ARG A 532 11.65 16.59 41.31
N LEU A 533 12.77 16.25 40.66
CA LEU A 533 13.92 15.74 41.40
C LEU A 533 14.57 16.89 42.16
N GLN A 534 14.63 16.77 43.48
CA GLN A 534 15.10 17.86 44.33
C GLN A 534 15.39 17.32 45.72
N GLY A 535 15.91 18.20 46.58
CA GLY A 535 16.06 17.90 47.98
C GLY A 535 17.01 16.75 48.24
N GLU A 536 16.66 15.94 49.24
CA GLU A 536 17.55 14.85 49.66
C GLU A 536 17.66 13.77 48.59
N ARG A 537 16.60 13.55 47.82
CA ARG A 537 16.66 12.57 46.74
C ARG A 537 17.66 12.99 45.68
N TRP A 538 17.71 14.29 45.38
CA TRP A 538 18.71 14.80 44.44
C TRP A 538 20.12 14.69 45.03
N GLU A 539 20.29 14.95 46.33
CA GLU A 539 21.60 14.79 46.94
C GLU A 539 22.07 13.35 46.86
N GLU A 540 21.13 12.41 47.00
CA GLU A 540 21.43 10.99 46.89
C GLU A 540 21.93 10.64 45.49
N ILE A 541 21.24 11.15 44.47
CA ILE A 541 21.59 10.87 43.08
C ILE A 541 22.90 11.53 42.68
N LYS A 542 23.23 12.68 43.28
CA LYS A 542 24.49 13.36 42.91
C LYS A 542 25.72 12.62 43.40
N ASN A 543 25.58 11.79 44.43
CA ASN A 543 26.71 11.24 45.16
C ASN A 543 27.21 9.94 44.53
N ILE A 544 27.67 10.05 43.29
CA ILE A 544 28.13 8.89 42.53
C ILE A 544 29.57 8.56 42.90
N PRO A 545 30.00 7.30 42.76
CA PRO A 545 31.40 6.97 43.06
C PRO A 545 32.36 7.64 42.08
N GLY A 546 33.41 8.21 42.63
CA GLY A 546 34.47 8.79 41.84
C GLY A 546 34.43 10.29 41.70
N ALA A 547 33.37 10.94 42.19
CA ALA A 547 33.31 12.39 42.13
C ALA A 547 34.33 12.97 43.10
N LEU A 548 35.42 13.50 42.57
CA LEU A 548 36.52 14.01 43.38
C LEU A 548 36.22 15.42 43.88
N ASP A 549 36.72 15.73 45.06
CA ASP A 549 36.64 17.09 45.55
C ASP A 549 37.70 17.93 44.86
N PRO A 550 37.33 18.97 44.11
CA PRO A 550 38.31 19.64 43.25
C PRO A 550 39.41 20.38 44.00
N ASN A 551 39.07 21.13 45.05
CA ASN A 551 40.07 21.91 45.75
C ASN A 551 40.88 21.06 46.73
N GLY B 19 7.82 -32.27 -1.31
CA GLY B 19 8.81 -31.54 -0.51
C GLY B 19 10.13 -32.28 -0.38
N PRO B 20 11.23 -31.56 -0.56
CA PRO B 20 12.54 -32.21 -0.48
C PRO B 20 12.87 -32.63 0.95
N GLY B 21 13.74 -33.64 1.06
CA GLY B 21 14.22 -34.08 2.35
C GLY B 21 13.25 -34.87 3.18
N GLY B 22 12.23 -35.45 2.56
CA GLY B 22 11.20 -36.16 3.31
C GLY B 22 11.76 -37.41 3.99
N PHE B 23 11.39 -37.59 5.25
CA PHE B 23 11.79 -38.79 5.97
C PHE B 23 10.73 -39.23 6.99
N LEU B 24 9.52 -38.69 6.92
CA LEU B 24 8.47 -38.97 7.89
C LEU B 24 7.19 -39.32 7.13
N THR B 25 6.65 -40.52 7.35
CA THR B 25 5.44 -40.98 6.69
C THR B 25 4.35 -41.20 7.73
N GLU B 26 3.20 -40.57 7.52
CA GLU B 26 2.06 -40.79 8.39
C GLU B 26 1.46 -42.17 8.13
N VAL B 27 1.30 -42.96 9.19
CA VAL B 27 0.83 -44.33 9.09
C VAL B 27 -0.50 -44.55 9.82
N GLY B 28 -1.26 -43.48 10.03
CA GLY B 28 -2.56 -43.57 10.67
C GLY B 28 -2.60 -42.81 11.99
N GLU B 29 -3.81 -42.74 12.54
CA GLU B 29 -4.04 -41.99 13.77
C GLU B 29 -3.33 -42.65 14.93
N ALA B 30 -2.53 -41.87 15.66
CA ALA B 30 -1.81 -42.40 16.81
C ALA B 30 -2.78 -42.85 17.90
N ARG B 31 -2.52 -44.02 18.46
CA ARG B 31 -3.33 -44.57 19.54
C ARG B 31 -2.61 -44.38 20.87
N GLN B 32 -3.40 -44.36 21.93
CA GLN B 32 -2.82 -44.17 23.26
C GLN B 32 -2.04 -45.42 23.65
N GLY B 33 -0.80 -45.22 24.11
CA GLY B 33 -0.02 -46.34 24.58
C GLY B 33 -0.52 -46.85 25.92
N THR B 34 -0.33 -48.14 26.15
CA THR B 34 -0.68 -48.76 27.42
C THR B 34 0.51 -49.13 28.27
N GLN B 35 1.65 -49.47 27.67
CA GLN B 35 2.81 -49.81 28.46
C GLN B 35 3.59 -48.56 28.85
N GLN B 36 4.13 -48.59 30.06
CA GLN B 36 4.81 -47.44 30.65
C GLN B 36 6.21 -47.21 30.11
N ASP B 37 6.72 -48.08 29.24
CA ASP B 37 8.13 -47.98 28.81
C ASP B 37 8.25 -47.36 27.42
N GLU B 38 7.55 -46.25 27.19
CA GLU B 38 7.69 -45.51 25.94
C GLU B 38 7.69 -44.01 26.24
N VAL B 39 8.30 -43.26 25.35
CA VAL B 39 8.23 -41.80 25.31
C VAL B 39 7.81 -41.41 23.91
N ILE B 40 6.84 -40.51 23.81
CA ILE B 40 6.39 -40.02 22.51
C ILE B 40 7.14 -38.73 22.17
N ILE B 41 7.75 -38.70 21.00
CA ILE B 41 8.26 -37.46 20.42
C ILE B 41 7.16 -36.90 19.53
N ALA B 42 6.61 -35.76 19.90
CA ALA B 42 5.53 -35.12 19.16
C ALA B 42 6.11 -33.94 18.38
N VAL B 43 6.08 -34.03 17.06
CA VAL B 43 6.63 -32.93 16.25
C VAL B 43 5.48 -32.10 15.70
N GLY B 44 5.78 -30.83 15.45
CA GLY B 44 4.81 -29.89 14.93
C GLY B 44 4.41 -30.21 13.50
N PRO B 45 3.39 -29.52 12.99
CA PRO B 45 2.84 -29.90 11.67
C PRO B 45 3.75 -29.61 10.50
N ALA B 46 4.77 -28.76 10.64
CA ALA B 46 5.69 -28.50 9.54
C ALA B 46 7.03 -29.19 9.70
N PHE B 47 7.23 -29.93 10.79
CA PHE B 47 8.53 -30.54 11.06
C PHE B 47 8.90 -31.54 9.96
N GLY B 48 10.09 -31.36 9.40
CA GLY B 48 10.56 -32.26 8.35
C GLY B 48 9.87 -32.09 7.02
N LEU B 49 9.00 -31.09 6.89
CA LEU B 49 8.25 -30.90 5.66
C LEU B 49 8.67 -29.60 4.98
N ALA B 50 7.95 -28.51 5.28
CA ALA B 50 8.30 -27.23 4.69
C ALA B 50 9.63 -26.68 5.19
N GLN B 51 10.05 -27.08 6.39
CA GLN B 51 11.38 -26.79 6.89
C GLN B 51 12.07 -28.13 7.12
N THR B 52 13.36 -28.23 6.79
CA THR B 52 14.11 -29.46 7.06
C THR B 52 15.29 -29.25 8.00
N VAL B 53 15.49 -28.03 8.49
CA VAL B 53 16.51 -27.71 9.48
C VAL B 53 15.86 -26.81 10.52
N ASN B 54 16.49 -26.72 11.68
CA ASN B 54 16.00 -25.82 12.71
C ASN B 54 16.57 -24.43 12.48
N ILE B 55 16.39 -23.52 13.46
CA ILE B 55 16.66 -22.10 13.24
C ILE B 55 18.13 -21.82 12.96
N VAL B 56 19.04 -22.68 13.40
CA VAL B 56 20.45 -22.50 13.10
C VAL B 56 20.99 -23.60 12.18
N GLY B 57 20.10 -24.26 11.44
CA GLY B 57 20.53 -25.14 10.37
C GLY B 57 20.84 -26.57 10.76
N ILE B 58 20.51 -27.00 11.97
CA ILE B 58 20.67 -28.41 12.31
C ILE B 58 19.55 -29.21 11.67
N PRO B 59 19.86 -30.27 10.91
CA PRO B 59 18.79 -31.01 10.22
C PRO B 59 17.84 -31.69 11.18
N HIS B 60 16.55 -31.64 10.80
CA HIS B 60 15.51 -32.33 11.55
C HIS B 60 15.79 -33.81 11.67
N LYS B 61 16.33 -34.42 10.61
CA LYS B 61 16.69 -35.83 10.68
C LYS B 61 17.72 -36.08 11.78
N SER B 62 18.70 -35.18 11.91
CA SER B 62 19.73 -35.36 12.92
C SER B 62 19.20 -35.13 14.32
N ILE B 63 18.33 -34.12 14.48
CA ILE B 63 17.68 -33.88 15.76
C ILE B 63 16.90 -35.11 16.19
N LEU B 64 16.05 -35.62 15.28
CA LEU B 64 15.22 -36.77 15.63
C LEU B 64 16.08 -37.99 15.90
N ARG B 65 17.13 -38.19 15.10
CA ARG B 65 18.07 -39.28 15.34
C ARG B 65 18.61 -39.24 16.76
N GLU B 66 19.03 -38.06 17.22
CA GLU B 66 19.64 -37.94 18.55
C GLU B 66 18.62 -38.07 19.67
N VAL B 67 17.43 -37.46 19.51
CA VAL B 67 16.39 -37.60 20.55
C VAL B 67 15.98 -39.07 20.67
N ILE B 68 15.74 -39.73 19.53
CA ILE B 68 15.41 -41.15 19.54
C ILE B 68 16.52 -41.96 20.20
N ALA B 69 17.78 -41.68 19.85
CA ALA B 69 18.89 -42.45 20.39
C ALA B 69 19.01 -42.27 21.90
N GLY B 70 18.74 -41.06 22.38
CA GLY B 70 18.78 -40.82 23.82
C GLY B 70 17.69 -41.56 24.57
N ILE B 71 16.50 -41.64 23.99
CA ILE B 71 15.42 -42.41 24.60
C ILE B 71 15.78 -43.89 24.64
N GLU B 72 16.19 -44.43 23.49
CA GLU B 72 16.44 -45.87 23.37
C GLU B 72 17.65 -46.29 24.19
N GLU B 73 18.64 -45.41 24.35
CA GLU B 73 19.81 -45.82 25.13
C GLU B 73 19.52 -45.87 26.62
N GLU B 74 18.34 -45.42 27.04
CA GLU B 74 17.87 -45.58 28.42
C GLU B 74 16.95 -46.77 28.57
N GLY B 75 16.85 -47.63 27.56
CA GLY B 75 15.99 -48.80 27.66
C GLY B 75 14.51 -48.48 27.55
N ILE B 76 14.17 -47.39 26.89
CA ILE B 76 12.78 -46.97 26.70
C ILE B 76 12.52 -46.87 25.21
N LYS B 77 11.29 -47.20 24.81
CA LYS B 77 10.91 -47.12 23.40
C LYS B 77 10.57 -45.70 23.00
N ALA B 78 10.93 -45.33 21.78
CA ALA B 78 10.64 -44.02 21.22
C ALA B 78 9.56 -44.15 20.15
N ARG B 79 8.51 -43.36 20.27
CA ARG B 79 7.42 -43.33 19.30
C ARG B 79 7.27 -41.90 18.82
N VAL B 80 7.15 -41.72 17.51
CA VAL B 80 7.11 -40.39 16.90
C VAL B 80 5.72 -40.14 16.32
N ILE B 81 5.14 -38.99 16.63
CA ILE B 81 3.86 -38.57 16.08
C ILE B 81 3.99 -37.15 15.55
N ARG B 82 3.12 -36.80 14.61
CA ARG B 82 2.95 -35.43 14.14
C ARG B 82 1.62 -34.90 14.67
N CYS B 83 1.63 -33.65 15.12
CA CYS B 83 0.46 -33.01 15.69
C CYS B 83 0.03 -31.85 14.81
N PHE B 84 -1.29 -31.60 14.77
CA PHE B 84 -1.85 -30.69 13.77
C PHE B 84 -2.72 -29.57 14.34
N LYS B 85 -3.32 -29.79 15.51
CA LYS B 85 -4.36 -28.88 15.98
C LYS B 85 -3.79 -27.52 16.40
N SER B 86 -2.50 -27.47 16.73
CA SER B 86 -1.84 -26.22 17.06
C SER B 86 -0.37 -26.36 16.68
N SER B 87 0.24 -25.24 16.28
CA SER B 87 1.67 -25.20 16.01
C SER B 87 2.49 -24.81 17.23
N ASP B 88 1.82 -24.49 18.33
CA ASP B 88 2.48 -24.17 19.58
C ASP B 88 3.11 -25.42 20.19
N VAL B 89 4.39 -25.32 20.58
CA VAL B 89 5.10 -26.55 20.94
C VAL B 89 4.57 -27.13 22.26
N ALA B 90 4.06 -26.30 23.17
CA ALA B 90 3.45 -26.85 24.38
C ALA B 90 2.26 -27.72 24.05
N PHE B 91 1.38 -27.21 23.18
CA PHE B 91 0.18 -27.96 22.85
C PHE B 91 0.50 -29.18 22.01
N VAL B 92 1.51 -29.08 21.15
CA VAL B 92 2.03 -30.26 20.46
C VAL B 92 2.46 -31.31 21.47
N ALA B 93 3.23 -30.90 22.48
CA ALA B 93 3.70 -31.84 23.49
C ALA B 93 2.54 -32.41 24.29
N VAL B 94 1.53 -31.59 24.59
CA VAL B 94 0.39 -32.07 25.36
C VAL B 94 -0.35 -33.17 24.61
N GLU B 95 -0.56 -32.99 23.29
CA GLU B 95 -1.16 -34.05 22.51
C GLU B 95 -0.33 -35.33 22.61
N GLY B 96 0.99 -35.18 22.65
CA GLY B 96 1.87 -36.32 22.82
C GLY B 96 1.79 -36.95 24.20
N ASN B 97 1.67 -36.13 25.26
CA ASN B 97 1.68 -36.74 26.58
C ASN B 97 0.36 -37.45 26.89
N ARG B 98 -0.74 -37.03 26.25
CA ARG B 98 -2.00 -37.76 26.37
C ARG B 98 -1.86 -39.18 25.85
N LEU B 99 -1.13 -39.35 24.75
CA LEU B 99 -1.02 -40.64 24.08
C LEU B 99 0.15 -41.48 24.62
N SER B 100 1.12 -40.86 25.28
CA SER B 100 2.29 -41.60 25.73
C SER B 100 1.94 -42.54 26.87
N GLY B 101 2.34 -43.81 26.75
CA GLY B 101 2.05 -44.77 27.78
C GLY B 101 2.71 -44.45 29.10
N SER B 102 3.83 -43.73 29.06
CA SER B 102 4.50 -43.26 30.27
C SER B 102 3.97 -41.92 30.75
N GLY B 103 3.10 -41.28 29.98
CA GLY B 103 2.75 -39.90 30.24
C GLY B 103 3.82 -38.89 29.95
N ILE B 104 4.99 -39.31 29.47
CA ILE B 104 6.08 -38.39 29.16
C ILE B 104 6.12 -38.17 27.66
N SER B 105 6.28 -36.91 27.25
CA SER B 105 6.42 -36.59 25.83
C SER B 105 7.49 -35.53 25.64
N ILE B 106 7.98 -35.44 24.41
CA ILE B 106 8.87 -34.39 23.96
C ILE B 106 8.21 -33.71 22.77
N GLY B 107 7.95 -32.41 22.88
CA GLY B 107 7.46 -31.63 21.75
C GLY B 107 8.62 -30.91 21.08
N ILE B 108 8.64 -30.95 19.75
CA ILE B 108 9.68 -30.30 18.96
C ILE B 108 9.02 -29.53 17.83
N GLN B 109 9.31 -28.22 17.74
CA GLN B 109 8.92 -27.37 16.64
C GLN B 109 9.95 -27.42 15.53
N SER B 110 9.51 -27.10 14.31
CA SER B 110 10.43 -27.05 13.18
CA SER B 110 10.42 -27.06 13.18
C SER B 110 11.62 -26.16 13.48
N LYS B 111 11.38 -24.97 14.04
CA LYS B 111 12.52 -24.09 14.29
C LYS B 111 13.40 -24.58 15.44
N GLY B 112 13.01 -25.62 16.17
CA GLY B 112 13.92 -26.32 17.06
C GLY B 112 13.53 -26.28 18.53
N THR B 113 12.61 -25.40 18.91
CA THR B 113 12.16 -25.28 20.30
C THR B 113 11.63 -26.61 20.81
N THR B 114 12.02 -26.97 22.04
CA THR B 114 11.75 -28.32 22.56
C THR B 114 11.29 -28.25 24.01
N VAL B 115 10.43 -29.19 24.40
CA VAL B 115 9.91 -29.24 25.76
C VAL B 115 9.73 -30.71 26.13
N ILE B 116 10.09 -31.05 27.37
CA ILE B 116 9.74 -32.35 27.96
C ILE B 116 8.50 -32.13 28.81
N HIS B 117 7.41 -32.82 28.49
CA HIS B 117 6.11 -32.58 29.10
C HIS B 117 5.63 -33.84 29.79
N GLN B 118 4.62 -33.68 30.65
CA GLN B 118 4.14 -34.78 31.47
C GLN B 118 2.63 -34.66 31.64
N GLN B 119 1.93 -35.77 31.41
CA GLN B 119 0.48 -35.79 31.60
C GLN B 119 0.12 -35.34 33.01
N GLY B 120 -0.90 -34.48 33.10
CA GLY B 120 -1.33 -33.94 34.36
C GLY B 120 -0.82 -32.53 34.64
N LEU B 121 0.27 -32.13 34.01
CA LEU B 121 0.72 -30.76 34.16
C LEU B 121 -0.14 -29.83 33.31
N PRO B 122 -0.30 -28.58 33.75
CA PRO B 122 -0.93 -27.58 32.88
C PRO B 122 -0.22 -27.52 31.53
N PRO B 123 -0.95 -27.24 30.46
CA PRO B 123 -0.31 -27.24 29.12
C PRO B 123 0.94 -26.37 29.04
N LEU B 124 0.97 -25.19 29.66
CA LEU B 124 2.13 -24.32 29.51
C LEU B 124 3.10 -24.47 30.68
N SER B 125 2.96 -25.54 31.46
CA SER B 125 3.99 -25.99 32.38
C SER B 125 4.79 -27.08 31.66
N ASN B 126 5.65 -27.79 32.39
CA ASN B 126 6.53 -28.78 31.77
C ASN B 126 7.44 -29.37 32.85
N LEU B 127 8.19 -30.41 32.46
CA LEU B 127 9.27 -30.90 33.29
C LEU B 127 10.58 -30.17 32.97
N GLU B 128 10.94 -30.10 31.70
CA GLU B 128 12.07 -29.29 31.27
C GLU B 128 11.70 -28.55 30.00
N LEU B 129 12.31 -27.37 29.82
CA LEU B 129 12.00 -26.52 28.69
C LEU B 129 13.29 -26.01 28.07
N PHE B 130 13.32 -25.97 26.73
CA PHE B 130 14.48 -25.51 25.98
C PHE B 130 14.03 -24.35 25.12
N PRO B 131 14.03 -23.13 25.69
CA PRO B 131 13.34 -21.98 25.07
C PRO B 131 14.23 -21.09 24.21
N GLN B 132 15.46 -21.50 23.92
CA GLN B 132 16.34 -20.75 23.03
C GLN B 132 16.90 -21.77 22.03
N ALA B 133 16.07 -22.09 21.04
CA ALA B 133 16.48 -23.04 20.01
C ALA B 133 17.87 -22.78 19.42
N PRO B 134 18.31 -21.53 19.20
CA PRO B 134 19.65 -21.34 18.58
C PRO B 134 20.80 -21.94 19.38
N LEU B 135 20.63 -22.22 20.67
CA LEU B 135 21.69 -22.72 21.52
C LEU B 135 21.74 -24.24 21.60
N LEU B 136 20.70 -24.93 21.15
CA LEU B 136 20.66 -26.39 21.24
C LEU B 136 21.66 -27.00 20.26
N THR B 137 22.43 -27.97 20.73
CA THR B 137 23.30 -28.74 19.85
C THR B 137 22.75 -30.15 19.73
N LEU B 138 23.33 -30.92 18.81
CA LEU B 138 22.95 -32.32 18.72
C LEU B 138 23.20 -33.04 20.04
N GLU B 139 24.23 -32.64 20.77
CA GLU B 139 24.45 -33.22 22.10
C GLU B 139 23.31 -32.88 23.05
N THR B 140 22.82 -31.64 23.01
CA THR B 140 21.68 -31.30 23.85
C THR B 140 20.47 -32.16 23.51
N TYR B 141 20.21 -32.34 22.22
CA TYR B 141 19.03 -33.08 21.82
C TYR B 141 19.09 -34.53 22.27
N ARG B 142 20.28 -35.13 22.25
CA ARG B 142 20.44 -36.48 22.78
C ARG B 142 20.16 -36.51 24.27
N GLN B 143 20.67 -35.53 25.02
CA GLN B 143 20.43 -35.48 26.47
CA GLN B 143 20.42 -35.52 26.46
C GLN B 143 18.95 -35.23 26.77
N ILE B 144 18.27 -34.44 25.94
CA ILE B 144 16.83 -34.26 26.12
C ILE B 144 16.11 -35.60 26.01
N GLY B 145 16.50 -36.43 25.03
CA GLY B 145 15.90 -37.74 24.92
C GLY B 145 16.21 -38.63 26.11
N LYS B 146 17.47 -38.62 26.57
CA LYS B 146 17.86 -39.39 27.76
C LYS B 146 17.02 -38.98 28.97
N ASN B 147 16.94 -37.68 29.24
CA ASN B 147 16.21 -37.22 30.41
C ASN B 147 14.73 -37.59 30.31
N ALA B 148 14.13 -37.48 29.12
CA ALA B 148 12.73 -37.84 28.97
C ALA B 148 12.51 -39.30 29.32
N ALA B 149 13.39 -40.18 28.84
CA ALA B 149 13.25 -41.59 29.17
C ALA B 149 13.47 -41.83 30.66
N ARG B 150 14.34 -41.05 31.28
CA ARG B 150 14.57 -41.22 32.71
C ARG B 150 13.35 -40.77 33.51
N TYR B 151 12.65 -39.74 33.05
CA TYR B 151 11.37 -39.38 33.68
C TYR B 151 10.36 -40.52 33.50
N ALA B 152 10.35 -41.15 32.32
CA ALA B 152 9.48 -42.29 32.09
C ALA B 152 9.78 -43.43 33.03
N LYS B 153 11.05 -43.60 33.43
CA LYS B 153 11.46 -44.59 34.41
C LYS B 153 11.27 -44.12 35.84
N ARG B 154 10.60 -42.97 36.04
CA ARG B 154 10.30 -42.40 37.34
C ARG B 154 11.56 -42.01 38.10
N GLU B 155 12.65 -41.73 37.40
CA GLU B 155 13.82 -41.11 37.99
C GLU B 155 13.60 -39.60 38.09
N SER B 156 14.46 -38.97 38.87
CA SER B 156 14.55 -37.51 38.90
C SER B 156 15.93 -37.15 38.34
N PRO B 157 16.10 -37.16 37.03
CA PRO B 157 17.42 -36.94 36.46
C PRO B 157 17.88 -35.50 36.70
N GLN B 158 19.19 -35.34 36.76
CA GLN B 158 19.76 -33.99 36.73
C GLN B 158 19.21 -33.26 35.50
N PRO B 159 18.58 -32.09 35.67
CA PRO B 159 18.07 -31.38 34.49
C PRO B 159 19.21 -31.06 33.53
N VAL B 160 18.90 -31.09 32.23
CA VAL B 160 19.86 -30.66 31.22
C VAL B 160 20.34 -29.26 31.58
N PRO B 161 21.64 -29.00 31.59
CA PRO B 161 22.13 -27.68 32.03
C PRO B 161 21.52 -26.54 31.23
N THR B 162 21.18 -25.49 31.95
CA THR B 162 20.51 -24.34 31.36
C THR B 162 21.42 -23.66 30.35
N LEU B 163 20.89 -23.46 29.15
CA LEU B 163 21.52 -22.66 28.11
C LEU B 163 20.78 -21.34 28.02
N ASN B 164 21.52 -20.24 28.11
CA ASN B 164 20.92 -18.91 28.11
C ASN B 164 21.91 -17.95 27.47
N ASP B 165 21.48 -17.26 26.43
CA ASP B 165 22.32 -16.30 25.70
C ASP B 165 21.51 -15.02 25.57
N GLN B 166 21.94 -13.97 26.26
CA GLN B 166 21.20 -12.69 26.25
C GLN B 166 21.10 -12.07 24.86
N MET B 167 21.93 -12.50 23.90
CA MET B 167 21.84 -12.03 22.53
C MET B 167 21.07 -12.96 21.60
N ALA B 168 20.53 -14.08 22.10
CA ALA B 168 19.79 -14.98 21.22
C ALA B 168 18.56 -14.31 20.63
N ARG B 169 17.80 -13.58 21.47
CA ARG B 169 16.64 -12.87 20.94
C ARG B 169 17.07 -11.76 19.98
N PRO B 170 18.03 -10.90 20.32
CA PRO B 170 18.50 -9.93 19.33
C PRO B 170 18.90 -10.54 17.99
N LYS B 171 19.56 -11.70 17.99
CA LYS B 171 19.98 -12.30 16.72
C LYS B 171 18.85 -13.02 16.00
N TYR B 172 17.91 -13.63 16.73
CA TYR B 172 17.04 -14.65 16.15
C TYR B 172 15.55 -14.50 16.39
N GLN B 173 15.09 -13.58 17.24
CA GLN B 173 13.66 -13.55 17.51
C GLN B 173 12.84 -13.21 16.26
N ALA B 174 13.27 -12.22 15.49
CA ALA B 174 12.54 -11.91 14.25
C ALA B 174 12.55 -13.10 13.32
N LYS B 175 13.70 -13.79 13.21
CA LYS B 175 13.76 -14.99 12.38
C LYS B 175 12.84 -16.08 12.92
N SER B 176 12.81 -16.23 14.26
CA SER B 176 11.92 -17.20 14.90
C SER B 176 10.46 -16.89 14.59
N ALA B 177 10.06 -15.62 14.66
CA ALA B 177 8.69 -15.25 14.33
C ALA B 177 8.34 -15.61 12.89
N ILE B 178 9.27 -15.35 11.95
CA ILE B 178 9.00 -15.63 10.54
C ILE B 178 8.87 -17.13 10.30
N LEU B 179 9.78 -17.92 10.88
CA LEU B 179 9.67 -19.37 10.77
C LEU B 179 8.38 -19.87 11.37
N HIS B 180 7.96 -19.29 12.51
CA HIS B 180 6.76 -19.80 13.14
C HIS B 180 5.51 -19.43 12.34
N ILE B 181 5.47 -18.21 11.80
CA ILE B 181 4.38 -17.84 10.89
C ILE B 181 4.23 -18.90 9.81
N LYS B 182 5.35 -19.35 9.26
CA LYS B 182 5.31 -20.37 8.21
C LYS B 182 4.85 -21.73 8.75
N GLU B 183 5.28 -22.09 9.98
CA GLU B 183 4.87 -23.35 10.61
CA GLU B 183 4.84 -23.40 10.50
C GLU B 183 3.36 -23.40 10.80
N THR B 184 2.75 -22.25 11.16
CA THR B 184 1.32 -22.22 11.48
C THR B 184 0.44 -22.49 10.28
N LYS B 185 0.95 -22.30 9.06
CA LYS B 185 0.14 -22.57 7.89
C LYS B 185 -0.22 -24.04 7.78
N TYR B 186 0.49 -24.92 8.51
CA TYR B 186 0.26 -26.36 8.46
C TYR B 186 -0.67 -26.86 9.56
N VAL B 187 -1.23 -25.95 10.35
CA VAL B 187 -2.25 -26.34 11.33
C VAL B 187 -3.50 -26.81 10.62
N VAL B 188 -4.11 -27.88 11.13
CA VAL B 188 -5.36 -28.42 10.61
C VAL B 188 -6.29 -28.60 11.81
N THR B 189 -7.30 -27.74 11.92
CA THR B 189 -8.28 -27.85 12.99
C THR B 189 -8.94 -29.22 13.00
N GLY B 190 -9.02 -29.83 14.19
CA GLY B 190 -9.76 -31.06 14.38
C GLY B 190 -9.06 -32.32 13.96
N LYS B 191 -7.84 -32.22 13.43
CA LYS B 191 -7.13 -33.40 12.94
C LYS B 191 -6.29 -34.00 14.07
N ASN B 192 -6.59 -35.24 14.43
CA ASN B 192 -5.89 -35.94 15.50
C ASN B 192 -4.47 -36.29 15.07
N PRO B 193 -3.56 -36.48 16.02
CA PRO B 193 -2.16 -36.76 15.67
C PRO B 193 -2.00 -38.04 14.87
N GLN B 194 -1.02 -38.03 13.97
CA GLN B 194 -0.69 -39.16 13.13
C GLN B 194 0.60 -39.81 13.61
N GLU B 195 0.59 -41.13 13.77
CA GLU B 195 1.83 -41.84 14.02
C GLU B 195 2.72 -41.77 12.77
N LEU B 196 4.02 -41.61 12.98
CA LEU B 196 4.97 -41.46 11.90
C LEU B 196 5.88 -42.67 11.81
N ARG B 197 6.14 -43.12 10.58
CA ARG B 197 7.23 -44.05 10.29
C ARG B 197 8.45 -43.21 9.93
N VAL B 198 9.55 -43.40 10.65
CA VAL B 198 10.74 -42.58 10.50
C VAL B 198 11.70 -43.29 9.55
N ALA B 199 12.20 -42.57 8.54
CA ALA B 199 13.15 -43.13 7.59
C ALA B 199 14.56 -42.79 8.09
N LEU B 200 15.03 -43.60 9.04
CA LEU B 200 16.35 -43.40 9.61
C LEU B 200 17.13 -44.71 9.76
N ALA C 2 -17.33 4.56 50.58
CA ALA C 2 -16.04 5.15 50.91
C ALA C 2 -15.52 5.98 49.76
N ARG C 3 -14.67 6.95 50.07
CA ARG C 3 -14.13 7.88 49.09
C ARG C 3 -12.61 7.84 49.17
N VAL C 4 -11.94 8.57 48.26
CA VAL C 4 -10.49 8.55 48.29
C VAL C 4 -9.94 9.17 49.56
N SER C 5 -10.71 10.05 50.23
CA SER C 5 -10.25 10.57 51.50
C SER C 5 -10.23 9.51 52.60
N ASP C 6 -10.87 8.37 52.38
CA ASP C 6 -10.86 7.25 53.31
C ASP C 6 -9.70 6.31 53.06
N TYR C 7 -8.88 6.58 52.04
CA TYR C 7 -7.77 5.73 51.63
C TYR C 7 -6.44 6.34 52.05
N PRO C 8 -5.46 5.49 52.43
CA PRO C 8 -5.49 4.03 52.60
C PRO C 8 -6.27 3.61 53.85
N LEU C 9 -7.04 2.52 53.76
CA LEU C 9 -7.78 2.06 54.93
C LEU C 9 -6.87 1.80 56.10
N ALA C 10 -5.67 1.25 55.85
CA ALA C 10 -4.79 0.90 56.96
C ALA C 10 -4.41 2.11 57.80
N ASN C 11 -4.39 3.31 57.20
CA ASN C 11 -4.10 4.53 57.94
CA ASN C 11 -4.11 4.54 57.92
C ASN C 11 -5.36 5.26 58.38
N LYS C 12 -6.34 5.42 57.48
CA LYS C 12 -7.51 6.25 57.80
C LYS C 12 -8.54 5.49 58.63
N HIS C 13 -8.75 4.20 58.36
CA HIS C 13 -9.81 3.45 59.04
C HIS C 13 -9.41 1.99 59.23
N PRO C 14 -8.37 1.69 60.01
CA PRO C 14 -7.97 0.29 60.18
C PRO C 14 -9.09 -0.60 60.68
N GLU C 15 -9.99 -0.04 61.50
CA GLU C 15 -11.06 -0.84 62.07
C GLU C 15 -12.11 -1.25 61.04
N TRP C 16 -12.06 -0.69 59.83
CA TRP C 16 -12.93 -1.15 58.76
C TRP C 16 -12.49 -2.49 58.18
N VAL C 17 -11.30 -2.98 58.55
CA VAL C 17 -10.71 -4.19 58.00
C VAL C 17 -10.80 -5.30 59.03
N LYS C 18 -11.51 -6.38 58.70
CA LYS C 18 -11.45 -7.63 59.44
C LYS C 18 -11.06 -8.74 58.47
N THR C 19 -10.70 -9.90 59.00
CA THR C 19 -10.36 -11.02 58.13
C THR C 19 -11.51 -12.03 58.07
N ALA C 20 -11.31 -13.07 57.24
CA ALA C 20 -12.36 -14.06 57.01
C ALA C 20 -12.83 -14.72 58.31
N THR C 21 -11.95 -14.82 59.32
CA THR C 21 -12.32 -15.40 60.59
C THR C 21 -12.55 -14.34 61.65
N ASN C 22 -12.79 -13.10 61.24
CA ASN C 22 -13.11 -11.96 62.10
C ASN C 22 -11.92 -11.50 62.95
N LYS C 23 -10.71 -11.90 62.60
CA LYS C 23 -9.53 -11.30 63.20
C LYS C 23 -9.35 -9.86 62.71
N THR C 24 -8.61 -9.08 63.48
CA THR C 24 -8.25 -7.72 63.10
C THR C 24 -6.76 -7.65 62.80
N LEU C 25 -6.33 -6.49 62.29
CA LEU C 25 -4.94 -6.34 61.86
C LEU C 25 -3.98 -6.52 63.03
N ASP C 26 -4.31 -5.98 64.21
CA ASP C 26 -3.40 -6.10 65.33
CA ASP C 26 -3.40 -6.10 65.34
C ASP C 26 -3.39 -7.51 65.94
N ASP C 27 -4.22 -8.43 65.44
CA ASP C 27 -4.10 -9.82 65.88
C ASP C 27 -2.87 -10.50 65.30
N PHE C 28 -2.32 -9.98 64.21
CA PHE C 28 -1.23 -10.65 63.51
C PHE C 28 0.10 -10.08 63.99
N THR C 29 0.44 -10.47 65.21
CA THR C 29 1.75 -10.22 65.78
C THR C 29 2.64 -11.43 65.57
N LEU C 30 3.94 -11.19 65.65
CA LEU C 30 4.90 -12.30 65.54
C LEU C 30 4.62 -13.37 66.59
N GLU C 31 4.37 -12.96 67.83
CA GLU C 31 4.15 -13.94 68.88
C GLU C 31 2.86 -14.74 68.65
N ASN C 32 1.82 -14.11 68.10
CA ASN C 32 0.60 -14.86 67.80
C ASN C 32 0.82 -15.85 66.67
N VAL C 33 1.70 -15.54 65.72
CA VAL C 33 2.01 -16.50 64.67
C VAL C 33 2.81 -17.67 65.24
N LEU C 34 3.80 -17.38 66.09
CA LEU C 34 4.62 -18.43 66.66
C LEU C 34 3.79 -19.39 67.52
N SER C 35 2.85 -18.85 68.29
CA SER C 35 2.02 -19.65 69.17
C SER C 35 0.83 -20.29 68.46
N ASN C 36 0.72 -20.12 67.15
CA ASN C 36 -0.40 -20.57 66.34
C ASN C 36 -1.73 -19.94 66.78
N LYS C 37 -1.69 -18.88 67.58
CA LYS C 37 -2.91 -18.16 67.94
C LYS C 37 -3.63 -17.66 66.69
N VAL C 38 -2.89 -17.24 65.67
CA VAL C 38 -3.42 -17.02 64.34
C VAL C 38 -2.71 -17.97 63.38
N THR C 39 -3.40 -18.31 62.29
CA THR C 39 -2.83 -19.17 61.26
C THR C 39 -3.17 -18.61 59.90
N ALA C 40 -2.72 -19.28 58.84
CA ALA C 40 -2.97 -18.81 57.49
C ALA C 40 -4.46 -18.72 57.18
N GLN C 41 -5.27 -19.65 57.73
CA GLN C 41 -6.71 -19.54 57.57
C GLN C 41 -7.23 -18.17 57.99
N ASP C 42 -6.64 -17.61 59.04
CA ASP C 42 -7.10 -16.32 59.57
C ASP C 42 -6.69 -15.17 58.66
N MET C 43 -5.63 -15.34 57.87
CA MET C 43 -5.02 -14.26 57.10
C MET C 43 -5.60 -14.23 55.68
N ARG C 44 -6.87 -13.85 55.59
CA ARG C 44 -7.50 -13.74 54.27
C ARG C 44 -8.43 -12.53 54.24
N ILE C 45 -8.26 -11.73 53.20
CA ILE C 45 -9.11 -10.55 52.97
C ILE C 45 -10.58 -10.95 52.85
N THR C 46 -11.48 -10.03 53.24
CA THR C 46 -12.91 -10.26 53.29
C THR C 46 -13.60 -9.63 52.09
N PRO C 47 -14.82 -10.09 51.78
CA PRO C 47 -15.64 -9.36 50.81
C PRO C 47 -15.95 -7.94 51.26
N GLU C 48 -16.06 -7.71 52.58
CA GLU C 48 -16.36 -6.36 53.05
C GLU C 48 -15.22 -5.41 52.71
N THR C 49 -13.98 -5.84 52.94
CA THR C 49 -12.85 -5.00 52.59
C THR C 49 -12.81 -4.72 51.09
N LEU C 50 -13.01 -5.77 50.28
CA LEU C 50 -12.95 -5.57 48.84
C LEU C 50 -14.09 -4.68 48.34
N ARG C 51 -15.28 -4.76 48.94
CA ARG C 51 -16.34 -3.87 48.52
C ARG C 51 -16.06 -2.42 48.94
N LEU C 52 -15.41 -2.21 50.09
CA LEU C 52 -14.97 -0.86 50.44
C LEU C 52 -13.97 -0.33 49.43
N GLN C 53 -12.99 -1.15 49.04
CA GLN C 53 -12.01 -0.72 48.05
C GLN C 53 -12.67 -0.47 46.69
N ALA C 54 -13.71 -1.25 46.37
CA ALA C 54 -14.46 -0.97 45.14
C ALA C 54 -15.08 0.42 45.19
N SER C 55 -15.66 0.79 46.33
CA SER C 55 -16.26 2.12 46.45
CA SER C 55 -16.27 2.12 46.41
C SER C 55 -15.21 3.21 46.29
N ILE C 56 -14.01 2.97 46.83
CA ILE C 56 -12.92 3.92 46.67
C ILE C 56 -12.49 4.00 45.21
N ALA C 57 -12.40 2.85 44.53
CA ALA C 57 -12.06 2.85 43.11
C ALA C 57 -13.08 3.66 42.30
N LYS C 58 -14.37 3.45 42.57
CA LYS C 58 -15.41 4.27 41.94
C LYS C 58 -15.15 5.76 42.18
N ASP C 59 -14.88 6.14 43.43
CA ASP C 59 -14.65 7.54 43.73
C ASP C 59 -13.42 8.09 43.01
N ALA C 60 -12.44 7.24 42.75
CA ALA C 60 -11.25 7.63 42.00
C ALA C 60 -11.48 7.59 40.49
N GLY C 61 -12.71 7.37 40.05
CA GLY C 61 -13.03 7.35 38.63
C GLY C 61 -12.70 6.06 37.94
N ARG C 62 -12.58 4.95 38.67
CA ARG C 62 -12.16 3.68 38.10
C ARG C 62 -13.26 2.63 38.31
N ASP C 63 -14.30 2.73 37.47
CA ASP C 63 -15.47 1.85 37.60
C ASP C 63 -15.14 0.39 37.25
N ARG C 64 -14.25 0.17 36.27
CA ARG C 64 -13.93 -1.21 35.92
C ARG C 64 -13.12 -1.89 37.01
N LEU C 65 -12.15 -1.16 37.59
CA LEU C 65 -11.43 -1.68 38.76
C LEU C 65 -12.41 -2.03 39.87
N ALA C 66 -13.39 -1.16 40.12
CA ALA C 66 -14.40 -1.45 41.13
C ALA C 66 -15.16 -2.74 40.79
N MET C 67 -15.49 -2.97 39.51
CA MET C 67 -16.19 -4.19 39.10
CA MET C 67 -16.21 -4.20 39.16
C MET C 67 -15.33 -5.43 39.36
N ASN C 68 -14.04 -5.34 39.07
CA ASN C 68 -13.12 -6.43 39.40
C ASN C 68 -13.14 -6.72 40.90
N PHE C 69 -13.06 -5.68 41.72
CA PHE C 69 -13.08 -5.85 43.17
C PHE C 69 -14.40 -6.45 43.65
N GLU C 70 -15.51 -6.15 42.97
CA GLU C 70 -16.79 -6.76 43.34
C GLU C 70 -16.80 -8.25 43.02
N ARG C 71 -16.27 -8.64 41.85
CA ARG C 71 -16.13 -10.06 41.56
C ARG C 71 -15.23 -10.74 42.59
N ALA C 72 -14.12 -10.07 42.93
CA ALA C 72 -13.20 -10.62 43.91
C ALA C 72 -13.87 -10.81 45.27
N ALA C 73 -14.73 -9.87 45.66
CA ALA C 73 -15.48 -10.00 46.91
C ALA C 73 -16.26 -11.31 46.94
N GLU C 74 -16.96 -11.64 45.84
CA GLU C 74 -17.69 -12.90 45.78
C GLU C 74 -16.76 -14.10 45.89
N LEU C 75 -15.60 -14.02 45.23
CA LEU C 75 -14.70 -15.17 45.15
C LEU C 75 -13.96 -15.46 46.45
N THR C 76 -13.97 -14.53 47.42
CA THR C 76 -13.38 -14.83 48.72
C THR C 76 -14.02 -16.07 49.35
N ALA C 77 -15.28 -16.34 49.02
CA ALA C 77 -16.00 -17.45 49.63
C ALA C 77 -15.68 -18.79 49.01
N VAL C 78 -14.97 -18.82 47.89
CA VAL C 78 -14.66 -20.04 47.16
C VAL C 78 -13.29 -20.56 47.59
N PRO C 79 -13.15 -21.84 47.95
CA PRO C 79 -11.85 -22.33 48.41
C PRO C 79 -10.80 -22.27 47.31
N ASP C 80 -9.53 -22.20 47.75
CA ASP C 80 -8.40 -22.05 46.81
C ASP C 80 -8.48 -23.04 45.66
N ASP C 81 -8.70 -24.32 45.97
CA ASP C 81 -8.58 -25.32 44.91
C ASP C 81 -9.75 -25.26 43.95
N ARG C 82 -10.90 -24.76 44.42
CA ARG C 82 -12.05 -24.57 43.55
C ARG C 82 -11.86 -23.35 42.64
N ILE C 83 -11.26 -22.28 43.17
CA ILE C 83 -10.86 -21.15 42.33
C ILE C 83 -10.01 -21.63 41.17
N LEU C 84 -9.03 -22.49 41.46
CA LEU C 84 -8.16 -23.01 40.39
C LEU C 84 -8.95 -23.87 39.42
N GLU C 85 -9.89 -24.67 39.92
CA GLU C 85 -10.68 -25.50 39.01
C GLU C 85 -11.52 -24.63 38.06
N ILE C 86 -12.12 -23.57 38.60
CA ILE C 86 -12.97 -22.72 37.77
C ILE C 86 -12.13 -21.92 36.79
N TYR C 87 -11.00 -21.39 37.23
CA TYR C 87 -10.11 -20.71 36.29
C TYR C 87 -9.73 -21.64 35.15
N ASN C 88 -9.29 -22.86 35.47
CA ASN C 88 -8.90 -23.80 34.42
C ASN C 88 -10.07 -24.13 33.50
N ALA C 89 -11.28 -24.23 34.06
CA ALA C 89 -12.43 -24.59 33.23
C ALA C 89 -12.73 -23.53 32.17
N LEU C 90 -12.35 -22.27 32.41
CA LEU C 90 -12.58 -21.18 31.48
C LEU C 90 -11.51 -21.07 30.39
N ARG C 91 -10.45 -21.85 30.47
CA ARG C 91 -9.40 -21.80 29.47
C ARG C 91 -9.86 -22.55 28.23
N PRO C 92 -9.23 -22.30 27.07
CA PRO C 92 -9.78 -22.82 25.81
C PRO C 92 -9.82 -24.34 25.77
N TYR C 93 -10.94 -24.87 25.27
CA TYR C 93 -11.14 -26.28 24.97
C TYR C 93 -11.19 -27.16 26.22
N ARG C 94 -11.33 -26.57 27.41
CA ARG C 94 -11.38 -27.35 28.63
C ARG C 94 -12.76 -27.89 28.96
N SER C 95 -13.81 -27.14 28.65
CA SER C 95 -15.13 -27.42 29.18
C SER C 95 -16.17 -27.58 28.06
N THR C 96 -17.22 -28.33 28.36
CA THR C 96 -18.44 -28.26 27.58
C THR C 96 -19.28 -27.08 28.05
N LYS C 97 -20.24 -26.68 27.21
CA LYS C 97 -21.12 -25.59 27.61
C LYS C 97 -21.85 -25.94 28.90
N GLU C 98 -22.29 -27.19 29.04
CA GLU C 98 -23.01 -27.60 30.25
CA GLU C 98 -23.01 -27.59 30.25
C GLU C 98 -22.11 -27.51 31.48
N GLU C 99 -20.83 -27.88 31.34
CA GLU C 99 -19.94 -27.85 32.51
C GLU C 99 -19.75 -26.43 33.01
N LEU C 100 -19.68 -25.46 32.11
CA LEU C 100 -19.58 -24.07 32.54
C LEU C 100 -20.87 -23.62 33.21
N LEU C 101 -22.03 -24.01 32.67
CA LEU C 101 -23.29 -23.59 33.27
C LEU C 101 -23.47 -24.21 34.64
N ALA C 102 -22.99 -25.44 34.84
CA ALA C 102 -23.02 -26.04 36.17
C ALA C 102 -22.10 -25.30 37.13
N ILE C 103 -20.94 -24.85 36.67
CA ILE C 103 -20.07 -24.07 37.55
C ILE C 103 -20.77 -22.81 38.00
N ALA C 104 -21.46 -22.13 37.08
CA ALA C 104 -22.20 -20.92 37.41
C ALA C 104 -23.26 -21.20 38.47
N ASP C 105 -24.07 -22.24 38.27
CA ASP C 105 -25.13 -22.53 39.23
C ASP C 105 -24.57 -22.90 40.60
N ASP C 106 -23.41 -23.55 40.63
CA ASP C 106 -22.78 -23.90 41.90
C ASP C 106 -22.21 -22.67 42.60
N LEU C 107 -21.63 -21.75 41.82
CA LEU C 107 -21.17 -20.48 42.36
C LEU C 107 -22.29 -19.77 43.11
N GLU C 108 -23.50 -19.80 42.57
CA GLU C 108 -24.62 -19.16 43.25
C GLU C 108 -25.09 -19.96 44.45
N SER C 109 -25.27 -21.27 44.28
CA SER C 109 -25.94 -22.04 45.33
C SER C 109 -25.04 -22.16 46.56
N ARG C 110 -23.75 -22.39 46.36
CA ARG C 110 -22.87 -22.49 47.51
C ARG C 110 -22.47 -21.11 48.04
N TYR C 111 -22.13 -20.18 47.13
CA TYR C 111 -21.43 -18.96 47.52
C TYR C 111 -22.15 -17.66 47.18
N GLN C 112 -23.37 -17.71 46.65
CA GLN C 112 -24.12 -16.51 46.26
C GLN C 112 -23.28 -15.57 45.39
N ALA C 113 -22.42 -16.15 44.56
CA ALA C 113 -21.51 -15.37 43.72
C ALA C 113 -22.21 -15.07 42.39
N LYS C 114 -23.19 -14.16 42.49
CA LYS C 114 -24.10 -13.88 41.38
C LYS C 114 -23.39 -13.23 40.20
N ILE C 115 -22.53 -12.22 40.47
CA ILE C 115 -21.83 -11.55 39.40
C ILE C 115 -20.88 -12.52 38.70
N CYS C 116 -20.11 -13.27 39.48
CA CYS C 116 -19.20 -14.26 38.88
C CYS C 116 -19.94 -15.33 38.11
N ALA C 117 -21.07 -15.81 38.64
CA ALA C 117 -21.84 -16.81 37.91
C ALA C 117 -22.31 -16.27 36.56
N ALA C 118 -22.76 -15.01 36.53
CA ALA C 118 -23.18 -14.40 35.27
C ALA C 118 -22.01 -14.27 34.32
N PHE C 119 -20.85 -13.93 34.86
CA PHE C 119 -19.63 -13.86 34.07
C PHE C 119 -19.33 -15.18 33.39
N VAL C 120 -19.52 -16.27 34.12
CA VAL C 120 -19.21 -17.59 33.59
C VAL C 120 -20.21 -17.98 32.51
N ARG C 121 -21.50 -17.70 32.74
CA ARG C 121 -22.52 -17.95 31.74
C ARG C 121 -22.30 -17.10 30.48
N GLU C 122 -21.84 -15.86 30.66
CA GLU C 122 -21.53 -15.01 29.52
C GLU C 122 -20.42 -15.61 28.68
N ALA C 123 -19.33 -16.03 29.32
CA ALA C 123 -18.27 -16.78 28.64
C ALA C 123 -18.82 -18.00 27.93
N ALA C 124 -19.65 -18.80 28.62
CA ALA C 124 -20.14 -20.04 28.02
C ALA C 124 -20.86 -19.75 26.71
N THR C 125 -21.69 -18.71 26.67
CA THR C 125 -22.42 -18.38 25.45
C THR C 125 -21.47 -18.00 24.33
N LEU C 126 -20.49 -17.15 24.64
CA LEU C 126 -19.58 -16.71 23.60
C LEU C 126 -18.61 -17.81 23.19
N TYR C 127 -18.31 -18.76 24.09
CA TYR C 127 -17.42 -19.86 23.71
C TYR C 127 -18.08 -20.77 22.68
N VAL C 128 -19.41 -20.89 22.70
CA VAL C 128 -20.10 -21.60 21.62
C VAL C 128 -19.86 -20.89 20.29
N GLU C 129 -20.12 -19.59 20.26
CA GLU C 129 -20.01 -18.83 19.02
C GLU C 129 -18.58 -18.80 18.49
N ARG C 130 -17.61 -18.67 19.39
CA ARG C 130 -16.22 -18.54 18.97
C ARG C 130 -15.46 -19.85 19.05
N LYS C 131 -16.16 -20.95 19.34
CA LYS C 131 -15.64 -22.32 19.26
C LYS C 131 -14.42 -22.52 20.16
N LYS C 132 -14.62 -22.24 21.45
CA LYS C 132 -13.56 -22.46 22.44
C LYS C 132 -13.97 -23.51 23.48
N LEU C 133 -14.93 -24.35 23.16
CA LEU C 133 -15.36 -25.40 24.06
C LEU C 133 -14.56 -26.67 23.78
N LYS C 134 -14.65 -27.62 24.70
CA LYS C 134 -14.05 -28.93 24.49
C LYS C 134 -14.53 -29.52 23.16
N GLY C 135 -13.59 -30.03 22.38
CA GLY C 135 -13.88 -30.62 21.09
C GLY C 135 -13.87 -29.66 19.91
N ASP C 136 -13.69 -28.36 20.16
CA ASP C 136 -13.67 -27.35 19.12
C ASP C 136 -12.30 -27.11 18.51
N ASP C 137 -11.25 -27.73 19.05
CA ASP C 137 -9.91 -27.58 18.50
C ASP C 137 -9.62 -28.58 17.39
N MET D 1 38.10 -9.04 51.22
CA MET D 1 37.22 -9.70 50.27
C MET D 1 36.42 -8.69 49.49
N ARG D 2 36.57 -8.73 48.17
CA ARG D 2 35.85 -7.84 47.28
C ARG D 2 34.52 -8.45 46.87
N SER D 3 33.52 -7.60 46.77
CA SER D 3 32.33 -7.94 45.98
C SER D 3 32.72 -8.04 44.52
N LYS D 4 32.51 -9.23 43.92
CA LYS D 4 32.77 -9.38 42.49
C LYS D 4 31.83 -8.50 41.66
N ARG D 5 30.65 -8.17 42.20
CA ARG D 5 29.77 -7.21 41.54
C ARG D 5 30.45 -5.86 41.40
N PHE D 6 31.08 -5.39 42.48
CA PHE D 6 31.75 -4.10 42.41
C PHE D 6 33.06 -4.17 41.63
N GLU D 7 33.73 -5.33 41.60
CA GLU D 7 34.90 -5.47 40.72
C GLU D 7 34.50 -5.37 39.26
N ALA D 8 33.36 -5.97 38.90
CA ALA D 8 32.87 -5.85 37.53
C ALA D 8 32.54 -4.39 37.21
N LEU D 9 31.87 -3.69 38.13
CA LEU D 9 31.51 -2.29 37.86
C LEU D 9 32.75 -1.40 37.77
N ALA D 10 33.79 -1.70 38.55
CA ALA D 10 34.97 -0.84 38.54
C ALA D 10 35.65 -0.87 37.19
N LYS D 11 35.49 -1.95 36.44
CA LYS D 11 36.10 -2.07 35.12
C LYS D 11 35.33 -1.33 34.04
N ARG D 12 34.13 -0.84 34.34
CA ARG D 12 33.29 -0.26 33.31
C ARG D 12 33.90 1.05 32.78
N PRO D 13 33.82 1.27 31.47
CA PRO D 13 34.39 2.50 30.90
C PRO D 13 33.94 3.79 31.58
N VAL D 14 32.68 3.88 32.01
CA VAL D 14 32.21 5.13 32.57
C VAL D 14 33.01 5.53 33.80
N ASN D 15 33.62 4.58 34.51
CA ASN D 15 34.38 4.92 35.72
C ASN D 15 35.78 5.41 35.40
N GLN D 16 36.12 5.55 34.13
CA GLN D 16 37.31 6.27 33.71
CA GLN D 16 37.31 6.27 33.70
C GLN D 16 37.04 7.74 33.47
N ASP D 17 35.77 8.16 33.46
CA ASP D 17 35.42 9.53 33.18
C ASP D 17 35.79 10.43 34.36
N GLY D 18 35.86 11.73 34.10
CA GLY D 18 36.19 12.69 35.14
C GLY D 18 34.93 13.26 35.77
N PHE D 19 34.73 12.99 37.06
CA PHE D 19 33.64 13.57 37.81
C PHE D 19 34.19 14.39 38.95
N VAL D 20 33.57 15.54 39.22
CA VAL D 20 33.97 16.34 40.38
C VAL D 20 32.74 16.79 41.15
N LYS D 21 32.94 16.99 42.46
CA LYS D 21 31.94 17.64 43.29
C LYS D 21 31.90 19.12 42.98
N GLU D 22 30.74 19.73 43.20
CA GLU D 22 30.57 21.14 42.86
C GLU D 22 31.53 22.02 43.66
N TRP D 23 32.08 23.03 42.98
CA TRP D 23 33.08 23.93 43.54
C TRP D 23 32.59 25.33 43.18
N ILE D 24 31.73 25.90 44.05
CA ILE D 24 31.06 27.16 43.73
C ILE D 24 32.05 28.28 43.49
N GLU D 25 33.08 28.37 44.34
CA GLU D 25 33.95 29.53 44.33
C GLU D 25 34.66 29.69 42.99
N GLU D 26 34.91 28.60 42.27
CA GLU D 26 35.60 28.68 41.00
C GLU D 26 34.67 28.38 39.82
N GLY D 27 33.35 28.40 40.03
CA GLY D 27 32.45 28.22 38.92
C GLY D 27 32.26 26.79 38.46
N PHE D 28 32.75 25.82 39.22
CA PHE D 28 32.60 24.42 38.83
C PHE D 28 31.23 23.94 39.31
N ILE D 29 30.21 24.52 38.71
CA ILE D 29 28.81 24.19 38.96
C ILE D 29 28.05 24.55 37.69
N ALA D 30 27.18 23.65 37.22
CA ALA D 30 26.63 23.77 35.88
C ALA D 30 25.57 24.85 35.77
N MET D 31 24.65 24.91 36.72
CA MET D 31 23.57 25.88 36.64
C MET D 31 23.05 26.08 38.04
N GLU D 32 22.11 27.01 38.19
CA GLU D 32 21.37 27.18 39.43
C GLU D 32 22.32 27.39 40.61
N SER D 33 23.27 28.41 40.45
CA SER D 33 24.30 28.69 41.44
C SER D 33 23.89 29.83 42.38
N PRO D 34 24.26 29.74 43.67
CA PRO D 34 23.91 30.84 44.60
C PRO D 34 24.68 32.12 44.34
N ASN D 35 25.84 32.06 43.70
CA ASN D 35 26.56 33.27 43.32
C ASN D 35 25.98 33.94 42.09
N ASP D 36 25.09 33.25 41.37
CA ASP D 36 24.53 33.83 40.16
C ASP D 36 23.66 35.02 40.51
N PRO D 37 23.70 36.09 39.74
CA PRO D 37 22.91 37.27 40.07
C PRO D 37 21.42 37.04 39.83
N LYS D 38 20.62 37.71 40.65
CA LYS D 38 19.18 37.71 40.45
C LYS D 38 18.82 38.57 39.25
N PRO D 39 17.86 38.16 38.42
CA PRO D 39 17.51 38.96 37.25
C PRO D 39 17.03 40.35 37.65
N SER D 40 17.55 41.36 36.94
CA SER D 40 17.04 42.72 37.10
C SER D 40 17.43 43.55 35.89
N ILE D 41 16.69 44.64 35.70
CA ILE D 41 17.08 45.66 34.74
C ILE D 41 16.50 46.99 35.19
N LYS D 42 17.30 48.05 35.06
CA LYS D 42 16.86 49.42 35.24
C LYS D 42 17.27 50.24 34.03
N ILE D 43 16.39 51.13 33.59
CA ILE D 43 16.58 51.93 32.39
C ILE D 43 16.25 53.38 32.71
N VAL D 44 17.17 54.29 32.38
CA VAL D 44 16.98 55.72 32.59
C VAL D 44 17.34 56.43 31.30
N ASN D 45 16.41 57.22 30.76
CA ASN D 45 16.62 57.94 29.51
C ASN D 45 17.06 56.99 28.39
N GLY D 46 16.42 55.82 28.35
CA GLY D 46 16.67 54.85 27.31
C GLY D 46 17.99 54.10 27.40
N ALA D 47 18.71 54.22 28.51
CA ALA D 47 19.98 53.53 28.69
C ALA D 47 19.95 52.71 29.97
N VAL D 48 20.60 51.55 29.93
CA VAL D 48 20.59 50.64 31.07
C VAL D 48 21.52 51.17 32.17
N THR D 49 20.97 51.31 33.37
CA THR D 49 21.73 51.72 34.54
C THR D 49 22.02 50.56 35.48
N GLU D 50 21.31 49.45 35.32
CA GLU D 50 21.50 48.28 36.14
C GLU D 50 21.17 47.06 35.31
N LEU D 51 22.03 46.04 35.38
CA LEU D 51 21.82 44.80 34.65
C LEU D 51 22.09 43.63 35.58
N ASP D 52 21.04 42.87 35.89
CA ASP D 52 21.11 41.69 36.74
C ASP D 52 21.89 41.99 38.02
N GLY D 53 21.40 43.01 38.74
CA GLY D 53 21.97 43.40 40.02
C GLY D 53 23.20 44.28 39.94
N LYS D 54 23.83 44.41 38.77
CA LYS D 54 25.09 45.12 38.64
C LYS D 54 24.84 46.56 38.17
N PRO D 55 25.39 47.57 38.83
CA PRO D 55 25.22 48.94 38.35
C PRO D 55 26.14 49.23 37.18
N VAL D 56 25.72 50.18 36.34
CA VAL D 56 26.47 50.48 35.12
C VAL D 56 27.90 50.90 35.42
N SER D 57 28.15 51.53 36.58
CA SER D 57 29.50 51.92 36.95
C SER D 57 30.44 50.71 37.10
N ASP D 58 29.90 49.52 37.35
CA ASP D 58 30.68 48.29 37.50
C ASP D 58 30.70 47.44 36.24
N PHE D 59 30.03 47.85 35.16
CA PHE D 59 29.95 47.04 33.96
C PHE D 59 31.34 46.72 33.43
N ASP D 60 31.54 45.46 33.04
CA ASP D 60 32.69 45.10 32.24
C ASP D 60 32.30 45.21 30.76
N LEU D 61 33.24 44.89 29.87
CA LEU D 61 32.97 45.02 28.43
C LEU D 61 31.77 44.17 28.00
N ILE D 62 31.56 43.03 28.66
CA ILE D 62 30.45 42.15 28.29
C ILE D 62 29.12 42.78 28.71
N ASP D 63 29.03 43.27 29.94
CA ASP D 63 27.85 44.02 30.39
C ASP D 63 27.53 45.17 29.45
N HIS D 64 28.53 45.99 29.10
CA HIS D 64 28.28 47.12 28.21
C HIS D 64 27.73 46.66 26.87
N PHE D 65 28.34 45.62 26.27
CA PHE D 65 27.90 45.18 24.95
C PHE D 65 26.47 44.68 24.99
N ILE D 66 26.15 43.84 25.98
CA ILE D 66 24.79 43.30 26.10
C ILE D 66 23.80 44.41 26.41
N ALA D 67 24.14 45.28 27.36
CA ALA D 67 23.20 46.33 27.76
C ALA D 67 22.93 47.31 26.64
N ARG D 68 23.92 47.56 25.77
CA ARG D 68 23.74 48.53 24.70
C ARG D 68 23.17 47.92 23.43
N TYR D 69 23.42 46.64 23.18
CA TYR D 69 23.09 46.03 21.90
C TYR D 69 22.27 44.74 21.98
N GLY D 70 22.15 44.12 23.15
CA GLY D 70 21.64 42.77 23.21
C GLY D 70 20.23 42.55 23.74
N ILE D 71 19.58 43.60 24.24
CA ILE D 71 18.28 43.48 24.90
C ILE D 71 17.35 44.55 24.32
N ASN D 72 16.13 44.14 23.96
CA ASN D 72 15.11 45.10 23.53
CA ASN D 72 15.11 45.10 23.53
C ASN D 72 14.63 45.86 24.76
N LEU D 73 15.09 47.11 24.90
CA LEU D 73 14.82 47.89 26.10
C LEU D 73 13.38 48.39 26.19
N ASN D 74 12.62 48.35 25.09
CA ASN D 74 11.26 48.87 25.13
C ASN D 74 10.31 47.96 25.90
N ARG D 75 10.63 46.66 26.01
CA ARG D 75 9.79 45.72 26.74
C ARG D 75 10.55 45.02 27.87
N ALA D 76 11.79 45.44 28.17
CA ALA D 76 12.59 44.71 29.13
C ALA D 76 11.99 44.75 30.54
N GLU D 77 11.50 45.92 30.96
CA GLU D 77 10.88 46.02 32.28
C GLU D 77 9.61 45.18 32.38
N GLU D 78 8.73 45.29 31.37
CA GLU D 78 7.53 44.47 31.30
C GLU D 78 7.86 42.98 31.38
N VAL D 79 8.85 42.54 30.61
CA VAL D 79 9.16 41.11 30.58
C VAL D 79 9.86 40.68 31.87
N MET D 80 10.67 41.56 32.45
CA MET D 80 11.31 41.25 33.74
C MET D 80 10.26 40.98 34.81
N ALA D 81 9.14 41.71 34.76
CA ALA D 81 8.08 41.51 35.73
C ALA D 81 7.29 40.22 35.50
N MET D 82 7.41 39.59 34.34
CA MET D 82 6.66 38.37 34.09
C MET D 82 7.16 37.23 34.95
N ASP D 83 6.23 36.33 35.29
CA ASP D 83 6.55 35.14 36.07
C ASP D 83 7.41 34.20 35.25
N SER D 84 8.60 33.86 35.76
CA SER D 84 9.51 33.01 35.01
C SER D 84 8.97 31.58 34.85
N VAL D 85 8.13 31.12 35.78
CA VAL D 85 7.49 29.82 35.60
C VAL D 85 6.50 29.86 34.44
N LYS D 86 5.67 30.91 34.38
CA LYS D 86 4.75 31.03 33.25
C LYS D 86 5.50 31.12 31.93
N LEU D 87 6.62 31.85 31.90
CA LEU D 87 7.40 31.94 30.68
C LEU D 87 7.95 30.57 30.26
N ALA D 88 8.45 29.79 31.21
CA ALA D 88 8.92 28.44 30.89
C ALA D 88 7.79 27.55 30.39
N ASN D 89 6.60 27.70 30.97
CA ASN D 89 5.41 27.02 30.47
C ASN D 89 5.13 27.40 29.02
N MET D 90 5.16 28.71 28.71
CA MET D 90 4.98 29.16 27.34
C MET D 90 6.01 28.53 26.40
N LEU D 91 7.26 28.41 26.86
CA LEU D 91 8.31 27.85 26.02
C LEU D 91 7.96 26.45 25.50
N CYS D 92 7.45 25.57 26.38
CA CYS D 92 7.18 24.20 25.94
C CYS D 92 5.73 23.96 25.52
N ASP D 93 4.83 24.92 25.76
CA ASP D 93 3.43 24.80 25.35
C ASP D 93 3.35 24.75 23.82
N PRO D 94 2.83 23.68 23.23
CA PRO D 94 2.80 23.60 21.75
C PRO D 94 1.93 24.69 21.12
N ASN D 95 1.06 25.31 21.90
CA ASN D 95 0.06 26.23 21.39
C ASN D 95 0.44 27.70 21.57
N VAL D 96 1.63 27.98 22.09
CA VAL D 96 2.18 29.33 22.07
C VAL D 96 3.19 29.39 20.93
N LYS D 97 2.86 30.16 19.90
CA LYS D 97 3.66 30.20 18.70
C LYS D 97 5.07 30.70 18.98
N ARG D 98 6.02 30.18 18.20
CA ARG D 98 7.39 30.68 18.25
C ARG D 98 7.45 32.19 18.13
N SER D 99 6.63 32.76 17.22
CA SER D 99 6.64 34.20 17.02
C SER D 99 6.07 34.98 18.20
N GLU D 100 5.32 34.32 19.09
CA GLU D 100 4.89 34.99 20.31
C GLU D 100 5.97 35.01 21.38
N ILE D 101 6.92 34.07 21.30
CA ILE D 101 7.94 33.95 22.34
C ILE D 101 9.14 34.85 22.05
N VAL D 102 9.54 34.95 20.78
CA VAL D 102 10.76 35.70 20.43
C VAL D 102 10.70 37.14 20.92
N PRO D 103 9.59 37.87 20.83
CA PRO D 103 9.58 39.25 21.37
C PRO D 103 9.78 39.30 22.87
N LEU D 104 9.44 38.23 23.59
CA LEU D 104 9.68 38.18 25.02
C LEU D 104 11.13 37.87 25.34
N THR D 105 11.69 36.83 24.72
CA THR D 105 13.06 36.43 25.08
C THR D 105 14.07 37.49 24.67
N THR D 106 13.85 38.16 23.55
CA THR D 106 14.78 39.20 23.12
C THR D 106 14.70 40.46 23.97
N ALA D 107 13.76 40.52 24.93
CA ALA D 107 13.68 41.58 25.92
C ALA D 107 14.16 41.14 27.30
N MET D 108 14.61 39.89 27.44
CA MET D 108 15.07 39.38 28.73
C MET D 108 16.54 39.70 28.93
N THR D 109 16.95 39.71 30.19
CA THR D 109 18.37 39.79 30.52
C THR D 109 18.96 38.39 30.56
N PRO D 110 20.29 38.28 30.61
CA PRO D 110 20.89 36.94 30.70
C PRO D 110 20.43 36.15 31.92
N ALA D 111 20.40 36.77 33.10
CA ALA D 111 19.94 36.02 34.27
C ALA D 111 18.46 35.66 34.15
N LYS D 112 17.67 36.53 33.53
CA LYS D 112 16.23 36.26 33.42
C LYS D 112 15.96 35.01 32.59
N ILE D 113 16.58 34.90 31.41
CA ILE D 113 16.28 33.76 30.56
C ILE D 113 16.82 32.48 31.18
N VAL D 114 17.92 32.60 31.95
CA VAL D 114 18.44 31.43 32.66
C VAL D 114 17.47 30.99 33.73
N GLU D 115 16.89 31.95 34.46
CA GLU D 115 15.87 31.61 35.45
C GLU D 115 14.68 30.92 34.82
N VAL D 116 14.25 31.40 33.64
CA VAL D 116 13.16 30.76 32.91
C VAL D 116 13.48 29.29 32.62
N VAL D 117 14.59 29.03 31.91
CA VAL D 117 14.81 27.66 31.48
C VAL D 117 15.17 26.75 32.64
N SER D 118 15.67 27.31 33.75
CA SER D 118 16.04 26.43 34.86
C SER D 118 14.84 25.83 35.56
N HIS D 119 13.62 26.32 35.30
CA HIS D 119 12.40 25.69 35.79
C HIS D 119 12.04 24.41 35.03
N MET D 120 12.81 24.02 34.03
CA MET D 120 12.40 22.98 33.09
C MET D 120 13.21 21.71 33.27
N ASN D 121 12.55 20.56 33.11
CA ASN D 121 13.30 19.32 32.95
C ASN D 121 13.66 19.12 31.48
N VAL D 122 14.43 18.07 31.18
CA VAL D 122 14.93 17.94 29.81
C VAL D 122 13.81 17.57 28.84
N VAL D 123 12.76 16.90 29.31
CA VAL D 123 11.64 16.63 28.41
C VAL D 123 10.98 17.94 27.98
N GLU D 124 10.74 18.83 28.95
CA GLU D 124 10.17 20.13 28.62
C GLU D 124 11.09 20.93 27.71
N MET D 125 12.40 20.86 27.96
CA MET D 125 13.34 21.57 27.11
C MET D 125 13.32 21.04 25.67
N MET D 126 13.24 19.71 25.50
CA MET D 126 13.15 19.17 24.15
C MET D 126 11.85 19.56 23.48
N MET D 127 10.75 19.52 24.24
CA MET D 127 9.46 19.94 23.70
C MET D 127 9.50 21.38 23.20
N ALA D 128 10.19 22.25 23.95
CA ALA D 128 10.36 23.64 23.54
C ALA D 128 11.31 23.77 22.36
N MET D 129 12.39 22.98 22.34
CA MET D 129 13.38 23.14 21.28
C MET D 129 12.81 22.82 19.91
N GLN D 130 11.93 21.81 19.82
CA GLN D 130 11.40 21.49 18.50
C GLN D 130 10.55 22.64 17.96
N LYS D 131 10.09 23.52 18.84
CA LYS D 131 9.34 24.72 18.46
C LYS D 131 10.26 25.89 18.22
N MET D 132 11.27 26.09 19.06
CA MET D 132 12.07 27.30 18.96
C MET D 132 13.18 27.19 17.93
N ARG D 133 13.57 25.98 17.51
CA ARG D 133 14.52 25.84 16.41
C ARG D 133 14.12 26.73 15.24
N ALA D 134 15.07 27.54 14.75
CA ALA D 134 14.71 28.53 13.73
C ALA D 134 14.34 27.89 12.40
N ARG D 135 15.18 26.98 11.91
CA ARG D 135 14.89 26.34 10.63
C ARG D 135 13.95 25.16 10.84
N ARG D 136 12.95 25.05 9.98
CA ARG D 136 11.99 23.97 10.12
C ARG D 136 12.66 22.61 9.94
N THR D 137 13.54 22.48 8.93
CA THR D 137 14.23 21.22 8.67
C THR D 137 15.50 21.13 9.50
N PRO D 138 15.70 20.05 10.27
CA PRO D 138 16.98 19.87 10.97
C PRO D 138 18.10 19.53 10.00
N SER D 139 19.34 19.81 10.42
CA SER D 139 20.51 19.48 9.58
C SER D 139 21.61 18.91 10.46
N GLN D 140 22.80 18.79 9.87
CA GLN D 140 23.93 18.10 10.49
C GLN D 140 25.22 18.63 9.90
N GLN D 141 26.26 18.68 10.74
CA GLN D 141 27.61 19.15 10.38
C GLN D 141 28.63 18.09 10.80
N ALA D 142 29.67 17.91 9.98
CA ALA D 142 30.71 16.92 10.26
C ALA D 142 32.10 17.54 10.37
N HIS D 143 32.95 16.88 11.16
CA HIS D 143 34.40 17.11 11.12
C HIS D 143 35.04 16.26 10.03
N VAL D 144 36.00 16.84 9.32
CA VAL D 144 36.82 16.10 8.35
C VAL D 144 38.26 16.51 8.62
N THR D 145 39.02 15.65 9.29
CA THR D 145 40.40 15.95 9.70
C THR D 145 41.18 14.64 9.67
N ASN D 146 42.50 14.75 9.82
CA ASN D 146 43.29 13.58 10.15
C ASN D 146 44.61 14.03 10.76
N VAL D 147 45.26 13.12 11.47
CA VAL D 147 46.41 13.51 12.28
C VAL D 147 47.63 13.87 11.46
N LYS D 148 47.61 13.60 10.15
CA LYS D 148 48.72 13.98 9.27
C LYS D 148 48.43 15.24 8.49
N ASP D 149 47.23 15.82 8.63
CA ASP D 149 46.78 16.88 7.72
C ASP D 149 46.89 16.44 6.26
N ASN D 150 46.65 15.16 6.02
CA ASN D 150 46.77 14.61 4.66
C ASN D 150 45.65 15.15 3.79
N PRO D 151 45.95 15.93 2.74
CA PRO D 151 44.88 16.53 1.94
C PRO D 151 44.13 15.54 1.07
N VAL D 152 44.79 14.50 0.56
CA VAL D 152 44.08 13.51 -0.26
C VAL D 152 43.01 12.83 0.59
N GLN D 153 43.37 12.45 1.82
CA GLN D 153 42.40 11.82 2.71
C GLN D 153 41.27 12.78 3.07
N ILE D 154 41.59 14.05 3.31
CA ILE D 154 40.54 15.02 3.66
C ILE D 154 39.52 15.13 2.53
N ALA D 155 40.01 15.19 1.28
CA ALA D 155 39.10 15.29 0.14
C ALA D 155 38.19 14.07 0.07
N ALA D 156 38.75 12.87 0.24
CA ALA D 156 37.93 11.66 0.15
C ALA D 156 36.92 11.59 1.30
N ASP D 157 37.37 11.80 2.54
CA ASP D 157 36.46 11.75 3.68
C ASP D 157 35.36 12.80 3.54
N ALA D 158 35.70 13.97 2.99
CA ALA D 158 34.71 15.03 2.82
C ALA D 158 33.67 14.64 1.79
N ALA D 159 34.09 13.98 0.70
CA ALA D 159 33.12 13.52 -0.28
C ALA D 159 32.18 12.51 0.35
N GLU D 160 32.72 11.57 1.12
CA GLU D 160 31.87 10.58 1.77
C GLU D 160 30.89 11.25 2.73
N GLY D 161 31.38 12.19 3.54
CA GLY D 161 30.50 12.85 4.50
C GLY D 161 29.39 13.62 3.81
N ALA D 162 29.73 14.33 2.74
CA ALA D 162 28.70 15.02 1.96
C ALA D 162 27.69 14.02 1.39
N TRP D 163 28.17 12.87 0.91
CA TRP D 163 27.27 11.86 0.38
C TRP D 163 26.37 11.27 1.46
N ARG D 164 26.86 11.18 2.70
CA ARG D 164 26.01 10.65 3.78
C ARG D 164 24.99 11.64 4.31
N GLY D 165 25.10 12.93 3.98
CA GLY D 165 24.02 13.85 4.32
C GLY D 165 24.41 15.11 5.06
N PHE D 166 25.68 15.26 5.42
CA PHE D 166 26.13 16.45 6.12
C PHE D 166 26.03 17.67 5.21
N ASP D 167 25.46 18.75 5.74
CA ASP D 167 25.26 19.95 4.93
C ASP D 167 26.31 21.01 5.22
N GLU D 168 27.07 20.87 6.29
CA GLU D 168 28.26 21.66 6.58
C GLU D 168 29.36 20.70 6.98
N GLN D 169 30.61 21.00 6.62
CA GLN D 169 31.74 20.19 7.07
C GLN D 169 32.88 21.12 7.46
N GLU D 170 33.67 20.65 8.44
CA GLU D 170 34.66 21.48 9.13
C GLU D 170 35.98 20.75 9.21
N THR D 171 37.08 21.42 8.85
CA THR D 171 38.40 20.87 9.10
C THR D 171 39.16 21.80 10.06
N THR D 172 40.32 21.32 10.51
CA THR D 172 41.31 22.11 11.26
C THR D 172 42.65 21.39 11.12
N VAL D 173 43.67 21.87 11.82
CA VAL D 173 45.05 21.54 11.48
C VAL D 173 45.82 21.02 12.69
N ALA D 174 46.59 19.95 12.47
CA ALA D 174 47.62 19.56 13.43
C ALA D 174 48.78 20.54 13.38
N VAL D 175 49.21 20.90 12.18
CA VAL D 175 50.27 21.88 11.96
C VAL D 175 49.65 23.09 11.28
N ALA D 176 49.69 24.24 11.96
CA ALA D 176 48.94 25.40 11.49
C ALA D 176 49.28 25.78 10.05
N ARG D 177 50.54 25.60 9.62
CA ARG D 177 50.94 26.00 8.28
C ARG D 177 50.24 25.21 7.18
N TYR D 178 49.71 24.02 7.49
CA TYR D 178 49.00 23.22 6.50
C TYR D 178 47.67 23.81 6.08
N ALA D 179 47.11 24.75 6.84
CA ALA D 179 45.69 25.10 6.73
C ALA D 179 45.19 25.31 5.29
N PRO D 180 45.87 26.06 4.41
CA PRO D 180 45.29 26.24 3.07
C PRO D 180 45.06 24.93 2.30
N PHE D 181 45.96 23.95 2.47
CA PHE D 181 45.73 22.63 1.86
C PHE D 181 44.51 21.96 2.47
N ASN D 182 44.41 21.96 3.81
CA ASN D 182 43.26 21.35 4.47
C ASN D 182 41.96 21.97 3.96
N ALA D 183 41.93 23.30 3.82
CA ALA D 183 40.72 23.99 3.42
C ALA D 183 40.35 23.66 1.97
N ILE D 184 41.32 23.72 1.07
CA ILE D 184 41.04 23.44 -0.34
C ILE D 184 40.58 21.99 -0.51
N ALA D 185 41.27 21.05 0.15
CA ALA D 185 40.87 19.65 0.08
C ALA D 185 39.45 19.47 0.58
N LEU D 186 39.11 20.11 1.70
CA LEU D 186 37.77 19.98 2.24
C LEU D 186 36.73 20.54 1.28
N LEU D 187 37.03 21.68 0.67
CA LEU D 187 36.09 22.31 -0.23
C LEU D 187 35.90 21.47 -1.49
N VAL D 188 36.99 20.99 -2.09
CA VAL D 188 36.88 20.19 -3.30
C VAL D 188 36.12 18.89 -3.01
N GLY D 189 36.54 18.16 -1.98
CA GLY D 189 35.86 16.91 -1.66
C GLY D 189 34.39 17.09 -1.33
N SER D 190 34.06 18.15 -0.59
CA SER D 190 32.65 18.38 -0.26
C SER D 190 31.81 18.62 -1.50
N GLN D 191 32.32 19.41 -2.45
CA GLN D 191 31.53 19.67 -3.65
C GLN D 191 31.40 18.43 -4.52
N VAL D 192 32.38 17.53 -4.48
CA VAL D 192 32.28 16.28 -5.22
C VAL D 192 31.16 15.41 -4.63
N GLY D 193 31.10 15.33 -3.31
CA GLY D 193 30.12 14.46 -2.67
C GLY D 193 28.71 15.00 -2.74
N ARG D 194 28.55 16.30 -2.54
CA ARG D 194 27.26 16.93 -2.78
C ARG D 194 27.45 18.42 -2.99
N PRO D 195 27.29 18.90 -4.22
CA PRO D 195 27.42 20.34 -4.48
C PRO D 195 26.47 21.12 -3.61
N GLY D 196 27.00 22.11 -2.90
CA GLY D 196 26.23 22.90 -1.97
C GLY D 196 26.64 22.75 -0.52
N VAL D 197 27.37 21.69 -0.17
CA VAL D 197 27.85 21.56 1.20
C VAL D 197 28.79 22.72 1.52
N LEU D 198 28.59 23.33 2.69
CA LEU D 198 29.40 24.47 3.11
C LEU D 198 30.58 24.00 3.95
N THR D 199 31.73 24.66 3.77
CA THR D 199 32.97 24.23 4.40
C THR D 199 33.67 25.35 5.15
N GLN D 200 34.36 24.98 6.23
CA GLN D 200 35.09 25.91 7.08
C GLN D 200 36.40 25.26 7.54
N CYS D 201 37.38 26.12 7.86
CA CYS D 201 38.67 25.69 8.40
C CYS D 201 38.93 26.51 9.67
N SER D 202 38.94 25.83 10.82
CA SER D 202 38.93 26.49 12.12
CA SER D 202 38.94 26.48 12.13
C SER D 202 40.37 26.81 12.55
N LEU D 203 40.68 28.11 12.64
CA LEU D 203 42.03 28.57 12.93
C LEU D 203 41.99 29.76 13.90
N GLU D 204 43.17 30.28 14.20
CA GLU D 204 43.27 31.61 14.81
C GLU D 204 42.49 32.62 13.98
N GLU D 205 41.92 33.63 14.64
CA GLU D 205 40.85 34.41 14.01
C GLU D 205 41.36 35.21 12.81
N ALA D 206 42.51 35.88 12.95
CA ALA D 206 43.00 36.66 11.82
C ALA D 206 43.38 35.74 10.67
N THR D 207 43.94 34.58 10.99
CA THR D 207 44.33 33.62 9.96
C THR D 207 43.11 33.08 9.21
N GLU D 208 42.03 32.81 9.94
CA GLU D 208 40.85 32.23 9.31
C GLU D 208 40.15 33.24 8.42
N LEU D 209 40.09 34.50 8.84
CA LEU D 209 39.48 35.51 7.97
C LEU D 209 40.26 35.66 6.67
N LYS D 210 41.59 35.70 6.76
CA LYS D 210 42.39 35.83 5.54
C LYS D 210 42.19 34.64 4.61
N LEU D 211 42.13 33.42 5.17
CA LEU D 211 41.89 32.25 4.34
C LEU D 211 40.53 32.32 3.65
N GLY D 212 39.52 32.82 4.37
CA GLY D 212 38.21 33.01 3.76
C GLY D 212 38.21 34.09 2.69
N MET D 213 38.94 35.19 2.94
CA MET D 213 39.06 36.25 1.93
C MET D 213 39.64 35.74 0.62
N LEU D 214 40.51 34.73 0.69
CA LEU D 214 41.12 34.18 -0.52
C LEU D 214 40.20 33.19 -1.22
N GLY D 215 39.07 32.84 -0.63
CA GLY D 215 38.07 32.02 -1.26
C GLY D 215 38.16 30.54 -1.01
N HIS D 216 38.95 30.10 -0.02
CA HIS D 216 39.18 28.68 0.22
C HIS D 216 38.29 28.09 1.28
N THR D 217 37.37 28.88 1.82
CA THR D 217 36.31 28.41 2.71
C THR D 217 34.99 29.00 2.24
N CYS D 218 33.89 28.44 2.75
CA CYS D 218 32.54 28.96 2.51
C CYS D 218 31.98 29.73 3.70
N TYR D 219 32.46 29.46 4.90
CA TYR D 219 31.90 30.09 6.08
C TYR D 219 32.89 29.93 7.21
N ALA D 220 32.56 30.54 8.34
CA ALA D 220 33.36 30.40 9.54
C ALA D 220 32.43 30.20 10.73
N GLU D 221 32.83 29.36 11.66
CA GLU D 221 32.01 29.06 12.83
C GLU D 221 32.72 29.28 14.15
N THR D 222 34.02 29.01 14.22
CA THR D 222 34.71 28.97 15.50
C THR D 222 35.18 30.39 15.87
N ILE D 223 34.23 31.32 15.73
CA ILE D 223 34.47 32.73 15.98
C ILE D 223 34.07 32.93 17.44
N SER D 224 35.05 32.74 18.33
CA SER D 224 34.73 32.43 19.72
C SER D 224 34.42 33.67 20.55
N VAL D 225 33.42 33.52 21.41
CA VAL D 225 33.14 34.51 22.46
C VAL D 225 33.11 33.79 23.80
N TYR D 226 33.23 34.59 24.86
CA TYR D 226 33.48 34.08 26.20
C TYR D 226 32.70 34.91 27.21
N GLY D 227 32.41 34.29 28.35
CA GLY D 227 31.48 34.82 29.31
C GLY D 227 32.03 35.60 30.48
N THR D 228 33.35 35.71 30.62
CA THR D 228 33.95 36.67 31.54
C THR D 228 35.02 37.45 30.79
N GLU D 229 35.26 38.65 31.30
CA GLU D 229 36.21 39.55 30.64
C GLU D 229 37.64 39.00 30.66
N PRO D 230 38.19 38.49 31.76
CA PRO D 230 39.56 37.96 31.68
C PRO D 230 39.70 36.74 30.77
N VAL D 231 38.68 35.89 30.68
CA VAL D 231 38.74 34.78 29.74
C VAL D 231 38.67 35.29 28.31
N PHE D 232 37.74 36.21 28.03
CA PHE D 232 37.67 36.84 26.71
C PHE D 232 39.03 37.43 26.31
N THR D 233 39.73 38.01 27.28
CA THR D 233 41.02 38.65 27.02
C THR D 233 42.06 37.61 26.64
N ASP D 234 42.15 36.50 27.38
CA ASP D 234 43.07 35.44 26.99
C ASP D 234 42.63 34.78 25.68
N GLY D 235 41.35 34.89 25.32
CA GLY D 235 40.91 34.49 24.00
C GLY D 235 41.31 35.44 22.89
N ASP D 236 42.01 36.52 23.26
CA ASP D 236 42.59 37.54 22.36
C ASP D 236 41.51 38.33 21.62
N ASP D 237 40.42 38.66 22.31
CA ASP D 237 39.36 39.48 21.72
C ASP D 237 38.63 40.25 22.81
N THR D 238 37.72 41.09 22.37
CA THR D 238 36.71 41.77 23.18
C THR D 238 35.40 41.61 22.45
N PRO D 239 34.27 41.98 23.08
CA PRO D 239 33.01 41.99 22.31
C PRO D 239 33.05 42.89 21.09
N TRP D 240 33.81 43.98 21.13
CA TRP D 240 33.90 44.91 19.99
C TRP D 240 34.77 44.35 18.87
N SER D 241 35.90 43.70 19.20
CA SER D 241 36.68 43.08 18.14
C SER D 241 35.92 41.93 17.49
N LYS D 242 35.19 41.13 18.27
CA LYS D 242 34.45 40.01 17.68
C LYS D 242 33.23 40.50 16.91
N GLY D 243 32.58 41.57 17.36
CA GLY D 243 31.50 42.16 16.57
C GLY D 243 32.00 42.76 15.27
N PHE D 244 33.15 43.42 15.30
CA PHE D 244 33.72 43.91 14.05
C PHE D 244 34.09 42.74 13.12
N LEU D 245 34.66 41.68 13.68
CA LEU D 245 34.99 40.51 12.88
C LEU D 245 33.75 39.93 12.19
N ALA D 246 32.65 39.85 12.94
CA ALA D 246 31.40 39.31 12.38
C ALA D 246 30.96 40.11 11.15
N SER D 247 30.97 41.43 11.26
CA SER D 247 30.55 42.25 10.12
C SER D 247 31.57 42.19 9.00
N SER D 248 32.84 41.95 9.33
CA SER D 248 33.87 41.79 8.30
C SER D 248 33.59 40.58 7.42
N TYR D 249 33.29 39.42 8.03
CA TYR D 249 32.90 38.26 7.24
C TYR D 249 31.70 38.58 6.35
N ALA D 250 30.65 39.16 6.92
CA ALA D 250 29.47 39.50 6.14
C ALA D 250 29.80 40.44 4.98
N SER D 251 30.75 41.37 5.20
CA SER D 251 31.11 42.31 4.14
C SER D 251 31.84 41.63 3.00
N ARG D 252 32.37 40.43 3.22
CA ARG D 252 32.93 39.61 2.16
C ARG D 252 31.92 38.57 1.67
N GLY D 253 30.67 38.68 2.10
CA GLY D 253 29.63 37.77 1.65
C GLY D 253 29.76 36.37 2.18
N LEU D 254 30.44 36.21 3.32
CA LEU D 254 30.72 34.91 3.93
C LEU D 254 29.79 34.68 5.13
N LYS D 255 29.10 33.55 5.12
CA LYS D 255 28.31 33.14 6.27
C LYS D 255 29.20 32.94 7.49
N MET D 256 28.73 33.35 8.67
CA MET D 256 29.47 33.02 9.88
C MET D 256 28.51 32.89 11.05
N ARG D 257 28.95 32.15 12.06
CA ARG D 257 28.33 32.12 13.37
C ARG D 257 29.42 32.31 14.41
N PHE D 258 29.01 32.65 15.62
CA PHE D 258 29.93 32.61 16.75
C PHE D 258 29.98 31.20 17.33
N THR D 259 30.97 30.95 18.19
CA THR D 259 30.99 29.76 19.03
C THR D 259 31.15 30.18 20.48
N SER D 260 30.35 29.57 21.35
CA SER D 260 30.57 29.71 22.79
C SER D 260 30.40 28.32 23.39
N GLY D 261 29.99 28.23 24.66
CA GLY D 261 29.76 26.93 25.25
C GLY D 261 30.10 26.87 26.73
N SER D 262 29.23 26.26 27.52
CA SER D 262 29.42 26.15 28.97
C SER D 262 30.79 25.56 29.30
N GLY D 263 31.41 26.11 30.34
CA GLY D 263 32.63 25.57 30.89
C GLY D 263 33.92 26.18 30.35
N SER D 264 33.85 27.06 29.35
CA SER D 264 35.08 27.65 28.83
C SER D 264 35.77 28.51 29.88
N GLU D 265 34.99 29.21 30.71
CA GLU D 265 35.60 30.13 31.67
C GLU D 265 36.27 29.38 32.81
N VAL D 266 35.69 28.25 33.24
CA VAL D 266 36.38 27.37 34.17
C VAL D 266 37.68 26.85 33.57
N GLN D 267 37.59 26.28 32.35
CA GLN D 267 38.76 25.72 31.70
C GLN D 267 39.88 26.75 31.57
N MET D 268 39.51 28.01 31.31
CA MET D 268 40.49 29.08 31.12
C MET D 268 40.75 29.89 32.40
N GLY D 269 40.22 29.45 33.53
CA GLY D 269 40.73 29.87 34.82
C GLY D 269 40.02 31.03 35.51
N TYR D 270 38.98 31.64 34.89
CA TYR D 270 38.31 32.79 35.51
C TYR D 270 36.80 32.71 35.31
N ALA D 271 36.12 31.92 36.15
CA ALA D 271 34.67 31.84 36.12
C ALA D 271 33.99 32.94 36.94
N GLU D 272 34.76 33.75 37.67
CA GLU D 272 34.21 34.82 38.50
C GLU D 272 33.12 34.31 39.44
N GLY D 273 33.29 33.07 39.90
CA GLY D 273 32.36 32.49 40.86
C GLY D 273 30.98 32.17 40.33
N LYS D 274 30.75 32.24 39.01
CA LYS D 274 29.44 32.09 38.41
C LYS D 274 29.25 30.68 37.85
N SER D 275 27.98 30.28 37.74
CA SER D 275 27.69 28.98 37.12
C SER D 275 28.01 29.00 35.63
N MET D 276 28.21 27.81 35.09
CA MET D 276 28.49 27.70 33.66
C MET D 276 27.33 28.24 32.84
N LEU D 277 26.09 27.97 33.26
CA LEU D 277 24.96 28.36 32.45
C LEU D 277 24.78 29.86 32.44
N TYR D 278 24.96 30.53 33.59
CA TYR D 278 24.86 31.97 33.61
C TYR D 278 25.88 32.60 32.68
N LEU D 279 27.14 32.15 32.76
CA LEU D 279 28.18 32.73 31.93
C LEU D 279 27.91 32.44 30.46
N GLU D 280 27.37 31.26 30.17
CA GLU D 280 27.01 30.94 28.79
C GLU D 280 25.87 31.83 28.29
N ALA D 281 24.90 32.15 29.15
CA ALA D 281 23.87 33.10 28.73
C ALA D 281 24.47 34.43 28.32
N ARG D 282 25.51 34.88 29.04
CA ARG D 282 26.20 36.10 28.61
C ARG D 282 26.76 35.94 27.20
N CYS D 283 27.32 34.77 26.90
CA CYS D 283 27.85 34.52 25.56
C CYS D 283 26.75 34.54 24.51
N ILE D 284 25.60 33.93 24.82
CA ILE D 284 24.51 33.93 23.85
C ILE D 284 24.04 35.36 23.58
N TYR D 285 23.97 36.19 24.62
CA TYR D 285 23.55 37.58 24.41
C TYR D 285 24.61 38.41 23.70
N ILE D 286 25.90 38.09 23.89
CA ILE D 286 26.94 38.74 23.08
C ILE D 286 26.70 38.46 21.61
N THR D 287 26.37 37.19 21.30
CA THR D 287 26.11 36.79 19.92
C THR D 287 24.90 37.53 19.37
N LYS D 288 23.79 37.54 20.11
CA LYS D 288 22.63 38.29 19.68
C LYS D 288 22.98 39.76 19.46
N ALA D 289 23.70 40.36 20.42
CA ALA D 289 24.02 41.78 20.36
C ALA D 289 24.88 42.15 19.16
N ALA D 290 25.75 41.23 18.74
CA ALA D 290 26.61 41.49 17.60
C ALA D 290 25.88 41.41 16.27
N GLY D 291 24.61 41.02 16.27
CA GLY D 291 23.89 40.80 15.03
C GLY D 291 24.32 39.56 14.28
N VAL D 292 24.97 38.61 14.95
CA VAL D 292 25.39 37.36 14.33
C VAL D 292 24.20 36.44 14.23
N GLN D 293 24.05 35.74 13.09
CA GLN D 293 22.81 35.02 12.83
C GLN D 293 22.70 33.75 13.66
N GLY D 294 23.82 33.16 14.07
CA GLY D 294 23.80 31.86 14.69
C GLY D 294 24.94 31.65 15.66
N LEU D 295 24.91 30.51 16.32
CA LEU D 295 25.83 30.20 17.41
C LEU D 295 26.01 28.70 17.53
N GLN D 296 27.25 28.28 17.61
CA GLN D 296 27.60 26.92 18.00
C GLN D 296 27.79 26.92 19.51
N ASN D 297 26.93 26.19 20.24
CA ASN D 297 27.10 26.09 21.68
C ASN D 297 26.54 24.75 22.15
N GLY D 298 26.52 24.55 23.48
CA GLY D 298 26.27 23.24 24.05
C GLY D 298 27.59 22.68 24.59
N SER D 299 28.35 23.55 25.28
CA SER D 299 29.69 23.29 25.83
C SER D 299 30.76 23.15 24.76
N VAL D 300 30.46 22.41 23.69
CA VAL D 300 31.42 22.23 22.59
C VAL D 300 32.72 21.64 23.16
N SER D 301 33.87 22.32 22.98
CA SER D 301 35.16 21.72 23.32
C SER D 301 35.43 21.61 24.82
N CYS D 302 34.60 22.24 25.65
CA CYS D 302 34.82 22.22 27.09
C CYS D 302 33.86 21.27 27.80
N ILE D 303 33.34 20.29 27.07
CA ILE D 303 32.27 19.42 27.57
C ILE D 303 32.70 18.61 28.79
N GLY D 304 34.00 18.38 28.95
CA GLY D 304 34.48 17.74 30.16
C GLY D 304 34.22 18.53 31.42
N VAL D 305 33.91 19.81 31.30
CA VAL D 305 33.69 20.64 32.49
C VAL D 305 32.23 20.50 32.95
N PRO D 306 31.18 20.88 32.19
CA PRO D 306 29.82 20.63 32.73
C PRO D 306 29.52 19.17 32.94
N SER D 307 30.07 18.27 32.12
CA SER D 307 29.73 16.87 32.30
C SER D 307 30.28 16.33 33.62
N ALA D 308 31.31 16.96 34.19
CA ALA D 308 31.86 16.48 35.44
C ALA D 308 30.93 16.70 36.63
N VAL D 309 30.03 17.67 36.54
CA VAL D 309 29.22 18.09 37.70
C VAL D 309 27.75 17.74 37.52
N PRO D 310 26.95 17.81 38.59
CA PRO D 310 25.53 17.46 38.47
C PRO D 310 24.79 18.35 37.49
N SER D 311 23.86 17.75 36.76
CA SER D 311 22.94 18.43 35.85
C SER D 311 23.69 19.15 34.71
N GLY D 312 24.90 18.70 34.39
CA GLY D 312 25.71 19.37 33.38
C GLY D 312 25.22 19.09 31.97
N ILE D 313 24.73 17.88 31.72
CA ILE D 313 24.23 17.59 30.38
C ILE D 313 22.86 18.25 30.19
N ARG D 314 22.06 18.33 31.26
CA ARG D 314 20.85 19.15 31.22
C ARG D 314 21.16 20.62 30.95
N ALA D 315 22.20 21.15 31.60
CA ALA D 315 22.63 22.53 31.34
C ALA D 315 22.98 22.75 29.87
N VAL D 316 23.64 21.76 29.26
CA VAL D 316 24.01 21.84 27.86
C VAL D 316 22.77 21.95 26.97
N LEU D 317 21.75 21.14 27.22
CA LEU D 317 20.49 21.31 26.51
C LEU D 317 19.88 22.69 26.79
N ALA D 318 19.92 23.13 28.05
CA ALA D 318 19.38 24.45 28.40
C ALA D 318 20.05 25.56 27.60
N GLU D 319 21.37 25.48 27.41
CA GLU D 319 22.02 26.59 26.71
C GLU D 319 21.70 26.57 25.22
N ASN D 320 21.49 25.38 24.64
CA ASN D 320 20.98 25.29 23.28
C ASN D 320 19.59 25.89 23.20
N LEU D 321 18.73 25.60 24.18
CA LEU D 321 17.38 26.13 24.16
C LEU D 321 17.37 27.65 24.28
N ILE D 322 18.24 28.21 25.13
CA ILE D 322 18.34 29.67 25.21
C ILE D 322 18.71 30.24 23.85
N CYS D 323 19.68 29.62 23.18
CA CYS D 323 20.13 30.10 21.88
C CYS D 323 18.97 30.16 20.88
N SER D 324 18.27 29.04 20.69
CA SER D 324 17.16 29.01 19.75
C SER D 324 16.03 29.93 20.20
N SER D 325 15.80 30.02 21.51
CA SER D 325 14.71 30.85 22.01
C SER D 325 14.96 32.33 21.76
N LEU D 326 16.23 32.72 21.66
CA LEU D 326 16.63 34.08 21.31
C LEU D 326 16.67 34.29 19.81
N ASP D 327 16.12 33.35 19.04
CA ASP D 327 15.98 33.43 17.58
C ASP D 327 17.34 33.45 16.89
N LEU D 328 18.30 32.69 17.43
CA LEU D 328 19.57 32.39 16.78
C LEU D 328 19.56 30.97 16.24
N GLU D 329 20.14 30.79 15.06
CA GLU D 329 20.48 29.44 14.62
C GLU D 329 21.34 28.76 15.69
N CYS D 330 21.06 27.49 15.96
CA CYS D 330 21.83 26.74 16.96
C CYS D 330 22.51 25.55 16.29
N ALA D 331 23.83 25.58 16.22
CA ALA D 331 24.63 24.41 15.86
C ALA D 331 25.01 23.74 17.19
N SER D 332 24.30 22.68 17.56
CA SER D 332 24.21 22.28 18.97
C SER D 332 25.21 21.20 19.36
N SER D 333 26.49 21.43 19.10
CA SER D 333 27.61 20.67 19.68
C SER D 333 27.46 19.18 19.35
N ASN D 334 27.47 18.27 20.33
CA ASN D 334 27.49 16.83 20.03
C ASN D 334 28.66 16.53 19.10
N ASP D 335 29.77 17.19 19.39
CA ASP D 335 30.92 17.24 18.51
C ASP D 335 32.21 16.95 19.23
N GLN D 336 32.15 16.63 20.52
CA GLN D 336 33.36 16.58 21.35
C GLN D 336 33.25 15.47 22.39
N THR D 337 34.33 14.73 22.56
CA THR D 337 34.35 13.60 23.49
C THR D 337 34.31 14.08 24.93
N PHE D 338 33.44 13.46 25.73
CA PHE D 338 33.47 13.66 27.17
C PHE D 338 33.42 12.38 27.99
N THR D 339 33.23 11.22 27.36
CA THR D 339 33.03 9.99 28.13
C THR D 339 33.62 8.79 27.39
N HIS D 340 34.00 7.81 28.18
CA HIS D 340 34.38 6.50 27.67
C HIS D 340 33.18 5.60 27.40
N SER D 341 31.98 6.03 27.82
CA SER D 341 30.79 5.18 27.84
C SER D 341 29.88 5.46 26.65
N ASP D 342 29.58 4.41 25.87
CA ASP D 342 28.61 4.56 24.79
C ASP D 342 27.23 4.93 25.31
N MET D 343 26.79 4.34 26.43
CA MET D 343 25.50 4.72 27.00
C MET D 343 25.47 6.21 27.31
N ARG D 344 26.52 6.70 27.98
CA ARG D 344 26.49 8.08 28.44
C ARG D 344 26.53 9.06 27.27
N ARG D 345 27.34 8.79 26.23
CA ARG D 345 27.39 9.75 25.13
C ARG D 345 26.12 9.73 24.28
N THR D 346 25.40 8.62 24.29
CA THR D 346 24.13 8.55 23.55
C THR D 346 23.06 9.37 24.26
N ALA D 347 23.01 9.28 25.58
CA ALA D 347 22.07 10.11 26.34
C ALA D 347 22.33 11.58 26.09
N ARG D 348 23.60 11.98 26.01
CA ARG D 348 23.93 13.38 25.78
C ARG D 348 23.52 13.84 24.38
N LEU D 349 23.67 12.96 23.38
CA LEU D 349 23.30 13.31 22.01
C LEU D 349 21.79 13.41 21.85
N LEU D 350 21.04 12.54 22.51
CA LEU D 350 19.61 12.47 22.26
C LEU D 350 18.89 13.75 22.64
N MET D 351 19.44 14.53 23.58
CA MET D 351 18.82 15.78 23.98
C MET D 351 18.58 16.70 22.80
N GLN D 352 19.49 16.69 21.82
CA GLN D 352 19.32 17.51 20.62
C GLN D 352 18.79 16.73 19.43
N PHE D 353 19.19 15.46 19.32
CA PHE D 353 18.76 14.64 18.19
C PHE D 353 17.24 14.45 18.19
N LEU D 354 16.65 14.26 19.36
CA LEU D 354 15.23 13.92 19.41
C LEU D 354 14.35 15.09 18.97
N PRO D 355 14.51 16.33 19.48
CA PRO D 355 13.69 17.44 18.99
C PRO D 355 14.14 17.98 17.64
N GLY D 356 15.42 17.82 17.33
CA GLY D 356 16.01 18.47 16.18
C GLY D 356 16.46 19.89 16.46
N THR D 357 17.66 20.24 16.00
CA THR D 357 18.18 21.61 16.04
C THR D 357 18.63 21.97 14.64
N ASP D 358 19.14 23.21 14.47
CA ASP D 358 19.56 23.59 13.12
C ASP D 358 20.70 22.69 12.63
N PHE D 359 21.62 22.33 13.51
CA PHE D 359 22.61 21.29 13.25
C PHE D 359 22.66 20.42 14.50
N ILE D 360 22.05 19.23 14.41
CA ILE D 360 21.92 18.35 15.57
C ILE D 360 23.28 18.14 16.21
N SER D 361 24.28 17.81 15.39
CA SER D 361 25.68 17.88 15.77
CA SER D 361 25.67 17.90 15.79
C SER D 361 26.34 19.02 14.99
N SER D 362 27.19 19.77 15.67
CA SER D 362 28.05 20.75 15.00
C SER D 362 29.45 20.19 14.83
N GLY D 363 29.54 18.93 14.43
CA GLY D 363 30.83 18.29 14.24
C GLY D 363 30.80 16.82 14.62
N TYR D 364 29.83 16.09 14.10
CA TYR D 364 29.94 14.64 14.03
C TYR D 364 31.24 14.30 13.31
N SER D 365 32.06 13.43 13.88
CA SER D 365 33.33 13.11 13.20
C SER D 365 33.09 12.16 12.03
N ALA D 366 33.36 12.61 10.82
CA ALA D 366 33.23 11.79 9.62
C ALA D 366 34.48 10.95 9.38
N VAL D 367 35.40 10.96 10.33
CA VAL D 367 36.58 10.08 10.33
C VAL D 367 36.56 9.33 11.66
N PRO D 368 37.27 8.20 11.74
CA PRO D 368 37.44 7.56 13.06
C PRO D 368 38.09 8.54 14.01
N ASN D 369 37.72 8.44 15.30
CA ASN D 369 38.12 9.45 16.28
C ASN D 369 39.64 9.55 16.46
N TYR D 370 40.41 8.49 16.14
CA TYR D 370 41.87 8.67 16.24
C TYR D 370 42.36 9.76 15.30
N ASP D 371 41.63 10.03 14.21
CA ASP D 371 41.98 11.07 13.25
C ASP D 371 41.32 12.41 13.55
N ASN D 372 40.52 12.52 14.61
CA ASN D 372 39.75 13.74 14.84
C ASN D 372 40.62 14.79 15.50
N MET D 373 40.91 15.88 14.78
CA MET D 373 41.84 16.90 15.27
C MET D 373 41.18 17.95 16.15
N PHE D 374 39.90 17.76 16.49
CA PHE D 374 39.30 18.42 17.63
C PHE D 374 39.32 17.54 18.88
N ALA D 375 40.25 16.58 18.92
CA ALA D 375 40.49 15.67 20.04
C ALA D 375 39.32 14.71 20.27
N GLY D 376 38.61 14.37 19.20
CA GLY D 376 37.54 13.41 19.28
C GLY D 376 36.15 14.03 19.37
N SER D 377 35.20 13.42 18.67
CA SER D 377 33.80 13.87 18.67
C SER D 377 32.92 12.90 19.45
N ASN D 378 31.76 13.41 19.87
CA ASN D 378 30.78 12.56 20.56
C ASN D 378 30.26 11.42 19.69
N GLU D 379 30.35 11.55 18.36
CA GLU D 379 30.09 10.46 17.42
C GLU D 379 31.20 10.43 16.39
N ASP D 380 31.49 9.26 15.82
CA ASP D 380 32.50 9.22 14.76
C ASP D 380 32.06 8.27 13.67
N ALA D 381 32.96 8.05 12.71
CA ALA D 381 32.57 7.31 11.51
C ALA D 381 32.16 5.89 11.84
N GLU D 382 32.69 5.32 12.93
CA GLU D 382 32.31 3.96 13.28
C GLU D 382 30.92 3.87 13.87
N ASP D 383 30.29 5.01 14.18
CA ASP D 383 28.90 5.07 14.64
C ASP D 383 27.90 5.28 13.52
N PHE D 384 28.33 5.38 12.26
CA PHE D 384 27.41 5.76 11.19
C PHE D 384 26.20 4.82 11.13
N ASP D 385 26.42 3.52 11.29
CA ASP D 385 25.31 2.57 11.13
C ASP D 385 24.37 2.64 12.32
N ASP D 386 24.92 2.82 13.52
CA ASP D 386 24.09 3.01 14.71
C ASP D 386 23.21 4.23 14.56
N TYR D 387 23.79 5.33 14.07
CA TYR D 387 23.03 6.56 13.93
C TYR D 387 21.85 6.37 12.98
N ASN D 388 22.09 5.70 11.85
CA ASN D 388 21.00 5.46 10.93
C ASN D 388 19.95 4.52 11.52
N VAL D 389 20.37 3.56 12.33
CA VAL D 389 19.42 2.64 12.94
C VAL D 389 18.50 3.38 13.91
N ILE D 390 19.06 4.31 14.69
CA ILE D 390 18.25 5.03 15.67
C ILE D 390 17.27 5.97 14.98
N GLN D 391 17.69 6.61 13.88
CA GLN D 391 16.75 7.37 13.06
C GLN D 391 15.55 6.52 12.68
N ARG D 392 15.81 5.29 12.22
CA ARG D 392 14.75 4.39 11.78
C ARG D 392 13.91 3.89 12.95
N ASP D 393 14.56 3.59 14.09
CA ASP D 393 13.83 3.11 15.26
C ASP D 393 12.80 4.12 15.75
N LEU D 394 13.19 5.39 15.79
CA LEU D 394 12.42 6.44 16.45
C LEU D 394 11.62 7.29 15.47
N LYS D 395 11.78 7.06 14.16
CA LYS D 395 11.24 7.92 13.13
C LYS D 395 11.64 9.38 13.39
N VAL D 396 12.94 9.59 13.54
CA VAL D 396 13.52 10.91 13.77
C VAL D 396 14.49 11.20 12.64
N ASP D 397 14.36 12.39 12.06
CA ASP D 397 15.28 12.82 11.00
C ASP D 397 16.50 13.41 11.69
N GLY D 398 17.59 12.65 11.72
CA GLY D 398 18.84 13.11 12.27
C GLY D 398 19.78 13.65 11.21
N GLY D 399 19.31 13.84 9.98
CA GLY D 399 20.08 14.52 8.97
C GLY D 399 20.96 13.64 8.10
N LEU D 400 21.09 12.36 8.41
CA LEU D 400 21.98 11.46 7.67
C LEU D 400 21.17 10.35 7.01
N ARG D 401 21.86 9.54 6.19
CA ARG D 401 21.20 8.47 5.46
C ARG D 401 22.12 7.28 5.33
N PRO D 402 21.56 6.08 5.22
CA PRO D 402 22.36 4.93 4.76
C PRO D 402 22.83 5.14 3.33
N VAL D 403 24.01 4.58 3.04
CA VAL D 403 24.65 4.73 1.74
C VAL D 403 25.25 3.38 1.34
N ARG D 404 25.48 3.22 0.04
CA ARG D 404 26.04 2.00 -0.52
C ARG D 404 27.56 2.11 -0.61
N GLU D 405 28.24 1.01 -0.29
CA GLU D 405 29.70 0.99 -0.37
C GLU D 405 30.19 1.33 -1.77
N GLU D 406 29.52 0.81 -2.81
CA GLU D 406 30.00 1.09 -4.16
C GLU D 406 29.89 2.57 -4.49
N ASP D 407 28.84 3.23 -4.00
CA ASP D 407 28.69 4.67 -4.24
C ASP D 407 29.76 5.45 -3.49
N VAL D 408 30.05 5.07 -2.24
CA VAL D 408 31.05 5.78 -1.45
C VAL D 408 32.44 5.61 -2.06
N ILE D 409 32.77 4.39 -2.50
CA ILE D 409 34.05 4.17 -3.18
C ILE D 409 34.18 5.08 -4.39
N ALA D 410 33.13 5.15 -5.20
CA ALA D 410 33.21 5.94 -6.42
C ALA D 410 33.34 7.43 -6.12
N ILE D 411 32.65 7.91 -5.08
CA ILE D 411 32.67 9.34 -4.80
C ILE D 411 33.98 9.74 -4.12
N ARG D 412 34.51 8.87 -3.25
CA ARG D 412 35.83 9.12 -2.67
C ARG D 412 36.90 9.10 -3.75
N ASN D 413 36.81 8.16 -4.69
CA ASN D 413 37.80 8.07 -5.76
C ASN D 413 37.74 9.31 -6.65
N LYS D 414 36.55 9.80 -6.96
CA LYS D 414 36.43 11.00 -7.77
C LYS D 414 36.98 12.23 -7.02
N ALA D 415 36.71 12.31 -5.72
CA ALA D 415 37.23 13.43 -4.94
C ALA D 415 38.76 13.43 -4.92
N ALA D 416 39.36 12.24 -4.73
CA ALA D 416 40.82 12.15 -4.73
C ALA D 416 41.40 12.51 -6.09
N ARG D 417 40.76 12.07 -7.18
CA ARG D 417 41.24 12.41 -8.52
C ARG D 417 41.06 13.89 -8.81
N ALA D 418 39.94 14.47 -8.36
CA ALA D 418 39.73 15.90 -8.54
C ALA D 418 40.83 16.69 -7.83
N LEU D 419 41.14 16.31 -6.59
CA LEU D 419 42.19 17.04 -5.86
C LEU D 419 43.55 16.82 -6.51
N GLN D 420 43.83 15.60 -6.97
CA GLN D 420 45.06 15.36 -7.74
C GLN D 420 45.16 16.33 -8.91
N ALA D 421 44.05 16.56 -9.62
CA ALA D 421 44.05 17.49 -10.74
C ALA D 421 44.28 18.92 -10.27
N VAL D 422 43.76 19.29 -9.10
CA VAL D 422 43.99 20.63 -8.57
C VAL D 422 45.47 20.83 -8.25
N PHE D 423 46.06 19.87 -7.54
CA PHE D 423 47.46 19.99 -7.16
C PHE D 423 48.36 20.02 -8.39
N ALA D 424 48.06 19.20 -9.39
CA ALA D 424 48.82 19.26 -10.63
C ALA D 424 48.68 20.61 -11.31
N GLY D 425 47.44 21.13 -11.39
CA GLY D 425 47.23 22.39 -12.09
C GLY D 425 47.84 23.58 -11.38
N MET D 426 47.88 23.54 -10.05
CA MET D 426 48.43 24.64 -9.27
C MET D 426 49.92 24.46 -8.98
N GLY D 427 50.57 23.45 -9.55
CA GLY D 427 51.98 23.23 -9.29
C GLY D 427 52.28 22.97 -7.82
N LEU D 428 51.38 22.25 -7.13
CA LEU D 428 51.56 21.84 -5.75
C LEU D 428 52.19 20.45 -5.70
N PRO D 429 52.78 20.04 -4.56
CA PRO D 429 53.45 18.74 -4.51
C PRO D 429 52.51 17.62 -4.92
N PRO D 430 52.97 16.70 -5.76
CA PRO D 430 52.02 15.81 -6.46
C PRO D 430 51.25 14.90 -5.52
N ILE D 431 50.02 14.59 -5.93
CA ILE D 431 49.23 13.52 -5.35
C ILE D 431 49.36 12.33 -6.30
N THR D 432 49.90 11.22 -5.79
CA THR D 432 50.18 10.11 -6.69
C THR D 432 48.94 9.24 -6.88
N ASP D 433 49.01 8.38 -7.91
CA ASP D 433 47.94 7.41 -8.11
C ASP D 433 47.82 6.47 -6.93
N GLU D 434 48.95 6.08 -6.34
CA GLU D 434 48.90 5.26 -5.13
C GLU D 434 48.11 5.95 -4.03
N GLU D 435 48.31 7.27 -3.85
CA GLU D 435 47.56 8.00 -2.83
C GLU D 435 46.08 8.07 -3.16
N VAL D 436 45.75 8.28 -4.44
CA VAL D 436 44.35 8.30 -4.85
C VAL D 436 43.68 6.97 -4.51
N GLU D 437 44.35 5.86 -4.84
CA GLU D 437 43.81 4.55 -4.50
C GLU D 437 43.65 4.38 -2.98
N ALA D 438 44.67 4.77 -2.23
CA ALA D 438 44.61 4.61 -0.78
C ALA D 438 43.46 5.42 -0.18
N ALA D 439 43.30 6.67 -0.64
CA ALA D 439 42.22 7.51 -0.15
C ALA D 439 40.86 6.93 -0.50
N THR D 440 40.76 6.26 -1.65
CA THR D 440 39.49 5.67 -2.04
C THR D 440 39.01 4.66 -1.00
N TYR D 441 39.91 3.79 -0.54
CA TYR D 441 39.51 2.66 0.27
C TYR D 441 39.83 2.83 1.75
N ALA D 442 40.38 3.97 2.15
CA ALA D 442 40.83 4.18 3.52
C ALA D 442 39.68 4.26 4.52
N HIS D 443 39.97 3.80 5.73
CA HIS D 443 39.16 4.17 6.89
C HIS D 443 39.73 5.40 7.58
N GLY D 444 41.05 5.52 7.68
CA GLY D 444 41.66 6.73 8.18
C GLY D 444 43.11 6.79 7.75
N SER D 445 43.86 7.68 8.43
CA SER D 445 45.23 7.98 8.01
C SER D 445 46.17 6.79 8.19
N LYS D 446 45.81 5.81 9.03
CA LYS D 446 46.55 4.56 9.09
C LYS D 446 46.67 3.90 7.72
N ASP D 447 45.73 4.20 6.82
CA ASP D 447 45.63 3.55 5.52
C ASP D 447 46.24 4.38 4.40
N MET D 448 46.89 5.51 4.72
CA MET D 448 47.41 6.46 3.75
C MET D 448 48.94 6.42 3.68
N PRO D 449 49.51 6.49 2.48
CA PRO D 449 50.97 6.67 2.36
C PRO D 449 51.41 7.97 3.02
N GLU D 450 52.66 7.98 3.50
CA GLU D 450 53.18 9.19 4.11
C GLU D 450 53.50 10.22 3.04
N ARG D 451 53.13 11.47 3.28
CA ARG D 451 53.52 12.56 2.40
C ARG D 451 54.73 13.29 2.96
N ASN D 452 55.35 14.09 2.10
CA ASN D 452 56.41 15.00 2.53
C ASN D 452 55.74 16.23 3.13
N ILE D 453 55.66 16.24 4.47
CA ILE D 453 54.94 17.31 5.16
C ILE D 453 55.70 18.63 5.04
N VAL D 454 57.03 18.58 5.11
CA VAL D 454 57.82 19.80 4.96
C VAL D 454 57.54 20.48 3.62
N GLU D 455 57.50 19.70 2.54
CA GLU D 455 57.23 20.30 1.23
C GLU D 455 55.80 20.81 1.15
N ASP D 456 54.84 20.05 1.66
CA ASP D 456 53.45 20.48 1.63
C ASP D 456 53.26 21.83 2.32
N ILE D 457 53.82 21.99 3.53
CA ILE D 457 53.54 23.21 4.27
C ILE D 457 54.26 24.39 3.66
N LYS D 458 55.39 24.17 2.98
CA LYS D 458 56.02 25.25 2.21
C LYS D 458 55.08 25.75 1.13
N PHE D 459 54.53 24.84 0.32
CA PHE D 459 53.63 25.25 -0.76
C PHE D 459 52.30 25.77 -0.22
N ALA D 460 51.82 25.22 0.90
CA ALA D 460 50.57 25.71 1.47
C ALA D 460 50.71 27.16 1.91
N GLN D 461 51.82 27.51 2.55
CA GLN D 461 51.99 28.89 2.98
C GLN D 461 52.22 29.83 1.81
N GLU D 462 52.77 29.33 0.71
CA GLU D 462 52.89 30.12 -0.51
C GLU D 462 51.52 30.51 -1.05
N ILE D 463 50.49 29.68 -0.83
CA ILE D 463 49.14 30.07 -1.21
C ILE D 463 48.74 31.35 -0.47
N ILE D 464 49.12 31.46 0.80
CA ILE D 464 48.81 32.68 1.57
C ILE D 464 49.70 33.83 1.12
N ASN D 465 51.03 33.60 1.11
CA ASN D 465 51.98 34.68 0.85
C ASN D 465 51.81 35.28 -0.53
N LYS D 466 51.39 34.49 -1.51
CA LYS D 466 51.18 34.98 -2.87
C LYS D 466 49.71 35.22 -3.19
N ASN D 467 48.82 35.10 -2.20
CA ASN D 467 47.40 35.43 -2.35
C ASN D 467 46.76 34.65 -3.48
N ARG D 468 47.03 33.35 -3.53
CA ARG D 468 46.44 32.48 -4.54
C ARG D 468 45.00 32.18 -4.14
N ASN D 469 44.05 32.55 -5.01
CA ASN D 469 42.65 32.59 -4.62
C ASN D 469 41.88 31.38 -5.17
N GLY D 470 40.58 31.34 -4.84
CA GLY D 470 39.76 30.20 -5.18
C GLY D 470 39.53 29.99 -6.65
N LEU D 471 39.65 31.05 -7.47
CA LEU D 471 39.49 30.84 -8.90
C LEU D 471 40.64 30.04 -9.52
N GLU D 472 41.81 30.03 -8.87
CA GLU D 472 42.88 29.15 -9.34
C GLU D 472 42.45 27.69 -9.25
N VAL D 473 41.69 27.36 -8.20
CA VAL D 473 41.20 26.00 -8.01
C VAL D 473 40.14 25.67 -9.06
N VAL D 474 39.23 26.62 -9.33
CA VAL D 474 38.23 26.43 -10.38
C VAL D 474 38.93 26.18 -11.71
N LYS D 475 39.93 27.01 -12.04
CA LYS D 475 40.63 26.85 -13.31
C LYS D 475 41.33 25.51 -13.40
N ALA D 476 41.98 25.09 -12.30
CA ALA D 476 42.72 23.83 -12.32
C ALA D 476 41.78 22.65 -12.58
N LEU D 477 40.60 22.67 -11.96
CA LEU D 477 39.62 21.62 -12.21
C LEU D 477 39.13 21.68 -13.65
N ALA D 478 38.82 22.89 -14.13
CA ALA D 478 38.27 23.02 -15.48
C ALA D 478 39.27 22.56 -16.54
N GLN D 479 40.56 22.74 -16.28
CA GLN D 479 41.59 22.41 -17.25
C GLN D 479 42.21 21.05 -17.00
N GLY D 480 41.75 20.32 -15.99
CA GLY D 480 42.35 19.05 -15.64
C GLY D 480 41.40 17.88 -15.69
N GLY D 481 40.32 18.02 -16.44
CA GLY D 481 39.39 16.92 -16.65
C GLY D 481 38.18 16.89 -15.74
N PHE D 482 37.87 17.99 -15.05
CA PHE D 482 36.81 18.02 -14.07
C PHE D 482 35.97 19.28 -14.22
N THR D 483 35.44 19.50 -15.44
CA THR D 483 34.64 20.69 -15.67
C THR D 483 33.37 20.66 -14.83
N ASP D 484 32.87 19.47 -14.52
CA ASP D 484 31.68 19.36 -13.66
C ASP D 484 31.97 19.89 -12.26
N VAL D 485 33.06 19.42 -11.64
CA VAL D 485 33.42 19.90 -10.31
C VAL D 485 33.79 21.38 -10.34
N ALA D 486 34.46 21.82 -11.43
CA ALA D 486 34.78 23.22 -11.59
C ALA D 486 33.53 24.10 -11.53
N GLN D 487 32.48 23.67 -12.23
CA GLN D 487 31.22 24.41 -12.21
C GLN D 487 30.63 24.45 -10.81
N ASP D 488 30.66 23.32 -10.10
CA ASP D 488 30.11 23.29 -8.74
C ASP D 488 30.91 24.18 -7.80
N MET D 489 32.24 24.21 -7.98
CA MET D 489 33.07 25.10 -7.18
C MET D 489 32.77 26.57 -7.49
N LEU D 490 32.56 26.90 -8.77
CA LEU D 490 32.20 28.27 -9.12
C LEU D 490 30.85 28.64 -8.52
N ASN D 491 29.89 27.71 -8.53
CA ASN D 491 28.59 27.97 -7.95
C ASN D 491 28.68 28.27 -6.46
N ILE D 492 29.56 27.56 -5.75
CA ILE D 492 29.75 27.84 -4.33
C ILE D 492 30.32 29.22 -4.12
N GLN D 493 31.27 29.63 -4.97
CA GLN D 493 31.82 30.98 -4.89
C GLN D 493 30.75 32.02 -5.21
N LYS D 494 29.85 31.71 -6.15
CA LYS D 494 28.81 32.66 -6.52
C LYS D 494 27.79 32.88 -5.40
N ALA D 495 27.66 31.92 -4.48
CA ALA D 495 26.79 32.09 -3.33
C ALA D 495 27.27 33.23 -2.41
N LYS D 496 28.53 33.64 -2.52
CA LYS D 496 29.06 34.72 -1.73
C LYS D 496 28.70 36.10 -2.28
N LEU D 497 28.05 36.18 -3.44
CA LEU D 497 27.68 37.45 -4.06
C LEU D 497 26.25 37.87 -3.76
N THR D 498 25.41 36.95 -3.30
CA THR D 498 23.97 37.20 -3.19
C THR D 498 23.53 37.57 -1.78
N GLY D 499 24.31 37.21 -0.76
CA GLY D 499 23.91 37.44 0.61
C GLY D 499 22.88 36.46 1.14
N ASP D 500 22.35 35.56 0.30
CA ASP D 500 21.28 34.66 0.73
C ASP D 500 21.69 33.81 1.93
N TYR D 501 22.85 33.15 1.84
CA TYR D 501 23.18 32.21 2.90
C TYR D 501 23.79 32.90 4.12
N LEU D 502 23.72 34.23 4.18
CA LEU D 502 24.09 34.96 5.39
C LEU D 502 22.99 34.91 6.44
N HIS D 503 21.78 34.53 6.04
CA HIS D 503 20.63 34.56 6.93
C HIS D 503 20.63 33.36 7.86
N THR D 504 19.89 33.51 8.95
CA THR D 504 19.71 32.52 10.00
C THR D 504 19.51 31.11 9.45
N SER D 505 20.41 30.19 9.84
CA SER D 505 20.32 28.75 9.59
C SER D 505 20.55 28.36 8.14
N ALA D 506 21.10 29.24 7.31
CA ALA D 506 21.16 28.97 5.88
C ALA D 506 22.11 27.82 5.54
N ILE D 507 21.62 26.91 4.69
CA ILE D 507 22.41 25.89 3.99
C ILE D 507 21.99 25.93 2.52
N ILE D 508 22.69 25.16 1.69
CA ILE D 508 22.40 25.09 0.25
C ILE D 508 22.13 23.64 -0.10
N VAL D 509 20.88 23.35 -0.47
CA VAL D 509 20.42 21.99 -0.72
C VAL D 509 20.03 21.84 -2.18
N GLY D 510 19.91 20.58 -2.60
CA GLY D 510 19.37 20.29 -3.92
C GLY D 510 20.14 20.97 -5.03
N ASP D 511 19.41 21.62 -5.93
CA ASP D 511 19.99 22.27 -7.10
C ASP D 511 20.33 23.73 -6.79
N GLY D 512 21.26 23.91 -5.85
CA GLY D 512 21.66 25.26 -5.48
C GLY D 512 20.60 26.05 -4.78
N GLN D 513 19.65 25.38 -4.15
CA GLN D 513 18.54 26.04 -3.47
C GLN D 513 18.96 26.42 -2.06
N VAL D 514 18.96 27.72 -1.76
CA VAL D 514 19.25 28.14 -0.39
C VAL D 514 18.06 27.80 0.50
N LEU D 515 18.35 27.20 1.65
CA LEU D 515 17.33 26.78 2.62
C LEU D 515 17.72 27.36 3.98
N SER D 516 16.94 28.33 4.47
CA SER D 516 17.28 28.96 5.74
C SER D 516 16.02 29.12 6.56
N ALA D 517 16.16 29.73 7.73
CA ALA D 517 14.97 30.02 8.54
C ALA D 517 14.05 31.05 7.89
N VAL D 518 14.53 31.79 6.88
CA VAL D 518 13.67 32.76 6.21
C VAL D 518 12.64 32.06 5.33
N ASN D 519 13.09 31.10 4.50
CA ASN D 519 12.16 30.42 3.59
C ASN D 519 11.77 29.01 4.05
N ASP D 520 12.30 28.56 5.18
CA ASP D 520 11.94 27.30 5.81
C ASP D 520 11.63 27.59 7.28
N VAL D 521 10.66 28.49 7.50
CA VAL D 521 10.39 28.94 8.85
CA VAL D 521 10.35 28.96 8.85
C VAL D 521 9.74 27.83 9.65
N ASN D 522 10.23 27.62 10.87
CA ASN D 522 9.64 26.61 11.75
C ASN D 522 8.25 27.09 12.18
N ASP D 523 7.23 26.27 11.93
CA ASP D 523 5.85 26.59 12.22
C ASP D 523 5.22 25.55 13.14
N TYR D 524 6.01 25.07 14.11
CA TYR D 524 5.55 24.02 15.01
C TYR D 524 4.35 24.49 15.82
N ALA D 525 3.30 23.65 15.84
CA ALA D 525 2.10 23.91 16.64
C ALA D 525 1.54 22.61 17.24
N GLY D 526 2.43 21.68 17.57
CA GLY D 526 2.05 20.44 18.20
C GLY D 526 1.95 19.28 17.23
N PRO D 527 1.41 18.16 17.70
CA PRO D 527 1.30 16.95 16.88
C PRO D 527 0.73 17.22 15.50
N ALA D 528 1.31 16.53 14.51
CA ALA D 528 0.87 16.60 13.11
C ALA D 528 1.06 17.99 12.51
N THR D 529 1.92 18.81 13.11
CA THR D 529 2.27 20.10 12.54
C THR D 529 3.78 20.27 12.60
N GLY D 530 4.28 21.27 11.89
CA GLY D 530 5.71 21.49 11.80
C GLY D 530 6.39 20.36 11.03
N TYR D 531 7.72 20.32 11.16
CA TYR D 531 8.49 19.30 10.46
C TYR D 531 8.06 17.90 10.91
N ARG D 532 7.79 17.04 9.93
CA ARG D 532 7.52 15.63 10.17
C ARG D 532 8.33 14.81 9.20
N LEU D 533 9.03 13.79 9.71
CA LEU D 533 9.70 12.84 8.84
C LEU D 533 8.67 12.01 8.08
N GLN D 534 8.75 12.01 6.75
CA GLN D 534 7.74 11.39 5.90
C GLN D 534 8.27 11.32 4.47
N GLY D 535 7.45 10.78 3.58
CA GLY D 535 7.72 10.79 2.14
C GLY D 535 9.02 10.09 1.78
N GLU D 536 9.67 10.60 0.74
CA GLU D 536 10.90 9.99 0.25
C GLU D 536 12.02 10.07 1.27
N ARG D 537 12.02 11.09 2.12
CA ARG D 537 13.05 11.18 3.14
C ARG D 537 12.92 10.04 4.15
N TRP D 538 11.69 9.70 4.50
CA TRP D 538 11.47 8.56 5.40
C TRP D 538 11.84 7.24 4.73
N GLU D 539 11.55 7.10 3.43
CA GLU D 539 11.98 5.89 2.71
C GLU D 539 13.49 5.74 2.74
N GLU D 540 14.20 6.85 2.59
CA GLU D 540 15.66 6.84 2.62
C GLU D 540 16.17 6.37 3.99
N ILE D 541 15.54 6.85 5.05
CA ILE D 541 15.98 6.49 6.40
C ILE D 541 15.65 5.04 6.73
N LYS D 542 14.55 4.51 6.18
CA LYS D 542 14.17 3.12 6.47
C LYS D 542 15.16 2.11 5.89
N ASN D 543 15.83 2.48 4.81
CA ASN D 543 16.58 1.52 3.99
C ASN D 543 17.99 1.28 4.53
N ILE D 544 18.07 0.76 5.75
CA ILE D 544 19.35 0.49 6.41
C ILE D 544 19.92 -0.81 5.88
N PRO D 545 21.24 -1.00 5.91
CA PRO D 545 21.80 -2.28 5.48
C PRO D 545 21.41 -3.41 6.42
N GLY D 546 21.18 -4.59 5.83
CA GLY D 546 20.88 -5.77 6.61
C GLY D 546 19.41 -6.07 6.81
N ALA D 547 18.51 -5.17 6.40
CA ALA D 547 17.07 -5.44 6.55
C ALA D 547 16.66 -6.51 5.55
N LEU D 548 16.35 -7.71 6.06
CA LEU D 548 15.95 -8.83 5.22
C LEU D 548 14.49 -8.68 4.81
N ASP D 549 14.19 -9.05 3.56
CA ASP D 549 12.81 -8.98 3.10
C ASP D 549 12.13 -10.29 3.50
N PRO D 550 11.25 -10.28 4.50
CA PRO D 550 10.82 -11.55 5.10
C PRO D 550 9.93 -12.38 4.21
N ASN D 551 9.22 -11.79 3.25
CA ASN D 551 8.34 -12.58 2.39
C ASN D 551 9.13 -13.28 1.29
N GLY E 22 62.91 23.02 44.32
CA GLY E 22 63.51 24.32 44.12
C GLY E 22 64.72 24.30 43.20
N PHE E 23 64.47 24.06 41.90
CA PHE E 23 65.52 23.95 40.89
C PHE E 23 65.55 25.13 39.93
N LEU E 24 64.67 26.12 40.12
CA LEU E 24 64.62 27.31 39.29
C LEU E 24 64.79 28.54 40.17
N THR E 25 65.78 29.37 39.85
CA THR E 25 66.02 30.61 40.58
C THR E 25 66.08 31.77 39.61
N GLU E 26 65.50 32.90 40.02
CA GLU E 26 65.54 34.10 39.19
C GLU E 26 66.91 34.76 39.23
N VAL E 27 67.30 35.33 38.09
CA VAL E 27 68.58 36.02 38.02
C VAL E 27 68.41 37.43 37.47
N GLY E 28 67.18 37.94 37.51
CA GLY E 28 66.91 39.29 37.08
C GLY E 28 66.00 39.33 35.87
N GLU E 29 65.59 40.55 35.52
CA GLU E 29 64.64 40.75 34.44
C GLU E 29 65.24 40.30 33.11
N ALA E 30 64.45 39.52 32.36
CA ALA E 30 64.91 39.01 31.08
C ALA E 30 65.08 40.15 30.08
N ARG E 31 66.19 40.15 29.35
CA ARG E 31 66.50 41.17 28.37
C ARG E 31 66.43 40.60 26.97
N GLN E 32 66.36 41.48 25.99
CA GLN E 32 66.35 41.07 24.60
C GLN E 32 67.67 40.38 24.24
N GLY E 33 67.57 39.30 23.48
CA GLY E 33 68.75 38.61 22.97
C GLY E 33 69.40 39.40 21.84
N GLN E 35 73.88 36.27 19.81
CA GLN E 35 72.53 36.63 20.23
C GLN E 35 71.46 35.88 19.45
N GLN E 36 71.65 35.75 18.14
CA GLN E 36 70.63 35.15 17.29
C GLN E 36 70.64 33.62 17.32
N ASP E 37 71.59 33.00 18.03
CA ASP E 37 71.62 31.55 18.13
C ASP E 37 71.12 31.09 19.49
N GLU E 38 69.90 31.49 19.83
CA GLU E 38 69.29 31.12 21.10
C GLU E 38 67.82 30.81 20.88
N VAL E 39 67.27 30.00 21.77
CA VAL E 39 65.83 29.76 21.88
C VAL E 39 65.46 30.04 23.32
N ILE E 40 64.37 30.77 23.52
CA ILE E 40 63.87 31.04 24.86
C ILE E 40 62.82 30.01 25.22
N ILE E 41 63.00 29.34 26.36
CA ILE E 41 61.96 28.53 26.98
C ILE E 41 61.27 29.42 27.99
N ALA E 42 60.01 29.76 27.72
CA ALA E 42 59.21 30.60 28.61
C ALA E 42 58.23 29.71 29.37
N VAL E 43 58.36 29.70 30.70
CA VAL E 43 57.51 28.87 31.54
C VAL E 43 56.49 29.75 32.24
N GLY E 44 55.36 29.14 32.59
CA GLY E 44 54.28 29.82 33.26
C GLY E 44 54.63 30.18 34.69
N PRO E 45 53.78 30.99 35.32
CA PRO E 45 54.14 31.58 36.62
C PRO E 45 54.19 30.60 37.77
N ALA E 46 53.60 29.41 37.65
CA ALA E 46 53.68 28.43 38.73
C ALA E 46 54.63 27.27 38.43
N PHE E 47 55.28 27.27 37.27
CA PHE E 47 56.13 26.16 36.85
C PHE E 47 57.31 25.99 37.82
N GLY E 48 57.44 24.80 38.40
CA GLY E 48 58.51 24.51 39.35
C GLY E 48 58.34 25.15 40.72
N LEU E 49 57.17 25.70 41.01
CA LEU E 49 56.92 26.39 42.27
C LEU E 49 55.74 25.70 42.95
N ALA E 50 54.52 26.24 42.85
CA ALA E 50 53.36 25.60 43.46
C ALA E 50 53.04 24.26 42.82
N GLN E 51 53.40 24.07 41.56
CA GLN E 51 53.33 22.77 40.90
C GLN E 51 54.74 22.37 40.45
N THR E 52 55.12 21.10 40.68
CA THR E 52 56.45 20.60 40.32
C THR E 52 56.40 19.42 39.35
N VAL E 53 55.21 18.97 38.96
CA VAL E 53 55.04 17.96 37.93
C VAL E 53 53.96 18.44 36.97
N ASN E 54 53.92 17.82 35.80
CA ASN E 54 52.87 18.13 34.84
C ASN E 54 51.64 17.26 35.13
N ILE E 55 50.66 17.29 34.23
CA ILE E 55 49.34 16.73 34.51
C ILE E 55 49.38 15.21 34.68
N VAL E 56 50.41 14.53 34.17
CA VAL E 56 50.53 13.09 34.36
C VAL E 56 51.77 12.74 35.19
N GLY E 57 52.28 13.70 35.95
CA GLY E 57 53.28 13.42 36.97
C GLY E 57 54.72 13.49 36.53
N ILE E 58 55.00 13.97 35.33
CA ILE E 58 56.39 14.09 34.89
C ILE E 58 57.01 15.32 35.57
N PRO E 59 58.16 15.17 36.24
CA PRO E 59 58.73 16.31 36.95
C PRO E 59 59.13 17.44 36.00
N HIS E 60 58.80 18.66 36.41
CA HIS E 60 59.24 19.86 35.70
C HIS E 60 60.74 19.88 35.50
N LYS E 61 61.50 19.44 36.51
CA LYS E 61 62.95 19.39 36.36
C LYS E 61 63.37 18.50 35.20
N SER E 62 62.70 17.37 35.02
CA SER E 62 63.03 16.48 33.91
C SER E 62 62.56 17.09 32.58
N ILE E 63 61.40 17.75 32.57
CA ILE E 63 60.90 18.37 31.36
C ILE E 63 61.89 19.40 30.84
N LEU E 64 62.31 20.33 31.71
CA LEU E 64 63.27 21.35 31.29
C LEU E 64 64.60 20.72 30.90
N ARG E 65 65.03 19.69 31.64
CA ARG E 65 66.28 19.02 31.31
C ARG E 65 66.28 18.56 29.86
N GLU E 66 65.17 17.96 29.41
CA GLU E 66 65.13 17.38 28.08
C GLU E 66 64.95 18.45 27.00
N VAL E 67 64.17 19.48 27.28
CA VAL E 67 63.99 20.55 26.30
C VAL E 67 65.30 21.29 26.10
N ILE E 68 66.00 21.62 27.20
CA ILE E 68 67.30 22.26 27.09
C ILE E 68 68.27 21.37 26.33
N ALA E 69 68.28 20.07 26.64
CA ALA E 69 69.25 19.19 25.99
C ALA E 69 68.98 19.05 24.51
N GLY E 70 67.70 19.08 24.11
CA GLY E 70 67.39 19.05 22.69
C GLY E 70 67.83 20.31 21.96
N ILE E 71 67.70 21.47 22.60
CA ILE E 71 68.16 22.71 22.02
C ILE E 71 69.68 22.68 21.86
N GLU E 72 70.39 22.31 22.93
CA GLU E 72 71.85 22.37 22.95
C GLU E 72 72.47 21.31 22.04
N GLU E 73 71.78 20.20 21.86
CA GLU E 73 72.21 19.17 20.91
C GLU E 73 72.34 19.73 19.49
N GLU E 74 71.55 20.75 19.17
CA GLU E 74 71.59 21.44 17.88
C GLU E 74 72.57 22.61 17.85
N GLY E 75 73.42 22.74 18.87
CA GLY E 75 74.37 23.83 18.88
C GLY E 75 73.77 25.20 19.12
N ILE E 76 72.57 25.25 19.69
CA ILE E 76 71.89 26.51 19.97
C ILE E 76 71.83 26.68 21.49
N LYS E 77 71.87 27.93 21.95
CA LYS E 77 71.78 28.21 23.38
C LYS E 77 70.34 28.22 23.86
N ALA E 78 70.13 27.72 25.07
CA ALA E 78 68.82 27.74 25.72
C ALA E 78 68.81 28.77 26.83
N ARG E 79 67.78 29.61 26.86
CA ARG E 79 67.62 30.65 27.87
C ARG E 79 66.22 30.54 28.43
N VAL E 80 66.10 30.34 29.73
CA VAL E 80 64.81 30.07 30.36
C VAL E 80 64.33 31.34 31.06
N ILE E 81 63.05 31.66 30.88
CA ILE E 81 62.43 32.80 31.56
C ILE E 81 61.10 32.36 32.16
N ARG E 82 60.69 33.06 33.23
CA ARG E 82 59.33 32.93 33.75
C ARG E 82 58.52 34.13 33.30
N CYS E 83 57.29 33.89 32.84
CA CYS E 83 56.38 34.95 32.44
C CYS E 83 55.23 35.05 33.43
N PHE E 84 54.73 36.29 33.62
CA PHE E 84 53.79 36.62 34.68
C PHE E 84 52.51 37.29 34.21
N LYS E 85 52.50 37.94 33.04
CA LYS E 85 51.37 38.79 32.69
C LYS E 85 50.13 37.98 32.34
N SER E 86 50.31 36.74 31.92
CA SER E 86 49.19 35.83 31.68
C SER E 86 49.66 34.41 31.95
N SER E 87 48.72 33.57 32.37
CA SER E 87 48.96 32.13 32.54
C SER E 87 48.66 31.34 31.27
N ASP E 88 48.14 32.00 30.24
CA ASP E 88 47.86 31.37 28.96
C ASP E 88 49.17 31.07 28.23
N VAL E 89 49.32 29.82 27.76
CA VAL E 89 50.63 29.42 27.24
C VAL E 89 50.97 30.14 25.95
N ALA E 90 49.97 30.58 25.18
CA ALA E 90 50.27 31.35 23.97
C ALA E 90 50.88 32.69 24.33
N PHE E 91 50.30 33.39 25.29
CA PHE E 91 50.86 34.67 25.65
C PHE E 91 52.19 34.52 26.39
N VAL E 92 52.34 33.44 27.17
CA VAL E 92 53.64 33.15 27.78
C VAL E 92 54.70 33.00 26.70
N ALA E 93 54.38 32.25 25.64
CA ALA E 93 55.34 32.04 24.57
C ALA E 93 55.58 33.31 23.76
N VAL E 94 54.57 34.18 23.64
CA VAL E 94 54.72 35.41 22.87
C VAL E 94 55.72 36.35 23.54
N GLU E 95 55.60 36.53 24.86
CA GLU E 95 56.57 37.37 25.53
C GLU E 95 57.96 36.74 25.45
N GLY E 96 58.03 35.41 25.29
CA GLY E 96 59.31 34.78 25.06
C GLY E 96 59.85 35.04 23.66
N ASN E 97 59.00 35.03 22.64
CA ASN E 97 59.52 35.21 21.28
C ASN E 97 59.89 36.66 20.99
N ARG E 98 59.33 37.63 21.73
CA ARG E 98 59.76 39.00 21.52
C ARG E 98 61.14 39.25 22.13
N LEU E 99 61.51 38.49 23.17
CA LEU E 99 62.81 38.63 23.81
C LEU E 99 63.88 37.73 23.19
N SER E 100 63.47 36.72 22.43
CA SER E 100 64.39 35.73 21.91
C SER E 100 65.18 36.30 20.72
N GLY E 101 66.50 36.15 20.78
CA GLY E 101 67.35 36.65 19.72
C GLY E 101 67.11 35.99 18.37
N SER E 102 66.53 34.79 18.36
CA SER E 102 66.14 34.10 17.14
C SER E 102 64.69 34.36 16.76
N GLY E 103 63.91 35.00 17.61
CA GLY E 103 62.49 35.08 17.41
C GLY E 103 61.74 33.80 17.71
N ILE E 104 62.42 32.74 18.12
CA ILE E 104 61.79 31.45 18.41
C ILE E 104 61.72 31.25 19.91
N SER E 105 60.57 30.80 20.40
CA SER E 105 60.38 30.49 21.81
C SER E 105 59.59 29.20 21.95
N ILE E 106 59.70 28.60 23.14
CA ILE E 106 58.90 27.46 23.57
C ILE E 106 58.17 27.89 24.85
N GLY E 107 56.85 27.88 24.82
CA GLY E 107 56.07 28.15 26.01
C GLY E 107 55.62 26.84 26.64
N ILE E 108 55.69 26.78 27.97
CA ILE E 108 55.32 25.57 28.72
C ILE E 108 54.54 25.98 29.96
N GLN E 109 53.34 25.42 30.13
CA GLN E 109 52.55 25.55 31.34
C GLN E 109 52.92 24.48 32.37
N SER E 110 52.63 24.79 33.64
CA SER E 110 52.83 23.80 34.70
C SER E 110 52.20 22.46 34.36
N LYS E 111 50.93 22.48 33.90
CA LYS E 111 50.29 21.22 33.57
C LYS E 111 50.89 20.54 32.34
N GLY E 112 51.74 21.23 31.58
CA GLY E 112 52.58 20.60 30.58
C GLY E 112 52.33 21.03 29.15
N THR E 113 51.23 21.73 28.87
CA THR E 113 50.94 22.20 27.51
C THR E 113 52.09 23.02 26.95
N THR E 114 52.44 22.78 25.69
CA THR E 114 53.65 23.32 25.09
C THR E 114 53.38 23.86 23.69
N VAL E 115 54.05 24.95 23.34
CA VAL E 115 53.90 25.57 22.03
C VAL E 115 55.27 26.06 21.57
N ILE E 116 55.57 25.87 20.29
CA ILE E 116 56.72 26.51 19.64
C ILE E 116 56.20 27.72 18.89
N HIS E 117 56.68 28.90 19.25
CA HIS E 117 56.13 30.15 18.76
C HIS E 117 57.21 30.91 17.99
N GLN E 118 56.78 31.92 17.25
CA GLN E 118 57.65 32.65 16.35
C GLN E 118 57.25 34.12 16.32
N GLN E 119 58.21 35.01 16.54
CA GLN E 119 57.93 36.44 16.54
C GLN E 119 57.31 36.86 15.20
N GLY E 120 56.23 37.63 15.27
CA GLY E 120 55.52 38.06 14.10
C GLY E 120 54.23 37.31 13.83
N LEU E 121 54.07 36.12 14.40
CA LEU E 121 52.80 35.42 14.29
C LEU E 121 51.76 36.03 15.23
N PRO E 122 50.48 35.93 14.88
CA PRO E 122 49.44 36.28 15.84
C PRO E 122 49.61 35.47 17.11
N PRO E 123 49.26 36.04 18.27
CA PRO E 123 49.51 35.35 19.53
C PRO E 123 48.96 33.93 19.58
N LEU E 124 47.77 33.70 19.03
CA LEU E 124 47.16 32.38 19.08
C LEU E 124 47.46 31.54 17.83
N SER E 125 48.43 31.96 17.02
CA SER E 125 49.04 31.09 16.01
C SER E 125 50.34 30.53 16.60
N ASN E 126 51.09 29.78 15.80
CA ASN E 126 52.30 29.15 16.29
C ASN E 126 52.99 28.43 15.13
N LEU E 127 54.21 27.96 15.39
CA LEU E 127 54.85 27.02 14.47
C LEU E 127 54.44 25.57 14.75
N GLU E 128 54.51 25.13 16.01
CA GLU E 128 53.99 23.81 16.38
C GLU E 128 53.24 23.93 17.70
N LEU E 129 52.24 23.08 17.88
CA LEU E 129 51.42 23.11 19.08
C LEU E 129 51.27 21.70 19.63
N PHE E 130 51.31 21.59 20.97
CA PHE E 130 51.18 20.32 21.67
C PHE E 130 50.02 20.47 22.63
N PRO E 131 48.81 20.29 22.14
CA PRO E 131 47.60 20.68 22.88
C PRO E 131 46.99 19.57 23.74
N GLN E 132 47.68 18.45 23.91
CA GLN E 132 47.23 17.38 24.79
C GLN E 132 48.42 17.00 25.66
N ALA E 133 48.60 17.77 26.73
CA ALA E 133 49.70 17.55 27.65
C ALA E 133 49.80 16.12 28.19
N PRO E 134 48.71 15.41 28.47
CA PRO E 134 48.86 14.04 28.98
C PRO E 134 49.64 13.10 28.05
N LEU E 135 49.78 13.43 26.77
CA LEU E 135 50.42 12.54 25.80
C LEU E 135 51.92 12.78 25.68
N LEU E 136 52.42 13.88 26.19
CA LEU E 136 53.83 14.21 25.99
C LEU E 136 54.69 13.30 26.87
N THR E 137 55.79 12.81 26.29
CA THR E 137 56.79 12.08 27.04
C THR E 137 58.04 12.93 27.10
N LEU E 138 58.99 12.50 27.93
CA LEU E 138 60.26 13.21 27.97
C LEU E 138 60.96 13.16 26.62
N GLU E 139 60.70 12.12 25.83
CA GLU E 139 61.24 12.09 24.48
C GLU E 139 60.59 13.15 23.60
N THR E 140 59.29 13.39 23.77
CA THR E 140 58.63 14.47 23.02
C THR E 140 59.23 15.81 23.38
N TYR E 141 59.41 16.07 24.68
CA TYR E 141 59.95 17.35 25.11
C TYR E 141 61.35 17.59 24.55
N ARG E 142 62.20 16.55 24.54
CA ARG E 142 63.53 16.71 23.94
C ARG E 142 63.43 17.04 22.45
N GLN E 143 62.49 16.38 21.75
CA GLN E 143 62.32 16.64 20.32
C GLN E 143 61.75 18.03 20.07
N ILE E 144 60.92 18.56 20.98
CA ILE E 144 60.41 19.92 20.85
C ILE E 144 61.55 20.93 20.92
N GLY E 145 62.45 20.76 21.89
CA GLY E 145 63.64 21.59 21.95
C GLY E 145 64.49 21.47 20.70
N LYS E 146 64.67 20.25 20.21
CA LYS E 146 65.46 20.04 19.00
C LYS E 146 64.84 20.81 17.83
N ASN E 147 63.51 20.73 17.68
CA ASN E 147 62.85 21.38 16.57
C ASN E 147 62.92 22.90 16.69
N ALA E 148 62.71 23.43 17.90
CA ALA E 148 62.80 24.88 18.08
C ALA E 148 64.17 25.39 17.67
N ALA E 149 65.23 24.70 18.09
CA ALA E 149 66.57 25.13 17.73
C ALA E 149 66.78 25.07 16.22
N ARG E 150 66.14 24.12 15.55
CA ARG E 150 66.25 24.09 14.09
C ARG E 150 65.48 25.23 13.44
N TYR E 151 64.32 25.61 14.00
CA TYR E 151 63.65 26.82 13.54
C TYR E 151 64.52 28.05 13.77
N ALA E 152 65.22 28.12 14.91
CA ALA E 152 66.11 29.24 15.17
C ALA E 152 67.21 29.33 14.13
N LYS E 153 67.64 28.19 13.60
CA LYS E 153 68.65 28.15 12.55
C LYS E 153 68.05 28.34 11.16
N ARG E 154 66.76 28.67 11.08
CA ARG E 154 66.05 28.90 9.81
C ARG E 154 66.00 27.63 8.97
N GLU E 155 65.97 26.49 9.64
CA GLU E 155 65.73 25.22 8.98
C GLU E 155 64.23 24.93 8.99
N SER E 156 63.83 23.91 8.24
CA SER E 156 62.44 23.49 8.12
C SER E 156 62.36 22.06 8.63
N PRO E 157 62.43 21.87 9.94
CA PRO E 157 62.41 20.50 10.48
C PRO E 157 61.06 19.84 10.22
N GLN E 158 61.08 18.52 10.12
CA GLN E 158 59.84 17.75 10.18
C GLN E 158 59.11 18.07 11.49
N PRO E 159 57.86 18.51 11.44
CA PRO E 159 57.13 18.76 12.68
C PRO E 159 57.08 17.50 13.55
N VAL E 160 57.16 17.71 14.85
CA VAL E 160 57.05 16.61 15.81
C VAL E 160 55.74 15.89 15.51
N PRO E 161 55.74 14.56 15.37
CA PRO E 161 54.51 13.88 14.94
C PRO E 161 53.35 14.16 15.88
N THR E 162 52.17 14.27 15.28
CA THR E 162 50.95 14.60 16.00
C THR E 162 50.59 13.51 16.99
N LEU E 163 50.30 13.92 18.23
CA LEU E 163 49.77 13.05 19.27
C LEU E 163 48.32 13.45 19.48
N ASN E 164 47.41 12.49 19.37
CA ASN E 164 45.99 12.79 19.52
C ASN E 164 45.33 11.59 20.16
N ASP E 165 44.65 11.81 21.30
CA ASP E 165 43.96 10.73 22.00
C ASP E 165 42.55 11.24 22.28
N GLN E 166 41.56 10.59 21.65
CA GLN E 166 40.19 11.05 21.77
C GLN E 166 39.65 10.93 23.18
N MET E 167 40.32 10.17 24.06
CA MET E 167 39.93 10.08 25.46
C MET E 167 40.77 10.96 26.37
N ALA E 168 41.67 11.79 25.82
CA ALA E 168 42.48 12.66 26.68
C ALA E 168 41.61 13.68 27.40
N ARG E 169 40.69 14.33 26.68
CA ARG E 169 39.77 15.25 27.35
C ARG E 169 38.85 14.53 28.33
N PRO E 170 38.18 13.43 27.97
CA PRO E 170 37.40 12.67 28.98
C PRO E 170 38.16 12.35 30.26
N LYS E 171 39.43 11.97 30.16
CA LYS E 171 40.21 11.63 31.34
C LYS E 171 40.72 12.86 32.08
N TYR E 172 41.11 13.92 31.36
CA TYR E 172 41.95 14.96 31.95
C TYR E 172 41.45 16.40 31.84
N GLN E 173 40.36 16.68 31.14
CA GLN E 173 40.00 18.08 30.95
C GLN E 173 39.59 18.75 32.27
N ALA E 174 38.81 18.06 33.10
CA ALA E 174 38.48 18.62 34.41
C ALA E 174 39.74 18.84 35.23
N LYS E 175 40.67 17.87 35.21
CA LYS E 175 41.92 18.04 35.94
CA LYS E 175 41.93 18.04 35.93
C LYS E 175 42.75 19.18 35.36
N SER E 176 42.79 19.28 34.04
CA SER E 176 43.47 20.39 33.36
C SER E 176 42.89 21.73 33.80
N ALA E 177 41.56 21.85 33.82
CA ALA E 177 40.93 23.08 34.27
C ALA E 177 41.32 23.42 35.71
N ILE E 178 41.33 22.43 36.60
CA ILE E 178 41.64 22.69 38.00
C ILE E 178 43.10 23.11 38.15
N LEU E 179 44.01 22.40 37.48
CA LEU E 179 45.42 22.79 37.52
C LEU E 179 45.61 24.19 36.97
N HIS E 180 44.88 24.53 35.91
CA HIS E 180 45.05 25.86 35.31
C HIS E 180 44.47 26.94 36.21
N ILE E 181 43.36 26.66 36.89
CA ILE E 181 42.84 27.60 37.88
C ILE E 181 43.89 27.92 38.92
N LYS E 182 44.63 26.90 39.37
CA LYS E 182 45.66 27.13 40.38
C LYS E 182 46.85 27.88 39.80
N GLU E 183 47.30 27.52 38.58
CA GLU E 183 48.36 28.25 37.88
CA GLU E 183 48.41 28.26 38.01
C GLU E 183 48.03 29.73 37.78
N THR E 184 46.77 30.02 37.46
CA THR E 184 46.31 31.38 37.20
C THR E 184 46.43 32.28 38.42
N LYS E 185 46.49 31.71 39.63
CA LYS E 185 46.64 32.54 40.82
C LYS E 185 47.97 33.28 40.83
N TYR E 186 48.95 32.85 40.04
CA TYR E 186 50.29 33.43 40.12
C TYR E 186 50.53 34.49 39.04
N VAL E 187 49.49 34.84 38.28
CA VAL E 187 49.59 35.94 37.32
C VAL E 187 49.85 37.25 38.05
N VAL E 188 50.71 38.09 37.47
CA VAL E 188 50.97 39.43 37.97
C VAL E 188 50.89 40.39 36.80
N THR E 189 49.84 41.20 36.77
CA THR E 189 49.68 42.22 35.74
C THR E 189 50.87 43.18 35.72
N GLY E 190 51.41 43.43 34.53
CA GLY E 190 52.44 44.43 34.35
C GLY E 190 53.85 44.03 34.69
N LYS E 191 54.07 42.81 35.18
CA LYS E 191 55.40 42.38 35.60
C LYS E 191 56.09 41.66 34.44
N ASN E 192 57.27 42.15 34.06
CA ASN E 192 58.00 41.61 32.93
C ASN E 192 58.65 40.28 33.27
N PRO E 193 59.00 39.47 32.27
CA PRO E 193 59.57 38.16 32.55
C PRO E 193 60.91 38.26 33.28
N GLN E 194 61.21 37.21 34.04
CA GLN E 194 62.44 37.09 34.81
C GLN E 194 63.25 35.92 34.27
N GLU E 195 64.53 36.15 34.02
CA GLU E 195 65.40 35.09 33.57
C GLU E 195 65.65 34.10 34.71
N LEU E 196 65.66 32.81 34.38
CA LEU E 196 65.79 31.74 35.37
C LEU E 196 67.12 31.01 35.20
N ARG E 197 67.71 30.61 36.32
CA ARG E 197 68.84 29.70 36.34
C ARG E 197 68.33 28.29 36.63
N VAL E 198 68.73 27.33 35.82
CA VAL E 198 68.33 25.94 35.99
C VAL E 198 69.42 25.22 36.78
N ALA E 199 69.04 24.49 37.81
CA ALA E 199 70.00 23.74 38.62
C ALA E 199 70.74 22.71 37.76
N LEU E 200 71.99 22.45 38.11
CA LEU E 200 72.80 21.50 37.35
C LEU E 200 72.29 20.07 37.52
N ALA F 2 12.58 44.82 0.59
CA ALA F 2 12.24 43.48 0.13
C ALA F 2 11.63 42.69 1.27
N ARG F 3 10.81 41.71 0.92
CA ARG F 3 10.11 40.88 1.89
C ARG F 3 10.67 39.46 1.90
N VAL F 4 10.19 38.67 2.86
CA VAL F 4 10.56 37.26 2.93
C VAL F 4 10.27 36.56 1.61
N SER F 5 9.16 36.94 0.96
CA SER F 5 8.78 36.32 -0.31
C SER F 5 9.77 36.61 -1.44
N ASP F 6 10.61 37.64 -1.30
CA ASP F 6 11.64 37.92 -2.29
C ASP F 6 12.90 37.11 -2.08
N TYR F 7 12.94 36.28 -1.03
CA TYR F 7 14.10 35.50 -0.67
C TYR F 7 13.87 34.06 -1.07
N PRO F 8 14.92 33.36 -1.53
CA PRO F 8 16.29 33.84 -1.74
C PRO F 8 16.47 34.55 -3.08
N LEU F 9 17.35 35.56 -3.10
CA LEU F 9 17.56 36.34 -4.32
C LEU F 9 18.00 35.45 -5.47
N ALA F 10 18.90 34.50 -5.21
CA ALA F 10 19.40 33.63 -6.28
C ALA F 10 18.26 32.89 -6.98
N ASN F 11 17.22 32.52 -6.24
CA ASN F 11 16.13 31.74 -6.79
C ASN F 11 14.95 32.59 -7.23
N LYS F 12 14.82 33.80 -6.69
CA LYS F 12 13.68 34.67 -6.99
C LYS F 12 14.04 35.84 -7.88
N HIS F 13 15.16 36.50 -7.63
CA HIS F 13 15.54 37.73 -8.35
C HIS F 13 17.04 37.73 -8.61
N PRO F 14 17.54 36.78 -9.41
CA PRO F 14 19.00 36.76 -9.67
C PRO F 14 19.50 38.05 -10.25
N GLU F 15 18.67 38.77 -11.00
CA GLU F 15 19.08 40.02 -11.64
C GLU F 15 19.22 41.18 -10.68
N TRP F 16 18.69 41.07 -9.45
CA TRP F 16 18.94 42.09 -8.44
C TRP F 16 20.41 42.16 -8.04
N VAL F 17 21.20 41.12 -8.34
CA VAL F 17 22.52 40.94 -7.78
C VAL F 17 23.55 41.44 -8.78
N LYS F 18 24.27 42.50 -8.42
CA LYS F 18 25.42 42.98 -9.16
C LYS F 18 26.64 42.86 -8.26
N THR F 19 27.82 42.97 -8.86
CA THR F 19 29.05 42.98 -8.09
C THR F 19 29.62 44.39 -8.03
N ALA F 20 30.68 44.54 -7.23
CA ALA F 20 31.31 45.84 -7.04
C ALA F 20 31.75 46.46 -8.36
N THR F 21 31.95 45.63 -9.40
CA THR F 21 32.37 46.10 -10.71
C THR F 21 31.23 46.01 -11.73
N ASN F 22 29.99 45.99 -11.27
CA ASN F 22 28.79 45.97 -12.12
C ASN F 22 28.66 44.71 -12.95
N LYS F 23 29.34 43.63 -12.58
CA LYS F 23 29.07 42.34 -13.22
C LYS F 23 27.79 41.73 -12.62
N THR F 24 27.19 40.81 -13.36
CA THR F 24 25.99 40.11 -12.92
C THR F 24 26.33 38.66 -12.61
N LEU F 25 25.36 37.95 -12.03
CA LEU F 25 25.58 36.54 -11.71
C LEU F 25 25.85 35.73 -12.97
N ASP F 26 25.13 36.02 -14.05
CA ASP F 26 25.34 35.30 -15.31
C ASP F 26 26.71 35.56 -15.92
N ASP F 27 27.38 36.65 -15.53
CA ASP F 27 28.73 36.88 -16.03
C ASP F 27 29.74 35.87 -15.49
N PHE F 28 29.45 35.21 -14.37
CA PHE F 28 30.42 34.29 -13.76
C PHE F 28 30.17 32.90 -14.28
N THR F 29 30.79 32.60 -15.41
CA THR F 29 30.80 31.31 -16.06
C THR F 29 32.23 30.78 -16.07
N LEU F 30 32.37 29.48 -16.30
CA LEU F 30 33.71 28.92 -16.46
C LEU F 30 34.45 29.57 -17.62
N GLU F 31 33.75 29.80 -18.74
CA GLU F 31 34.39 30.45 -19.88
C GLU F 31 34.90 31.83 -19.50
N ASN F 32 34.12 32.60 -18.75
CA ASN F 32 34.57 33.95 -18.37
C ASN F 32 35.67 33.90 -17.32
N VAL F 33 35.66 32.89 -16.45
CA VAL F 33 36.76 32.72 -15.50
C VAL F 33 38.04 32.33 -16.24
N LEU F 34 37.93 31.39 -17.19
CA LEU F 34 39.13 30.91 -17.88
C LEU F 34 39.75 32.00 -18.74
N SER F 35 38.92 32.85 -19.35
CA SER F 35 39.41 33.93 -20.19
C SER F 35 39.79 35.17 -19.41
N ASN F 36 39.64 35.14 -18.08
CA ASN F 36 39.86 36.28 -17.20
C ASN F 36 38.94 37.45 -17.53
N LYS F 37 37.84 37.21 -18.24
CA LYS F 37 36.84 38.25 -18.42
C LYS F 37 36.26 38.69 -17.09
N VAL F 38 36.13 37.75 -16.14
CA VAL F 38 35.87 38.05 -14.74
C VAL F 38 37.04 37.50 -13.92
N THR F 39 37.38 38.21 -12.84
CA THR F 39 38.45 37.81 -11.94
C THR F 39 37.97 37.97 -10.51
N ALA F 40 38.85 37.63 -9.56
CA ALA F 40 38.50 37.71 -8.14
C ALA F 40 38.08 39.12 -7.75
N GLN F 41 38.70 40.14 -8.35
CA GLN F 41 38.29 41.52 -8.08
C GLN F 41 36.81 41.74 -8.38
N ASP F 42 36.29 41.07 -9.42
CA ASP F 42 34.88 41.20 -9.76
C ASP F 42 33.97 40.49 -8.76
N MET F 43 34.45 39.45 -8.09
CA MET F 43 33.60 38.55 -7.30
C MET F 43 33.48 39.01 -5.85
N ARG F 44 32.85 40.16 -5.65
CA ARG F 44 32.65 40.63 -4.28
C ARG F 44 31.26 41.24 -4.13
N ILE F 45 30.57 40.84 -3.04
CA ILE F 45 29.24 41.34 -2.74
C ILE F 45 29.25 42.86 -2.62
N THR F 46 28.13 43.49 -2.94
CA THR F 46 28.00 44.93 -2.90
C THR F 46 27.30 45.38 -1.63
N PRO F 47 27.45 46.66 -1.26
CA PRO F 47 26.62 47.19 -0.18
C PRO F 47 25.13 47.18 -0.50
N GLU F 48 24.77 47.34 -1.78
CA GLU F 48 23.36 47.30 -2.17
C GLU F 48 22.75 45.93 -1.88
N THR F 49 23.49 44.86 -2.19
CA THR F 49 22.99 43.52 -1.90
C THR F 49 22.85 43.30 -0.40
N LEU F 50 23.85 43.73 0.37
CA LEU F 50 23.78 43.57 1.82
C LEU F 50 22.62 44.37 2.40
N ARG F 51 22.33 45.55 1.85
CA ARG F 51 21.22 46.34 2.37
C ARG F 51 19.87 45.75 1.97
N LEU F 52 19.79 45.11 0.81
CA LEU F 52 18.58 44.35 0.47
C LEU F 52 18.37 43.19 1.43
N GLN F 53 19.45 42.49 1.80
CA GLN F 53 19.32 41.39 2.74
C GLN F 53 18.98 41.91 4.13
N ALA F 54 19.46 43.10 4.49
CA ALA F 54 19.07 43.70 5.76
C ALA F 54 17.57 43.98 5.79
N SER F 55 17.01 44.42 4.66
CA SER F 55 15.58 44.63 4.55
C SER F 55 14.82 43.33 4.76
N ILE F 56 15.33 42.23 4.20
CA ILE F 56 14.69 40.93 4.40
C ILE F 56 14.81 40.49 5.86
N ALA F 57 15.97 40.75 6.48
CA ALA F 57 16.16 40.39 7.88
C ALA F 57 15.17 41.14 8.78
N LYS F 58 14.97 42.43 8.53
CA LYS F 58 13.98 43.19 9.29
C LYS F 58 12.57 42.63 9.10
N ASP F 59 12.21 42.28 7.86
CA ASP F 59 10.90 41.71 7.62
C ASP F 59 10.72 40.38 8.35
N ALA F 60 11.83 39.67 8.59
CA ALA F 60 11.85 38.41 9.32
C ALA F 60 11.96 38.59 10.84
N GLY F 61 11.88 39.84 11.32
CA GLY F 61 11.95 40.10 12.75
C GLY F 61 13.34 40.07 13.35
N ARG F 62 14.38 40.31 12.55
CA ARG F 62 15.76 40.15 13.01
C ARG F 62 16.47 41.49 12.81
N ASP F 63 16.22 42.41 13.75
CA ASP F 63 16.72 43.78 13.61
C ASP F 63 18.22 43.83 13.83
N ARG F 64 18.74 43.01 14.74
CA ARG F 64 20.17 43.04 15.04
C ARG F 64 20.98 42.46 13.89
N LEU F 65 20.49 41.36 13.29
CA LEU F 65 21.11 40.83 12.09
C LEU F 65 21.16 41.88 10.99
N ALA F 66 20.08 42.65 10.83
CA ALA F 66 20.07 43.71 9.82
C ALA F 66 21.12 44.78 10.14
N MET F 67 21.30 45.08 11.43
CA MET F 67 22.33 46.04 11.83
C MET F 67 23.73 45.54 11.49
N ASN F 68 23.97 44.25 11.72
CA ASN F 68 25.21 43.63 11.27
C ASN F 68 25.39 43.81 9.76
N PHE F 69 24.32 43.56 8.98
CA PHE F 69 24.43 43.69 7.54
C PHE F 69 24.71 45.14 7.15
N GLU F 70 24.15 46.10 7.89
CA GLU F 70 24.42 47.51 7.61
C GLU F 70 25.87 47.86 7.90
N ARG F 71 26.44 47.33 8.98
CA ARG F 71 27.87 47.53 9.20
C ARG F 71 28.69 46.87 8.10
N ALA F 72 28.28 45.68 7.68
CA ALA F 72 29.00 44.99 6.60
C ALA F 72 28.93 45.79 5.31
N ALA F 73 27.76 46.37 5.02
CA ALA F 73 27.64 47.21 3.83
C ALA F 73 28.67 48.32 3.82
N GLU F 74 28.87 48.98 4.97
CA GLU F 74 29.89 50.02 5.07
C GLU F 74 31.27 49.46 4.81
N LEU F 75 31.54 48.26 5.31
CA LEU F 75 32.87 47.68 5.27
C LEU F 75 33.24 47.11 3.92
N THR F 76 32.29 46.98 2.98
CA THR F 76 32.66 46.53 1.65
C THR F 76 33.65 47.48 0.98
N ALA F 77 33.61 48.76 1.35
CA ALA F 77 34.50 49.76 0.76
C ALA F 77 35.93 49.68 1.30
N VAL F 78 36.15 48.99 2.40
CA VAL F 78 37.45 48.89 3.05
C VAL F 78 38.22 47.70 2.49
N PRO F 79 39.47 47.87 2.04
CA PRO F 79 40.21 46.74 1.45
C PRO F 79 40.50 45.64 2.47
N ASP F 80 40.76 44.45 1.92
CA ASP F 80 41.01 43.26 2.75
C ASP F 80 42.10 43.50 3.78
N ASP F 81 43.24 44.07 3.35
CA ASP F 81 44.33 44.25 4.30
CA ASP F 81 44.35 44.28 4.29
C ASP F 81 43.94 45.21 5.42
N ARG F 82 43.18 46.25 5.09
CA ARG F 82 42.76 47.23 6.09
C ARG F 82 41.73 46.64 7.05
N ILE F 83 40.83 45.81 6.54
CA ILE F 83 39.89 45.09 7.41
C ILE F 83 40.67 44.32 8.48
N LEU F 84 41.71 43.59 8.06
CA LEU F 84 42.51 42.83 9.01
C LEU F 84 43.24 43.74 10.00
N GLU F 85 43.73 44.90 9.52
CA GLU F 85 44.40 45.84 10.43
C GLU F 85 43.44 46.34 11.51
N ILE F 86 42.22 46.70 11.12
CA ILE F 86 41.28 47.25 12.09
C ILE F 86 40.83 46.17 13.07
N TYR F 87 40.58 44.96 12.57
CA TYR F 87 40.22 43.87 13.48
C TYR F 87 41.33 43.64 14.49
N ASN F 88 42.58 43.57 14.03
CA ASN F 88 43.72 43.36 14.93
CA ASN F 88 43.66 43.32 14.97
C ASN F 88 43.79 44.46 15.97
N ALA F 89 43.59 45.71 15.54
CA ALA F 89 43.75 46.85 16.45
C ALA F 89 42.72 46.83 17.57
N LEU F 90 41.59 46.16 17.37
CA LEU F 90 40.56 46.07 18.39
C LEU F 90 40.80 44.94 19.39
N ARG F 91 41.82 44.13 19.19
CA ARG F 91 42.08 43.05 20.10
C ARG F 91 42.82 43.58 21.33
N PRO F 92 42.78 42.85 22.45
CA PRO F 92 43.26 43.43 23.71
C PRO F 92 44.75 43.82 23.65
N TYR F 93 45.05 45.00 24.20
CA TYR F 93 46.39 45.53 24.40
C TYR F 93 47.14 45.84 23.10
N ARG F 94 46.43 45.94 21.97
CA ARG F 94 47.11 46.18 20.69
C ARG F 94 47.33 47.67 20.45
N SER F 95 46.37 48.50 20.86
CA SER F 95 46.27 49.87 20.39
C SER F 95 46.32 50.85 21.55
N THR F 96 46.85 52.04 21.25
CA THR F 96 46.64 53.22 22.07
C THR F 96 45.26 53.80 21.77
N LYS F 97 44.72 54.57 22.72
CA LYS F 97 43.43 55.20 22.47
C LYS F 97 43.48 56.08 21.23
N GLU F 98 44.57 56.81 21.06
CA GLU F 98 44.72 57.71 19.92
C GLU F 98 44.67 56.93 18.60
N GLU F 99 45.28 55.74 18.58
CA GLU F 99 45.24 54.90 17.38
C GLU F 99 43.83 54.45 17.06
N LEU F 100 43.04 54.13 18.08
CA LEU F 100 41.67 53.72 17.83
C LEU F 100 40.84 54.89 17.31
N LEU F 101 41.01 56.07 17.90
CA LEU F 101 40.29 57.24 17.39
C LEU F 101 40.69 57.57 15.96
N ALA F 102 41.97 57.36 15.60
CA ALA F 102 42.41 57.62 14.23
C ALA F 102 41.77 56.64 13.24
N ILE F 103 41.65 55.36 13.63
CA ILE F 103 40.95 54.39 12.80
C ILE F 103 39.50 54.81 12.59
N ALA F 104 38.85 55.28 13.65
CA ALA F 104 37.47 55.73 13.54
C ALA F 104 37.36 56.92 12.60
N ASP F 105 38.27 57.89 12.71
CA ASP F 105 38.26 59.03 11.79
C ASP F 105 38.49 58.58 10.35
N ASP F 106 39.37 57.60 10.16
CA ASP F 106 39.63 57.08 8.82
C ASP F 106 38.39 56.40 8.25
N LEU F 107 37.74 55.57 9.05
CA LEU F 107 36.50 54.92 8.61
C LEU F 107 35.48 55.96 8.16
N GLU F 108 35.30 57.02 8.94
CA GLU F 108 34.27 58.01 8.63
C GLU F 108 34.68 58.86 7.42
N SER F 109 35.86 59.48 7.47
CA SER F 109 36.18 60.50 6.47
C SER F 109 36.60 59.89 5.13
N ARG F 110 37.20 58.70 5.13
CA ARG F 110 37.64 58.12 3.87
C ARG F 110 36.60 57.19 3.27
N TYR F 111 35.99 56.32 4.07
CA TYR F 111 35.07 55.31 3.57
C TYR F 111 33.62 55.60 3.89
N GLN F 112 33.32 56.71 4.56
CA GLN F 112 31.96 57.04 4.99
C GLN F 112 31.31 55.90 5.77
N ALA F 113 32.14 55.14 6.50
CA ALA F 113 31.65 54.05 7.35
C ALA F 113 31.29 54.61 8.72
N LYS F 114 30.18 55.36 8.75
CA LYS F 114 29.82 56.14 9.92
C LYS F 114 29.48 55.25 11.11
N ILE F 115 28.69 54.19 10.88
CA ILE F 115 28.31 53.29 11.97
C ILE F 115 29.54 52.59 12.52
N CYS F 116 30.41 52.12 11.63
CA CYS F 116 31.61 51.42 12.07
C CYS F 116 32.56 52.36 12.81
N ALA F 117 32.65 53.62 12.36
CA ALA F 117 33.49 54.60 13.04
C ALA F 117 33.00 54.84 14.47
N ALA F 118 31.70 55.05 14.65
CA ALA F 118 31.15 55.20 16.00
C ALA F 118 31.42 53.96 16.85
N PHE F 119 31.31 52.78 16.24
CA PHE F 119 31.58 51.52 16.92
C PHE F 119 33.01 51.50 17.45
N VAL F 120 33.97 51.96 16.66
CA VAL F 120 35.37 51.97 17.09
C VAL F 120 35.61 53.04 18.15
N ARG F 121 35.00 54.22 18.00
CA ARG F 121 35.11 55.25 19.03
C ARG F 121 34.56 54.77 20.36
N GLU F 122 33.45 54.03 20.32
CA GLU F 122 32.88 53.46 21.53
C GLU F 122 33.84 52.48 22.19
N ALA F 123 34.42 51.59 21.39
CA ALA F 123 35.44 50.69 21.92
C ALA F 123 36.58 51.45 22.57
N ALA F 124 37.06 52.52 21.91
CA ALA F 124 38.15 53.31 22.46
C ALA F 124 37.83 53.79 23.87
N THR F 125 36.66 54.41 24.04
CA THR F 125 36.25 54.90 25.36
C THR F 125 36.23 53.77 26.38
N LEU F 126 35.62 52.64 26.02
CA LEU F 126 35.51 51.55 26.98
C LEU F 126 36.83 50.85 27.22
N TYR F 127 37.74 50.85 26.24
CA TYR F 127 39.04 50.22 26.46
C TYR F 127 39.87 50.99 27.46
N VAL F 128 39.67 52.32 27.54
CA VAL F 128 40.28 53.09 28.63
C VAL F 128 39.78 52.59 29.96
N GLU F 129 38.45 52.55 30.13
CA GLU F 129 37.86 52.21 31.43
C GLU F 129 38.20 50.78 31.84
N ARG F 130 38.16 49.84 30.91
CA ARG F 130 38.36 48.43 31.20
C ARG F 130 39.79 47.99 30.94
N LYS F 131 40.68 48.92 30.61
CA LYS F 131 42.13 48.70 30.61
C LYS F 131 42.52 47.60 29.63
N LYS F 132 42.13 47.79 28.37
CA LYS F 132 42.47 46.86 27.30
C LYS F 132 43.31 47.53 26.21
N LEU F 133 43.94 48.65 26.51
CA LEU F 133 44.79 49.36 25.58
C LEU F 133 46.24 48.88 25.69
N LYS F 134 47.04 49.24 24.69
CA LYS F 134 48.48 49.04 24.78
C LYS F 134 49.01 49.49 26.13
N GLY F 135 49.81 48.63 26.77
CA GLY F 135 50.43 48.95 28.04
C GLY F 135 49.62 48.60 29.27
N ASP F 136 48.42 48.04 29.08
CA ASP F 136 47.54 47.74 30.19
C ASP F 136 47.69 46.31 30.69
N ASP F 137 48.55 45.52 30.07
CA ASP F 137 48.71 44.12 30.44
C ASP F 137 49.82 43.93 31.46
N MET G 1 -53.99 -6.12 -38.52
CA MET G 1 -53.39 -6.01 -37.18
C MET G 1 -51.89 -6.28 -37.18
N ARG G 2 -51.17 -5.45 -36.44
CA ARG G 2 -49.74 -5.64 -36.24
C ARG G 2 -49.48 -6.43 -34.97
N SER G 3 -48.42 -7.24 -34.99
CA SER G 3 -47.92 -7.83 -33.76
C SER G 3 -47.24 -6.74 -32.92
N LYS G 4 -47.71 -6.59 -31.67
CA LYS G 4 -47.09 -5.61 -30.79
C LYS G 4 -45.66 -5.99 -30.44
N ARG G 5 -45.34 -7.28 -30.49
CA ARG G 5 -43.96 -7.74 -30.30
C ARG G 5 -43.05 -7.15 -31.37
N PHE G 6 -43.48 -7.23 -32.63
CA PHE G 6 -42.67 -6.70 -33.72
C PHE G 6 -42.69 -5.18 -33.76
N GLU G 7 -43.78 -4.56 -33.31
CA GLU G 7 -43.78 -3.10 -33.18
C GLU G 7 -42.75 -2.65 -32.14
N ALA G 8 -42.61 -3.41 -31.05
CA ALA G 8 -41.59 -3.10 -30.06
C ALA G 8 -40.20 -3.25 -30.65
N LEU G 9 -39.99 -4.34 -31.39
CA LEU G 9 -38.66 -4.59 -31.96
C LEU G 9 -38.31 -3.57 -33.04
N ALA G 10 -39.31 -3.07 -33.78
CA ALA G 10 -39.02 -2.12 -34.85
C ALA G 10 -38.50 -0.80 -34.31
N LYS G 11 -38.83 -0.46 -33.05
CA LYS G 11 -38.35 0.77 -32.47
C LYS G 11 -36.93 0.65 -31.91
N ARG G 12 -36.36 -0.56 -31.87
CA ARG G 12 -35.07 -0.75 -31.23
C ARG G 12 -33.96 -0.03 -32.00
N PRO G 13 -33.05 0.64 -31.28
CA PRO G 13 -31.95 1.35 -31.96
C PRO G 13 -31.19 0.54 -32.99
N VAL G 14 -30.97 -0.76 -32.75
CA VAL G 14 -30.16 -1.55 -33.67
C VAL G 14 -30.77 -1.56 -35.06
N ASN G 15 -32.09 -1.39 -35.16
CA ASN G 15 -32.71 -1.42 -36.47
C ASN G 15 -32.59 -0.10 -37.21
N GLN G 16 -31.90 0.88 -36.62
CA GLN G 16 -31.47 2.07 -37.33
CA GLN G 16 -31.47 2.07 -37.33
C GLN G 16 -30.10 1.91 -37.97
N ASP G 17 -29.38 0.83 -37.65
CA ASP G 17 -28.06 0.60 -38.20
C ASP G 17 -28.12 0.27 -39.68
N GLY G 18 -26.99 0.43 -40.36
CA GLY G 18 -26.90 0.10 -41.77
C GLY G 18 -26.35 -1.30 -42.03
N PHE G 19 -27.18 -2.18 -42.57
CA PHE G 19 -26.79 -3.54 -42.94
C PHE G 19 -26.98 -3.73 -44.43
N VAL G 20 -26.05 -4.43 -45.08
CA VAL G 20 -26.23 -4.79 -46.48
C VAL G 20 -25.86 -6.24 -46.69
N LYS G 21 -26.49 -6.86 -47.70
CA LYS G 21 -26.04 -8.15 -48.17
C LYS G 21 -24.71 -8.00 -48.90
N GLU G 22 -23.96 -9.09 -48.95
CA GLU G 22 -22.65 -9.07 -49.59
C GLU G 22 -22.75 -8.70 -51.06
N TRP G 23 -21.72 -7.98 -51.54
CA TRP G 23 -21.61 -7.53 -52.93
C TRP G 23 -20.13 -7.65 -53.27
N ILE G 24 -19.71 -8.84 -53.69
CA ILE G 24 -18.28 -9.14 -53.82
C ILE G 24 -17.64 -8.24 -54.86
N GLU G 25 -18.35 -7.96 -55.95
CA GLU G 25 -17.73 -7.23 -57.05
C GLU G 25 -17.34 -5.81 -56.67
N GLU G 26 -17.99 -5.21 -55.67
CA GLU G 26 -17.56 -3.91 -55.17
C GLU G 26 -16.88 -4.00 -53.81
N GLY G 27 -16.46 -5.19 -53.40
CA GLY G 27 -15.69 -5.31 -52.17
C GLY G 27 -16.51 -5.35 -50.90
N PHE G 28 -17.84 -5.42 -51.00
CA PHE G 28 -18.70 -5.50 -49.83
C PHE G 28 -18.77 -6.96 -49.36
N ILE G 29 -17.63 -7.44 -48.85
CA ILE G 29 -17.52 -8.75 -48.22
C ILE G 29 -16.35 -8.65 -47.26
N ALA G 30 -16.54 -9.05 -45.99
CA ALA G 30 -15.54 -8.73 -44.96
C ALA G 30 -14.30 -9.60 -45.10
N MET G 31 -14.49 -10.88 -45.37
CA MET G 31 -13.41 -11.85 -45.43
C MET G 31 -13.94 -13.10 -46.10
N GLU G 32 -13.04 -14.03 -46.38
CA GLU G 32 -13.41 -15.35 -46.89
C GLU G 32 -14.22 -15.22 -48.18
N SER G 33 -13.63 -14.46 -49.16
CA SER G 33 -14.27 -14.30 -50.45
C SER G 33 -13.76 -15.31 -51.46
N PRO G 34 -14.64 -15.89 -52.26
CA PRO G 34 -14.19 -16.81 -53.32
C PRO G 34 -13.41 -16.12 -54.42
N ASN G 35 -13.48 -14.80 -54.53
CA ASN G 35 -12.72 -14.05 -55.53
C ASN G 35 -11.36 -13.60 -55.05
N ASP G 36 -11.03 -13.76 -53.76
CA ASP G 36 -9.74 -13.32 -53.26
C ASP G 36 -8.64 -14.18 -53.86
N PRO G 37 -7.44 -13.63 -54.02
CA PRO G 37 -6.34 -14.45 -54.56
C PRO G 37 -5.94 -15.56 -53.59
N LYS G 38 -5.62 -16.71 -54.16
CA LYS G 38 -5.05 -17.81 -53.38
C LYS G 38 -3.61 -17.47 -53.03
N PRO G 39 -3.17 -17.82 -51.82
CA PRO G 39 -1.79 -17.51 -51.43
C PRO G 39 -0.78 -18.19 -52.36
N SER G 40 0.26 -17.45 -52.71
CA SER G 40 1.32 -17.99 -53.55
C SER G 40 2.50 -17.04 -53.51
N ILE G 41 3.67 -17.58 -53.80
CA ILE G 41 4.84 -16.75 -54.01
C ILE G 41 5.82 -17.55 -54.85
N LYS G 42 6.43 -16.86 -55.81
CA LYS G 42 7.51 -17.42 -56.60
C LYS G 42 8.67 -16.44 -56.53
N ILE G 43 9.87 -16.98 -56.39
CA ILE G 43 11.08 -16.18 -56.22
C ILE G 43 12.11 -16.68 -57.21
N VAL G 44 12.69 -15.76 -57.98
CA VAL G 44 13.78 -16.08 -58.89
C VAL G 44 14.91 -15.11 -58.56
N ASN G 45 16.08 -15.66 -58.24
CA ASN G 45 17.29 -14.87 -58.00
C ASN G 45 17.06 -13.82 -56.91
N GLY G 46 16.37 -14.21 -55.84
CA GLY G 46 16.17 -13.34 -54.71
C GLY G 46 15.13 -12.25 -54.90
N ALA G 47 14.34 -12.31 -55.97
CA ALA G 47 13.29 -11.33 -56.22
C ALA G 47 12.00 -12.06 -56.50
N VAL G 48 10.90 -11.48 -55.99
CA VAL G 48 9.59 -12.08 -56.19
C VAL G 48 9.16 -11.90 -57.64
N THR G 49 8.76 -13.01 -58.27
CA THR G 49 8.19 -12.98 -59.61
C THR G 49 6.69 -13.24 -59.61
N GLU G 50 6.14 -13.72 -58.50
CA GLU G 50 4.70 -13.94 -58.39
C GLU G 50 4.33 -13.74 -56.93
N LEU G 51 3.22 -13.04 -56.71
CA LEU G 51 2.76 -12.75 -55.35
C LEU G 51 1.25 -12.96 -55.34
N ASP G 52 0.81 -14.00 -54.62
CA ASP G 52 -0.62 -14.29 -54.46
C ASP G 52 -1.31 -14.34 -55.82
N GLY G 53 -0.72 -15.10 -56.74
CA GLY G 53 -1.27 -15.32 -58.05
C GLY G 53 -0.98 -14.27 -59.09
N LYS G 54 -0.40 -13.12 -58.70
CA LYS G 54 -0.15 -12.01 -59.60
C LYS G 54 1.28 -12.02 -60.09
N PRO G 55 1.52 -11.95 -61.39
CA PRO G 55 2.89 -11.88 -61.90
C PRO G 55 3.47 -10.49 -61.70
N VAL G 56 4.80 -10.45 -61.56
CA VAL G 56 5.50 -9.18 -61.29
C VAL G 56 5.23 -8.16 -62.39
N SER G 57 4.99 -8.61 -63.63
CA SER G 57 4.67 -7.68 -64.70
C SER G 57 3.40 -6.87 -64.42
N ASP G 58 2.51 -7.41 -63.59
CA ASP G 58 1.25 -6.74 -63.26
C ASP G 58 1.28 -6.04 -61.90
N PHE G 59 2.40 -6.10 -61.17
CA PHE G 59 2.45 -5.52 -59.84
C PHE G 59 2.07 -4.04 -59.90
N ASP G 60 1.20 -3.63 -58.98
CA ASP G 60 1.01 -2.22 -58.72
C ASP G 60 2.03 -1.77 -57.66
N LEU G 61 2.01 -0.49 -57.30
CA LEU G 61 3.01 0.01 -56.35
C LEU G 61 2.93 -0.70 -55.00
N ILE G 62 1.73 -1.13 -54.59
CA ILE G 62 1.60 -1.87 -53.34
C ILE G 62 2.28 -3.23 -53.45
N ASP G 63 2.03 -3.94 -54.54
CA ASP G 63 2.69 -5.23 -54.74
C ASP G 63 4.20 -5.06 -54.76
N HIS G 64 4.69 -4.06 -55.50
CA HIS G 64 6.13 -3.84 -55.57
C HIS G 64 6.72 -3.58 -54.19
N PHE G 65 6.04 -2.73 -53.40
CA PHE G 65 6.57 -2.35 -52.10
C PHE G 65 6.59 -3.55 -51.16
N ILE G 66 5.51 -4.33 -51.11
CA ILE G 66 5.47 -5.53 -50.29
C ILE G 66 6.49 -6.56 -50.75
N ALA G 67 6.57 -6.81 -52.06
CA ALA G 67 7.46 -7.87 -52.54
C ALA G 67 8.92 -7.53 -52.32
N ARG G 68 9.27 -6.25 -52.36
CA ARG G 68 10.66 -5.84 -52.21
C ARG G 68 11.07 -5.62 -50.75
N TYR G 69 10.13 -5.21 -49.91
CA TYR G 69 10.48 -4.77 -48.55
C TYR G 69 9.71 -5.46 -47.43
N GLY G 70 8.66 -6.21 -47.72
CA GLY G 70 7.76 -6.62 -46.66
C GLY G 70 7.71 -8.10 -46.31
N ILE G 71 8.47 -8.93 -47.02
CA ILE G 71 8.42 -10.38 -46.82
C ILE G 71 9.84 -10.92 -46.72
N ASN G 72 10.08 -11.78 -45.73
CA ASN G 72 11.37 -12.47 -45.61
C ASN G 72 11.45 -13.53 -46.70
N LEU G 73 12.14 -13.19 -47.79
CA LEU G 73 12.16 -14.07 -48.96
C LEU G 73 12.96 -15.34 -48.70
N ASN G 74 13.82 -15.36 -47.69
CA ASN G 74 14.60 -16.56 -47.43
C ASN G 74 13.77 -17.69 -46.84
N ARG G 75 12.57 -17.40 -46.35
CA ARG G 75 11.71 -18.43 -45.77
C ARG G 75 10.31 -18.44 -46.37
N ALA G 76 10.02 -17.55 -47.34
CA ALA G 76 8.65 -17.43 -47.84
C ALA G 76 8.15 -18.74 -48.46
N GLU G 77 9.00 -19.42 -49.22
CA GLU G 77 8.54 -20.68 -49.83
C GLU G 77 8.24 -21.73 -48.77
N GLU G 78 9.10 -21.84 -47.75
CA GLU G 78 8.88 -22.83 -46.70
C GLU G 78 7.59 -22.55 -45.94
N VAL G 79 7.34 -21.28 -45.61
CA VAL G 79 6.15 -20.95 -44.84
C VAL G 79 4.90 -21.11 -45.70
N MET G 80 4.99 -20.77 -46.98
CA MET G 80 3.84 -20.96 -47.88
C MET G 80 3.41 -22.41 -47.91
N ALA G 81 4.37 -23.34 -47.84
CA ALA G 81 4.08 -24.78 -47.87
C ALA G 81 3.48 -25.30 -46.57
N MET G 82 3.53 -24.53 -45.48
CA MET G 82 2.97 -24.95 -44.22
C MET G 82 1.44 -24.88 -44.27
N ASP G 83 0.81 -25.82 -43.57
CA ASP G 83 -0.65 -25.89 -43.50
C ASP G 83 -1.21 -24.69 -42.73
N SER G 84 -2.11 -23.94 -43.37
CA SER G 84 -2.67 -22.75 -42.72
C SER G 84 -3.49 -23.10 -41.49
N VAL G 85 -4.09 -24.29 -41.44
CA VAL G 85 -4.82 -24.68 -40.24
C VAL G 85 -3.86 -24.87 -39.07
N LYS G 86 -2.76 -25.59 -39.31
CA LYS G 86 -1.72 -25.75 -38.29
C LYS G 86 -1.18 -24.40 -37.84
N LEU G 87 -0.97 -23.47 -38.78
CA LEU G 87 -0.49 -22.15 -38.41
C LEU G 87 -1.50 -21.41 -37.53
N ALA G 88 -2.80 -21.55 -37.81
CA ALA G 88 -3.79 -20.88 -36.96
C ALA G 88 -3.80 -21.49 -35.57
N ASN G 89 -3.66 -22.81 -35.48
CA ASN G 89 -3.52 -23.48 -34.19
C ASN G 89 -2.33 -22.94 -33.41
N MET G 90 -1.19 -22.81 -34.07
CA MET G 90 0.00 -22.28 -33.40
C MET G 90 -0.24 -20.86 -32.88
N LEU G 91 -0.98 -20.06 -33.63
CA LEU G 91 -1.26 -18.68 -33.22
C LEU G 91 -1.94 -18.62 -31.86
N CYS G 92 -2.96 -19.47 -31.63
CA CYS G 92 -3.70 -19.41 -30.37
C CYS G 92 -3.19 -20.38 -29.31
N ASP G 93 -2.28 -21.29 -29.66
CA ASP G 93 -1.74 -22.24 -28.70
C ASP G 93 -0.92 -21.49 -27.66
N PRO G 94 -1.26 -21.54 -26.38
CA PRO G 94 -0.50 -20.76 -25.39
C PRO G 94 0.92 -21.25 -25.24
N ASN G 95 1.24 -22.44 -25.74
CA ASN G 95 2.56 -23.03 -25.55
C ASN G 95 3.45 -22.95 -26.78
N VAL G 96 3.03 -22.21 -27.80
CA VAL G 96 3.92 -21.84 -28.91
C VAL G 96 4.33 -20.39 -28.68
N LYS G 97 5.62 -20.17 -28.39
CA LYS G 97 6.08 -18.83 -28.02
C LYS G 97 5.79 -17.81 -29.11
N ARG G 98 5.51 -16.58 -28.68
CA ARG G 98 5.42 -15.46 -29.61
C ARG G 98 6.62 -15.42 -30.53
N SER G 99 7.80 -15.71 -30.01
CA SER G 99 9.03 -15.69 -30.79
C SER G 99 9.09 -16.79 -31.85
N GLU G 100 8.22 -17.80 -31.77
CA GLU G 100 8.13 -18.80 -32.83
C GLU G 100 7.22 -18.35 -33.96
N ILE G 101 6.26 -17.47 -33.64
CA ILE G 101 5.28 -17.05 -34.63
C ILE G 101 5.84 -15.98 -35.55
N VAL G 102 6.57 -15.01 -34.99
CA VAL G 102 7.05 -13.89 -35.79
C VAL G 102 7.90 -14.33 -36.96
N PRO G 103 8.82 -15.30 -36.84
CA PRO G 103 9.60 -15.72 -38.01
C PRO G 103 8.76 -16.41 -39.06
N LEU G 104 7.57 -16.87 -38.71
CA LEU G 104 6.67 -17.44 -39.71
C LEU G 104 5.85 -16.36 -40.39
N THR G 105 5.21 -15.47 -39.62
CA THR G 105 4.34 -14.48 -40.22
C THR G 105 5.13 -13.49 -41.08
N THR G 106 6.34 -13.13 -40.66
CA THR G 106 7.12 -12.19 -41.46
C THR G 106 7.60 -12.78 -42.76
N ALA G 107 7.37 -14.08 -42.99
CA ALA G 107 7.63 -14.71 -44.27
C ALA G 107 6.36 -15.05 -45.03
N MET G 108 5.19 -14.68 -44.52
CA MET G 108 3.93 -14.93 -45.22
C MET G 108 3.62 -13.82 -46.23
N THR G 109 2.77 -14.16 -47.20
CA THR G 109 2.21 -13.15 -48.09
C THR G 109 0.93 -12.60 -47.49
N PRO G 110 0.42 -11.47 -47.99
CA PRO G 110 -0.89 -11.00 -47.49
C PRO G 110 -1.98 -12.06 -47.57
N ALA G 111 -2.13 -12.75 -48.70
CA ALA G 111 -3.21 -13.73 -48.75
C ALA G 111 -2.95 -14.91 -47.82
N LYS G 112 -1.69 -15.27 -47.58
CA LYS G 112 -1.41 -16.42 -46.73
C LYS G 112 -1.83 -16.16 -45.29
N ILE G 113 -1.43 -15.02 -44.72
CA ILE G 113 -1.76 -14.73 -43.34
C ILE G 113 -3.27 -14.54 -43.17
N VAL G 114 -3.96 -14.04 -44.21
CA VAL G 114 -5.42 -13.93 -44.14
C VAL G 114 -6.05 -15.32 -44.13
N GLU G 115 -5.54 -16.23 -44.96
CA GLU G 115 -6.02 -17.61 -44.93
C GLU G 115 -5.82 -18.22 -43.55
N VAL G 116 -4.70 -17.91 -42.89
CA VAL G 116 -4.42 -18.46 -41.56
C VAL G 116 -5.47 -18.00 -40.55
N VAL G 117 -5.61 -16.68 -40.37
CA VAL G 117 -6.51 -16.21 -39.32
C VAL G 117 -7.97 -16.49 -39.66
N SER G 118 -8.31 -16.75 -40.93
CA SER G 118 -9.70 -17.02 -41.26
C SER G 118 -10.15 -18.40 -40.79
N HIS G 119 -9.22 -19.27 -40.38
CA HIS G 119 -9.60 -20.53 -39.78
C HIS G 119 -10.05 -20.38 -38.33
N MET G 120 -10.02 -19.18 -37.76
CA MET G 120 -10.22 -18.99 -36.33
C MET G 120 -11.58 -18.35 -36.04
N ASN G 121 -12.14 -18.71 -34.88
CA ASN G 121 -13.27 -17.97 -34.34
C ASN G 121 -12.75 -16.86 -33.41
N VAL G 122 -13.65 -16.01 -32.94
CA VAL G 122 -13.17 -14.84 -32.20
C VAL G 122 -12.55 -15.23 -30.86
N VAL G 123 -12.98 -16.34 -30.26
CA VAL G 123 -12.36 -16.78 -29.01
C VAL G 123 -10.90 -17.17 -29.25
N GLU G 124 -10.64 -17.89 -30.34
CA GLU G 124 -9.28 -18.26 -30.70
C GLU G 124 -8.47 -17.03 -31.05
N MET G 125 -9.08 -16.05 -31.73
CA MET G 125 -8.35 -14.85 -32.08
C MET G 125 -7.95 -14.07 -30.84
N MET G 126 -8.85 -13.96 -29.85
CA MET G 126 -8.51 -13.27 -28.61
C MET G 126 -7.44 -14.01 -27.84
N MET G 127 -7.53 -15.35 -27.79
CA MET G 127 -6.51 -16.18 -27.16
C MET G 127 -5.15 -15.93 -27.79
N ALA G 128 -5.09 -15.81 -29.11
CA ALA G 128 -3.86 -15.49 -29.79
C ALA G 128 -3.42 -14.04 -29.55
N MET G 129 -4.38 -13.10 -29.49
CA MET G 129 -3.98 -11.69 -29.35
C MET G 129 -3.26 -11.44 -28.03
N GLN G 130 -3.70 -12.10 -26.96
CA GLN G 130 -3.05 -11.86 -25.68
C GLN G 130 -1.59 -12.30 -25.70
N LYS G 131 -1.23 -13.20 -26.62
CA LYS G 131 0.14 -13.66 -26.80
C LYS G 131 0.90 -12.82 -27.82
N MET G 132 0.25 -12.38 -28.89
CA MET G 132 0.99 -11.70 -29.95
C MET G 132 1.13 -10.21 -29.70
N ARG G 133 0.29 -9.62 -28.85
CA ARG G 133 0.46 -8.22 -28.49
C ARG G 133 1.92 -7.92 -28.15
N ALA G 134 2.47 -6.88 -28.78
CA ALA G 134 3.90 -6.63 -28.67
C ALA G 134 4.28 -6.15 -27.27
N ARG G 135 3.56 -5.15 -26.74
CA ARG G 135 3.86 -4.71 -25.38
C ARG G 135 3.17 -5.60 -24.37
N ARG G 136 3.92 -6.03 -23.35
CA ARG G 136 3.31 -6.88 -22.32
C ARG G 136 2.16 -6.15 -21.63
N THR G 137 2.32 -4.85 -21.37
CA THR G 137 1.30 -4.07 -20.67
C THR G 137 0.34 -3.43 -21.67
N PRO G 138 -0.97 -3.66 -21.56
CA PRO G 138 -1.92 -2.95 -22.44
C PRO G 138 -2.04 -1.48 -22.05
N SER G 139 -2.47 -0.67 -23.03
CA SER G 139 -2.66 0.76 -22.81
C SER G 139 -3.94 1.22 -23.53
N GLN G 140 -4.11 2.53 -23.61
CA GLN G 140 -5.35 3.17 -24.06
C GLN G 140 -5.02 4.55 -24.65
N GLN G 141 -5.80 4.94 -25.67
CA GLN G 141 -5.66 6.23 -26.33
C GLN G 141 -7.03 6.92 -26.42
N ALA G 142 -7.05 8.24 -26.22
CA ALA G 142 -8.29 9.00 -26.23
C ALA G 142 -8.32 10.08 -27.30
N HIS G 143 -9.54 10.39 -27.76
CA HIS G 143 -9.85 11.59 -28.52
C HIS G 143 -10.12 12.76 -27.57
N VAL G 144 -9.56 13.93 -27.91
CA VAL G 144 -9.86 15.19 -27.23
C VAL G 144 -10.15 16.24 -28.30
N THR G 145 -11.44 16.51 -28.54
CA THR G 145 -11.89 17.42 -29.57
C THR G 145 -13.14 18.12 -29.07
N ASN G 146 -13.57 19.14 -29.82
CA ASN G 146 -14.93 19.68 -29.66
C ASN G 146 -15.31 20.40 -30.94
N VAL G 147 -16.63 20.61 -31.12
CA VAL G 147 -17.13 21.13 -32.40
C VAL G 147 -16.76 22.58 -32.65
N LYS G 148 -16.25 23.28 -31.64
CA LYS G 148 -15.84 24.66 -31.81
C LYS G 148 -14.34 24.83 -31.99
N ASP G 149 -13.58 23.74 -31.92
CA ASP G 149 -12.12 23.80 -31.82
C ASP G 149 -11.72 24.72 -30.66
N ASN G 150 -12.50 24.69 -29.58
CA ASN G 150 -12.22 25.56 -28.44
C ASN G 150 -10.96 25.09 -27.73
N PRO G 151 -9.88 25.88 -27.72
CA PRO G 151 -8.63 25.39 -27.12
C PRO G 151 -8.67 25.29 -25.61
N VAL G 152 -9.46 26.13 -24.94
CA VAL G 152 -9.52 26.03 -23.49
C VAL G 152 -10.17 24.71 -23.08
N GLN G 153 -11.22 24.32 -23.79
CA GLN G 153 -11.87 23.05 -23.48
C GLN G 153 -10.97 21.87 -23.81
N ILE G 154 -10.19 21.98 -24.89
CA ILE G 154 -9.29 20.88 -25.25
C ILE G 154 -8.27 20.66 -24.14
N ALA G 155 -7.68 21.74 -23.62
CA ALA G 155 -6.67 21.61 -22.57
C ALA G 155 -7.26 20.95 -21.33
N ALA G 156 -8.47 21.39 -20.92
CA ALA G 156 -9.14 20.80 -19.77
C ALA G 156 -9.50 19.33 -20.01
N ASP G 157 -10.16 19.03 -21.13
CA ASP G 157 -10.51 17.65 -21.42
C ASP G 157 -9.26 16.78 -21.53
N ALA G 158 -8.16 17.33 -22.04
CA ALA G 158 -6.94 16.51 -22.16
C ALA G 158 -6.34 16.21 -20.80
N ALA G 159 -6.45 17.16 -19.86
CA ALA G 159 -5.93 16.91 -18.52
C ALA G 159 -6.74 15.83 -17.82
N GLU G 160 -8.07 15.92 -17.90
CA GLU G 160 -8.90 14.86 -17.34
C GLU G 160 -8.59 13.50 -17.98
N GLY G 161 -8.49 13.45 -19.31
CA GLY G 161 -8.22 12.17 -19.96
C GLY G 161 -6.88 11.57 -19.53
N ALA G 162 -5.85 12.40 -19.45
CA ALA G 162 -4.56 11.92 -18.96
C ALA G 162 -4.69 11.42 -17.52
N TRP G 163 -5.47 12.12 -16.70
CA TRP G 163 -5.65 11.71 -15.32
C TRP G 163 -6.38 10.37 -15.21
N ARG G 164 -7.29 10.09 -16.15
CA ARG G 164 -8.05 8.84 -16.11
C ARG G 164 -7.24 7.64 -16.59
N GLY G 165 -6.10 7.86 -17.23
CA GLY G 165 -5.25 6.75 -17.56
C GLY G 165 -4.80 6.62 -19.00
N PHE G 166 -5.33 7.46 -19.91
CA PHE G 166 -4.91 7.38 -21.30
C PHE G 166 -3.43 7.75 -21.43
N ASP G 167 -2.69 6.95 -22.20
CA ASP G 167 -1.26 7.20 -22.36
C ASP G 167 -0.93 7.88 -23.68
N GLU G 168 -1.88 7.94 -24.61
CA GLU G 168 -1.81 8.75 -25.81
C GLU G 168 -3.13 9.50 -25.95
N GLN G 169 -3.09 10.73 -26.47
CA GLN G 169 -4.31 11.47 -26.75
C GLN G 169 -4.21 12.22 -28.09
N GLU G 170 -5.37 12.38 -28.73
CA GLU G 170 -5.43 12.78 -30.13
C GLU G 170 -6.47 13.86 -30.33
N THR G 171 -6.12 14.92 -31.05
CA THR G 171 -7.10 15.93 -31.45
C THR G 171 -7.16 16.01 -32.98
N THR G 172 -8.17 16.72 -33.46
CA THR G 172 -8.29 17.11 -34.85
C THR G 172 -9.18 18.35 -34.90
N VAL G 173 -9.52 18.80 -36.10
CA VAL G 173 -10.04 20.15 -36.30
C VAL G 173 -11.33 20.12 -37.09
N ALA G 174 -12.31 20.90 -36.63
CA ALA G 174 -13.44 21.23 -37.49
C ALA G 174 -13.03 22.22 -38.57
N VAL G 175 -12.25 23.23 -38.20
CA VAL G 175 -11.71 24.21 -39.14
C VAL G 175 -10.20 24.00 -39.18
N ALA G 176 -9.70 23.59 -40.34
CA ALA G 176 -8.30 23.16 -40.43
C ALA G 176 -7.32 24.23 -39.96
N ARG G 177 -7.62 25.51 -40.22
CA ARG G 177 -6.72 26.58 -39.82
C ARG G 177 -6.53 26.67 -38.29
N TYR G 178 -7.43 26.06 -37.50
CA TYR G 178 -7.30 26.09 -36.04
C TYR G 178 -6.19 25.19 -35.50
N ALA G 179 -5.64 24.31 -36.34
CA ALA G 179 -4.83 23.17 -35.89
C ALA G 179 -3.73 23.50 -34.90
N PRO G 180 -2.89 24.53 -35.11
CA PRO G 180 -1.81 24.76 -34.13
C PRO G 180 -2.33 25.00 -32.73
N PHE G 181 -3.49 25.65 -32.60
CA PHE G 181 -4.08 25.86 -31.27
C PHE G 181 -4.55 24.55 -30.66
N ASN G 182 -5.27 23.72 -31.44
CA ASN G 182 -5.71 22.43 -30.92
C ASN G 182 -4.53 21.63 -30.42
N ALA G 183 -3.45 21.58 -31.21
CA ALA G 183 -2.30 20.77 -30.83
C ALA G 183 -1.64 21.29 -29.57
N ILE G 184 -1.40 22.60 -29.49
CA ILE G 184 -0.75 23.16 -28.31
C ILE G 184 -1.63 22.97 -27.07
N ALA G 185 -2.94 23.20 -27.21
CA ALA G 185 -3.85 22.97 -26.09
C ALA G 185 -3.82 21.51 -25.63
N LEU G 186 -3.80 20.59 -26.59
CA LEU G 186 -3.76 19.17 -26.24
C LEU G 186 -2.47 18.80 -25.53
N LEU G 187 -1.33 19.34 -26.00
CA LEU G 187 -0.05 19.00 -25.40
C LEU G 187 0.03 19.54 -23.98
N VAL G 188 -0.31 20.82 -23.79
CA VAL G 188 -0.23 21.43 -22.46
C VAL G 188 -1.16 20.71 -21.49
N GLY G 189 -2.42 20.52 -21.90
CA GLY G 189 -3.37 19.86 -21.02
C GLY G 189 -2.96 18.44 -20.68
N SER G 190 -2.45 17.70 -21.67
CA SER G 190 -2.03 16.33 -21.39
C SER G 190 -0.88 16.30 -20.39
N GLN G 191 0.10 17.20 -20.54
CA GLN G 191 1.24 17.18 -19.62
C GLN G 191 0.83 17.59 -18.21
N VAL G 192 -0.20 18.43 -18.10
CA VAL G 192 -0.72 18.78 -16.77
C VAL G 192 -1.39 17.57 -16.13
N GLY G 193 -2.17 16.82 -16.92
CA GLY G 193 -2.88 15.68 -16.36
C GLY G 193 -1.94 14.54 -15.97
N ARG G 194 -0.99 14.23 -16.82
CA ARG G 194 0.04 13.25 -16.47
C ARG G 194 1.25 13.45 -17.37
N PRO G 195 2.34 13.98 -16.83
CA PRO G 195 3.56 14.16 -17.63
C PRO G 195 3.99 12.85 -18.28
N GLY G 196 4.18 12.90 -19.60
CA GLY G 196 4.55 11.73 -20.38
C GLY G 196 3.50 11.28 -21.36
N VAL G 197 2.24 11.72 -21.21
CA VAL G 197 1.23 11.40 -22.21
C VAL G 197 1.66 11.94 -23.57
N LEU G 198 1.53 11.11 -24.61
CA LEU G 198 1.92 11.52 -25.95
C LEU G 198 0.71 12.10 -26.68
N THR G 199 0.94 13.14 -27.48
CA THR G 199 -0.14 13.83 -28.18
C THR G 199 0.12 13.95 -29.68
N GLN G 200 -0.97 13.92 -30.44
CA GLN G 200 -0.97 14.00 -31.90
C GLN G 200 -2.12 14.88 -32.34
N CYS G 201 -1.98 15.51 -33.50
CA CYS G 201 -3.03 16.33 -34.12
C CYS G 201 -3.21 15.85 -35.55
N SER G 202 -4.35 15.22 -35.83
CA SER G 202 -4.55 14.51 -37.08
CA SER G 202 -4.57 14.50 -37.09
C SER G 202 -4.99 15.46 -38.20
N LEU G 203 -4.17 15.55 -39.25
CA LEU G 203 -4.36 16.54 -40.30
C LEU G 203 -3.95 15.94 -41.64
N GLU G 204 -4.13 16.74 -42.70
CA GLU G 204 -3.45 16.45 -43.97
C GLU G 204 -1.97 16.26 -43.71
N GLU G 205 -1.32 15.41 -44.53
CA GLU G 205 -0.03 14.85 -44.13
C GLU G 205 1.07 15.91 -44.07
N ALA G 206 1.18 16.77 -45.08
CA ALA G 206 2.24 17.77 -45.07
C ALA G 206 2.04 18.75 -43.93
N THR G 207 0.78 19.12 -43.69
CA THR G 207 0.43 19.98 -42.56
C THR G 207 0.84 19.36 -41.25
N GLU G 208 0.53 18.08 -41.06
CA GLU G 208 0.81 17.44 -39.77
C GLU G 208 2.32 17.30 -39.54
N LEU G 209 3.09 16.97 -40.58
CA LEU G 209 4.54 16.89 -40.41
C LEU G 209 5.14 18.23 -40.03
N LYS G 210 4.71 19.31 -40.69
CA LYS G 210 5.23 20.63 -40.36
C LYS G 210 4.91 20.99 -38.92
N LEU G 211 3.70 20.70 -38.48
CA LEU G 211 3.31 21.00 -37.11
C LEU G 211 4.15 20.21 -36.11
N GLY G 212 4.50 18.97 -36.46
CA GLY G 212 5.39 18.20 -35.60
C GLY G 212 6.82 18.73 -35.63
N MET G 213 7.28 19.17 -36.80
CA MET G 213 8.60 19.79 -36.91
C MET G 213 8.73 21.01 -36.00
N LEU G 214 7.64 21.75 -35.81
CA LEU G 214 7.64 22.93 -34.96
C LEU G 214 7.59 22.59 -33.47
N GLY G 215 7.33 21.33 -33.13
CA GLY G 215 7.37 20.89 -31.75
C GLY G 215 6.03 20.89 -31.02
N HIS G 216 4.92 21.02 -31.73
CA HIS G 216 3.62 21.15 -31.08
C HIS G 216 2.88 19.82 -31.02
N THR G 217 3.50 18.72 -31.44
CA THR G 217 3.00 17.37 -31.22
C THR G 217 4.14 16.50 -30.70
N CYS G 218 3.79 15.33 -30.17
CA CYS G 218 4.75 14.32 -29.70
C CYS G 218 4.88 13.15 -30.64
N TYR G 219 3.87 12.90 -31.44
CA TYR G 219 3.87 11.75 -32.33
C TYR G 219 2.80 11.97 -33.38
N ALA G 220 2.77 11.06 -34.34
CA ALA G 220 1.73 11.06 -35.36
C ALA G 220 1.25 9.64 -35.60
N GLU G 221 -0.06 9.49 -35.81
CA GLU G 221 -0.69 8.19 -36.00
C GLU G 221 -1.46 8.06 -37.30
N THR G 222 -2.15 9.12 -37.74
CA THR G 222 -3.07 9.01 -38.88
C THR G 222 -2.32 9.18 -40.20
N ILE G 223 -1.21 8.44 -40.27
CA ILE G 223 -0.32 8.44 -41.43
C ILE G 223 -0.82 7.31 -42.30
N SER G 224 -1.77 7.62 -43.19
CA SER G 224 -2.67 6.62 -43.73
C SER G 224 -2.05 5.86 -44.90
N VAL G 225 -2.30 4.56 -44.95
CA VAL G 225 -2.03 3.77 -46.14
C VAL G 225 -3.30 3.02 -46.52
N TYR G 226 -3.31 2.51 -47.75
CA TYR G 226 -4.52 2.01 -48.39
C TYR G 226 -4.18 0.77 -49.20
N GLY G 227 -5.18 -0.09 -49.39
CA GLY G 227 -4.96 -1.41 -49.94
C GLY G 227 -5.19 -1.59 -51.41
N THR G 228 -5.56 -0.55 -52.14
CA THR G 228 -5.57 -0.58 -53.60
C THR G 228 -4.90 0.68 -54.11
N GLU G 229 -4.29 0.56 -55.29
CA GLU G 229 -3.57 1.69 -55.85
C GLU G 229 -4.46 2.89 -56.16
N PRO G 230 -5.65 2.74 -56.76
CA PRO G 230 -6.45 3.96 -57.01
C PRO G 230 -6.84 4.66 -55.72
N VAL G 231 -7.13 3.91 -54.66
CA VAL G 231 -7.52 4.52 -53.39
C VAL G 231 -6.34 5.23 -52.74
N PHE G 232 -5.18 4.58 -52.72
CA PHE G 232 -3.94 5.19 -52.25
C PHE G 232 -3.71 6.52 -52.96
N THR G 233 -3.98 6.55 -54.27
CA THR G 233 -3.73 7.76 -55.06
C THR G 233 -4.70 8.88 -54.67
N ASP G 234 -5.99 8.58 -54.53
CA ASP G 234 -6.92 9.58 -54.00
C ASP G 234 -6.61 9.95 -52.56
N GLY G 235 -5.90 9.07 -51.85
CA GLY G 235 -5.31 9.40 -50.56
C GLY G 235 -4.11 10.31 -50.64
N ASP G 236 -3.70 10.67 -51.85
CA ASP G 236 -2.59 11.59 -52.15
C ASP G 236 -1.24 11.05 -51.66
N ASP G 237 -1.05 9.73 -51.77
CA ASP G 237 0.24 9.14 -51.44
C ASP G 237 0.50 7.90 -52.29
N THR G 238 1.74 7.42 -52.23
CA THR G 238 2.13 6.11 -52.71
C THR G 238 2.83 5.42 -51.55
N PRO G 239 3.12 4.12 -51.65
CA PRO G 239 3.92 3.49 -50.59
C PRO G 239 5.29 4.15 -50.42
N TRP G 240 5.86 4.70 -51.50
CA TRP G 240 7.16 5.35 -51.38
C TRP G 240 7.06 6.71 -50.71
N SER G 241 6.03 7.50 -51.02
CA SER G 241 5.87 8.77 -50.32
C SER G 241 5.57 8.53 -48.85
N LYS G 242 4.77 7.49 -48.55
CA LYS G 242 4.46 7.23 -47.14
C LYS G 242 5.66 6.62 -46.41
N GLY G 243 6.48 5.81 -47.08
CA GLY G 243 7.70 5.33 -46.44
C GLY G 243 8.69 6.44 -46.18
N PHE G 244 8.85 7.36 -47.15
CA PHE G 244 9.71 8.51 -46.93
C PHE G 244 9.20 9.35 -45.76
N LEU G 245 7.87 9.52 -45.68
CA LEU G 245 7.28 10.28 -44.58
C LEU G 245 7.58 9.65 -43.24
N ALA G 246 7.48 8.32 -43.16
CA ALA G 246 7.77 7.61 -41.92
C ALA G 246 9.18 7.88 -41.45
N SER G 247 10.15 7.73 -42.35
CA SER G 247 11.55 8.01 -42.00
C SER G 247 11.77 9.50 -41.74
N SER G 248 10.95 10.38 -42.33
CA SER G 248 11.08 11.80 -42.07
C SER G 248 10.69 12.14 -40.63
N TYR G 249 9.61 11.53 -40.13
CA TYR G 249 9.25 11.70 -38.73
C TYR G 249 10.35 11.17 -37.82
N ALA G 250 10.84 9.96 -38.10
CA ALA G 250 11.91 9.40 -37.29
C ALA G 250 13.16 10.27 -37.32
N SER G 251 13.44 10.94 -38.45
CA SER G 251 14.63 11.78 -38.55
C SER G 251 14.53 13.03 -37.69
N ARG G 252 13.32 13.38 -37.25
CA ARG G 252 13.07 14.46 -36.31
C ARG G 252 12.85 13.94 -34.89
N GLY G 253 13.13 12.65 -34.66
CA GLY G 253 12.97 12.07 -33.34
C GLY G 253 11.54 11.85 -32.91
N LEU G 254 10.60 11.80 -33.85
CA LEU G 254 9.17 11.75 -33.55
C LEU G 254 8.64 10.33 -33.75
N LYS G 255 8.05 9.77 -32.70
CA LYS G 255 7.34 8.50 -32.83
C LYS G 255 6.24 8.60 -33.88
N MET G 256 6.03 7.53 -34.65
CA MET G 256 4.84 7.51 -35.49
C MET G 256 4.40 6.08 -35.75
N ARG G 257 3.12 5.94 -36.13
CA ARG G 257 2.59 4.71 -36.68
C ARG G 257 1.82 5.06 -37.96
N PHE G 258 1.55 4.04 -38.77
CA PHE G 258 0.61 4.21 -39.87
C PHE G 258 -0.82 4.01 -39.35
N THR G 259 -1.79 4.38 -40.16
CA THR G 259 -3.19 3.98 -39.96
C THR G 259 -3.70 3.31 -41.22
N SER G 260 -4.42 2.21 -41.03
CA SER G 260 -5.21 1.63 -42.11
C SER G 260 -6.55 1.21 -41.54
N GLY G 261 -7.15 0.18 -42.10
CA GLY G 261 -8.40 -0.31 -41.58
C GLY G 261 -9.35 -0.83 -42.63
N SER G 262 -9.99 -1.97 -42.34
CA SER G 262 -10.89 -2.59 -43.30
C SER G 262 -11.97 -1.63 -43.76
N GLY G 263 -12.26 -1.67 -45.05
CA GLY G 263 -13.38 -0.96 -45.63
C GLY G 263 -13.04 0.37 -46.26
N SER G 264 -11.80 0.84 -46.14
CA SER G 264 -11.46 2.15 -46.69
C SER G 264 -11.57 2.14 -48.21
N GLU G 265 -11.19 1.02 -48.83
CA GLU G 265 -11.18 0.97 -50.29
C GLU G 265 -12.59 0.92 -50.85
N VAL G 266 -13.52 0.27 -50.14
CA VAL G 266 -14.94 0.34 -50.50
C VAL G 266 -15.44 1.78 -50.37
N GLN G 267 -15.19 2.40 -49.21
CA GLN G 267 -15.64 3.77 -48.98
C GLN G 267 -15.11 4.71 -50.05
N MET G 268 -13.89 4.50 -50.51
CA MET G 268 -13.27 5.39 -51.49
C MET G 268 -13.42 4.90 -52.93
N GLY G 269 -14.21 3.84 -53.15
CA GLY G 269 -14.76 3.56 -54.46
C GLY G 269 -14.01 2.60 -55.34
N TYR G 270 -12.90 2.01 -54.85
CA TYR G 270 -12.13 1.05 -55.68
C TYR G 270 -11.64 -0.11 -54.81
N ALA G 271 -12.49 -1.11 -54.58
CA ALA G 271 -12.05 -2.28 -53.83
C ALA G 271 -11.48 -3.38 -54.72
N GLU G 272 -11.53 -3.19 -56.04
CA GLU G 272 -10.94 -4.14 -56.99
C GLU G 272 -11.46 -5.56 -56.77
N GLY G 273 -12.72 -5.67 -56.34
CA GLY G 273 -13.38 -6.95 -56.17
C GLY G 273 -12.84 -7.82 -55.05
N LYS G 274 -12.06 -7.26 -54.13
CA LYS G 274 -11.42 -8.01 -53.06
C LYS G 274 -12.13 -7.83 -51.72
N SER G 275 -11.93 -8.80 -50.84
CA SER G 275 -12.49 -8.71 -49.50
C SER G 275 -11.79 -7.62 -48.70
N MET G 276 -12.49 -7.12 -47.68
CA MET G 276 -11.91 -6.07 -46.86
C MET G 276 -10.68 -6.56 -46.13
N LEU G 277 -10.71 -7.80 -45.66
CA LEU G 277 -9.59 -8.30 -44.87
C LEU G 277 -8.36 -8.54 -45.73
N TYR G 278 -8.53 -9.03 -46.96
CA TYR G 278 -7.38 -9.19 -47.84
C TYR G 278 -6.76 -7.83 -48.14
N LEU G 279 -7.58 -6.84 -48.48
CA LEU G 279 -7.04 -5.52 -48.77
C LEU G 279 -6.36 -4.92 -47.55
N GLU G 280 -6.91 -5.20 -46.35
CA GLU G 280 -6.31 -4.70 -45.13
C GLU G 280 -4.97 -5.38 -44.86
N ALA G 281 -4.86 -6.67 -45.17
CA ALA G 281 -3.56 -7.34 -45.03
C ALA G 281 -2.51 -6.68 -45.91
N ARG G 282 -2.87 -6.26 -47.13
CA ARG G 282 -1.92 -5.50 -47.93
C ARG G 282 -1.46 -4.26 -47.19
N CYS G 283 -2.40 -3.55 -46.54
CA CYS G 283 -2.03 -2.37 -45.75
C CYS G 283 -1.10 -2.74 -44.60
N ILE G 284 -1.33 -3.88 -43.97
CA ILE G 284 -0.48 -4.26 -42.84
C ILE G 284 0.94 -4.56 -43.30
N TYR G 285 1.07 -5.20 -44.46
CA TYR G 285 2.41 -5.49 -44.99
C TYR G 285 3.09 -4.26 -45.55
N ILE G 286 2.32 -3.29 -46.08
CA ILE G 286 2.91 -2.00 -46.43
C ILE G 286 3.56 -1.37 -45.21
N THR G 287 2.85 -1.41 -44.08
CA THR G 287 3.36 -0.86 -42.82
C THR G 287 4.64 -1.58 -42.39
N LYS G 288 4.60 -2.92 -42.38
CA LYS G 288 5.78 -3.69 -42.03
C LYS G 288 6.93 -3.36 -42.97
N ALA G 289 6.63 -3.31 -44.28
CA ALA G 289 7.65 -3.08 -45.30
C ALA G 289 8.32 -1.72 -45.16
N ALA G 290 7.55 -0.71 -44.74
CA ALA G 290 8.12 0.63 -44.56
C ALA G 290 9.03 0.73 -43.33
N GLY G 291 9.08 -0.32 -42.50
CA GLY G 291 9.84 -0.23 -41.26
C GLY G 291 9.15 0.60 -40.20
N VAL G 292 7.87 0.82 -40.35
CA VAL G 292 7.07 1.54 -39.36
C VAL G 292 6.79 0.63 -38.18
N GLN G 293 6.86 1.16 -36.95
CA GLN G 293 6.86 0.27 -35.80
C GLN G 293 5.46 -0.21 -35.43
N GLY G 294 4.42 0.52 -35.80
CA GLY G 294 3.09 0.13 -35.38
C GLY G 294 2.04 0.62 -36.34
N LEU G 295 0.79 0.31 -36.02
CA LEU G 295 -0.32 0.53 -36.93
C LEU G 295 -1.60 0.68 -36.13
N GLN G 296 -2.40 1.66 -36.51
CA GLN G 296 -3.78 1.78 -36.04
C GLN G 296 -4.68 1.12 -37.08
N ASN G 297 -5.38 0.05 -36.69
CA ASN G 297 -6.31 -0.58 -37.62
C ASN G 297 -7.41 -1.28 -36.82
N GLY G 298 -8.26 -2.03 -37.51
CA GLY G 298 -9.52 -2.48 -36.94
C GLY G 298 -10.66 -1.65 -37.49
N SER G 299 -10.63 -1.46 -38.82
CA SER G 299 -11.52 -0.62 -39.63
C SER G 299 -11.38 0.87 -39.37
N VAL G 300 -11.25 1.26 -38.10
CA VAL G 300 -11.12 2.66 -37.69
C VAL G 300 -12.31 3.46 -38.25
N SER G 301 -12.04 4.45 -39.09
CA SER G 301 -13.08 5.39 -39.52
C SER G 301 -14.06 4.80 -40.52
N CYS G 302 -13.78 3.63 -41.08
CA CYS G 302 -14.67 3.04 -42.07
C CYS G 302 -15.48 1.88 -41.50
N ILE G 303 -15.68 1.88 -40.18
CA ILE G 303 -16.29 0.75 -39.48
C ILE G 303 -17.71 0.47 -39.93
N GLY G 304 -18.38 1.45 -40.54
CA GLY G 304 -19.71 1.20 -41.10
C GLY G 304 -19.71 0.28 -42.30
N VAL G 305 -18.55 0.03 -42.89
CA VAL G 305 -18.43 -0.85 -44.06
C VAL G 305 -18.35 -2.30 -43.61
N PRO G 306 -17.34 -2.75 -42.85
CA PRO G 306 -17.37 -4.16 -42.42
C PRO G 306 -18.53 -4.48 -41.50
N SER G 307 -18.93 -3.56 -40.63
CA SER G 307 -20.05 -3.89 -39.75
C SER G 307 -21.35 -4.13 -40.51
N ALA G 308 -21.45 -3.62 -41.74
CA ALA G 308 -22.69 -3.80 -42.49
C ALA G 308 -22.88 -5.23 -42.97
N VAL G 309 -21.80 -5.98 -43.13
CA VAL G 309 -21.85 -7.29 -43.79
C VAL G 309 -21.56 -8.41 -42.78
N PRO G 310 -21.86 -9.66 -43.13
CA PRO G 310 -21.61 -10.76 -42.18
C PRO G 310 -20.15 -10.90 -41.79
N SER G 311 -19.91 -11.25 -40.53
CA SER G 311 -18.59 -11.53 -39.98
C SER G 311 -17.68 -10.31 -40.01
N GLY G 312 -18.26 -9.11 -40.07
CA GLY G 312 -17.43 -7.91 -40.19
C GLY G 312 -16.69 -7.56 -38.92
N ILE G 313 -17.35 -7.71 -37.76
CA ILE G 313 -16.69 -7.41 -36.50
C ILE G 313 -15.66 -8.49 -36.17
N ARG G 314 -15.89 -9.72 -36.62
CA ARG G 314 -14.86 -10.75 -36.52
C ARG G 314 -13.68 -10.43 -37.41
N ALA G 315 -13.94 -9.92 -38.63
CA ALA G 315 -12.87 -9.49 -39.51
C ALA G 315 -12.03 -8.38 -38.87
N VAL G 316 -12.67 -7.47 -38.14
CA VAL G 316 -11.98 -6.38 -37.48
C VAL G 316 -11.02 -6.91 -36.41
N LEU G 317 -11.45 -7.90 -35.63
CA LEU G 317 -10.52 -8.54 -34.71
C LEU G 317 -9.40 -9.25 -35.47
N ALA G 318 -9.75 -9.90 -36.59
CA ALA G 318 -8.74 -10.60 -37.39
C ALA G 318 -7.67 -9.65 -37.88
N GLU G 319 -8.04 -8.45 -38.33
CA GLU G 319 -7.00 -7.57 -38.86
C GLU G 319 -6.11 -7.03 -37.76
N ASN G 320 -6.66 -6.80 -36.56
CA ASN G 320 -5.82 -6.50 -35.40
C ASN G 320 -4.85 -7.65 -35.13
N LEU G 321 -5.35 -8.88 -35.14
CA LEU G 321 -4.49 -10.03 -34.85
C LEU G 321 -3.39 -10.16 -35.89
N ILE G 322 -3.70 -9.96 -37.17
CA ILE G 322 -2.65 -9.99 -38.20
C ILE G 322 -1.57 -8.96 -37.87
N CYS G 323 -1.99 -7.75 -37.50
CA CYS G 323 -1.06 -6.69 -37.13
C CYS G 323 -0.10 -7.13 -36.04
N SER G 324 -0.65 -7.58 -34.90
CA SER G 324 0.21 -7.99 -33.80
C SER G 324 1.04 -9.22 -34.14
N SER G 325 0.48 -10.13 -34.95
CA SER G 325 1.19 -11.36 -35.30
C SER G 325 2.39 -11.08 -36.19
N LEU G 326 2.36 -9.98 -36.94
CA LEU G 326 3.47 -9.50 -37.74
C LEU G 326 4.44 -8.64 -36.94
N ASP G 327 4.28 -8.61 -35.61
CA ASP G 327 5.20 -7.92 -34.69
C ASP G 327 5.18 -6.41 -34.92
N LEU G 328 3.98 -5.88 -35.14
CA LEU G 328 3.72 -4.46 -35.17
C LEU G 328 2.91 -4.11 -33.94
N GLU G 329 3.24 -2.99 -33.30
CA GLU G 329 2.34 -2.39 -32.34
C GLU G 329 0.95 -2.23 -32.97
N CYS G 330 -0.11 -2.49 -32.19
CA CYS G 330 -1.47 -2.40 -32.71
C CYS G 330 -2.28 -1.46 -31.83
N ALA G 331 -2.68 -0.33 -32.41
CA ALA G 331 -3.63 0.57 -31.77
C ALA G 331 -5.00 0.19 -32.34
N SER G 332 -5.79 -0.55 -31.57
CA SER G 332 -6.85 -1.39 -32.15
C SER G 332 -8.23 -0.71 -32.18
N SER G 333 -8.30 0.48 -32.76
CA SER G 333 -9.57 1.13 -33.12
C SER G 333 -10.49 1.24 -31.92
N ASN G 334 -11.72 0.71 -31.95
CA ASN G 334 -12.70 1.00 -30.91
C ASN G 334 -12.80 2.51 -30.69
N ASP G 335 -12.77 3.23 -31.79
CA ASP G 335 -12.63 4.68 -31.76
C ASP G 335 -13.67 5.39 -32.61
N GLN G 336 -14.61 4.63 -33.20
CA GLN G 336 -15.49 5.19 -34.22
C GLN G 336 -16.88 4.54 -34.13
N THR G 337 -17.91 5.37 -34.27
CA THR G 337 -19.27 4.88 -34.16
C THR G 337 -19.67 4.03 -35.35
N PHE G 338 -20.34 2.92 -35.08
CA PHE G 338 -20.98 2.15 -36.14
C PHE G 338 -22.39 1.71 -35.81
N THR G 339 -22.88 1.93 -34.60
CA THR G 339 -24.18 1.38 -34.23
C THR G 339 -24.90 2.32 -33.27
N HIS G 340 -26.24 2.29 -33.35
CA HIS G 340 -27.10 2.94 -32.37
C HIS G 340 -27.26 2.13 -31.10
N SER G 341 -26.79 0.88 -31.07
CA SER G 341 -27.07 -0.07 -30.01
C SER G 341 -25.91 -0.19 -29.02
N ASP G 342 -26.22 -0.01 -27.73
CA ASP G 342 -25.20 -0.23 -26.69
C ASP G 342 -24.74 -1.69 -26.66
N MET G 343 -25.68 -2.63 -26.79
CA MET G 343 -25.30 -4.04 -26.85
CA MET G 343 -25.28 -4.03 -26.83
C MET G 343 -24.31 -4.30 -27.97
N ARG G 344 -24.62 -3.80 -29.16
CA ARG G 344 -23.80 -4.09 -30.32
C ARG G 344 -22.40 -3.50 -30.19
N ARG G 345 -22.29 -2.26 -29.72
CA ARG G 345 -20.96 -1.64 -29.64
C ARG G 345 -20.12 -2.23 -28.53
N THR G 346 -20.77 -2.75 -27.48
CA THR G 346 -20.03 -3.42 -26.42
C THR G 346 -19.44 -4.73 -26.92
N ALA G 347 -20.20 -5.51 -27.69
CA ALA G 347 -19.66 -6.73 -28.29
C ALA G 347 -18.43 -6.42 -29.13
N ARG G 348 -18.47 -5.32 -29.88
CA ARG G 348 -17.37 -4.97 -30.78
C ARG G 348 -16.13 -4.56 -29.99
N LEU G 349 -16.33 -3.89 -28.86
CA LEU G 349 -15.20 -3.44 -28.03
C LEU G 349 -14.52 -4.60 -27.32
N LEU G 350 -15.30 -5.58 -26.87
CA LEU G 350 -14.74 -6.62 -26.01
C LEU G 350 -13.74 -7.49 -26.75
N MET G 351 -13.81 -7.54 -28.09
CA MET G 351 -12.88 -8.35 -28.86
C MET G 351 -11.42 -7.98 -28.57
N GLN G 352 -11.16 -6.69 -28.35
CA GLN G 352 -9.84 -6.17 -28.04
C GLN G 352 -9.63 -5.95 -26.55
N PHE G 353 -10.68 -5.50 -25.87
CA PHE G 353 -10.59 -5.20 -24.43
C PHE G 353 -10.23 -6.46 -23.64
N LEU G 354 -10.85 -7.59 -23.97
CA LEU G 354 -10.64 -8.79 -23.16
C LEU G 354 -9.20 -9.31 -23.23
N PRO G 355 -8.60 -9.49 -24.43
CA PRO G 355 -7.20 -9.96 -24.44
C PRO G 355 -6.17 -8.88 -24.12
N GLY G 356 -6.51 -7.63 -24.42
CA GLY G 356 -5.56 -6.54 -24.37
C GLY G 356 -4.79 -6.37 -25.65
N THR G 357 -4.63 -5.12 -26.09
CA THR G 357 -3.79 -4.77 -27.21
C THR G 357 -2.90 -3.61 -26.78
N ASP G 358 -2.00 -3.18 -27.65
CA ASP G 358 -1.11 -2.10 -27.25
C ASP G 358 -1.90 -0.85 -26.88
N PHE G 359 -2.96 -0.55 -27.63
CA PHE G 359 -3.95 0.46 -27.25
C PHE G 359 -5.32 -0.15 -27.52
N ILE G 360 -6.01 -0.52 -26.42
CA ILE G 360 -7.27 -1.26 -26.53
C ILE G 360 -8.23 -0.50 -27.41
N SER G 361 -8.38 0.79 -27.14
CA SER G 361 -8.98 1.74 -28.07
CA SER G 361 -8.96 1.71 -28.09
C SER G 361 -7.88 2.66 -28.56
N SER G 362 -7.90 2.96 -29.84
CA SER G 362 -7.06 4.02 -30.40
C SER G 362 -7.89 5.28 -30.60
N GLY G 363 -8.64 5.66 -29.56
CA GLY G 363 -9.50 6.82 -29.67
C GLY G 363 -10.84 6.70 -28.96
N TYR G 364 -10.81 6.24 -27.71
CA TYR G 364 -11.93 6.42 -26.79
C TYR G 364 -12.20 7.91 -26.69
N SER G 365 -13.47 8.31 -26.84
CA SER G 365 -13.75 9.76 -26.83
C SER G 365 -13.73 10.24 -25.39
N ALA G 366 -12.76 11.08 -25.04
CA ALA G 366 -12.74 11.68 -23.71
C ALA G 366 -13.66 12.88 -23.61
N VAL G 367 -14.49 13.11 -24.62
CA VAL G 367 -15.56 14.10 -24.61
C VAL G 367 -16.86 13.40 -24.97
N PRO G 368 -18.00 14.01 -24.65
CA PRO G 368 -19.26 13.46 -25.16
C PRO G 368 -19.23 13.42 -26.68
N ASN G 369 -19.91 12.42 -27.26
CA ASN G 369 -19.75 12.19 -28.70
C ASN G 369 -20.25 13.35 -29.54
N TYR G 370 -21.16 14.20 -29.02
CA TYR G 370 -21.55 15.34 -29.83
C TYR G 370 -20.36 16.25 -30.14
N ASP G 371 -19.32 16.21 -29.32
CA ASP G 371 -18.10 17.00 -29.50
C ASP G 371 -17.01 16.24 -30.23
N ASN G 372 -17.24 14.99 -30.60
CA ASN G 372 -16.18 14.16 -31.17
C ASN G 372 -16.01 14.50 -32.65
N MET G 373 -14.87 15.11 -32.99
CA MET G 373 -14.67 15.58 -34.35
C MET G 373 -14.14 14.50 -35.27
N PHE G 374 -14.07 13.25 -34.80
CA PHE G 374 -13.97 12.10 -35.69
C PHE G 374 -15.35 11.47 -35.92
N ALA G 375 -16.41 12.27 -35.76
CA ALA G 375 -17.80 11.88 -36.00
C ALA G 375 -18.28 10.80 -35.03
N GLY G 376 -17.75 10.79 -33.82
CA GLY G 376 -18.23 9.87 -32.81
C GLY G 376 -17.33 8.67 -32.62
N SER G 377 -17.10 8.29 -31.37
CA SER G 377 -16.32 7.11 -31.01
C SER G 377 -17.23 5.99 -30.49
N ASN G 378 -16.69 4.76 -30.55
CA ASN G 378 -17.40 3.60 -30.03
C ASN G 378 -17.62 3.67 -28.51
N GLU G 379 -16.82 4.45 -27.80
CA GLU G 379 -17.07 4.79 -26.40
C GLU G 379 -16.91 6.30 -26.27
N ASP G 380 -17.60 6.91 -25.31
CA ASP G 380 -17.35 8.32 -25.06
C ASP G 380 -17.33 8.61 -23.56
N ALA G 381 -17.23 9.89 -23.23
CA ALA G 381 -17.07 10.30 -21.84
C ALA G 381 -18.19 9.79 -20.95
N GLU G 382 -19.40 9.65 -21.48
CA GLU G 382 -20.51 9.22 -20.63
C GLU G 382 -20.46 7.73 -20.31
N ASP G 383 -19.57 6.98 -20.96
CA ASP G 383 -19.34 5.56 -20.71
C ASP G 383 -18.26 5.29 -19.66
N PHE G 384 -17.60 6.33 -19.12
CA PHE G 384 -16.44 6.12 -18.25
C PHE G 384 -16.77 5.22 -17.05
N ASP G 385 -17.94 5.40 -16.45
CA ASP G 385 -18.28 4.60 -15.27
C ASP G 385 -18.56 3.15 -15.66
N ASP G 386 -19.21 2.93 -16.82
CA ASP G 386 -19.44 1.57 -17.30
C ASP G 386 -18.12 0.87 -17.58
N TYR G 387 -17.17 1.58 -18.20
CA TYR G 387 -15.88 0.99 -18.53
C TYR G 387 -15.16 0.54 -17.27
N ASN G 388 -15.19 1.36 -16.22
CA ASN G 388 -14.54 0.96 -14.98
C ASN G 388 -15.25 -0.21 -14.32
N VAL G 389 -16.59 -0.23 -14.37
CA VAL G 389 -17.33 -1.34 -13.78
C VAL G 389 -16.97 -2.66 -14.46
N ILE G 390 -16.84 -2.66 -15.78
CA ILE G 390 -16.56 -3.91 -16.49
C ILE G 390 -15.14 -4.40 -16.19
N GLN G 391 -14.18 -3.47 -16.11
CA GLN G 391 -12.83 -3.84 -15.63
C GLN G 391 -12.91 -4.59 -14.31
N ARG G 392 -13.71 -4.08 -13.38
CA ARG G 392 -13.81 -4.70 -12.06
C ARG G 392 -14.59 -6.01 -12.12
N ASP G 393 -15.64 -6.07 -12.97
CA ASP G 393 -16.44 -7.29 -13.09
C ASP G 393 -15.60 -8.47 -13.56
N LEU G 394 -14.71 -8.22 -14.53
CA LEU G 394 -14.04 -9.26 -15.27
C LEU G 394 -12.60 -9.43 -14.87
N LYS G 395 -12.10 -8.57 -13.98
CA LYS G 395 -10.69 -8.51 -13.62
C LYS G 395 -9.83 -8.39 -14.89
N VAL G 396 -10.17 -7.38 -15.69
CA VAL G 396 -9.44 -7.06 -16.92
C VAL G 396 -8.92 -5.63 -16.82
N ASP G 397 -7.62 -5.46 -17.08
CA ASP G 397 -7.01 -4.13 -17.14
C ASP G 397 -7.32 -3.52 -18.50
N GLY G 398 -8.28 -2.61 -18.53
CA GLY G 398 -8.62 -1.86 -19.71
C GLY G 398 -7.90 -0.53 -19.81
N GLY G 399 -6.92 -0.29 -18.95
CA GLY G 399 -6.05 0.86 -19.08
C GLY G 399 -6.51 2.13 -18.39
N LEU G 400 -7.73 2.16 -17.84
CA LEU G 400 -8.29 3.35 -17.22
C LEU G 400 -8.56 3.09 -15.74
N ARG G 401 -8.97 4.14 -15.02
CA ARG G 401 -9.16 4.02 -13.59
C ARG G 401 -10.30 4.91 -13.12
N PRO G 402 -10.99 4.54 -12.04
CA PRO G 402 -11.89 5.51 -11.38
C PRO G 402 -11.08 6.69 -10.84
N VAL G 403 -11.72 7.87 -10.88
CA VAL G 403 -11.08 9.11 -10.46
C VAL G 403 -12.08 9.89 -9.62
N ARG G 404 -11.55 10.80 -8.78
CA ARG G 404 -12.36 11.62 -7.89
C ARG G 404 -12.71 12.95 -8.56
N GLU G 405 -13.95 13.40 -8.35
CA GLU G 405 -14.38 14.66 -8.95
C GLU G 405 -13.48 15.83 -8.54
N GLU G 406 -13.08 15.89 -7.26
CA GLU G 406 -12.27 17.01 -6.83
C GLU G 406 -10.90 17.00 -7.47
N ASP G 407 -10.36 15.81 -7.79
CA ASP G 407 -9.07 15.73 -8.48
C ASP G 407 -9.19 16.17 -9.93
N VAL G 408 -10.27 15.76 -10.60
CA VAL G 408 -10.47 16.14 -11.99
C VAL G 408 -10.71 17.63 -12.10
N ILE G 409 -11.51 18.20 -11.19
CA ILE G 409 -11.74 19.63 -11.20
C ILE G 409 -10.43 20.39 -11.07
N ALA G 410 -9.60 20.01 -10.10
CA ALA G 410 -8.33 20.70 -9.90
C ALA G 410 -7.43 20.55 -11.12
N ILE G 411 -7.44 19.38 -11.76
CA ILE G 411 -6.53 19.15 -12.87
C ILE G 411 -7.01 19.87 -14.13
N ARG G 412 -8.33 19.89 -14.38
CA ARG G 412 -8.85 20.68 -15.49
C ARG G 412 -8.61 22.17 -15.27
N ASN G 413 -8.76 22.63 -14.03
CA ASN G 413 -8.55 24.05 -13.75
C ASN G 413 -7.10 24.44 -13.98
N LYS G 414 -6.17 23.60 -13.51
CA LYS G 414 -4.75 23.89 -13.72
C LYS G 414 -4.41 23.90 -15.20
N ALA G 415 -4.97 22.97 -15.98
CA ALA G 415 -4.70 22.92 -17.41
C ALA G 415 -5.20 24.18 -18.11
N ALA G 416 -6.41 24.64 -17.77
CA ALA G 416 -6.94 25.86 -18.38
C ALA G 416 -6.11 27.07 -17.97
N ARG G 417 -5.66 27.13 -16.72
CA ARG G 417 -4.83 28.24 -16.30
C ARG G 417 -3.46 28.19 -16.98
N ALA G 418 -2.90 26.99 -17.13
CA ALA G 418 -1.63 26.85 -17.83
C ALA G 418 -1.74 27.35 -19.26
N LEU G 419 -2.81 26.95 -19.96
CA LEU G 419 -2.99 27.40 -21.34
C LEU G 419 -3.25 28.91 -21.41
N GLN G 420 -3.99 29.44 -20.43
CA GLN G 420 -4.17 30.88 -20.36
C GLN G 420 -2.82 31.60 -20.27
N ALA G 421 -1.88 31.03 -19.51
CA ALA G 421 -0.55 31.61 -19.41
C ALA G 421 0.23 31.48 -20.72
N VAL G 422 0.07 30.35 -21.42
CA VAL G 422 0.72 30.20 -22.73
C VAL G 422 0.22 31.26 -23.69
N PHE G 423 -1.11 31.43 -23.78
CA PHE G 423 -1.69 32.39 -24.69
C PHE G 423 -1.24 33.81 -24.36
N ALA G 424 -1.19 34.16 -23.07
CA ALA G 424 -0.72 35.48 -22.68
C ALA G 424 0.76 35.66 -23.01
N GLY G 425 1.57 34.65 -22.71
CA GLY G 425 3.00 34.72 -23.00
C GLY G 425 3.31 34.83 -24.48
N MET G 426 2.49 34.21 -25.33
CA MET G 426 2.75 34.18 -26.76
C MET G 426 1.99 35.25 -27.54
N GLY G 427 1.22 36.10 -26.86
CA GLY G 427 0.49 37.15 -27.54
C GLY G 427 -0.64 36.64 -28.40
N LEU G 428 -1.31 35.57 -27.98
CA LEU G 428 -2.47 34.96 -28.63
C LEU G 428 -3.74 35.55 -28.05
N PRO G 429 -4.89 35.36 -28.72
CA PRO G 429 -6.13 35.99 -28.22
C PRO G 429 -6.46 35.50 -26.82
N PRO G 430 -6.81 36.42 -25.93
CA PRO G 430 -6.87 36.08 -24.50
C PRO G 430 -7.81 34.93 -24.17
N ILE G 431 -7.42 34.16 -23.16
CA ILE G 431 -8.29 33.20 -22.50
C ILE G 431 -8.72 33.87 -21.20
N THR G 432 -10.02 34.14 -21.07
CA THR G 432 -10.49 34.90 -19.91
C THR G 432 -10.63 33.98 -18.69
N ASP G 433 -10.72 34.61 -17.51
CA ASP G 433 -10.95 33.83 -16.29
C ASP G 433 -12.29 33.11 -16.34
N GLU G 434 -13.30 33.73 -16.96
CA GLU G 434 -14.58 33.07 -17.15
C GLU G 434 -14.45 31.80 -17.98
N GLU G 435 -13.58 31.82 -19.00
CA GLU G 435 -13.36 30.62 -19.80
C GLU G 435 -12.63 29.55 -19.00
N VAL G 436 -11.66 29.95 -18.18
CA VAL G 436 -10.99 28.99 -17.30
C VAL G 436 -12.00 28.27 -16.43
N GLU G 437 -12.88 29.05 -15.77
CA GLU G 437 -13.91 28.46 -14.92
C GLU G 437 -14.83 27.53 -15.70
N ALA G 438 -15.29 27.97 -16.86
CA ALA G 438 -16.17 27.13 -17.67
C ALA G 438 -15.49 25.82 -18.06
N ALA G 439 -14.24 25.92 -18.53
CA ALA G 439 -13.51 24.70 -18.90
C ALA G 439 -13.33 23.77 -17.71
N THR G 440 -13.21 24.32 -16.50
CA THR G 440 -13.03 23.49 -15.32
C THR G 440 -14.22 22.56 -15.12
N TYR G 441 -15.44 23.09 -15.25
CA TYR G 441 -16.65 22.36 -14.89
C TYR G 441 -17.44 21.86 -16.10
N ALA G 442 -16.90 21.98 -17.31
CA ALA G 442 -17.67 21.65 -18.51
C ALA G 442 -17.78 20.15 -18.71
N HIS G 443 -18.91 19.74 -19.30
CA HIS G 443 -19.03 18.42 -19.91
C HIS G 443 -18.60 18.45 -21.37
N GLY G 444 -19.01 19.48 -22.10
CA GLY G 444 -18.61 19.67 -23.47
C GLY G 444 -18.75 21.11 -23.87
N SER G 445 -18.68 21.35 -25.18
CA SER G 445 -18.68 22.72 -25.69
C SER G 445 -20.02 23.43 -25.50
N LYS G 446 -21.09 22.67 -25.21
CA LYS G 446 -22.36 23.31 -24.84
C LYS G 446 -22.20 24.15 -23.57
N ASP G 447 -21.16 23.88 -22.78
CA ASP G 447 -20.92 24.54 -21.50
C ASP G 447 -19.86 25.61 -21.60
N MET G 448 -19.36 25.89 -22.81
CA MET G 448 -18.28 26.85 -22.99
C MET G 448 -18.79 28.16 -23.59
N PRO G 449 -18.24 29.29 -23.16
CA PRO G 449 -18.51 30.55 -23.87
C PRO G 449 -17.96 30.51 -25.28
N GLU G 450 -18.61 31.26 -26.17
CA GLU G 450 -18.12 31.36 -27.54
C GLU G 450 -16.83 32.14 -27.59
N ARG G 451 -15.89 31.68 -28.42
CA ARG G 451 -14.70 32.46 -28.72
C ARG G 451 -14.84 33.14 -30.08
N ASN G 452 -14.05 34.19 -30.26
CA ASN G 452 -13.91 34.83 -31.57
C ASN G 452 -13.07 33.89 -32.44
N ILE G 453 -13.74 33.12 -33.28
CA ILE G 453 -13.07 32.08 -34.06
C ILE G 453 -12.18 32.70 -35.14
N VAL G 454 -12.65 33.78 -35.77
CA VAL G 454 -11.85 34.44 -36.80
C VAL G 454 -10.53 34.91 -36.24
N GLU G 455 -10.55 35.48 -35.03
CA GLU G 455 -9.31 35.97 -34.41
CA GLU G 455 -9.30 35.96 -34.43
C GLU G 455 -8.40 34.81 -34.05
N ASP G 456 -8.96 33.73 -33.49
CA ASP G 456 -8.15 32.57 -33.11
C ASP G 456 -7.41 31.99 -34.31
N ILE G 457 -8.11 31.79 -35.42
CA ILE G 457 -7.45 31.11 -36.54
C ILE G 457 -6.46 32.04 -37.23
N LYS G 458 -6.65 33.36 -37.13
CA LYS G 458 -5.62 34.29 -37.59
C LYS G 458 -4.31 34.06 -36.85
N PHE G 459 -4.37 34.03 -35.51
CA PHE G 459 -3.14 33.83 -34.74
C PHE G 459 -2.66 32.39 -34.75
N ALA G 460 -3.56 31.42 -34.94
CA ALA G 460 -3.13 30.04 -35.13
C ALA G 460 -2.28 29.91 -36.39
N GLN G 461 -2.74 30.50 -37.49
CA GLN G 461 -1.96 30.43 -38.72
C GLN G 461 -0.64 31.17 -38.59
N GLU G 462 -0.61 32.21 -37.76
CA GLU G 462 0.63 32.92 -37.48
C GLU G 462 1.67 32.02 -36.83
N ILE G 463 1.23 31.06 -35.99
CA ILE G 463 2.18 30.12 -35.41
C ILE G 463 2.90 29.33 -36.51
N ILE G 464 2.15 28.89 -37.53
CA ILE G 464 2.78 28.17 -38.63
C ILE G 464 3.63 29.10 -39.48
N ASN G 465 3.06 30.22 -39.90
CA ASN G 465 3.70 31.02 -40.94
C ASN G 465 4.88 31.82 -40.42
N LYS G 466 4.98 31.98 -39.10
CA LYS G 466 6.15 32.57 -38.47
C LYS G 466 7.06 31.53 -37.83
N ASN G 467 6.75 30.24 -38.02
CA ASN G 467 7.58 29.15 -37.50
C ASN G 467 7.81 29.29 -35.99
N ARG G 468 6.73 29.56 -35.26
CA ARG G 468 6.82 29.66 -33.82
C ARG G 468 6.89 28.25 -33.23
N ASN G 469 7.94 27.96 -32.46
CA ASN G 469 8.22 26.58 -32.11
C ASN G 469 7.83 26.27 -30.66
N GLY G 470 8.03 25.00 -30.28
CA GLY G 470 7.61 24.51 -28.99
C GLY G 470 8.35 25.11 -27.80
N LEU G 471 9.57 25.61 -28.01
CA LEU G 471 10.25 26.25 -26.88
C LEU G 471 9.61 27.58 -26.53
N GLU G 472 8.87 28.21 -27.45
CA GLU G 472 8.11 29.40 -27.08
C GLU G 472 7.04 29.06 -26.06
N VAL G 473 6.43 27.88 -26.20
CA VAL G 473 5.43 27.42 -25.24
C VAL G 473 6.08 27.16 -23.88
N VAL G 474 7.24 26.49 -23.89
CA VAL G 474 8.00 26.26 -22.65
C VAL G 474 8.30 27.58 -21.97
N LYS G 475 8.84 28.54 -22.72
CA LYS G 475 9.15 29.84 -22.15
C LYS G 475 7.92 30.52 -21.56
N ALA G 476 6.80 30.49 -22.29
CA ALA G 476 5.59 31.14 -21.79
C ALA G 476 5.13 30.55 -20.47
N LEU G 477 5.23 29.22 -20.33
CA LEU G 477 4.88 28.58 -19.06
C LEU G 477 5.84 28.97 -17.95
N ALA G 478 7.14 28.94 -18.24
CA ALA G 478 8.14 29.21 -17.20
C ALA G 478 8.07 30.65 -16.71
N GLN G 479 7.71 31.58 -17.59
CA GLN G 479 7.63 32.98 -17.21
C GLN G 479 6.21 33.42 -16.82
N GLY G 480 5.26 32.49 -16.83
CA GLY G 480 3.89 32.82 -16.51
C GLY G 480 3.36 32.12 -15.28
N GLY G 481 4.25 31.62 -14.42
CA GLY G 481 3.83 30.99 -13.18
C GLY G 481 3.63 29.50 -13.23
N PHE G 482 4.18 28.81 -14.24
CA PHE G 482 3.97 27.38 -14.38
C PHE G 482 5.31 26.70 -14.70
N THR G 483 6.26 26.85 -13.77
CA THR G 483 7.59 26.27 -13.98
C THR G 483 7.55 24.75 -13.97
N ASP G 484 6.64 24.16 -13.20
CA ASP G 484 6.49 22.71 -13.20
C ASP G 484 6.00 22.21 -14.55
N VAL G 485 4.94 22.82 -15.09
CA VAL G 485 4.46 22.42 -16.41
C VAL G 485 5.52 22.67 -17.47
N ALA G 486 6.22 23.80 -17.36
CA ALA G 486 7.29 24.12 -18.31
C ALA G 486 8.35 23.02 -18.32
N GLN G 487 8.73 22.54 -17.14
CA GLN G 487 9.69 21.43 -17.06
C GLN G 487 9.13 20.17 -17.71
N ASP G 488 7.86 19.86 -17.46
CA ASP G 488 7.29 18.65 -18.04
C ASP G 488 7.20 18.76 -19.56
N MET G 489 6.89 19.94 -20.07
CA MET G 489 6.91 20.15 -21.51
C MET G 489 8.32 20.00 -22.08
N LEU G 490 9.31 20.54 -21.37
CA LEU G 490 10.69 20.37 -21.83
C LEU G 490 11.10 18.90 -21.84
N ASN G 491 10.70 18.15 -20.81
CA ASN G 491 11.04 16.73 -20.76
C ASN G 491 10.41 15.96 -21.91
N ILE G 492 9.17 16.32 -22.28
CA ILE G 492 8.54 15.73 -23.46
C ILE G 492 9.36 16.01 -24.71
N GLN G 493 9.89 17.23 -24.82
CA GLN G 493 10.70 17.56 -26.00
C GLN G 493 12.03 16.82 -25.98
N LYS G 494 12.58 16.59 -24.79
CA LYS G 494 13.85 15.86 -24.68
C LYS G 494 13.71 14.39 -25.04
N ALA G 495 12.51 13.82 -24.94
CA ALA G 495 12.32 12.45 -25.41
C ALA G 495 12.54 12.33 -26.92
N LYS G 496 12.46 13.43 -27.65
CA LYS G 496 12.70 13.41 -29.09
C LYS G 496 14.19 13.36 -29.44
N LEU G 497 15.06 13.44 -28.44
CA LEU G 497 16.51 13.44 -28.66
C LEU G 497 17.15 12.07 -28.52
N THR G 498 16.51 11.13 -27.83
CA THR G 498 17.12 9.86 -27.49
C THR G 498 16.78 8.73 -28.45
N GLY G 499 15.67 8.84 -29.19
CA GLY G 499 15.21 7.75 -30.02
C GLY G 499 14.50 6.63 -29.29
N ASP G 500 14.43 6.68 -27.95
CA ASP G 500 13.94 5.51 -27.21
C ASP G 500 12.47 5.24 -27.51
N TYR G 501 11.64 6.27 -27.56
CA TYR G 501 10.23 5.99 -27.78
C TYR G 501 9.88 5.84 -29.26
N LEU G 502 10.88 5.68 -30.13
CA LEU G 502 10.64 5.35 -31.52
C LEU G 502 10.38 3.86 -31.72
N HIS G 503 10.67 3.05 -30.71
CA HIS G 503 10.57 1.61 -30.83
C HIS G 503 9.13 1.13 -30.66
N THR G 504 8.90 -0.10 -31.14
CA THR G 504 7.62 -0.77 -31.13
C THR G 504 6.89 -0.56 -29.81
N SER G 505 5.70 0.05 -29.88
CA SER G 505 4.73 0.18 -28.80
C SER G 505 5.12 1.18 -27.72
N ALA G 506 6.14 2.01 -27.94
CA ALA G 506 6.64 2.83 -26.85
C ALA G 506 5.62 3.84 -26.35
N ILE G 507 5.50 3.93 -25.04
CA ILE G 507 4.84 5.01 -24.34
C ILE G 507 5.80 5.50 -23.25
N ILE G 508 5.41 6.56 -22.53
CA ILE G 508 6.26 7.13 -21.49
C ILE G 508 5.44 7.17 -20.20
N VAL G 509 5.86 6.39 -19.22
CA VAL G 509 5.09 6.20 -18.00
C VAL G 509 5.92 6.67 -16.81
N GLY G 510 5.24 6.84 -15.67
CA GLY G 510 5.95 7.15 -14.45
C GLY G 510 6.78 8.41 -14.58
N ASP G 511 8.03 8.33 -14.14
CA ASP G 511 8.92 9.48 -14.13
C ASP G 511 9.74 9.51 -15.42
N GLY G 512 9.03 9.71 -16.53
CA GLY G 512 9.69 9.79 -17.82
C GLY G 512 10.31 8.50 -18.29
N GLN G 513 9.81 7.36 -17.80
CA GLN G 513 10.36 6.05 -18.19
C GLN G 513 9.71 5.59 -19.50
N VAL G 514 10.53 5.32 -20.52
CA VAL G 514 9.98 4.75 -21.75
C VAL G 514 9.66 3.28 -21.52
N LEU G 515 8.47 2.87 -21.93
CA LEU G 515 7.97 1.50 -21.80
C LEU G 515 7.55 1.04 -23.19
N SER G 516 8.30 0.11 -23.78
CA SER G 516 8.01 -0.35 -25.13
C SER G 516 8.10 -1.87 -25.17
N ALA G 517 7.85 -2.43 -26.36
CA ALA G 517 8.02 -3.86 -26.54
C ALA G 517 9.47 -4.31 -26.36
N VAL G 518 10.44 -3.38 -26.41
CA VAL G 518 11.83 -3.77 -26.24
C VAL G 518 12.14 -4.09 -24.78
N ASN G 519 11.65 -3.27 -23.85
CA ASN G 519 11.93 -3.49 -22.44
C ASN G 519 10.69 -3.92 -21.67
N ASP G 520 9.60 -4.21 -22.36
CA ASP G 520 8.39 -4.77 -21.76
C ASP G 520 7.90 -5.88 -22.69
N VAL G 521 8.77 -6.89 -22.88
CA VAL G 521 8.53 -7.96 -23.84
C VAL G 521 7.37 -8.82 -23.36
N ASN G 522 6.45 -9.15 -24.27
CA ASN G 522 5.32 -9.98 -23.93
C ASN G 522 5.76 -11.44 -23.89
N ASP G 523 5.71 -12.05 -22.71
CA ASP G 523 6.18 -13.41 -22.48
C ASP G 523 5.05 -14.38 -22.19
N TYR G 524 3.88 -14.13 -22.77
CA TYR G 524 2.71 -14.95 -22.49
C TYR G 524 2.99 -16.42 -22.76
N ALA G 525 2.59 -17.27 -21.81
CA ALA G 525 2.72 -18.71 -21.98
C ALA G 525 1.61 -19.45 -21.26
N GLY G 526 0.41 -18.87 -21.25
CA GLY G 526 -0.76 -19.50 -20.67
C GLY G 526 -1.10 -18.95 -19.29
N PRO G 527 -2.05 -19.61 -18.63
CA PRO G 527 -2.51 -19.16 -17.30
C PRO G 527 -1.36 -18.88 -16.34
N ALA G 528 -1.54 -17.86 -15.51
CA ALA G 528 -0.57 -17.42 -14.50
C ALA G 528 0.77 -16.98 -15.09
N THR G 529 0.83 -16.67 -16.39
CA THR G 529 2.03 -16.10 -17.01
C THR G 529 1.65 -14.87 -17.82
N GLY G 530 2.66 -14.11 -18.23
CA GLY G 530 2.38 -12.88 -18.93
C GLY G 530 1.73 -11.85 -18.01
N TYR G 531 1.26 -10.77 -18.64
CA TYR G 531 0.60 -9.71 -17.88
C TYR G 531 -0.61 -10.26 -17.13
N ARG G 532 -0.69 -9.91 -15.84
CA ARG G 532 -1.83 -10.23 -15.01
C ARG G 532 -2.20 -8.99 -14.22
N LEU G 533 -3.51 -8.71 -14.18
CA LEU G 533 -4.02 -7.64 -13.33
C LEU G 533 -3.91 -8.06 -11.88
N GLN G 534 -3.22 -7.26 -11.07
CA GLN G 534 -2.89 -7.63 -9.70
C GLN G 534 -2.36 -6.41 -8.98
N GLY G 535 -2.02 -6.61 -7.69
CA GLY G 535 -1.34 -5.62 -6.88
C GLY G 535 -2.10 -4.32 -6.76
N GLU G 536 -1.35 -3.21 -6.72
CA GLU G 536 -1.98 -1.91 -6.55
C GLU G 536 -2.85 -1.53 -7.73
N ARG G 537 -2.48 -1.95 -8.94
CA ARG G 537 -3.30 -1.67 -10.11
C ARG G 537 -4.69 -2.29 -9.96
N TRP G 538 -4.76 -3.51 -9.45
CA TRP G 538 -6.04 -4.15 -9.20
C TRP G 538 -6.82 -3.44 -8.10
N GLU G 539 -6.12 -3.01 -7.04
CA GLU G 539 -6.80 -2.23 -6.01
C GLU G 539 -7.40 -0.97 -6.60
N GLU G 540 -6.67 -0.32 -7.50
CA GLU G 540 -7.16 0.89 -8.17
C GLU G 540 -8.43 0.61 -8.97
N ILE G 541 -8.44 -0.49 -9.72
CA ILE G 541 -9.60 -0.81 -10.54
C ILE G 541 -10.80 -1.21 -9.69
N LYS G 542 -10.56 -1.82 -8.52
CA LYS G 542 -11.68 -2.26 -7.69
C LYS G 542 -12.46 -1.09 -7.12
N ASN G 543 -11.81 0.07 -6.93
CA ASN G 543 -12.36 1.17 -6.13
C ASN G 543 -13.25 2.08 -7.00
N ILE G 544 -14.37 1.50 -7.44
CA ILE G 544 -15.32 2.24 -8.27
C ILE G 544 -16.22 3.08 -7.37
N PRO G 545 -16.75 4.20 -7.88
CA PRO G 545 -17.72 4.96 -7.09
C PRO G 545 -18.99 4.14 -6.88
N GLY G 546 -19.51 4.21 -5.66
CA GLY G 546 -20.74 3.55 -5.32
C GLY G 546 -20.61 2.21 -4.63
N ALA G 547 -19.40 1.65 -4.53
CA ALA G 547 -19.23 0.40 -3.79
C ALA G 547 -19.36 0.68 -2.29
N LEU G 548 -20.48 0.24 -1.71
CA LEU G 548 -20.77 0.53 -0.32
C LEU G 548 -20.14 -0.50 0.60
N ASP G 549 -19.62 -0.07 1.74
CA ASP G 549 -19.23 -1.04 2.76
C ASP G 549 -20.49 -1.70 3.32
N PRO G 550 -20.48 -3.01 3.52
CA PRO G 550 -21.65 -3.65 4.14
C PRO G 550 -22.05 -3.05 5.48
N ASN G 551 -21.11 -2.49 6.24
CA ASN G 551 -21.48 -1.97 7.54
C ASN G 551 -22.27 -0.67 7.46
N GLU G 552 -22.44 -0.08 6.27
CA GLU G 552 -23.24 1.12 6.15
C GLU G 552 -24.59 0.84 5.47
N ILE G 553 -24.96 -0.42 5.31
CA ILE G 553 -26.20 -0.80 4.65
C ILE G 553 -27.21 -1.20 5.71
N ASP G 554 -28.32 -0.47 5.76
CA ASP G 554 -29.41 -0.78 6.69
C ASP G 554 -30.74 -0.27 6.13
N GLY H 22 -32.28 16.76 -66.57
CA GLY H 22 -31.12 17.33 -67.23
C GLY H 22 -31.14 18.84 -67.22
N PHE H 23 -30.11 19.46 -66.63
CA PHE H 23 -30.04 20.91 -66.54
C PHE H 23 -28.63 21.46 -66.70
N LEU H 24 -27.63 20.61 -66.98
CA LEU H 24 -26.24 21.02 -67.08
C LEU H 24 -25.71 20.63 -68.45
N THR H 25 -25.23 21.61 -69.21
CA THR H 25 -24.68 21.39 -70.54
C THR H 25 -23.22 21.83 -70.59
N GLU H 26 -22.38 21.02 -71.19
CA GLU H 26 -20.96 21.35 -71.36
C GLU H 26 -20.79 22.30 -72.53
N VAL H 27 -19.96 23.34 -72.33
CA VAL H 27 -19.82 24.38 -73.34
C VAL H 27 -18.34 24.59 -73.70
N GLY H 28 -17.49 23.65 -73.32
CA GLY H 28 -16.10 23.67 -73.70
C GLY H 28 -15.17 23.50 -72.51
N GLU H 29 -13.88 23.34 -72.82
CA GLU H 29 -12.89 23.20 -71.78
C GLU H 29 -12.83 24.47 -70.94
N ALA H 30 -12.93 24.31 -69.62
CA ALA H 30 -12.96 25.47 -68.73
C ALA H 30 -11.64 26.23 -68.77
N ARG H 31 -11.75 27.54 -68.95
CA ARG H 31 -10.64 28.47 -69.03
C ARG H 31 -10.25 28.92 -67.63
N GLN H 32 -8.99 29.32 -67.47
CA GLN H 32 -8.55 29.88 -66.20
C GLN H 32 -8.92 31.35 -66.09
N GLY H 33 -9.56 31.73 -64.98
CA GLY H 33 -9.94 33.11 -64.80
C GLY H 33 -8.76 34.01 -64.50
N THR H 34 -8.87 35.27 -64.92
CA THR H 34 -7.79 36.24 -64.78
C THR H 34 -8.12 37.37 -63.82
N GLN H 35 -9.29 37.33 -63.17
CA GLN H 35 -9.70 38.37 -62.24
C GLN H 35 -10.23 37.73 -60.97
N GLN H 36 -9.99 38.36 -59.82
CA GLN H 36 -10.33 37.79 -58.53
C GLN H 36 -11.81 37.93 -58.18
N ASP H 37 -12.69 38.12 -59.17
CA ASP H 37 -14.10 38.36 -58.90
C ASP H 37 -14.97 37.16 -59.28
N GLU H 38 -14.45 35.95 -59.10
CA GLU H 38 -15.23 34.74 -59.37
C GLU H 38 -14.90 33.67 -58.35
N VAL H 39 -15.86 32.78 -58.15
CA VAL H 39 -15.67 31.50 -57.47
C VAL H 39 -16.08 30.41 -58.45
N ILE H 40 -15.28 29.35 -58.53
CA ILE H 40 -15.62 28.20 -59.36
C ILE H 40 -16.31 27.17 -58.48
N ILE H 41 -17.48 26.71 -58.92
CA ILE H 41 -18.13 25.54 -58.35
C ILE H 41 -17.76 24.35 -59.21
N ALA H 42 -17.06 23.39 -58.62
CA ALA H 42 -16.60 22.20 -59.31
C ALA H 42 -17.44 21.02 -58.84
N VAL H 43 -18.18 20.40 -59.74
CA VAL H 43 -19.06 19.29 -59.41
C VAL H 43 -18.46 18.00 -59.95
N GLY H 44 -18.80 16.89 -59.30
CA GLY H 44 -18.29 15.60 -59.68
C GLY H 44 -18.85 15.12 -61.00
N PRO H 45 -18.29 14.03 -61.53
CA PRO H 45 -18.61 13.62 -62.91
C PRO H 45 -20.03 13.11 -63.11
N ALA H 46 -20.74 12.73 -62.04
CA ALA H 46 -22.13 12.27 -62.15
C ALA H 46 -23.14 13.30 -61.67
N PHE H 47 -22.68 14.46 -61.20
CA PHE H 47 -23.58 15.46 -60.66
C PHE H 47 -24.55 15.97 -61.72
N GLY H 48 -25.84 15.89 -61.41
CA GLY H 48 -26.87 16.28 -62.37
C GLY H 48 -27.06 15.34 -63.54
N LEU H 49 -26.37 14.20 -63.53
CA LEU H 49 -26.43 13.27 -64.64
C LEU H 49 -26.93 11.94 -64.10
N ALA H 50 -26.06 10.95 -63.87
CA ALA H 50 -26.53 9.66 -63.39
C ALA H 50 -27.11 9.76 -61.99
N GLN H 51 -26.64 10.71 -61.19
CA GLN H 51 -27.27 11.03 -59.92
C GLN H 51 -27.84 12.45 -59.99
N THR H 52 -29.04 12.64 -59.45
CA THR H 52 -29.72 13.93 -59.49
C THR H 52 -30.15 14.44 -58.12
N VAL H 53 -29.89 13.69 -57.05
CA VAL H 53 -30.16 14.13 -55.69
C VAL H 53 -28.98 13.71 -54.82
N ASN H 54 -28.84 14.36 -53.67
CA ASN H 54 -27.74 14.02 -52.78
C ASN H 54 -28.18 12.88 -51.86
N ILE H 55 -27.37 12.59 -50.83
CA ILE H 55 -27.53 11.38 -50.05
C ILE H 55 -28.83 11.37 -49.24
N VAL H 56 -29.42 12.54 -49.01
CA VAL H 56 -30.69 12.63 -48.28
C VAL H 56 -31.80 13.20 -49.16
N GLY H 57 -31.62 13.17 -50.48
CA GLY H 57 -32.69 13.45 -51.42
C GLY H 57 -32.82 14.89 -51.87
N ILE H 58 -31.86 15.75 -51.56
CA ILE H 58 -31.94 17.14 -51.98
C ILE H 58 -31.55 17.22 -53.46
N PRO H 59 -32.40 17.80 -54.32
CA PRO H 59 -32.08 17.82 -55.75
C PRO H 59 -30.81 18.60 -56.03
N HIS H 60 -30.00 18.05 -56.94
CA HIS H 60 -28.79 18.75 -57.40
C HIS H 60 -29.11 20.14 -57.95
N LYS H 61 -30.22 20.27 -58.69
CA LYS H 61 -30.56 21.58 -59.23
C LYS H 61 -30.76 22.59 -58.10
N SER H 62 -31.38 22.15 -57.00
CA SER H 62 -31.59 23.06 -55.88
C SER H 62 -30.27 23.38 -55.19
N ILE H 63 -29.43 22.38 -55.01
CA ILE H 63 -28.13 22.59 -54.37
C ILE H 63 -27.34 23.62 -55.17
N LEU H 64 -27.27 23.44 -56.48
CA LEU H 64 -26.48 24.34 -57.32
C LEU H 64 -27.08 25.73 -57.32
N ARG H 65 -28.42 25.82 -57.35
CA ARG H 65 -29.11 27.11 -57.31
C ARG H 65 -28.71 27.90 -56.07
N GLU H 66 -28.73 27.24 -54.91
CA GLU H 66 -28.45 27.94 -53.66
C GLU H 66 -26.98 28.31 -53.53
N VAL H 67 -26.06 27.44 -53.96
CA VAL H 67 -24.64 27.78 -53.89
C VAL H 67 -24.35 28.97 -54.80
N ILE H 68 -24.92 28.96 -56.01
CA ILE H 68 -24.72 30.06 -56.94
C ILE H 68 -25.29 31.35 -56.35
N ALA H 69 -26.47 31.26 -55.74
CA ALA H 69 -27.11 32.46 -55.20
C ALA H 69 -26.29 33.05 -54.07
N GLY H 70 -25.67 32.18 -53.25
CA GLY H 70 -24.85 32.67 -52.16
C GLY H 70 -23.60 33.36 -52.65
N ILE H 71 -23.00 32.86 -53.73
CA ILE H 71 -21.86 33.53 -54.33
C ILE H 71 -22.27 34.88 -54.89
N GLU H 72 -23.38 34.90 -55.63
CA GLU H 72 -23.75 36.10 -56.36
C GLU H 72 -24.31 37.18 -55.44
N GLU H 73 -24.87 36.80 -54.30
CA GLU H 73 -25.34 37.83 -53.37
C GLU H 73 -24.19 38.60 -52.73
N GLU H 74 -22.98 38.07 -52.80
CA GLU H 74 -21.79 38.76 -52.32
C GLU H 74 -21.10 39.57 -53.41
N GLY H 75 -21.74 39.73 -54.57
CA GLY H 75 -21.16 40.50 -55.65
C GLY H 75 -20.01 39.80 -56.34
N ILE H 76 -19.99 38.46 -56.29
CA ILE H 76 -18.95 37.66 -56.94
C ILE H 76 -19.62 36.79 -58.00
N LYS H 77 -18.90 36.54 -59.09
CA LYS H 77 -19.43 35.72 -60.18
C LYS H 77 -19.29 34.25 -59.83
N ALA H 78 -20.27 33.45 -60.26
CA ALA H 78 -20.23 32.01 -60.10
C ALA H 78 -19.99 31.37 -61.45
N ARG H 79 -18.97 30.52 -61.53
CA ARG H 79 -18.66 29.76 -62.74
C ARG H 79 -18.66 28.29 -62.36
N VAL H 80 -19.41 27.48 -63.10
CA VAL H 80 -19.60 26.07 -62.75
C VAL H 80 -18.86 25.21 -63.76
N ILE H 81 -18.10 24.24 -63.26
CA ILE H 81 -17.37 23.30 -64.10
C ILE H 81 -17.65 21.89 -63.64
N ARG H 82 -17.53 20.93 -64.57
CA ARG H 82 -17.56 19.51 -64.22
C ARG H 82 -16.14 18.96 -64.30
N CYS H 83 -15.75 18.19 -63.29
CA CYS H 83 -14.42 17.59 -63.23
C CYS H 83 -14.51 16.09 -63.42
N PHE H 84 -13.46 15.52 -64.04
CA PHE H 84 -13.46 14.15 -64.50
C PHE H 84 -12.28 13.32 -64.00
N LYS H 85 -11.14 13.93 -63.65
CA LYS H 85 -9.92 13.17 -63.43
C LYS H 85 -9.97 12.31 -62.17
N SER H 86 -10.81 12.68 -61.20
CA SER H 86 -11.02 11.94 -59.97
C SER H 86 -12.39 12.32 -59.44
N SER H 87 -13.05 11.38 -58.77
CA SER H 87 -14.32 11.63 -58.11
C SER H 87 -14.17 12.09 -56.66
N ASP H 88 -12.95 12.10 -56.15
CA ASP H 88 -12.67 12.56 -54.79
C ASP H 88 -12.93 14.05 -54.69
N VAL H 89 -13.68 14.47 -53.67
CA VAL H 89 -14.16 15.85 -53.68
C VAL H 89 -13.00 16.84 -53.50
N ALA H 90 -11.94 16.47 -52.78
CA ALA H 90 -10.79 17.35 -52.69
C ALA H 90 -10.16 17.56 -54.06
N PHE H 91 -9.99 16.48 -54.81
CA PHE H 91 -9.36 16.62 -56.11
C PHE H 91 -10.28 17.31 -57.11
N VAL H 92 -11.59 17.05 -57.02
CA VAL H 92 -12.56 17.84 -57.79
C VAL H 92 -12.36 19.33 -57.50
N ALA H 93 -12.25 19.70 -56.22
CA ALA H 93 -12.10 21.11 -55.88
C ALA H 93 -10.76 21.66 -56.33
N VAL H 94 -9.70 20.85 -56.31
CA VAL H 94 -8.38 21.31 -56.75
C VAL H 94 -8.39 21.63 -58.24
N GLU H 95 -9.04 20.79 -59.05
CA GLU H 95 -9.22 21.12 -60.45
C GLU H 95 -9.88 22.49 -60.60
N GLY H 96 -10.81 22.79 -59.70
CA GLY H 96 -11.48 24.08 -59.75
C GLY H 96 -10.60 25.23 -59.28
N ASN H 97 -9.84 25.03 -58.20
CA ASN H 97 -9.07 26.17 -57.69
C ASN H 97 -7.91 26.52 -58.60
N ARG H 98 -7.46 25.58 -59.44
CA ARG H 98 -6.45 25.88 -60.47
C ARG H 98 -7.00 26.77 -61.58
N LEU H 99 -8.32 26.84 -61.73
CA LEU H 99 -8.94 27.62 -62.79
C LEU H 99 -9.62 28.89 -62.30
N SER H 100 -9.72 29.10 -60.99
CA SER H 100 -10.50 30.20 -60.44
C SER H 100 -9.65 31.47 -60.38
N GLY H 101 -10.20 32.56 -60.91
CA GLY H 101 -9.49 33.83 -60.87
C GLY H 101 -9.20 34.31 -59.46
N SER H 102 -9.99 33.86 -58.49
CA SER H 102 -9.77 34.22 -57.10
C SER H 102 -8.99 33.15 -56.34
N GLY H 103 -8.72 32.02 -56.98
CA GLY H 103 -8.13 30.88 -56.30
C GLY H 103 -9.11 30.09 -55.45
N ILE H 104 -10.34 30.55 -55.31
CA ILE H 104 -11.32 29.90 -54.44
C ILE H 104 -12.20 29.00 -55.29
N SER H 105 -12.45 27.80 -54.81
CA SER H 105 -13.39 26.89 -55.45
C SER H 105 -14.23 26.18 -54.39
N ILE H 106 -15.35 25.64 -54.84
CA ILE H 106 -16.21 24.78 -54.04
C ILE H 106 -16.32 23.46 -54.78
N GLY H 107 -15.93 22.37 -54.14
CA GLY H 107 -16.08 21.05 -54.71
C GLY H 107 -17.32 20.38 -54.13
N ILE H 108 -18.13 19.77 -55.00
CA ILE H 108 -19.36 19.11 -54.57
C ILE H 108 -19.45 17.75 -55.26
N GLN H 109 -19.59 16.70 -54.46
CA GLN H 109 -19.89 15.36 -54.97
C GLN H 109 -21.39 15.19 -55.16
N SER H 110 -21.77 14.19 -55.97
CA SER H 110 -23.18 13.87 -56.13
C SER H 110 -23.85 13.60 -54.79
N LYS H 111 -23.21 12.81 -53.92
CA LYS H 111 -23.84 12.51 -52.64
C LYS H 111 -23.91 13.72 -51.71
N GLY H 112 -23.21 14.80 -52.02
CA GLY H 112 -23.45 16.10 -51.39
C GLY H 112 -22.29 16.66 -50.61
N THR H 113 -21.25 15.86 -50.38
CA THR H 113 -20.07 16.31 -49.65
C THR H 113 -19.48 17.54 -50.34
N THR H 114 -19.07 18.52 -49.52
CA THR H 114 -18.69 19.83 -50.03
C THR H 114 -17.42 20.33 -49.35
N VAL H 115 -16.59 21.03 -50.10
CA VAL H 115 -15.36 21.62 -49.56
C VAL H 115 -15.16 22.99 -50.20
N ILE H 116 -14.73 23.97 -49.39
CA ILE H 116 -14.28 25.26 -49.91
C ILE H 116 -12.76 25.18 -49.94
N HIS H 117 -12.19 25.22 -51.15
CA HIS H 117 -10.77 25.02 -51.34
C HIS H 117 -10.11 26.31 -51.80
N GLN H 118 -8.77 26.30 -51.81
CA GLN H 118 -7.99 27.50 -52.11
C GLN H 118 -6.68 27.12 -52.76
N GLN H 119 -6.40 27.72 -53.92
CA GLN H 119 -5.13 27.46 -54.60
C GLN H 119 -3.95 27.78 -53.70
N GLY H 120 -2.92 26.93 -53.73
CA GLY H 120 -1.79 27.00 -52.82
C GLY H 120 -1.85 26.01 -51.68
N LEU H 121 -3.04 25.64 -51.24
CA LEU H 121 -3.18 24.64 -50.20
C LEU H 121 -2.89 23.25 -50.73
N PRO H 122 -2.35 22.35 -49.89
CA PRO H 122 -2.27 20.93 -50.24
C PRO H 122 -3.63 20.40 -50.64
N PRO H 123 -3.68 19.44 -51.57
CA PRO H 123 -4.98 18.92 -52.04
C PRO H 123 -5.93 18.50 -50.94
N LEU H 124 -5.44 17.86 -49.87
CA LEU H 124 -6.33 17.36 -48.83
C LEU H 124 -6.41 18.31 -47.63
N SER H 125 -5.98 19.56 -47.80
CA SER H 125 -6.32 20.64 -46.89
C SER H 125 -7.45 21.46 -47.52
N ASN H 126 -7.86 22.54 -46.86
CA ASN H 126 -8.98 23.33 -47.35
C ASN H 126 -9.14 24.57 -46.48
N LEU H 127 -10.09 25.42 -46.88
CA LEU H 127 -10.53 26.50 -46.00
C LEU H 127 -11.67 26.04 -45.09
N GLU H 128 -12.70 25.43 -45.66
CA GLU H 128 -13.80 24.87 -44.89
C GLU H 128 -14.20 23.54 -45.49
N LEU H 129 -14.65 22.63 -44.65
CA LEU H 129 -14.99 21.28 -45.07
C LEU H 129 -16.31 20.86 -44.44
N PHE H 130 -17.11 20.13 -45.21
CA PHE H 130 -18.46 19.74 -44.79
C PHE H 130 -18.51 18.23 -44.97
N PRO H 131 -18.06 17.49 -43.96
CA PRO H 131 -17.74 16.05 -44.13
C PRO H 131 -18.86 15.10 -43.76
N GLN H 132 -20.06 15.62 -43.52
CA GLN H 132 -21.23 14.80 -43.21
C GLN H 132 -22.36 15.32 -44.08
N ALA H 133 -22.34 14.91 -45.35
CA ALA H 133 -23.37 15.32 -46.30
C ALA H 133 -24.80 15.16 -45.80
N PRO H 134 -25.16 14.15 -44.99
CA PRO H 134 -26.57 14.05 -44.56
C PRO H 134 -27.04 15.21 -43.72
N LEU H 135 -26.13 16.02 -43.20
CA LEU H 135 -26.50 17.14 -42.34
C LEU H 135 -26.66 18.46 -43.09
N LEU H 136 -26.21 18.54 -44.34
CA LEU H 136 -26.31 19.78 -45.09
C LEU H 136 -27.75 20.04 -45.51
N THR H 137 -28.17 21.30 -45.38
CA THR H 137 -29.45 21.75 -45.88
C THR H 137 -29.23 22.78 -46.99
N LEU H 138 -30.31 23.11 -47.68
CA LEU H 138 -30.20 24.16 -48.69
C LEU H 138 -29.74 25.47 -48.07
N GLU H 139 -30.05 25.70 -46.79
CA GLU H 139 -29.52 26.87 -46.11
C GLU H 139 -28.00 26.77 -45.93
N THR H 140 -27.48 25.58 -45.61
CA THR H 140 -26.03 25.43 -45.52
C THR H 140 -25.39 25.67 -46.87
N TYR H 141 -25.98 25.16 -47.94
CA TYR H 141 -25.38 25.30 -49.26
C TYR H 141 -25.29 26.78 -49.66
N ARG H 142 -26.30 27.58 -49.30
CA ARG H 142 -26.24 29.01 -49.60
C ARG H 142 -25.13 29.68 -48.80
N GLN H 143 -25.00 29.36 -47.52
CA GLN H 143 -23.93 29.95 -46.72
CA GLN H 143 -23.93 29.96 -46.73
C GLN H 143 -22.56 29.52 -47.21
N ILE H 144 -22.45 28.31 -47.78
CA ILE H 144 -21.18 27.88 -48.33
C ILE H 144 -20.79 28.75 -49.50
N GLY H 145 -21.73 29.03 -50.40
CA GLY H 145 -21.44 29.93 -51.50
C GLY H 145 -21.11 31.33 -51.02
N LYS H 146 -21.87 31.81 -50.03
CA LYS H 146 -21.63 33.12 -49.45
C LYS H 146 -20.21 33.21 -48.86
N ASN H 147 -19.82 32.21 -48.06
CA ASN H 147 -18.49 32.24 -47.46
C ASN H 147 -17.40 32.12 -48.51
N ALA H 148 -17.61 31.27 -49.52
CA ALA H 148 -16.62 31.15 -50.58
C ALA H 148 -16.40 32.48 -51.30
N ALA H 149 -17.48 33.20 -51.60
CA ALA H 149 -17.34 34.50 -52.24
C ALA H 149 -16.61 35.49 -51.35
N ARG H 150 -16.81 35.39 -50.03
CA ARG H 150 -16.11 36.31 -49.13
C ARG H 150 -14.61 36.01 -49.08
N TYR H 151 -14.24 34.72 -49.07
CA TYR H 151 -12.83 34.37 -49.23
C TYR H 151 -12.27 34.90 -50.54
N ALA H 152 -13.09 34.88 -51.60
CA ALA H 152 -12.63 35.39 -52.89
C ALA H 152 -12.33 36.88 -52.81
N LYS H 153 -13.08 37.61 -52.00
CA LYS H 153 -12.85 39.03 -51.76
C LYS H 153 -11.82 39.28 -50.67
N ARG H 154 -11.15 38.23 -50.21
CA ARG H 154 -10.13 38.30 -49.15
C ARG H 154 -10.71 38.78 -47.83
N GLU H 155 -12.01 38.57 -47.63
CA GLU H 155 -12.64 38.81 -46.34
C GLU H 155 -12.40 37.61 -45.42
N SER H 156 -12.65 37.80 -44.13
CA SER H 156 -12.45 36.74 -43.15
C SER H 156 -13.81 36.34 -42.56
N PRO H 157 -14.58 35.51 -43.26
CA PRO H 157 -15.93 35.20 -42.77
C PRO H 157 -15.88 34.22 -41.61
N GLN H 158 -16.82 34.40 -40.69
CA GLN H 158 -17.07 33.38 -39.68
C GLN H 158 -17.31 32.05 -40.39
N PRO H 159 -16.56 30.99 -40.06
CA PRO H 159 -16.79 29.71 -40.72
C PRO H 159 -18.22 29.24 -40.48
N VAL H 160 -18.77 28.56 -41.49
CA VAL H 160 -20.09 27.95 -41.38
C VAL H 160 -20.09 27.09 -40.12
N PRO H 161 -21.08 27.23 -39.24
CA PRO H 161 -21.03 26.49 -37.97
C PRO H 161 -20.94 24.99 -38.20
N THR H 162 -20.13 24.34 -37.37
CA THR H 162 -19.83 22.92 -37.53
C THR H 162 -21.08 22.08 -37.29
N LEU H 163 -21.36 21.17 -38.21
CA LEU H 163 -22.39 20.16 -38.07
C LEU H 163 -21.72 18.82 -37.80
N ASN H 164 -22.13 18.15 -36.73
CA ASN H 164 -21.53 16.88 -36.35
C ASN H 164 -22.59 16.00 -35.70
N ASP H 165 -22.81 14.81 -36.28
CA ASP H 165 -23.81 13.87 -35.79
C ASP H 165 -23.11 12.52 -35.65
N GLN H 166 -22.98 12.05 -34.40
CA GLN H 166 -22.24 10.81 -34.14
C GLN H 166 -22.92 9.58 -34.75
N MET H 167 -24.18 9.68 -35.16
CA MET H 167 -24.87 8.58 -35.81
C MET H 167 -24.94 8.74 -37.32
N ALA H 168 -24.33 9.79 -37.88
CA ALA H 168 -24.34 9.96 -39.33
C ALA H 168 -23.64 8.80 -40.03
N ARG H 169 -22.46 8.37 -39.52
CA ARG H 169 -21.80 7.23 -40.14
C ARG H 169 -22.59 5.94 -39.91
N PRO H 170 -23.02 5.61 -38.70
CA PRO H 170 -23.91 4.43 -38.55
C PRO H 170 -25.07 4.40 -39.53
N LYS H 171 -25.75 5.54 -39.78
CA LYS H 171 -26.91 5.56 -40.67
C LYS H 171 -26.50 5.55 -42.13
N TYR H 172 -25.42 6.24 -42.49
CA TYR H 172 -25.20 6.61 -43.89
C TYR H 172 -23.86 6.21 -44.49
N GLN H 173 -22.89 5.69 -43.72
CA GLN H 173 -21.58 5.40 -44.31
C GLN H 173 -21.67 4.38 -45.44
N ALA H 174 -22.41 3.28 -45.23
CA ALA H 174 -22.54 2.28 -46.28
C ALA H 174 -23.21 2.88 -47.52
N LYS H 175 -24.27 3.66 -47.32
CA LYS H 175 -24.93 4.34 -48.44
C LYS H 175 -24.00 5.34 -49.10
N SER H 176 -23.18 6.02 -48.31
CA SER H 176 -22.20 6.96 -48.85
C SER H 176 -21.20 6.24 -49.76
N ALA H 177 -20.67 5.10 -49.30
CA ALA H 177 -19.75 4.32 -50.12
C ALA H 177 -20.40 3.92 -51.43
N ILE H 178 -21.64 3.44 -51.38
CA ILE H 178 -22.32 2.97 -52.58
C ILE H 178 -22.52 4.12 -53.56
N LEU H 179 -22.94 5.29 -53.05
CA LEU H 179 -23.13 6.43 -53.94
C LEU H 179 -21.80 6.89 -54.53
N HIS H 180 -20.72 6.80 -53.75
CA HIS H 180 -19.43 7.21 -54.28
C HIS H 180 -18.90 6.22 -55.31
N ILE H 181 -19.06 4.92 -55.04
CA ILE H 181 -18.73 3.91 -56.03
C ILE H 181 -19.42 4.20 -57.35
N LYS H 182 -20.69 4.60 -57.30
CA LYS H 182 -21.46 4.83 -58.52
C LYS H 182 -20.99 6.08 -59.26
N GLU H 183 -20.70 7.16 -58.54
CA GLU H 183 -20.16 8.35 -59.20
C GLU H 183 -18.78 8.07 -59.78
N THR H 184 -18.01 7.20 -59.11
CA THR H 184 -16.64 6.91 -59.53
C THR H 184 -16.58 6.23 -60.89
N LYS H 185 -17.69 5.59 -61.33
CA LYS H 185 -17.71 5.00 -62.66
C LYS H 185 -17.54 6.04 -63.75
N TYR H 186 -17.81 7.31 -63.48
CA TYR H 186 -17.80 8.34 -64.50
C TYR H 186 -16.50 9.14 -64.52
N VAL H 187 -15.49 8.70 -63.76
CA VAL H 187 -14.15 9.27 -63.86
C VAL H 187 -13.58 9.00 -65.25
N VAL H 188 -12.88 9.99 -65.81
CA VAL H 188 -12.21 9.86 -67.09
C VAL H 188 -10.80 10.42 -66.90
N THR H 189 -9.82 9.53 -66.73
CA THR H 189 -8.43 9.95 -66.63
C THR H 189 -8.06 10.89 -67.79
N GLY H 190 -7.41 12.00 -67.46
CA GLY H 190 -6.84 12.88 -68.45
C GLY H 190 -7.79 13.87 -69.07
N LYS H 191 -9.06 13.85 -68.71
CA LYS H 191 -10.05 14.73 -69.32
C LYS H 191 -10.15 16.02 -68.50
N ASN H 192 -9.83 17.14 -69.15
CA ASN H 192 -9.83 18.42 -68.45
C ASN H 192 -11.26 18.87 -68.15
N PRO H 193 -11.45 19.68 -67.10
CA PRO H 193 -12.80 20.09 -66.72
C PRO H 193 -13.54 20.81 -67.85
N GLN H 194 -14.85 20.63 -67.88
CA GLN H 194 -15.72 21.28 -68.85
C GLN H 194 -16.52 22.37 -68.16
N GLU H 195 -16.53 23.56 -68.75
CA GLU H 195 -17.41 24.60 -68.25
C GLU H 195 -18.85 24.23 -68.55
N LEU H 196 -19.75 24.51 -67.61
CA LEU H 196 -21.14 24.12 -67.72
C LEU H 196 -22.04 25.36 -67.82
N ARG H 197 -23.09 25.24 -68.61
CA ARG H 197 -24.18 26.21 -68.64
C ARG H 197 -25.33 25.62 -67.83
N VAL H 198 -25.84 26.40 -66.89
CA VAL H 198 -26.86 25.93 -65.97
C VAL H 198 -28.23 26.38 -66.48
N ALA H 199 -29.15 25.43 -66.61
CA ALA H 199 -30.50 25.71 -67.07
C ALA H 199 -31.48 25.62 -65.91
N LEU H 200 -32.63 26.28 -66.06
CA LEU H 200 -33.67 26.21 -65.05
C LEU H 200 -34.34 24.85 -65.06
N ALA I 2 24.86 -1.39 -30.54
CA ALA I 2 24.20 -1.46 -29.24
C ALA I 2 23.21 -2.61 -29.24
N ARG I 3 22.83 -3.08 -28.05
CA ARG I 3 21.98 -4.26 -27.91
CA ARG I 3 21.97 -4.26 -27.93
C ARG I 3 20.76 -3.91 -27.06
N VAL I 4 19.85 -4.89 -26.93
CA VAL I 4 18.63 -4.67 -26.15
C VAL I 4 18.98 -4.26 -24.72
N SER I 5 20.03 -4.83 -24.14
CA SER I 5 20.42 -4.48 -22.78
C SER I 5 20.92 -3.05 -22.64
N ASP I 6 21.16 -2.36 -23.75
CA ASP I 6 21.57 -0.96 -23.75
C ASP I 6 20.37 -0.01 -23.78
N TYR I 7 19.17 -0.56 -23.89
CA TYR I 7 17.96 0.21 -24.05
C TYR I 7 17.19 0.24 -22.71
N PRO I 8 16.55 1.38 -22.40
CA PRO I 8 16.56 2.65 -23.15
C PRO I 8 17.86 3.42 -22.96
N LEU I 9 18.30 4.12 -24.01
CA LEU I 9 19.52 4.91 -23.92
C LEU I 9 19.45 5.96 -22.82
N ALA I 10 18.28 6.58 -22.63
CA ALA I 10 18.15 7.62 -21.62
C ALA I 10 18.43 7.07 -20.23
N ASN I 11 18.14 5.78 -19.99
CA ASN I 11 18.43 5.15 -18.71
C ASN I 11 19.83 4.55 -18.66
N LYS I 12 20.20 3.77 -19.68
CA LYS I 12 21.42 2.95 -19.61
C LYS I 12 22.67 3.76 -19.98
N HIS I 13 22.57 4.64 -20.96
CA HIS I 13 23.72 5.36 -21.48
C HIS I 13 23.32 6.77 -21.90
N PRO I 14 22.86 7.62 -20.98
CA PRO I 14 22.45 8.97 -21.38
C PRO I 14 23.58 9.76 -22.02
N GLU I 15 24.82 9.50 -21.61
CA GLU I 15 25.96 10.22 -22.16
C GLU I 15 26.24 9.84 -23.61
N TRP I 16 25.66 8.76 -24.12
CA TRP I 16 25.80 8.44 -25.55
C TRP I 16 24.99 9.39 -26.42
N VAL I 17 24.04 10.12 -25.85
CA VAL I 17 23.08 10.91 -26.62
C VAL I 17 23.61 12.34 -26.69
N LYS I 18 23.94 12.78 -27.89
CA LYS I 18 24.30 14.16 -28.16
C LYS I 18 23.34 14.72 -29.20
N THR I 19 23.43 16.02 -29.44
CA THR I 19 22.57 16.63 -30.44
C THR I 19 23.39 17.08 -31.64
N ALA I 20 22.67 17.53 -32.68
CA ALA I 20 23.32 17.94 -33.91
C ALA I 20 24.40 18.99 -33.67
N THR I 21 24.26 19.79 -32.62
CA THR I 21 25.22 20.81 -32.26
C THR I 21 26.13 20.37 -31.12
N ASN I 22 26.18 19.07 -30.82
CA ASN I 22 27.05 18.48 -29.81
C ASN I 22 26.68 18.89 -28.39
N LYS I 23 25.43 19.27 -28.17
CA LYS I 23 24.94 19.43 -26.81
C LYS I 23 24.64 18.07 -26.19
N THR I 24 24.56 18.03 -24.87
CA THR I 24 24.18 16.84 -24.12
C THR I 24 22.76 17.00 -23.59
N LEU I 25 22.21 15.89 -23.08
CA LEU I 25 20.86 15.96 -22.51
C LEU I 25 20.80 16.92 -21.33
N ASP I 26 21.84 16.93 -20.49
CA ASP I 26 21.86 17.81 -19.33
C ASP I 26 21.92 19.28 -19.68
N ASP I 27 22.32 19.61 -20.93
CA ASP I 27 22.30 21.00 -21.36
C ASP I 27 20.89 21.53 -21.49
N PHE I 28 19.89 20.68 -21.66
CA PHE I 28 18.53 21.15 -21.90
C PHE I 28 17.80 21.28 -20.56
N THR I 29 18.02 22.41 -19.91
CA THR I 29 17.38 22.83 -18.68
C THR I 29 16.49 24.03 -18.97
N LEU I 30 15.55 24.29 -18.06
CA LEU I 30 14.73 25.49 -18.20
C LEU I 30 15.60 26.74 -18.22
N GLU I 31 16.60 26.80 -17.35
CA GLU I 31 17.49 27.96 -17.30
C GLU I 31 18.18 28.19 -18.65
N ASN I 32 18.67 27.12 -19.28
CA ASN I 32 19.35 27.27 -20.56
C ASN I 32 18.39 27.59 -21.68
N VAL I 33 17.14 27.13 -21.59
CA VAL I 33 16.15 27.52 -22.59
C VAL I 33 15.80 29.00 -22.46
N LEU I 34 15.60 29.49 -21.23
CA LEU I 34 15.22 30.88 -21.03
C LEU I 34 16.34 31.83 -21.45
N SER I 35 17.60 31.46 -21.21
CA SER I 35 18.75 32.29 -21.57
C SER I 35 19.19 32.12 -23.02
N ASN I 36 18.49 31.30 -23.80
CA ASN I 36 18.85 30.97 -25.18
C ASN I 36 20.21 30.29 -25.28
N LYS I 37 20.72 29.76 -24.18
CA LYS I 37 21.95 28.96 -24.24
C LYS I 37 21.73 27.71 -25.09
N VAL I 38 20.51 27.15 -25.06
CA VAL I 38 20.08 26.16 -26.04
C VAL I 38 18.83 26.70 -26.73
N THR I 39 18.69 26.35 -28.01
CA THR I 39 17.55 26.75 -28.82
C THR I 39 17.05 25.54 -29.59
N ALA I 40 15.94 25.72 -30.31
CA ALA I 40 15.37 24.62 -31.07
C ALA I 40 16.38 24.02 -32.05
N GLN I 41 17.30 24.85 -32.58
CA GLN I 41 18.30 24.33 -33.51
C GLN I 41 19.24 23.35 -32.83
N ASP I 42 19.44 23.48 -31.51
CA ASP I 42 20.22 22.51 -30.78
C ASP I 42 19.45 21.24 -30.52
N MET I 43 18.13 21.30 -30.56
CA MET I 43 17.29 20.25 -30.00
C MET I 43 16.80 19.31 -31.10
N ARG I 44 17.75 18.56 -31.66
CA ARG I 44 17.43 17.67 -32.77
C ARG I 44 18.30 16.43 -32.69
N ILE I 45 17.66 15.27 -32.90
CA ILE I 45 18.33 13.97 -32.81
C ILE I 45 19.42 13.86 -33.87
N THR I 46 20.48 13.12 -33.54
CA THR I 46 21.62 12.93 -34.43
C THR I 46 21.50 11.66 -35.24
N PRO I 47 22.22 11.57 -36.36
CA PRO I 47 22.32 10.27 -37.04
C PRO I 47 22.97 9.20 -36.16
N GLU I 48 23.91 9.59 -35.30
CA GLU I 48 24.55 8.62 -34.41
C GLU I 48 23.53 7.97 -33.50
N THR I 49 22.63 8.76 -32.91
CA THR I 49 21.59 8.20 -32.05
C THR I 49 20.66 7.29 -32.84
N LEU I 50 20.24 7.71 -34.03
CA LEU I 50 19.35 6.87 -34.80
C LEU I 50 20.03 5.57 -35.21
N ARG I 51 21.34 5.62 -35.47
CA ARG I 51 22.03 4.39 -35.84
C ARG I 51 22.24 3.48 -34.65
N LEU I 52 22.41 4.05 -33.45
CA LEU I 52 22.36 3.23 -32.25
C LEU I 52 21.01 2.55 -32.10
N GLN I 53 19.93 3.31 -32.30
CA GLN I 53 18.59 2.71 -32.19
C GLN I 53 18.37 1.64 -33.25
N ALA I 54 18.90 1.85 -34.46
CA ALA I 54 18.80 0.81 -35.48
C ALA I 54 19.49 -0.47 -35.04
N SER I 55 20.67 -0.35 -34.41
CA SER I 55 21.36 -1.58 -33.98
C SER I 55 20.58 -2.27 -32.86
N ILE I 56 19.92 -1.50 -31.99
CA ILE I 56 19.06 -2.11 -30.98
C ILE I 56 17.89 -2.82 -31.64
N ALA I 57 17.29 -2.20 -32.66
CA ALA I 57 16.19 -2.83 -33.38
C ALA I 57 16.64 -4.12 -34.04
N LYS I 58 17.82 -4.12 -34.66
CA LYS I 58 18.36 -5.36 -35.23
C LYS I 58 18.58 -6.42 -34.15
N ASP I 59 19.07 -6.01 -32.97
CA ASP I 59 19.26 -6.97 -31.89
C ASP I 59 17.92 -7.54 -31.43
N ALA I 60 16.86 -6.74 -31.49
CA ALA I 60 15.52 -7.20 -31.15
C ALA I 60 14.85 -7.96 -32.30
N GLY I 61 15.57 -8.20 -33.39
CA GLY I 61 15.03 -8.92 -34.52
C GLY I 61 14.06 -8.13 -35.38
N ARG I 62 14.16 -6.80 -35.37
CA ARG I 62 13.27 -5.92 -36.13
C ARG I 62 14.10 -5.25 -37.21
N ASP I 63 14.38 -6.00 -38.29
CA ASP I 63 15.30 -5.52 -39.31
C ASP I 63 14.67 -4.42 -40.15
N ARG I 64 13.36 -4.50 -40.42
CA ARG I 64 12.72 -3.47 -41.22
C ARG I 64 12.65 -2.16 -40.45
N LEU I 65 12.37 -2.23 -39.15
CA LEU I 65 12.42 -1.02 -38.33
C LEU I 65 13.80 -0.39 -38.37
N ALA I 66 14.86 -1.22 -38.27
CA ALA I 66 16.21 -0.69 -38.34
C ALA I 66 16.47 -0.01 -39.68
N MET I 67 15.97 -0.59 -40.77
CA MET I 67 16.11 0.03 -42.09
CA MET I 67 16.11 0.03 -42.09
C MET I 67 15.47 1.41 -42.11
N ASN I 68 14.29 1.54 -41.51
CA ASN I 68 13.64 2.85 -41.39
C ASN I 68 14.55 3.80 -40.61
N PHE I 69 15.09 3.34 -39.49
CA PHE I 69 15.96 4.21 -38.67
C PHE I 69 17.22 4.60 -39.42
N GLU I 70 17.74 3.73 -40.31
CA GLU I 70 18.91 4.10 -41.09
C GLU I 70 18.57 5.17 -42.13
N ARG I 71 17.41 5.04 -42.78
CA ARG I 71 16.95 6.13 -43.65
C ARG I 71 16.81 7.43 -42.86
N ALA I 72 16.21 7.35 -41.68
CA ALA I 72 16.04 8.53 -40.84
C ALA I 72 17.37 9.17 -40.50
N ALA I 73 18.37 8.34 -40.21
CA ALA I 73 19.71 8.85 -39.89
C ALA I 73 20.25 9.69 -41.03
N GLU I 74 20.05 9.24 -42.28
CA GLU I 74 20.48 10.01 -43.43
C GLU I 74 19.75 11.35 -43.51
N LEU I 75 18.46 11.35 -43.19
CA LEU I 75 17.60 12.52 -43.37
C LEU I 75 17.79 13.58 -42.31
N THR I 76 18.47 13.28 -41.19
CA THR I 76 18.77 14.33 -40.23
C THR I 76 19.56 15.46 -40.89
N ALA I 77 20.34 15.14 -41.92
CA ALA I 77 21.15 16.12 -42.61
C ALA I 77 20.34 17.07 -43.49
N VAL I 78 19.10 16.72 -43.79
CA VAL I 78 18.28 17.48 -44.74
C VAL I 78 17.42 18.47 -43.94
N PRO I 79 17.38 19.75 -44.32
CA PRO I 79 16.59 20.73 -43.56
C PRO I 79 15.07 20.49 -43.70
N ASP I 80 14.32 21.08 -42.76
CA ASP I 80 12.88 20.82 -42.69
C ASP I 80 12.18 21.13 -44.01
N ASP I 81 12.49 22.29 -44.61
CA ASP I 81 11.74 22.68 -45.80
C ASP I 81 12.04 21.72 -46.96
N ARG I 82 13.27 21.24 -47.06
CA ARG I 82 13.62 20.31 -48.12
C ARG I 82 13.02 18.93 -47.88
N ILE I 83 12.87 18.52 -46.62
CA ILE I 83 12.16 17.28 -46.31
C ILE I 83 10.73 17.37 -46.83
N LEU I 84 10.05 18.48 -46.53
CA LEU I 84 8.68 18.66 -47.01
C LEU I 84 8.63 18.67 -48.53
N GLU I 85 9.62 19.28 -49.17
CA GLU I 85 9.61 19.36 -50.62
C GLU I 85 9.80 17.98 -51.25
N ILE I 86 10.68 17.16 -50.67
CA ILE I 86 10.90 15.83 -51.21
C ILE I 86 9.70 14.94 -50.96
N TYR I 87 9.12 15.02 -49.76
CA TYR I 87 7.90 14.27 -49.50
C TYR I 87 6.82 14.64 -50.49
N ASN I 88 6.61 15.95 -50.71
CA ASN I 88 5.56 16.33 -51.64
CA ASN I 88 5.61 16.41 -51.67
C ASN I 88 5.90 15.88 -53.07
N ALA I 89 7.19 15.89 -53.46
CA ALA I 89 7.54 15.44 -54.81
C ALA I 89 7.20 13.98 -55.04
N LEU I 90 7.21 13.17 -53.99
CA LEU I 90 6.89 11.75 -54.08
C LEU I 90 5.39 11.47 -54.11
N ARG I 91 4.54 12.47 -53.86
CA ARG I 91 3.11 12.25 -53.89
C ARG I 91 2.63 12.17 -55.34
N PRO I 92 1.45 11.57 -55.57
CA PRO I 92 1.04 11.30 -56.96
C PRO I 92 0.90 12.56 -57.79
N TYR I 93 1.44 12.50 -59.01
CA TYR I 93 1.28 13.49 -60.08
C TYR I 93 2.00 14.80 -59.81
N ARG I 94 2.92 14.85 -58.84
CA ARG I 94 3.62 16.09 -58.53
C ARG I 94 4.84 16.30 -59.41
N SER I 95 5.50 15.23 -59.83
CA SER I 95 6.86 15.31 -60.31
C SER I 95 7.02 14.69 -61.69
N THR I 96 7.98 15.22 -62.44
CA THR I 96 8.47 14.49 -63.59
C THR I 96 9.51 13.46 -63.14
N LYS I 97 9.77 12.48 -64.00
CA LYS I 97 10.82 11.52 -63.70
C LYS I 97 12.15 12.24 -63.44
N GLU I 98 12.50 13.19 -64.31
CA GLU I 98 13.77 13.91 -64.17
C GLU I 98 13.84 14.64 -62.83
N GLU I 99 12.72 15.21 -62.37
CA GLU I 99 12.72 15.89 -61.08
C GLU I 99 12.99 14.90 -59.95
N LEU I 100 12.45 13.71 -60.04
CA LEU I 100 12.71 12.72 -59.00
C LEU I 100 14.16 12.25 -59.04
N LEU I 101 14.70 12.01 -60.23
CA LEU I 101 16.10 11.62 -60.34
C LEU I 101 17.01 12.73 -59.85
N ALA I 102 16.63 13.99 -60.06
CA ALA I 102 17.47 15.08 -59.58
C ALA I 102 17.44 15.16 -58.05
N ILE I 103 16.29 14.88 -57.45
CA ILE I 103 16.21 14.83 -55.99
C ILE I 103 17.10 13.72 -55.46
N ALA I 104 17.07 12.56 -56.12
CA ALA I 104 17.92 11.45 -55.70
C ALA I 104 19.40 11.81 -55.80
N ASP I 105 19.81 12.41 -56.91
CA ASP I 105 21.21 12.79 -57.06
C ASP I 105 21.63 13.86 -56.05
N ASP I 106 20.71 14.75 -55.68
CA ASP I 106 21.00 15.74 -54.65
C ASP I 106 21.11 15.08 -53.28
N LEU I 107 20.21 14.14 -52.96
CA LEU I 107 20.31 13.44 -51.68
C LEU I 107 21.69 12.81 -51.52
N GLU I 108 22.21 12.21 -52.59
CA GLU I 108 23.50 11.53 -52.55
C GLU I 108 24.66 12.52 -52.52
N SER I 109 24.70 13.45 -53.47
CA SER I 109 25.86 14.31 -53.61
CA SER I 109 25.86 14.32 -53.62
C SER I 109 25.94 15.36 -52.50
N ARG I 110 24.80 15.91 -52.08
CA ARG I 110 24.81 16.98 -51.10
C ARG I 110 24.70 16.48 -49.66
N TYR I 111 23.94 15.41 -49.42
CA TYR I 111 23.70 14.96 -48.05
C TYR I 111 24.27 13.58 -47.76
N GLN I 112 24.91 12.93 -48.74
CA GLN I 112 25.42 11.56 -48.58
C GLN I 112 24.32 10.60 -48.14
N ALA I 113 23.07 10.91 -48.48
CA ALA I 113 21.93 10.07 -48.13
C ALA I 113 21.73 9.01 -49.21
N LYS I 114 22.62 8.00 -49.16
CA LYS I 114 22.72 7.05 -50.27
C LYS I 114 21.52 6.10 -50.31
N ILE I 115 21.06 5.65 -49.15
CA ILE I 115 19.90 4.76 -49.12
C ILE I 115 18.65 5.50 -49.56
N CYS I 116 18.45 6.73 -49.06
CA CYS I 116 17.28 7.50 -49.47
C CYS I 116 17.34 7.85 -50.96
N ALA I 117 18.54 8.15 -51.48
CA ALA I 117 18.69 8.40 -52.91
C ALA I 117 18.24 7.21 -53.74
N ALA I 118 18.68 5.99 -53.36
CA ALA I 118 18.25 4.81 -54.12
C ALA I 118 16.75 4.59 -53.98
N PHE I 119 16.19 4.91 -52.83
CA PHE I 119 14.75 4.80 -52.59
C PHE I 119 13.98 5.71 -53.54
N VAL I 120 14.45 6.95 -53.72
CA VAL I 120 13.80 7.89 -54.62
C VAL I 120 13.97 7.46 -56.06
N ARG I 121 15.18 7.03 -56.43
CA ARG I 121 15.39 6.51 -57.78
C ARG I 121 14.48 5.32 -58.07
N GLU I 122 14.31 4.45 -57.08
CA GLU I 122 13.42 3.30 -57.23
C GLU I 122 11.99 3.75 -57.48
N ALA I 123 11.53 4.73 -56.70
CA ALA I 123 10.21 5.30 -56.92
C ALA I 123 10.07 5.90 -58.32
N ALA I 124 11.11 6.58 -58.80
CA ALA I 124 11.03 7.25 -60.10
C ALA I 124 10.74 6.26 -61.21
N THR I 125 11.43 5.12 -61.20
CA THR I 125 11.21 4.10 -62.21
C THR I 125 9.81 3.52 -62.12
N LEU I 126 9.34 3.23 -60.90
CA LEU I 126 8.03 2.64 -60.75
C LEU I 126 6.91 3.63 -61.03
N TYR I 127 7.14 4.93 -60.81
CA TYR I 127 6.11 5.92 -61.11
C TYR I 127 5.90 6.06 -62.61
N VAL I 128 6.93 5.83 -63.41
CA VAL I 128 6.73 5.74 -64.86
C VAL I 128 5.81 4.58 -65.19
N GLU I 129 6.14 3.40 -64.66
CA GLU I 129 5.41 2.19 -64.98
C GLU I 129 3.96 2.28 -64.53
N ARG I 130 3.73 2.82 -63.33
CA ARG I 130 2.39 2.88 -62.77
C ARG I 130 1.73 4.23 -63.00
N LYS I 131 2.37 5.12 -63.77
CA LYS I 131 1.79 6.38 -64.23
C LYS I 131 1.31 7.23 -63.06
N LYS I 132 2.26 7.58 -62.20
CA LYS I 132 1.99 8.49 -61.09
C LYS I 132 2.84 9.76 -61.17
N LEU I 133 3.32 10.11 -62.36
CA LEU I 133 4.09 11.32 -62.55
C LEU I 133 3.18 12.48 -62.97
N LYS I 134 3.74 13.69 -62.92
CA LYS I 134 3.03 14.86 -63.43
C LYS I 134 2.48 14.58 -64.83
N GLY I 135 1.22 14.95 -65.05
CA GLY I 135 0.60 14.76 -66.34
C GLY I 135 0.00 13.39 -66.59
N ASP I 136 0.12 12.46 -65.64
CA ASP I 136 -0.46 11.13 -65.77
C ASP I 136 -1.88 11.05 -65.21
N ASP I 137 -2.40 12.12 -64.64
CA ASP I 137 -3.76 12.09 -64.10
C ASP I 137 -4.80 12.47 -65.15
N MET J 1 -19.36 24.47 -6.81
CA MET J 1 -19.74 24.20 -8.19
C MET J 1 -19.39 22.78 -8.60
N ARG J 2 -20.32 22.13 -9.29
CA ARG J 2 -20.17 20.73 -9.65
C ARG J 2 -19.63 20.61 -11.07
N SER J 3 -18.82 19.58 -11.28
CA SER J 3 -18.42 19.21 -12.63
C SER J 3 -19.64 18.66 -13.39
N LYS J 4 -19.96 19.29 -14.52
CA LYS J 4 -21.04 18.77 -15.36
C LYS J 4 -20.70 17.42 -15.98
N ARG J 5 -19.40 17.13 -16.14
CA ARG J 5 -18.97 15.80 -16.54
C ARG J 5 -19.40 14.77 -15.51
N PHE J 6 -19.23 15.06 -14.22
CA PHE J 6 -19.60 14.08 -13.22
C PHE J 6 -21.11 14.01 -13.03
N GLU J 7 -21.82 15.12 -13.28
CA GLU J 7 -23.27 15.08 -13.25
C GLU J 7 -23.83 14.20 -14.36
N ALA J 8 -23.21 14.25 -15.55
CA ALA J 8 -23.62 13.36 -16.63
C ALA J 8 -23.37 11.90 -16.27
N LEU J 9 -22.22 11.61 -15.63
CA LEU J 9 -21.90 10.24 -15.29
C LEU J 9 -22.80 9.72 -14.17
N ALA J 10 -23.11 10.56 -13.18
CA ALA J 10 -23.92 10.11 -12.05
C ALA J 10 -25.31 9.66 -12.48
N LYS J 11 -25.83 10.22 -13.57
CA LYS J 11 -27.14 9.88 -14.09
C LYS J 11 -27.17 8.55 -14.86
N ARG J 12 -26.03 7.94 -15.12
CA ARG J 12 -26.00 6.76 -15.98
C ARG J 12 -26.65 5.56 -15.28
N PRO J 13 -27.39 4.73 -16.03
CA PRO J 13 -28.05 3.57 -15.41
C PRO J 13 -27.14 2.68 -14.56
N VAL J 14 -25.87 2.49 -14.95
CA VAL J 14 -25.00 1.59 -14.20
C VAL J 14 -24.85 2.05 -12.75
N ASN J 15 -25.02 3.34 -12.49
CA ASN J 15 -24.86 3.81 -11.12
C ASN J 15 -26.11 3.59 -10.26
N GLN J 16 -27.14 2.95 -10.82
CA GLN J 16 -28.23 2.41 -10.01
C GLN J 16 -27.97 0.98 -9.55
N ASP J 17 -26.95 0.31 -10.09
CA ASP J 17 -26.66 -1.06 -9.70
C ASP J 17 -26.13 -1.12 -8.27
N GLY J 18 -26.30 -2.29 -7.64
CA GLY J 18 -25.79 -2.50 -6.30
C GLY J 18 -24.36 -2.99 -6.31
N PHE J 19 -23.44 -2.17 -5.80
CA PHE J 19 -22.04 -2.56 -5.64
C PHE J 19 -21.71 -2.53 -4.15
N VAL J 20 -20.92 -3.51 -3.69
CA VAL J 20 -20.48 -3.53 -2.30
C VAL J 20 -19.00 -3.88 -2.25
N LYS J 21 -18.34 -3.41 -1.20
CA LYS J 21 -17.00 -3.85 -0.91
C LYS J 21 -17.04 -5.25 -0.31
N GLU J 22 -15.94 -5.97 -0.43
CA GLU J 22 -15.92 -7.36 0.01
C GLU J 22 -16.12 -7.46 1.51
N TRP J 23 -16.87 -8.48 1.92
CA TRP J 23 -17.14 -8.82 3.33
C TRP J 23 -16.69 -10.26 3.46
N ILE J 24 -15.39 -10.45 3.75
CA ILE J 24 -14.82 -11.78 3.70
C ILE J 24 -15.41 -12.67 4.78
N GLU J 25 -15.68 -12.09 5.96
CA GLU J 25 -16.18 -12.87 7.08
C GLU J 25 -17.51 -13.54 6.76
N GLU J 26 -18.31 -12.96 5.87
CA GLU J 26 -19.60 -13.53 5.52
C GLU J 26 -19.63 -14.07 4.10
N GLY J 27 -18.45 -14.32 3.52
CA GLY J 27 -18.41 -14.90 2.20
C GLY J 27 -18.82 -13.98 1.08
N PHE J 28 -18.92 -12.67 1.32
CA PHE J 28 -19.28 -11.73 0.27
C PHE J 28 -18.02 -11.35 -0.49
N ILE J 29 -17.51 -12.35 -1.21
CA ILE J 29 -16.32 -12.25 -2.03
C ILE J 29 -16.46 -13.33 -3.09
N ALA J 30 -16.22 -12.99 -4.36
CA ALA J 30 -16.64 -13.88 -5.44
C ALA J 30 -15.75 -15.11 -5.54
N MET J 31 -14.45 -14.93 -5.38
CA MET J 31 -13.50 -16.03 -5.54
C MET J 31 -12.21 -15.60 -4.88
N GLU J 32 -11.28 -16.55 -4.77
CA GLU J 32 -9.93 -16.27 -4.32
C GLU J 32 -9.94 -15.61 -2.94
N SER J 33 -10.75 -16.22 -2.00
CA SER J 33 -10.79 -15.70 -0.63
C SER J 33 -9.69 -16.33 0.23
N PRO J 34 -9.11 -15.56 1.15
CA PRO J 34 -8.11 -16.13 2.06
C PRO J 34 -8.68 -17.18 3.01
N ASN J 35 -10.01 -17.22 3.20
CA ASN J 35 -10.65 -18.23 4.03
C ASN J 35 -10.90 -19.54 3.30
N ASP J 36 -10.72 -19.60 1.98
CA ASP J 36 -11.02 -20.82 1.28
C ASP J 36 -10.00 -21.89 1.67
N PRO J 37 -10.41 -23.15 1.80
CA PRO J 37 -9.46 -24.19 2.22
C PRO J 37 -8.44 -24.49 1.13
N LYS J 38 -7.22 -24.81 1.57
CA LYS J 38 -6.18 -25.30 0.68
C LYS J 38 -6.56 -26.70 0.18
N PRO J 39 -6.35 -26.99 -1.10
CA PRO J 39 -6.71 -28.32 -1.61
C PRO J 39 -5.92 -29.41 -0.91
N SER J 40 -6.62 -30.49 -0.56
CA SER J 40 -5.95 -31.66 -0.02
C SER J 40 -6.88 -32.86 -0.13
N ILE J 41 -6.29 -34.04 -0.08
CA ILE J 41 -7.09 -35.25 0.05
C ILE J 41 -6.22 -36.33 0.66
N LYS J 42 -6.81 -37.10 1.56
CA LYS J 42 -6.15 -38.28 2.09
C LYS J 42 -7.12 -39.45 1.99
N ILE J 43 -6.61 -40.57 1.49
CA ILE J 43 -7.39 -41.79 1.25
C ILE J 43 -6.69 -42.93 1.99
N VAL J 44 -7.44 -43.63 2.83
CA VAL J 44 -6.93 -44.79 3.55
C VAL J 44 -7.88 -45.95 3.33
N ASN J 45 -7.34 -47.07 2.85
CA ASN J 45 -8.13 -48.28 2.62
C ASN J 45 -9.34 -47.97 1.74
N GLY J 46 -9.14 -47.12 0.74
CA GLY J 46 -10.19 -46.82 -0.22
C GLY J 46 -11.25 -45.82 0.21
N ALA J 47 -11.14 -45.22 1.40
CA ALA J 47 -12.07 -44.21 1.85
C ALA J 47 -11.34 -42.90 2.15
N VAL J 48 -12.01 -41.78 1.86
CA VAL J 48 -11.43 -40.46 2.12
C VAL J 48 -11.45 -40.19 3.62
N THR J 49 -10.28 -39.89 4.18
CA THR J 49 -10.19 -39.48 5.58
C THR J 49 -9.98 -37.98 5.76
N GLU J 50 -9.63 -37.27 4.68
CA GLU J 50 -9.42 -35.83 4.72
CA GLU J 50 -9.42 -35.83 4.72
C GLU J 50 -9.80 -35.24 3.37
N LEU J 51 -10.52 -34.11 3.40
CA LEU J 51 -10.97 -33.46 2.18
C LEU J 51 -10.74 -31.96 2.32
N ASP J 52 -9.83 -31.42 1.52
CA ASP J 52 -9.52 -29.99 1.52
C ASP J 52 -9.32 -29.46 2.94
N GLY J 53 -8.41 -30.11 3.66
CA GLY J 53 -8.03 -29.67 4.99
C GLY J 53 -9.01 -29.97 6.10
N LYS J 54 -10.10 -30.67 5.81
CA LYS J 54 -11.09 -31.03 6.83
C LYS J 54 -11.00 -32.53 7.12
N PRO J 55 -10.86 -32.94 8.39
CA PRO J 55 -10.87 -34.37 8.70
C PRO J 55 -12.28 -34.94 8.64
N VAL J 56 -12.36 -36.24 8.33
CA VAL J 56 -13.65 -36.90 8.15
C VAL J 56 -14.52 -36.78 9.40
N SER J 57 -13.89 -36.70 10.58
CA SER J 57 -14.66 -36.51 11.81
C SER J 57 -15.51 -35.24 11.76
N ASP J 58 -15.05 -34.23 11.03
CA ASP J 58 -15.71 -32.94 10.98
C ASP J 58 -16.55 -32.74 9.72
N PHE J 59 -16.69 -33.77 8.87
CA PHE J 59 -17.43 -33.64 7.63
C PHE J 59 -18.89 -33.27 7.89
N ASP J 60 -19.43 -32.37 7.07
CA ASP J 60 -20.86 -32.16 7.04
C ASP J 60 -21.47 -33.06 5.95
N LEU J 61 -22.80 -32.98 5.76
CA LEU J 61 -23.45 -33.85 4.77
C LEU J 61 -22.89 -33.65 3.37
N ILE J 62 -22.48 -32.41 3.05
CA ILE J 62 -21.93 -32.13 1.72
C ILE J 62 -20.56 -32.79 1.56
N ASP J 63 -19.69 -32.65 2.56
CA ASP J 63 -18.38 -33.33 2.54
C ASP J 63 -18.56 -34.84 2.37
N HIS J 64 -19.44 -35.45 3.17
CA HIS J 64 -19.67 -36.88 3.08
C HIS J 64 -20.13 -37.28 1.69
N PHE J 65 -21.10 -36.53 1.12
CA PHE J 65 -21.64 -36.90 -0.17
C PHE J 65 -20.57 -36.81 -1.25
N ILE J 66 -19.77 -35.74 -1.21
CA ILE J 66 -18.73 -35.53 -2.22
C ILE J 66 -17.61 -36.56 -2.05
N ALA J 67 -17.18 -36.79 -0.81
CA ALA J 67 -16.07 -37.71 -0.57
C ALA J 67 -16.43 -39.14 -0.94
N ARG J 68 -17.70 -39.51 -0.79
CA ARG J 68 -18.09 -40.89 -1.06
C ARG J 68 -18.53 -41.13 -2.50
N TYR J 69 -19.02 -40.10 -3.19
CA TYR J 69 -19.64 -40.29 -4.51
C TYR J 69 -19.14 -39.36 -5.59
N GLY J 70 -18.38 -38.31 -5.26
CA GLY J 70 -18.13 -37.26 -6.22
C GLY J 70 -16.71 -37.12 -6.77
N ILE J 71 -15.78 -37.96 -6.32
CA ILE J 71 -14.38 -37.84 -6.71
C ILE J 71 -13.85 -39.22 -7.08
N ASN J 72 -13.19 -39.32 -8.24
CA ASN J 72 -12.52 -40.57 -8.60
CA ASN J 72 -12.52 -40.57 -8.62
C ASN J 72 -11.30 -40.76 -7.73
N LEU J 73 -11.38 -41.68 -6.78
CA LEU J 73 -10.33 -41.83 -5.80
C LEU J 73 -9.10 -42.53 -6.36
N ASN J 74 -9.19 -43.14 -7.54
CA ASN J 74 -8.06 -43.87 -8.09
C ASN J 74 -6.94 -42.92 -8.51
N ARG J 75 -7.27 -41.71 -8.97
CA ARG J 75 -6.26 -40.78 -9.43
C ARG J 75 -6.21 -39.51 -8.59
N ALA J 76 -6.97 -39.46 -7.49
CA ALA J 76 -7.11 -38.22 -6.75
C ALA J 76 -5.77 -37.76 -6.17
N GLU J 77 -5.01 -38.67 -5.58
CA GLU J 77 -3.71 -38.29 -5.02
C GLU J 77 -2.75 -37.86 -6.12
N GLU J 78 -2.77 -38.55 -7.26
CA GLU J 78 -1.93 -38.18 -8.40
C GLU J 78 -2.26 -36.78 -8.90
N VAL J 79 -3.55 -36.49 -9.08
CA VAL J 79 -3.93 -35.19 -9.63
C VAL J 79 -3.73 -34.08 -8.59
N MET J 80 -3.96 -34.38 -7.30
CA MET J 80 -3.70 -33.38 -6.27
C MET J 80 -2.26 -32.89 -6.31
N ALA J 81 -1.33 -33.79 -6.64
CA ALA J 81 0.09 -33.45 -6.68
C ALA J 81 0.50 -32.71 -7.95
N MET J 82 -0.35 -32.70 -8.97
CA MET J 82 -0.03 -32.01 -10.21
C MET J 82 -0.07 -30.51 -9.99
N ASP J 83 0.76 -29.79 -10.75
CA ASP J 83 0.79 -28.34 -10.63
C ASP J 83 -0.49 -27.71 -11.17
N SER J 84 -1.16 -26.91 -10.34
CA SER J 84 -2.44 -26.33 -10.75
C SER J 84 -2.29 -25.36 -11.93
N VAL J 85 -1.13 -24.70 -12.05
CA VAL J 85 -0.91 -23.85 -13.21
C VAL J 85 -0.83 -24.69 -14.48
N LYS J 86 -0.09 -25.82 -14.41
CA LYS J 86 -0.04 -26.73 -15.55
C LYS J 86 -1.43 -27.23 -15.93
N LEU J 87 -2.25 -27.57 -14.93
CA LEU J 87 -3.61 -28.04 -15.19
C LEU J 87 -4.47 -26.94 -15.84
N ALA J 88 -4.33 -25.69 -15.39
CA ALA J 88 -5.04 -24.59 -16.02
C ALA J 88 -4.58 -24.40 -17.47
N ASN J 89 -3.29 -24.52 -17.71
CA ASN J 89 -2.77 -24.47 -19.08
C ASN J 89 -3.40 -25.56 -19.95
N MET J 90 -3.47 -26.78 -19.43
CA MET J 90 -4.10 -27.88 -20.16
C MET J 90 -5.54 -27.56 -20.53
N LEU J 91 -6.26 -26.86 -19.64
CA LEU J 91 -7.67 -26.58 -19.88
C LEU J 91 -7.88 -25.74 -21.13
N CYS J 92 -7.01 -24.75 -21.37
CA CYS J 92 -7.18 -23.87 -22.51
C CYS J 92 -6.29 -24.21 -23.70
N ASP J 93 -5.34 -25.15 -23.54
CA ASP J 93 -4.49 -25.60 -24.65
C ASP J 93 -5.34 -26.30 -25.70
N PRO J 94 -5.41 -25.81 -26.94
CA PRO J 94 -6.29 -26.45 -27.93
C PRO J 94 -5.90 -27.87 -28.25
N ASN J 95 -4.65 -28.28 -27.95
CA ASN J 95 -4.13 -29.58 -28.32
C ASN J 95 -4.11 -30.58 -27.17
N VAL J 96 -4.69 -30.24 -26.03
CA VAL J 96 -4.94 -31.23 -24.99
C VAL J 96 -6.42 -31.57 -25.08
N LYS J 97 -6.71 -32.82 -25.45
CA LYS J 97 -8.08 -33.22 -25.73
C LYS J 97 -8.94 -33.17 -24.48
N ARG J 98 -10.22 -32.84 -24.69
CA ARG J 98 -11.22 -32.94 -23.62
C ARG J 98 -11.16 -34.30 -22.95
N SER J 99 -10.97 -35.37 -23.74
CA SER J 99 -10.96 -36.72 -23.18
C SER J 99 -9.71 -36.98 -22.33
N GLU J 100 -8.66 -36.18 -22.51
CA GLU J 100 -7.49 -36.29 -21.63
C GLU J 100 -7.73 -35.59 -20.32
N ILE J 101 -8.60 -34.59 -20.30
CA ILE J 101 -8.76 -33.73 -19.14
C ILE J 101 -9.81 -34.29 -18.18
N VAL J 102 -10.91 -34.83 -18.71
CA VAL J 102 -12.00 -35.30 -17.84
C VAL J 102 -11.52 -36.31 -16.80
N PRO J 103 -10.65 -37.28 -17.13
CA PRO J 103 -10.15 -38.17 -16.06
C PRO J 103 -9.40 -37.44 -14.95
N LEU J 104 -8.80 -36.29 -15.26
CA LEU J 104 -8.08 -35.52 -14.25
C LEU J 104 -9.04 -34.69 -13.40
N THR J 105 -9.92 -33.91 -14.03
CA THR J 105 -10.84 -33.06 -13.28
C THR J 105 -11.77 -33.86 -12.39
N THR J 106 -12.28 -35.00 -12.88
CA THR J 106 -13.16 -35.83 -12.06
C THR J 106 -12.43 -36.49 -10.89
N ALA J 107 -11.11 -36.36 -10.81
CA ALA J 107 -10.34 -36.81 -9.66
C ALA J 107 -9.90 -35.68 -8.76
N MET J 108 -10.25 -34.44 -9.08
CA MET J 108 -9.91 -33.28 -8.27
C MET J 108 -10.91 -33.09 -7.13
N THR J 109 -10.43 -32.46 -6.06
CA THR J 109 -11.33 -32.00 -5.00
C THR J 109 -11.97 -30.67 -5.40
N PRO J 110 -13.02 -30.25 -4.70
CA PRO J 110 -13.59 -28.92 -4.98
C PRO J 110 -12.57 -27.79 -4.85
N ALA J 111 -11.75 -27.79 -3.79
CA ALA J 111 -10.76 -26.71 -3.68
C ALA J 111 -9.72 -26.81 -4.80
N LYS J 112 -9.36 -28.01 -5.22
CA LYS J 112 -8.33 -28.17 -6.24
C LYS J 112 -8.78 -27.60 -7.58
N ILE J 113 -10.00 -27.95 -8.03
CA ILE J 113 -10.40 -27.44 -9.33
C ILE J 113 -10.64 -25.93 -9.27
N VAL J 114 -11.05 -25.39 -8.11
CA VAL J 114 -11.15 -23.94 -7.98
C VAL J 114 -9.78 -23.28 -8.09
N GLU J 115 -8.77 -23.89 -7.47
CA GLU J 115 -7.40 -23.37 -7.59
C GLU J 115 -6.93 -23.36 -9.03
N VAL J 116 -7.23 -24.42 -9.78
CA VAL J 116 -6.86 -24.52 -11.19
C VAL J 116 -7.48 -23.38 -11.99
N VAL J 117 -8.81 -23.24 -11.95
CA VAL J 117 -9.44 -22.24 -12.82
C VAL J 117 -9.15 -20.82 -12.35
N SER J 118 -8.82 -20.61 -11.07
CA SER J 118 -8.55 -19.26 -10.60
C SER J 118 -7.21 -18.73 -11.11
N HIS J 119 -6.37 -19.57 -11.72
CA HIS J 119 -5.19 -19.09 -12.42
C HIS J 119 -5.49 -18.45 -13.78
N MET J 120 -6.75 -18.41 -14.20
CA MET J 120 -7.09 -18.09 -15.57
C MET J 120 -7.77 -16.72 -15.67
N ASN J 121 -7.52 -16.03 -16.78
CA ASN J 121 -8.30 -14.85 -17.13
C ASN J 121 -9.50 -15.31 -17.98
N VAL J 122 -10.42 -14.38 -18.29
CA VAL J 122 -11.65 -14.82 -18.93
C VAL J 122 -11.41 -15.25 -20.37
N VAL J 123 -10.38 -14.71 -21.04
CA VAL J 123 -10.08 -15.19 -22.39
C VAL J 123 -9.66 -16.66 -22.34
N GLU J 124 -8.80 -17.01 -21.37
CA GLU J 124 -8.39 -18.40 -21.21
C GLU J 124 -9.56 -19.28 -20.85
N MET J 125 -10.45 -18.79 -19.98
CA MET J 125 -11.61 -19.57 -19.59
C MET J 125 -12.54 -19.83 -20.77
N MET J 126 -12.75 -18.81 -21.62
CA MET J 126 -13.56 -19.00 -22.82
C MET J 126 -12.91 -19.99 -23.78
N MET J 127 -11.60 -19.83 -23.99
CA MET J 127 -10.85 -20.76 -24.81
C MET J 127 -11.01 -22.21 -24.32
N ALA J 128 -10.99 -22.41 -22.99
CA ALA J 128 -11.23 -23.74 -22.43
C ALA J 128 -12.68 -24.17 -22.57
N MET J 129 -13.63 -23.24 -22.40
CA MET J 129 -15.04 -23.63 -22.42
C MET J 129 -15.45 -24.19 -23.77
N GLN J 130 -14.94 -23.61 -24.87
CA GLN J 130 -15.34 -24.11 -26.17
C GLN J 130 -14.90 -25.55 -26.38
N LYS J 131 -13.90 -26.01 -25.63
CA LYS J 131 -13.43 -27.38 -25.68
C LYS J 131 -14.12 -28.27 -24.66
N MET J 132 -14.36 -27.77 -23.45
CA MET J 132 -14.90 -28.62 -22.40
C MET J 132 -16.41 -28.76 -22.46
N ARG J 133 -17.11 -27.86 -23.15
CA ARG J 133 -18.55 -28.03 -23.35
C ARG J 133 -18.87 -29.43 -23.86
N ALA J 134 -19.82 -30.09 -23.20
CA ALA J 134 -20.08 -31.50 -23.50
C ALA J 134 -20.69 -31.68 -24.89
N ARG J 135 -21.76 -30.96 -25.19
CA ARG J 135 -22.40 -31.10 -26.50
C ARG J 135 -21.69 -30.22 -27.53
N ARG J 136 -21.44 -30.79 -28.71
CA ARG J 136 -20.77 -30.04 -29.77
CA ARG J 136 -20.76 -30.03 -29.77
C ARG J 136 -21.58 -28.81 -30.18
N THR J 137 -22.88 -28.99 -30.38
CA THR J 137 -23.73 -27.91 -30.84
C THR J 137 -24.22 -27.10 -29.64
N PRO J 138 -24.00 -25.78 -29.60
CA PRO J 138 -24.59 -24.97 -28.52
C PRO J 138 -26.11 -24.86 -28.70
N SER J 139 -26.81 -24.60 -27.61
CA SER J 139 -28.25 -24.44 -27.66
C SER J 139 -28.64 -23.26 -26.78
N GLN J 140 -29.94 -23.16 -26.50
CA GLN J 140 -30.52 -21.98 -25.87
C GLN J 140 -31.83 -22.38 -25.20
N GLN J 141 -32.12 -21.76 -24.05
CA GLN J 141 -33.33 -22.01 -23.27
C GLN J 141 -34.02 -20.67 -22.99
N ALA J 142 -35.35 -20.66 -23.00
CA ALA J 142 -36.10 -19.43 -22.75
C ALA J 142 -37.05 -19.56 -21.57
N HIS J 143 -37.31 -18.41 -20.92
CA HIS J 143 -38.45 -18.25 -20.02
C HIS J 143 -39.70 -17.90 -20.80
N VAL J 144 -40.83 -18.49 -20.39
CA VAL J 144 -42.14 -18.11 -20.90
C VAL J 144 -43.05 -17.96 -19.69
N THR J 145 -43.30 -16.72 -19.27
CA THR J 145 -44.09 -16.40 -18.09
C THR J 145 -44.87 -15.13 -18.36
N ASN J 146 -45.81 -14.81 -17.45
CA ASN J 146 -46.35 -13.46 -17.41
C ASN J 146 -46.93 -13.23 -16.02
N VAL J 147 -47.12 -11.96 -15.66
CA VAL J 147 -47.48 -11.63 -14.27
C VAL J 147 -48.90 -12.03 -13.91
N LYS J 148 -49.73 -12.40 -14.88
CA LYS J 148 -51.08 -12.85 -14.62
C LYS J 148 -51.20 -14.37 -14.61
N ASP J 149 -50.12 -15.09 -14.91
CA ASP J 149 -50.19 -16.54 -15.18
C ASP J 149 -51.23 -16.84 -16.26
N ASN J 150 -51.35 -15.93 -17.23
CA ASN J 150 -52.36 -16.08 -18.28
C ASN J 150 -51.96 -17.22 -19.20
N PRO J 151 -52.73 -18.32 -19.26
CA PRO J 151 -52.30 -19.48 -20.04
C PRO J 151 -52.37 -19.25 -21.54
N VAL J 152 -53.31 -18.44 -22.03
CA VAL J 152 -53.37 -18.20 -23.47
C VAL J 152 -52.11 -17.49 -23.93
N GLN J 153 -51.67 -16.50 -23.14
CA GLN J 153 -50.45 -15.78 -23.49
C GLN J 153 -49.24 -16.69 -23.43
N ILE J 154 -49.20 -17.59 -22.44
CA ILE J 154 -48.05 -18.50 -22.31
C ILE J 154 -47.95 -19.39 -23.55
N ALA J 155 -49.08 -19.94 -23.99
CA ALA J 155 -49.07 -20.78 -25.18
C ALA J 155 -48.52 -20.02 -26.38
N ALA J 156 -48.98 -18.78 -26.57
CA ALA J 156 -48.57 -18.01 -27.74
C ALA J 156 -47.09 -17.65 -27.66
N ASP J 157 -46.65 -17.11 -26.52
CA ASP J 157 -45.24 -16.76 -26.33
C ASP J 157 -44.36 -17.99 -26.46
N ALA J 158 -44.84 -19.14 -25.99
CA ALA J 158 -44.07 -20.38 -26.10
C ALA J 158 -43.93 -20.81 -27.56
N ALA J 159 -44.99 -20.66 -28.34
CA ALA J 159 -44.89 -20.97 -29.76
C ALA J 159 -43.86 -20.08 -30.45
N GLU J 160 -43.92 -18.77 -30.17
CA GLU J 160 -42.96 -17.85 -30.77
C GLU J 160 -41.53 -18.21 -30.38
N GLY J 161 -41.29 -18.52 -29.09
CA GLY J 161 -39.95 -18.84 -28.66
C GLY J 161 -39.40 -20.10 -29.31
N ALA J 162 -40.23 -21.13 -29.41
CA ALA J 162 -39.81 -22.34 -30.10
C ALA J 162 -39.49 -22.04 -31.56
N TRP J 163 -40.30 -21.19 -32.19
CA TRP J 163 -40.08 -20.81 -33.58
C TRP J 163 -38.77 -20.06 -33.75
N ARG J 164 -38.40 -19.25 -32.75
CA ARG J 164 -37.15 -18.50 -32.83
C ARG J 164 -35.92 -19.35 -32.57
N GLY J 165 -36.06 -20.56 -32.03
CA GLY J 165 -34.91 -21.44 -31.93
C GLY J 165 -34.63 -22.03 -30.56
N PHE J 166 -35.36 -21.63 -29.52
CA PHE J 166 -35.10 -22.19 -28.20
C PHE J 166 -35.43 -23.67 -28.20
N ASP J 167 -34.55 -24.47 -27.62
CA ASP J 167 -34.75 -25.92 -27.59
C ASP J 167 -35.29 -26.42 -26.26
N GLU J 168 -35.23 -25.58 -25.21
CA GLU J 168 -35.90 -25.77 -23.94
C GLU J 168 -36.62 -24.49 -23.58
N GLN J 169 -37.78 -24.61 -22.95
CA GLN J 169 -38.49 -23.44 -22.46
C GLN J 169 -39.05 -23.74 -21.07
N GLU J 170 -39.09 -22.69 -20.25
CA GLU J 170 -39.36 -22.79 -18.81
C GLU J 170 -40.41 -21.79 -18.39
N THR J 171 -41.40 -22.24 -17.61
CA THR J 171 -42.35 -21.35 -16.98
C THR J 171 -42.26 -21.48 -15.46
N THR J 172 -42.93 -20.56 -14.76
CA THR J 172 -43.15 -20.61 -13.32
C THR J 172 -44.39 -19.77 -13.03
N VAL J 173 -44.68 -19.55 -11.75
CA VAL J 173 -45.99 -19.09 -11.33
C VAL J 173 -45.88 -17.88 -10.42
N ALA J 174 -46.69 -16.85 -10.68
CA ALA J 174 -46.97 -15.84 -9.67
C ALA J 174 -47.80 -16.41 -8.53
N VAL J 175 -48.86 -17.15 -8.87
CA VAL J 175 -49.73 -17.80 -7.91
C VAL J 175 -49.53 -19.30 -8.06
N ALA J 176 -49.05 -19.93 -6.98
CA ALA J 176 -48.58 -21.31 -7.07
C ALA J 176 -49.68 -22.26 -7.57
N ARG J 177 -50.92 -22.01 -7.18
CA ARG J 177 -52.03 -22.90 -7.56
C ARG J 177 -52.27 -22.94 -9.07
N TYR J 178 -51.78 -21.94 -9.81
CA TYR J 178 -51.95 -21.89 -11.26
C TYR J 178 -51.08 -22.90 -12.01
N ALA J 179 -50.08 -23.50 -11.35
CA ALA J 179 -49.01 -24.21 -12.06
C ALA J 179 -49.46 -25.19 -13.13
N PRO J 180 -50.45 -26.06 -12.92
CA PRO J 180 -50.81 -27.01 -13.99
C PRO J 180 -51.25 -26.32 -15.28
N PHE J 181 -51.95 -25.18 -15.17
CA PHE J 181 -52.31 -24.43 -16.37
C PHE J 181 -51.07 -23.86 -17.06
N ASN J 182 -50.15 -23.25 -16.28
CA ASN J 182 -48.92 -22.74 -16.88
C ASN J 182 -48.17 -23.84 -17.61
N ALA J 183 -48.08 -25.02 -17.00
CA ALA J 183 -47.30 -26.10 -17.56
C ALA J 183 -47.93 -26.63 -18.85
N ILE J 184 -49.24 -26.84 -18.83
CA ILE J 184 -49.91 -27.36 -20.02
C ILE J 184 -49.83 -26.34 -21.15
N ALA J 185 -50.06 -25.07 -20.83
CA ALA J 185 -49.97 -24.02 -21.84
C ALA J 185 -48.59 -23.96 -22.45
N LEU J 186 -47.55 -24.05 -21.61
CA LEU J 186 -46.17 -24.04 -22.10
C LEU J 186 -45.91 -25.23 -23.03
N LEU J 187 -46.37 -26.41 -22.63
CA LEU J 187 -46.11 -27.62 -23.42
C LEU J 187 -46.80 -27.55 -24.77
N VAL J 188 -48.09 -27.23 -24.77
CA VAL J 188 -48.85 -27.16 -26.03
C VAL J 188 -48.23 -26.11 -26.94
N GLY J 189 -47.98 -24.92 -26.42
CA GLY J 189 -47.44 -23.87 -27.26
C GLY J 189 -46.08 -24.20 -27.82
N SER J 190 -45.20 -24.80 -27.00
CA SER J 190 -43.88 -25.18 -27.47
C SER J 190 -43.96 -26.20 -28.60
N GLN J 191 -44.82 -27.21 -28.47
CA GLN J 191 -44.94 -28.20 -29.54
C GLN J 191 -45.53 -27.61 -30.80
N VAL J 192 -46.43 -26.63 -30.69
CA VAL J 192 -46.92 -25.95 -31.88
C VAL J 192 -45.79 -25.22 -32.60
N GLY J 193 -44.93 -24.54 -31.84
CA GLY J 193 -43.85 -23.76 -32.44
C GLY J 193 -42.74 -24.62 -33.02
N ARG J 194 -42.32 -25.65 -32.27
CA ARG J 194 -41.40 -26.64 -32.84
C ARG J 194 -41.48 -27.95 -32.09
N PRO J 195 -42.09 -28.98 -32.68
CA PRO J 195 -42.15 -30.29 -32.02
C PRO J 195 -40.78 -30.77 -31.58
N GLY J 196 -40.65 -31.09 -30.30
CA GLY J 196 -39.42 -31.53 -29.70
C GLY J 196 -38.86 -30.60 -28.65
N VAL J 197 -39.29 -29.33 -28.63
CA VAL J 197 -38.86 -28.44 -27.55
C VAL J 197 -39.25 -29.05 -26.22
N LEU J 198 -38.32 -29.02 -25.26
CA LEU J 198 -38.59 -29.58 -23.93
C LEU J 198 -39.08 -28.46 -23.01
N THR J 199 -40.03 -28.79 -22.14
CA THR J 199 -40.65 -27.80 -21.26
C THR J 199 -40.59 -28.23 -19.80
N GLN J 200 -40.48 -27.23 -18.92
CA GLN J 200 -40.41 -27.42 -17.47
C GLN J 200 -41.23 -26.34 -16.79
N CYS J 201 -41.69 -26.65 -15.56
CA CYS J 201 -42.43 -25.70 -14.74
C CYS J 201 -41.78 -25.69 -13.37
N SER J 202 -41.11 -24.58 -13.03
CA SER J 202 -40.25 -24.53 -11.85
CA SER J 202 -40.25 -24.50 -11.85
C SER J 202 -41.08 -24.21 -10.61
N LEU J 203 -41.09 -25.15 -9.66
CA LEU J 203 -41.93 -25.07 -8.46
C LEU J 203 -41.18 -25.63 -7.25
N GLU J 204 -41.85 -25.58 -6.09
CA GLU J 204 -41.42 -26.40 -4.95
C GLU J 204 -41.23 -27.86 -5.39
N GLU J 205 -40.27 -28.57 -4.76
CA GLU J 205 -39.74 -29.79 -5.36
C GLU J 205 -40.78 -30.90 -5.41
N ALA J 206 -41.49 -31.16 -4.30
CA ALA J 206 -42.49 -32.22 -4.34
C ALA J 206 -43.60 -31.89 -5.31
N THR J 207 -43.97 -30.61 -5.40
CA THR J 207 -44.98 -30.17 -6.33
C THR J 207 -44.55 -30.39 -7.77
N GLU J 208 -43.29 -30.07 -8.09
CA GLU J 208 -42.84 -30.19 -9.47
C GLU J 208 -42.74 -31.65 -9.90
N LEU J 209 -42.24 -32.52 -9.01
CA LEU J 209 -42.20 -33.95 -9.33
C LEU J 209 -43.59 -34.50 -9.61
N LYS J 210 -44.57 -34.18 -8.77
CA LYS J 210 -45.92 -34.68 -9.00
C LYS J 210 -46.46 -34.19 -10.33
N LEU J 211 -46.23 -32.91 -10.63
CA LEU J 211 -46.70 -32.37 -11.91
C LEU J 211 -46.05 -33.08 -13.08
N GLY J 212 -44.74 -33.38 -12.97
CA GLY J 212 -44.08 -34.14 -14.01
C GLY J 212 -44.61 -35.57 -14.13
N MET J 213 -44.89 -36.21 -13.00
CA MET J 213 -45.45 -37.57 -13.02
CA MET J 213 -45.40 -37.57 -13.09
C MET J 213 -46.76 -37.62 -13.77
N LEU J 214 -47.53 -36.53 -13.73
CA LEU J 214 -48.80 -36.47 -14.44
C LEU J 214 -48.63 -36.22 -15.94
N GLY J 215 -47.42 -35.89 -16.40
CA GLY J 215 -47.16 -35.74 -17.82
C GLY J 215 -47.26 -34.33 -18.35
N HIS J 216 -47.33 -33.32 -17.49
CA HIS J 216 -47.54 -31.95 -17.96
C HIS J 216 -46.23 -31.19 -18.13
N THR J 217 -45.09 -31.84 -17.90
CA THR J 217 -43.78 -31.29 -18.21
C THR J 217 -42.97 -32.34 -18.94
N CYS J 218 -41.86 -31.92 -19.59
CA CYS J 218 -40.93 -32.85 -20.22
C CYS J 218 -39.64 -33.05 -19.45
N TYR J 219 -39.29 -32.13 -18.54
CA TYR J 219 -38.06 -32.26 -17.80
C TYR J 219 -38.14 -31.32 -16.60
N ALA J 220 -37.14 -31.40 -15.74
CA ALA J 220 -37.04 -30.48 -14.61
C ALA J 220 -35.60 -29.98 -14.50
N GLU J 221 -35.44 -28.72 -14.15
CA GLU J 221 -34.13 -28.10 -14.06
C GLU J 221 -33.85 -27.49 -12.71
N THR J 222 -34.85 -26.83 -12.08
CA THR J 222 -34.63 -26.05 -10.87
C THR J 222 -34.60 -26.95 -9.64
N ILE J 223 -33.85 -28.03 -9.75
CA ILE J 223 -33.72 -29.04 -8.70
C ILE J 223 -32.49 -28.60 -7.91
N SER J 224 -32.72 -27.76 -6.90
CA SER J 224 -31.66 -26.91 -6.37
C SER J 224 -30.74 -27.65 -5.41
N VAL J 225 -29.45 -27.37 -5.51
CA VAL J 225 -28.49 -27.78 -4.48
C VAL J 225 -27.72 -26.54 -4.03
N TYR J 226 -27.08 -26.66 -2.86
CA TYR J 226 -26.53 -25.55 -2.12
C TYR J 226 -25.22 -25.97 -1.50
N GLY J 227 -24.36 -25.00 -1.23
CA GLY J 227 -22.97 -25.26 -0.92
C GLY J 227 -22.60 -25.22 0.55
N THR J 228 -23.53 -24.94 1.44
CA THR J 228 -23.30 -25.13 2.87
C THR J 228 -24.49 -25.89 3.44
N GLU J 229 -24.22 -26.64 4.51
CA GLU J 229 -25.28 -27.45 5.11
C GLU J 229 -26.44 -26.63 5.66
N PRO J 230 -26.24 -25.51 6.38
CA PRO J 230 -27.42 -24.76 6.85
C PRO J 230 -28.26 -24.20 5.71
N VAL J 231 -27.63 -23.79 4.61
CA VAL J 231 -28.39 -23.25 3.48
C VAL J 231 -29.16 -24.36 2.77
N PHE J 232 -28.50 -25.51 2.55
CA PHE J 232 -29.19 -26.68 2.01
C PHE J 232 -30.43 -26.99 2.85
N THR J 233 -30.31 -26.83 4.17
CA THR J 233 -31.38 -27.17 5.08
C THR J 233 -32.57 -26.21 4.93
N ASP J 234 -32.30 -24.91 4.86
CA ASP J 234 -33.38 -23.95 4.57
C ASP J 234 -33.91 -24.13 3.15
N GLY J 235 -33.12 -24.72 2.26
CA GLY J 235 -33.62 -25.17 0.96
C GLY J 235 -34.50 -26.41 1.02
N ASP J 236 -34.71 -26.97 2.22
CA ASP J 236 -35.57 -28.12 2.50
C ASP J 236 -35.10 -29.39 1.79
N ASP J 237 -33.78 -29.61 1.79
CA ASP J 237 -33.23 -30.84 1.24
C ASP J 237 -31.91 -31.14 1.92
N THR J 238 -31.40 -32.34 1.67
CA THR J 238 -30.03 -32.75 1.95
C THR J 238 -29.48 -33.28 0.64
N PRO J 239 -28.18 -33.57 0.57
CA PRO J 239 -27.67 -34.22 -0.65
C PRO J 239 -28.36 -35.55 -0.93
N TRP J 240 -28.77 -36.27 0.12
CA TRP J 240 -29.41 -37.56 -0.09
C TRP J 240 -30.84 -37.41 -0.58
N SER J 241 -31.60 -36.46 -0.04
CA SER J 241 -32.93 -36.25 -0.60
C SER J 241 -32.87 -35.78 -2.05
N LYS J 242 -31.90 -34.94 -2.39
CA LYS J 242 -31.82 -34.45 -3.77
C LYS J 242 -31.28 -35.52 -4.71
N GLY J 243 -30.38 -36.38 -4.25
CA GLY J 243 -29.96 -37.49 -5.08
C GLY J 243 -31.08 -38.50 -5.28
N PHE J 244 -31.86 -38.75 -4.23
CA PHE J 244 -33.04 -39.59 -4.40
C PHE J 244 -34.03 -38.97 -5.37
N LEU J 245 -34.21 -37.65 -5.30
CA LEU J 245 -35.12 -36.98 -6.23
C LEU J 245 -34.63 -37.12 -7.67
N ALA J 246 -33.34 -36.96 -7.89
CA ALA J 246 -32.78 -37.11 -9.23
C ALA J 246 -33.11 -38.47 -9.82
N SER J 247 -32.92 -39.54 -9.04
CA SER J 247 -33.21 -40.88 -9.53
C SER J 247 -34.72 -41.10 -9.67
N SER J 248 -35.53 -40.38 -8.89
CA SER J 248 -36.98 -40.49 -9.04
C SER J 248 -37.43 -39.94 -10.40
N TYR J 249 -36.93 -38.78 -10.80
CA TYR J 249 -37.23 -38.27 -12.14
C TYR J 249 -36.81 -39.27 -13.22
N ALA J 250 -35.58 -39.77 -13.12
CA ALA J 250 -35.10 -40.73 -14.11
C ALA J 250 -35.96 -41.99 -14.14
N SER J 251 -36.44 -42.43 -12.97
CA SER J 251 -37.27 -43.62 -12.91
C SER J 251 -38.61 -43.44 -13.60
N ARG J 252 -39.02 -42.18 -13.84
CA ARG J 252 -40.20 -41.90 -14.62
C ARG J 252 -39.85 -41.51 -16.06
N GLY J 253 -38.60 -41.70 -16.46
CA GLY J 253 -38.15 -41.39 -17.81
C GLY J 253 -38.03 -39.91 -18.11
N LEU J 254 -37.93 -39.07 -17.08
CA LEU J 254 -37.89 -37.62 -17.22
C LEU J 254 -36.45 -37.12 -17.12
N LYS J 255 -36.02 -36.38 -18.14
CA LYS J 255 -34.77 -35.64 -18.07
C LYS J 255 -34.76 -34.68 -16.89
N MET J 256 -33.62 -34.55 -16.23
CA MET J 256 -33.50 -33.47 -15.25
C MET J 256 -32.04 -33.06 -15.10
N ARG J 257 -31.86 -31.84 -14.59
CA ARG J 257 -30.58 -31.35 -14.14
C ARG J 257 -30.78 -30.74 -12.75
N PHE J 258 -29.69 -30.54 -12.04
CA PHE J 258 -29.73 -29.74 -10.83
C PHE J 258 -29.59 -28.27 -11.20
N THR J 259 -29.82 -27.39 -10.23
CA THR J 259 -29.46 -25.98 -10.35
C THR J 259 -28.65 -25.58 -9.13
N SER J 260 -27.60 -24.79 -9.36
CA SER J 260 -26.87 -24.14 -8.28
C SER J 260 -26.51 -22.75 -8.75
N GLY J 261 -25.45 -22.16 -8.19
CA GLY J 261 -25.04 -20.87 -8.64
C GLY J 261 -24.40 -20.04 -7.54
N SER J 262 -23.30 -19.37 -7.89
CA SER J 262 -22.59 -18.54 -6.92
C SER J 262 -23.52 -17.54 -6.24
N GLY J 263 -23.35 -17.40 -4.93
CA GLY J 263 -24.02 -16.37 -4.16
C GLY J 263 -25.26 -16.83 -3.43
N SER J 264 -25.73 -18.05 -3.66
CA SER J 264 -26.93 -18.50 -2.97
C SER J 264 -26.71 -18.57 -1.46
N GLU J 265 -25.51 -18.98 -1.02
CA GLU J 265 -25.30 -19.16 0.41
C GLU J 265 -25.17 -17.82 1.14
N VAL J 266 -24.60 -16.81 0.48
CA VAL J 266 -24.63 -15.44 1.02
C VAL J 266 -26.07 -14.94 1.09
N GLN J 267 -26.81 -15.07 -0.02
CA GLN J 267 -28.19 -14.62 -0.04
C GLN J 267 -29.01 -15.28 1.06
N MET J 268 -28.76 -16.56 1.34
CA MET J 268 -29.52 -17.29 2.36
C MET J 268 -28.84 -17.30 3.72
N GLY J 269 -27.78 -16.50 3.91
CA GLY J 269 -27.33 -16.14 5.24
C GLY J 269 -26.26 -17.01 5.90
N TYR J 270 -25.74 -18.04 5.21
CA TYR J 270 -24.71 -18.91 5.83
C TYR J 270 -23.66 -19.28 4.78
N ALA J 271 -22.71 -18.39 4.52
CA ALA J 271 -21.62 -18.74 3.61
C ALA J 271 -20.46 -19.46 4.31
N GLU J 272 -20.51 -19.58 5.64
CA GLU J 272 -19.45 -20.23 6.41
C GLU J 272 -18.10 -19.60 6.11
N GLY J 273 -18.12 -18.31 5.79
CA GLY J 273 -16.92 -17.54 5.55
C GLY J 273 -16.14 -17.86 4.29
N LYS J 274 -16.74 -18.58 3.34
CA LYS J 274 -16.05 -19.03 2.15
C LYS J 274 -16.44 -18.19 0.92
N SER J 275 -15.56 -18.18 -0.07
CA SER J 275 -15.89 -17.48 -1.31
C SER J 275 -17.05 -18.16 -2.04
N MET J 276 -17.73 -17.38 -2.88
CA MET J 276 -18.85 -17.92 -3.64
C MET J 276 -18.40 -19.03 -4.56
N LEU J 277 -17.23 -18.88 -5.18
CA LEU J 277 -16.78 -19.88 -6.13
C LEU J 277 -16.44 -21.19 -5.43
N TYR J 278 -15.83 -21.14 -4.25
CA TYR J 278 -15.53 -22.40 -3.57
C TYR J 278 -16.82 -23.13 -3.18
N LEU J 279 -17.80 -22.41 -2.62
CA LEU J 279 -19.05 -23.06 -2.26
C LEU J 279 -19.77 -23.59 -3.50
N GLU J 280 -19.69 -22.84 -4.60
CA GLU J 280 -20.30 -23.30 -5.83
C GLU J 280 -19.60 -24.54 -6.36
N ALA J 281 -18.28 -24.63 -6.20
CA ALA J 281 -17.61 -25.88 -6.54
C ALA J 281 -18.18 -27.05 -5.75
N ARG J 282 -18.46 -26.85 -4.45
CA ARG J 282 -19.09 -27.92 -3.69
C ARG J 282 -20.42 -28.32 -4.32
N CYS J 283 -21.19 -27.32 -4.79
CA CYS J 283 -22.45 -27.60 -5.47
C CYS J 283 -22.25 -28.40 -6.74
N ILE J 284 -21.23 -28.06 -7.53
CA ILE J 284 -20.97 -28.79 -8.76
C ILE J 284 -20.59 -30.24 -8.46
N TYR J 285 -19.79 -30.46 -7.40
CA TYR J 285 -19.45 -31.83 -7.02
C TYR J 285 -20.63 -32.60 -6.44
N ILE J 286 -21.54 -31.92 -5.73
CA ILE J 286 -22.79 -32.58 -5.32
C ILE J 286 -23.54 -33.10 -6.53
N THR J 287 -23.63 -32.27 -7.57
CA THR J 287 -24.29 -32.65 -8.81
C THR J 287 -23.62 -33.85 -9.44
N LYS J 288 -22.29 -33.79 -9.58
CA LYS J 288 -21.56 -34.92 -10.13
C LYS J 288 -21.79 -36.17 -9.29
N ALA J 289 -21.72 -36.03 -7.97
CA ALA J 289 -21.82 -37.18 -7.08
C ALA J 289 -23.19 -37.84 -7.14
N ALA J 290 -24.24 -37.03 -7.32
CA ALA J 290 -25.59 -37.58 -7.41
C ALA J 290 -25.84 -38.34 -8.71
N GLY J 291 -24.93 -38.28 -9.68
CA GLY J 291 -25.18 -38.92 -10.95
C GLY J 291 -26.11 -38.14 -11.85
N VAL J 292 -26.28 -36.85 -11.58
CA VAL J 292 -27.11 -35.99 -12.40
C VAL J 292 -26.34 -35.58 -13.65
N GLN J 293 -27.00 -35.60 -14.81
CA GLN J 293 -26.25 -35.43 -16.07
C GLN J 293 -25.78 -33.99 -16.31
N GLY J 294 -26.45 -33.00 -15.73
CA GLY J 294 -26.20 -31.61 -16.06
C GLY J 294 -26.52 -30.68 -14.91
N LEU J 295 -26.22 -29.40 -15.12
CA LEU J 295 -26.35 -28.40 -14.07
C LEU J 295 -26.61 -27.03 -14.68
N GLN J 296 -27.56 -26.30 -14.10
CA GLN J 296 -27.73 -24.89 -14.38
C GLN J 296 -26.95 -24.11 -13.33
N ASN J 297 -25.92 -23.38 -13.76
CA ASN J 297 -25.19 -22.56 -12.81
C ASN J 297 -24.64 -21.35 -13.56
N GLY J 298 -23.83 -20.55 -12.86
CA GLY J 298 -23.48 -19.22 -13.34
C GLY J 298 -24.22 -18.17 -12.54
N SER J 299 -24.27 -18.38 -11.21
CA SER J 299 -25.01 -17.60 -10.21
C SER J 299 -26.51 -17.71 -10.34
N VAL J 300 -27.03 -17.68 -11.57
CA VAL J 300 -28.45 -17.84 -11.86
C VAL J 300 -29.21 -16.76 -11.07
N SER J 301 -30.13 -17.15 -10.17
CA SER J 301 -31.00 -16.14 -9.55
C SER J 301 -30.31 -15.27 -8.53
N CYS J 302 -29.07 -15.58 -8.15
CA CYS J 302 -28.38 -14.80 -7.13
C CYS J 302 -27.32 -13.89 -7.74
N ILE J 303 -27.44 -13.58 -9.04
CA ILE J 303 -26.41 -12.84 -9.77
C ILE J 303 -26.10 -11.47 -9.19
N GLY J 304 -27.03 -10.86 -8.45
CA GLY J 304 -26.70 -9.59 -7.79
C GLY J 304 -25.69 -9.71 -6.65
N VAL J 305 -25.39 -10.94 -6.22
CA VAL J 305 -24.42 -11.17 -5.15
C VAL J 305 -23.01 -11.18 -5.74
N PRO J 306 -22.61 -12.11 -6.63
CA PRO J 306 -21.25 -11.98 -7.19
C PRO J 306 -21.05 -10.69 -7.97
N SER J 307 -22.06 -10.22 -8.71
CA SER J 307 -21.83 -9.03 -9.51
C SER J 307 -21.56 -7.78 -8.67
N ALA J 308 -21.94 -7.81 -7.38
CA ALA J 308 -21.71 -6.65 -6.53
C ALA J 308 -20.24 -6.45 -6.20
N VAL J 309 -19.43 -7.49 -6.33
CA VAL J 309 -18.06 -7.50 -5.77
C VAL J 309 -17.07 -7.71 -6.90
N PRO J 310 -15.77 -7.44 -6.66
CA PRO J 310 -14.77 -7.58 -7.72
C PRO J 310 -14.68 -8.99 -8.27
N SER J 311 -14.44 -9.08 -9.58
CA SER J 311 -14.23 -10.34 -10.28
C SER J 311 -15.43 -11.25 -10.22
N GLY J 312 -16.63 -10.71 -9.97
CA GLY J 312 -17.79 -11.56 -9.82
C GLY J 312 -18.27 -12.17 -11.13
N ILE J 313 -18.21 -11.38 -12.20
CA ILE J 313 -18.63 -11.90 -13.50
C ILE J 313 -17.58 -12.88 -14.03
N ARG J 314 -16.29 -12.65 -13.71
CA ARG J 314 -15.27 -13.65 -14.00
C ARG J 314 -15.51 -14.94 -13.22
N ALA J 315 -15.89 -14.83 -11.94
CA ALA J 315 -16.21 -16.01 -11.15
C ALA J 315 -17.39 -16.79 -11.74
N VAL J 316 -18.37 -16.09 -12.29
CA VAL J 316 -19.51 -16.75 -12.92
C VAL J 316 -19.06 -17.59 -14.12
N LEU J 317 -18.21 -17.03 -14.98
CA LEU J 317 -17.64 -17.84 -16.06
C LEU J 317 -16.83 -19.01 -15.50
N ALA J 318 -16.07 -18.78 -14.43
CA ALA J 318 -15.27 -19.86 -13.84
C ALA J 318 -16.16 -21.01 -13.37
N GLU J 319 -17.31 -20.71 -12.77
CA GLU J 319 -18.12 -21.82 -12.27
C GLU J 319 -18.75 -22.60 -13.42
N ASN J 320 -19.10 -21.91 -14.52
CA ASN J 320 -19.53 -22.61 -15.73
C ASN J 320 -18.42 -23.52 -16.23
N LEU J 321 -17.18 -23.01 -16.23
CA LEU J 321 -16.08 -23.83 -16.74
C LEU J 321 -15.83 -25.03 -15.85
N ILE J 322 -15.93 -24.86 -14.52
CA ILE J 322 -15.78 -26.02 -13.64
C ILE J 322 -16.82 -27.07 -13.98
N CYS J 323 -18.08 -26.65 -14.16
CA CYS J 323 -19.16 -27.55 -14.52
C CYS J 323 -18.83 -28.38 -15.77
N SER J 324 -18.52 -27.70 -16.88
CA SER J 324 -18.23 -28.40 -18.13
C SER J 324 -16.98 -29.27 -18.00
N SER J 325 -15.99 -28.79 -17.24
CA SER J 325 -14.74 -29.54 -17.11
C SER J 325 -14.94 -30.83 -16.31
N LEU J 326 -15.95 -30.87 -15.45
CA LEU J 326 -16.33 -32.10 -14.76
C LEU J 326 -17.27 -32.97 -15.58
N ASP J 327 -17.41 -32.70 -16.87
CA ASP J 327 -18.20 -33.53 -17.79
C ASP J 327 -19.67 -33.54 -17.40
N LEU J 328 -20.16 -32.36 -17.01
CA LEU J 328 -21.58 -32.10 -16.80
C LEU J 328 -22.09 -31.16 -17.89
N GLU J 329 -23.29 -31.43 -18.40
CA GLU J 329 -23.99 -30.44 -19.19
C GLU J 329 -24.07 -29.13 -18.41
N CYS J 330 -23.82 -28.00 -19.08
CA CYS J 330 -23.88 -26.70 -18.41
C CYS J 330 -24.92 -25.82 -19.10
N ALA J 331 -25.99 -25.51 -18.37
CA ALA J 331 -26.99 -24.53 -18.77
C ALA J 331 -26.59 -23.24 -18.06
N SER J 332 -25.94 -22.34 -18.80
CA SER J 332 -25.04 -21.35 -18.20
C SER J 332 -25.70 -19.99 -17.97
N SER J 333 -26.84 -20.00 -17.29
CA SER J 333 -27.45 -18.79 -16.70
C SER J 333 -27.70 -17.76 -17.79
N ASN J 334 -27.20 -16.53 -17.69
CA ASN J 334 -27.59 -15.45 -18.60
C ASN J 334 -29.11 -15.34 -18.66
N ASP J 335 -29.71 -15.47 -17.50
CA ASP J 335 -31.14 -15.67 -17.37
C ASP J 335 -31.76 -14.75 -16.35
N GLN J 336 -30.96 -13.90 -15.70
CA GLN J 336 -31.41 -13.16 -14.53
C GLN J 336 -30.81 -11.77 -14.53
N THR J 337 -31.64 -10.78 -14.18
CA THR J 337 -31.18 -9.39 -14.19
C THR J 337 -30.21 -9.10 -13.06
N PHE J 338 -29.13 -8.37 -13.38
CA PHE J 338 -28.24 -7.86 -12.34
C PHE J 338 -27.85 -6.40 -12.56
N THR J 339 -28.23 -5.79 -13.68
CA THR J 339 -27.75 -4.45 -13.98
C THR J 339 -28.80 -3.66 -14.75
N HIS J 340 -28.74 -2.33 -14.59
CA HIS J 340 -29.52 -1.40 -15.40
C HIS J 340 -28.84 -1.05 -16.72
N SER J 341 -27.62 -1.53 -16.96
CA SER J 341 -26.78 -1.07 -18.06
C SER J 341 -26.71 -2.10 -19.18
N ASP J 342 -27.04 -1.67 -20.39
CA ASP J 342 -26.93 -2.56 -21.56
C ASP J 342 -25.48 -2.97 -21.80
N MET J 343 -24.53 -2.04 -21.63
CA MET J 343 -23.12 -2.40 -21.78
C MET J 343 -22.74 -3.51 -20.80
N ARG J 344 -23.16 -3.36 -19.54
CA ARG J 344 -22.68 -4.28 -18.52
C ARG J 344 -23.28 -5.67 -18.69
N ARG J 345 -24.56 -5.73 -19.05
CA ARG J 345 -25.17 -7.06 -19.21
C ARG J 345 -24.69 -7.76 -20.48
N THR J 346 -24.26 -6.99 -21.48
CA THR J 346 -23.71 -7.60 -22.69
C THR J 346 -22.36 -8.24 -22.41
N ALA J 347 -21.50 -7.57 -21.62
CA ALA J 347 -20.22 -8.16 -21.24
C ALA J 347 -20.42 -9.45 -20.47
N ARG J 348 -21.40 -9.48 -19.56
CA ARG J 348 -21.69 -10.69 -18.79
C ARG J 348 -22.17 -11.82 -19.69
N LEU J 349 -22.97 -11.50 -20.72
CA LEU J 349 -23.50 -12.54 -21.62
C LEU J 349 -22.41 -13.10 -22.52
N LEU J 350 -21.49 -12.25 -22.98
CA LEU J 350 -20.53 -12.69 -23.98
C LEU J 350 -19.59 -13.77 -23.44
N MET J 351 -19.40 -13.83 -22.12
CA MET J 351 -18.52 -14.84 -21.54
C MET J 351 -18.95 -16.24 -21.92
N GLN J 352 -20.25 -16.49 -22.02
CA GLN J 352 -20.75 -17.80 -22.42
C GLN J 352 -21.15 -17.84 -23.90
N PHE J 353 -21.64 -16.72 -24.44
CA PHE J 353 -22.10 -16.68 -25.82
C PHE J 353 -20.94 -16.91 -26.78
N LEU J 354 -19.79 -16.29 -26.52
CA LEU J 354 -18.68 -16.37 -27.46
C LEU J 354 -18.15 -17.80 -27.60
N PRO J 355 -17.83 -18.53 -26.52
CA PRO J 355 -17.35 -19.92 -26.71
C PRO J 355 -18.46 -20.89 -27.03
N GLY J 356 -19.67 -20.59 -26.56
CA GLY J 356 -20.77 -21.52 -26.58
C GLY J 356 -20.77 -22.46 -25.38
N THR J 357 -21.95 -22.69 -24.82
CA THR J 357 -22.17 -23.71 -23.79
C THR J 357 -23.35 -24.56 -24.21
N ASP J 358 -23.70 -25.55 -23.39
CA ASP J 358 -24.80 -26.43 -23.76
C ASP J 358 -26.10 -25.66 -23.90
N PHE J 359 -26.33 -24.70 -23.00
CA PHE J 359 -27.38 -23.69 -23.15
C PHE J 359 -26.73 -22.36 -22.80
N ILE J 360 -26.45 -21.56 -23.84
CA ILE J 360 -25.76 -20.28 -23.66
C ILE J 360 -26.48 -19.43 -22.63
N SER J 361 -27.79 -19.32 -22.78
CA SER J 361 -28.67 -18.83 -21.73
CA SER J 361 -28.66 -18.84 -21.73
C SER J 361 -29.52 -19.99 -21.24
N SER J 362 -29.66 -20.11 -19.93
CA SER J 362 -30.62 -21.03 -19.34
C SER J 362 -31.88 -20.28 -18.94
N GLY J 363 -32.35 -19.40 -19.82
CA GLY J 363 -33.54 -18.62 -19.51
C GLY J 363 -33.50 -17.22 -20.05
N TYR J 364 -33.18 -17.10 -21.35
CA TYR J 364 -33.46 -15.89 -22.09
C TYR J 364 -34.96 -15.59 -21.97
N SER J 365 -35.35 -14.36 -21.60
CA SER J 365 -36.78 -14.12 -21.45
C SER J 365 -37.41 -13.97 -22.84
N ALA J 366 -38.31 -14.89 -23.19
CA ALA J 366 -39.07 -14.82 -24.43
C ALA J 366 -40.27 -13.89 -24.31
N VAL J 367 -40.39 -13.22 -23.18
CA VAL J 367 -41.40 -12.19 -22.96
C VAL J 367 -40.70 -10.91 -22.55
N PRO J 368 -41.34 -9.76 -22.67
CA PRO J 368 -40.73 -8.54 -22.13
C PRO J 368 -40.53 -8.70 -20.63
N ASN J 369 -39.44 -8.13 -20.11
CA ASN J 369 -39.03 -8.41 -18.75
C ASN J 369 -40.08 -8.05 -17.70
N TYR J 370 -40.99 -7.11 -17.99
CA TYR J 370 -42.03 -6.85 -17.00
C TYR J 370 -42.88 -8.08 -16.74
N ASP J 371 -42.96 -9.00 -17.71
CA ASP J 371 -43.71 -10.24 -17.56
C ASP J 371 -42.87 -11.40 -17.04
N ASN J 372 -41.59 -11.18 -16.77
CA ASN J 372 -40.70 -12.29 -16.43
C ASN J 372 -40.84 -12.63 -14.95
N MET J 373 -41.40 -13.80 -14.65
CA MET J 373 -41.70 -14.18 -13.28
C MET J 373 -40.52 -14.80 -12.55
N PHE J 374 -39.34 -14.80 -13.19
CA PHE J 374 -38.07 -14.97 -12.48
C PHE J 374 -37.45 -13.61 -12.14
N ALA J 375 -38.28 -12.55 -12.10
CA ALA J 375 -37.87 -11.19 -11.74
C ALA J 375 -36.93 -10.57 -12.76
N GLY J 376 -37.05 -10.99 -14.02
CA GLY J 376 -36.29 -10.38 -15.09
C GLY J 376 -35.11 -11.21 -15.53
N SER J 377 -34.86 -11.24 -16.83
CA SER J 377 -33.73 -11.97 -17.39
C SER J 377 -32.67 -11.02 -17.93
N ASN J 378 -31.45 -11.55 -18.07
CA ASN J 378 -30.34 -10.78 -18.62
C ASN J 378 -30.56 -10.40 -20.08
N GLU J 379 -31.45 -11.09 -20.79
CA GLU J 379 -31.95 -10.68 -22.10
C GLU J 379 -33.44 -10.89 -22.12
N ASP J 380 -34.16 -10.09 -22.91
CA ASP J 380 -35.60 -10.36 -23.03
C ASP J 380 -36.02 -10.21 -24.49
N ALA J 381 -37.34 -10.28 -24.71
CA ALA J 381 -37.89 -10.29 -26.05
C ALA J 381 -37.50 -9.05 -26.85
N GLU J 382 -37.30 -7.92 -26.19
CA GLU J 382 -36.95 -6.72 -26.93
C GLU J 382 -35.51 -6.75 -27.41
N ASP J 383 -34.71 -7.71 -26.96
CA ASP J 383 -33.33 -7.86 -27.41
C ASP J 383 -33.19 -8.81 -28.61
N PHE J 384 -34.28 -9.40 -29.10
CA PHE J 384 -34.14 -10.47 -30.10
C PHE J 384 -33.38 -10.00 -31.34
N ASP J 385 -33.63 -8.76 -31.79
CA ASP J 385 -32.99 -8.32 -33.02
C ASP J 385 -31.50 -8.03 -32.79
N ASP J 386 -31.16 -7.49 -31.61
CA ASP J 386 -29.76 -7.29 -31.26
C ASP J 386 -29.00 -8.61 -31.21
N TYR J 387 -29.62 -9.63 -30.61
CA TYR J 387 -28.98 -10.93 -30.47
C TYR J 387 -28.69 -11.54 -31.81
N ASN J 388 -29.62 -11.42 -32.77
CA ASN J 388 -29.37 -11.93 -34.10
C ASN J 388 -28.28 -11.14 -34.81
N VAL J 389 -28.25 -9.82 -34.60
CA VAL J 389 -27.22 -9.00 -35.22
C VAL J 389 -25.83 -9.39 -34.72
N ILE J 390 -25.66 -9.63 -33.41
CA ILE J 390 -24.34 -9.95 -32.90
C ILE J 390 -23.87 -11.31 -33.39
N GLN J 391 -24.79 -12.28 -33.52
CA GLN J 391 -24.47 -13.56 -34.15
C GLN J 391 -23.84 -13.36 -35.52
N ARG J 392 -24.47 -12.50 -36.33
CA ARG J 392 -24.00 -12.23 -37.68
C ARG J 392 -22.68 -11.46 -37.68
N ASP J 393 -22.52 -10.50 -36.73
CA ASP J 393 -21.31 -9.70 -36.64
C ASP J 393 -20.09 -10.55 -36.35
N LEU J 394 -20.22 -11.52 -35.44
CA LEU J 394 -19.09 -12.25 -34.90
C LEU J 394 -18.95 -13.65 -35.48
N LYS J 395 -19.89 -14.04 -36.36
CA LYS J 395 -19.99 -15.41 -36.83
C LYS J 395 -20.00 -16.39 -35.66
N VAL J 396 -20.92 -16.16 -34.73
CA VAL J 396 -21.10 -17.01 -33.55
C VAL J 396 -22.52 -17.55 -33.56
N ASP J 397 -22.65 -18.87 -33.39
CA ASP J 397 -23.96 -19.51 -33.27
C ASP J 397 -24.44 -19.32 -31.83
N GLY J 398 -25.40 -18.42 -31.66
CA GLY J 398 -26.05 -18.20 -30.39
C GLY J 398 -27.35 -18.95 -30.20
N GLY J 399 -27.70 -19.83 -31.14
CA GLY J 399 -28.84 -20.72 -30.96
C GLY J 399 -30.17 -20.19 -31.46
N LEU J 400 -30.26 -18.92 -31.86
CA LEU J 400 -31.52 -18.32 -32.29
C LEU J 400 -31.42 -17.88 -33.74
N ARG J 401 -32.54 -17.49 -34.33
CA ARG J 401 -32.57 -17.15 -35.75
C ARG J 401 -33.51 -15.97 -35.99
N PRO J 402 -33.28 -15.19 -37.05
CA PRO J 402 -34.29 -14.23 -37.47
C PRO J 402 -35.55 -14.93 -37.93
N VAL J 403 -36.70 -14.27 -37.73
CA VAL J 403 -38.00 -14.82 -38.07
C VAL J 403 -38.85 -13.72 -38.70
N ARG J 404 -39.91 -14.13 -39.41
CA ARG J 404 -40.81 -13.21 -40.09
C ARG J 404 -42.05 -12.95 -39.24
N GLU J 405 -42.50 -11.70 -39.21
CA GLU J 405 -43.68 -11.35 -38.43
C GLU J 405 -44.88 -12.20 -38.83
N GLU J 406 -45.09 -12.42 -40.13
CA GLU J 406 -46.26 -13.19 -40.56
C GLU J 406 -46.17 -14.64 -40.09
N ASP J 407 -44.97 -15.21 -40.03
CA ASP J 407 -44.83 -16.56 -39.48
C ASP J 407 -45.10 -16.58 -37.98
N VAL J 408 -44.58 -15.59 -37.24
CA VAL J 408 -44.79 -15.56 -35.80
C VAL J 408 -46.27 -15.35 -35.48
N ILE J 409 -46.93 -14.45 -36.21
CA ILE J 409 -48.37 -14.25 -36.03
C ILE J 409 -49.12 -15.56 -36.22
N ALA J 410 -48.81 -16.28 -37.31
CA ALA J 410 -49.52 -17.53 -37.59
C ALA J 410 -49.26 -18.58 -36.52
N ILE J 411 -48.02 -18.70 -36.04
CA ILE J 411 -47.70 -19.75 -35.08
C ILE J 411 -48.27 -19.42 -33.71
N ARG J 412 -48.25 -18.14 -33.32
CA ARG J 412 -48.90 -17.73 -32.07
C ARG J 412 -50.39 -18.00 -32.13
N ASN J 413 -51.02 -17.71 -33.27
CA ASN J 413 -52.46 -17.90 -33.40
C ASN J 413 -52.83 -19.38 -33.32
N LYS J 414 -52.04 -20.23 -33.97
CA LYS J 414 -52.29 -21.67 -33.89
C LYS J 414 -52.12 -22.16 -32.45
N ALA J 415 -51.11 -21.67 -31.76
CA ALA J 415 -50.92 -22.08 -30.36
C ALA J 415 -52.12 -21.67 -29.51
N ALA J 416 -52.62 -20.44 -29.71
CA ALA J 416 -53.76 -19.99 -28.93
C ALA J 416 -55.01 -20.80 -29.25
N ARG J 417 -55.23 -21.12 -30.53
CA ARG J 417 -56.38 -21.93 -30.89
C ARG J 417 -56.24 -23.36 -30.39
N ALA J 418 -55.02 -23.89 -30.38
CA ALA J 418 -54.80 -25.24 -29.87
C ALA J 418 -55.11 -25.32 -28.38
N LEU J 419 -54.62 -24.35 -27.60
CA LEU J 419 -54.93 -24.35 -26.18
C LEU J 419 -56.42 -24.12 -25.94
N GLN J 420 -57.04 -23.26 -26.74
CA GLN J 420 -58.48 -23.06 -26.64
C GLN J 420 -59.23 -24.37 -26.82
N ALA J 421 -58.79 -25.21 -27.77
CA ALA J 421 -59.44 -26.50 -27.97
C ALA J 421 -59.16 -27.44 -26.80
N VAL J 422 -57.96 -27.38 -26.22
CA VAL J 422 -57.65 -28.19 -25.06
C VAL J 422 -58.56 -27.84 -23.90
N PHE J 423 -58.69 -26.54 -23.61
CA PHE J 423 -59.54 -26.11 -22.50
C PHE J 423 -60.98 -26.50 -22.72
N ALA J 424 -61.48 -26.37 -23.95
CA ALA J 424 -62.86 -26.77 -24.21
C ALA J 424 -63.03 -28.27 -24.06
N GLY J 425 -62.07 -29.05 -24.55
CA GLY J 425 -62.18 -30.50 -24.46
C GLY J 425 -62.05 -31.03 -23.04
N MET J 426 -61.27 -30.35 -22.21
CA MET J 426 -61.09 -30.77 -20.83
C MET J 426 -62.09 -30.14 -19.87
N GLY J 427 -63.01 -29.32 -20.37
CA GLY J 427 -63.98 -28.67 -19.50
C GLY J 427 -63.37 -27.66 -18.55
N LEU J 428 -62.36 -26.93 -19.00
CA LEU J 428 -61.69 -25.89 -18.25
C LEU J 428 -62.31 -24.54 -18.57
N PRO J 429 -62.08 -23.51 -17.75
CA PRO J 429 -62.71 -22.21 -18.01
C PRO J 429 -62.35 -21.71 -19.40
N PRO J 430 -63.35 -21.31 -20.20
CA PRO J 430 -63.12 -21.14 -21.63
C PRO J 430 -62.08 -20.09 -21.95
N ILE J 431 -61.42 -20.31 -23.08
CA ILE J 431 -60.56 -19.33 -23.73
C ILE J 431 -61.37 -18.76 -24.90
N THR J 432 -61.61 -17.45 -24.89
CA THR J 432 -62.51 -16.88 -25.88
C THR J 432 -61.77 -16.57 -27.18
N ASP J 433 -62.54 -16.35 -28.26
CA ASP J 433 -61.92 -15.91 -29.49
C ASP J 433 -61.21 -14.58 -29.31
N GLU J 434 -61.77 -13.71 -28.47
CA GLU J 434 -61.13 -12.43 -28.17
C GLU J 434 -59.77 -12.64 -27.52
N GLU J 435 -59.65 -13.64 -26.65
CA GLU J 435 -58.37 -13.94 -26.02
C GLU J 435 -57.40 -14.53 -27.03
N VAL J 436 -57.89 -15.37 -27.95
CA VAL J 436 -57.04 -15.91 -29.01
C VAL J 436 -56.46 -14.78 -29.86
N GLU J 437 -57.31 -13.81 -30.24
CA GLU J 437 -56.82 -12.67 -31.02
C GLU J 437 -55.79 -11.87 -30.23
N ALA J 438 -56.07 -11.61 -28.96
CA ALA J 438 -55.14 -10.81 -28.17
C ALA J 438 -53.78 -11.50 -28.03
N ALA J 439 -53.79 -12.81 -27.77
CA ALA J 439 -52.53 -13.53 -27.61
C ALA J 439 -51.75 -13.60 -28.92
N THR J 440 -52.45 -13.61 -30.05
CA THR J 440 -51.77 -13.62 -31.35
C THR J 440 -50.90 -12.38 -31.52
N TYR J 441 -51.42 -11.21 -31.13
CA TYR J 441 -50.76 -9.95 -31.43
C TYR J 441 -50.11 -9.30 -30.22
N ALA J 442 -50.12 -9.97 -29.07
CA ALA J 442 -49.63 -9.37 -27.84
C ALA J 442 -48.12 -9.25 -27.81
N HIS J 443 -47.64 -8.25 -27.08
CA HIS J 443 -46.25 -8.20 -26.64
C HIS J 443 -46.11 -8.80 -25.25
N GLY J 444 -47.08 -8.54 -24.38
CA GLY J 444 -47.11 -9.14 -23.07
C GLY J 444 -48.49 -8.99 -22.45
N SER J 445 -48.56 -9.29 -21.15
CA SER J 445 -49.85 -9.40 -20.47
C SER J 445 -50.62 -8.08 -20.44
N LYS J 446 -49.95 -6.94 -20.59
CA LYS J 446 -50.68 -5.68 -20.71
C LYS J 446 -51.60 -5.68 -21.93
N ASP J 447 -51.33 -6.54 -22.91
CA ASP J 447 -52.13 -6.61 -24.12
C ASP J 447 -53.18 -7.70 -24.08
N MET J 448 -53.36 -8.36 -22.93
CA MET J 448 -54.30 -9.47 -22.79
C MET J 448 -55.52 -9.06 -21.98
N PRO J 449 -56.71 -9.55 -22.34
CA PRO J 449 -57.88 -9.36 -21.48
C PRO J 449 -57.69 -10.05 -20.14
N GLU J 450 -58.32 -9.50 -19.10
CA GLU J 450 -58.23 -10.11 -17.78
C GLU J 450 -59.03 -11.41 -17.75
N ARG J 451 -58.45 -12.46 -17.17
CA ARG J 451 -59.16 -13.70 -16.94
C ARG J 451 -59.65 -13.75 -15.50
N ASN J 452 -60.63 -14.62 -15.26
CA ASN J 452 -61.08 -14.90 -13.90
C ASN J 452 -60.03 -15.82 -13.27
N ILE J 453 -59.14 -15.23 -12.47
CA ILE J 453 -58.05 -15.99 -11.87
C ILE J 453 -58.56 -16.98 -10.84
N VAL J 454 -59.53 -16.58 -10.03
CA VAL J 454 -60.08 -17.45 -8.99
C VAL J 454 -60.64 -18.72 -9.61
N GLU J 455 -61.33 -18.59 -10.75
CA GLU J 455 -61.89 -19.77 -11.41
C GLU J 455 -60.80 -20.65 -12.01
N ASP J 456 -59.84 -20.03 -12.70
CA ASP J 456 -58.73 -20.79 -13.29
C ASP J 456 -58.03 -21.65 -12.25
N ILE J 457 -57.68 -21.06 -11.09
CA ILE J 457 -56.87 -21.83 -10.14
C ILE J 457 -57.71 -22.90 -9.43
N LYS J 458 -59.02 -22.70 -9.31
CA LYS J 458 -59.90 -23.79 -8.90
C LYS J 458 -59.76 -24.99 -9.83
N PHE J 459 -59.90 -24.77 -11.14
CA PHE J 459 -59.80 -25.87 -12.10
C PHE J 459 -58.37 -26.37 -12.23
N ALA J 460 -57.37 -25.50 -12.10
CA ALA J 460 -55.99 -25.97 -12.20
C ALA J 460 -55.68 -26.96 -11.10
N GLN J 461 -56.11 -26.68 -9.86
CA GLN J 461 -55.77 -27.61 -8.79
C GLN J 461 -56.60 -28.89 -8.86
N GLU J 462 -57.76 -28.88 -9.51
CA GLU J 462 -58.48 -30.13 -9.72
C GLU J 462 -57.74 -31.06 -10.68
N ILE J 463 -56.94 -30.51 -11.59
CA ILE J 463 -56.06 -31.36 -12.41
C ILE J 463 -55.11 -32.15 -11.53
N ILE J 464 -54.55 -31.51 -10.50
CA ILE J 464 -53.66 -32.21 -9.58
C ILE J 464 -54.46 -33.18 -8.72
N ASN J 465 -55.54 -32.71 -8.10
CA ASN J 465 -56.25 -33.53 -7.12
C ASN J 465 -56.83 -34.78 -7.77
N LYS J 466 -57.41 -34.63 -8.97
CA LYS J 466 -57.99 -35.76 -9.67
C LYS J 466 -56.99 -36.48 -10.56
N ASN J 467 -55.72 -36.06 -10.56
CA ASN J 467 -54.66 -36.75 -11.31
C ASN J 467 -55.00 -36.79 -12.80
N ARG J 468 -55.43 -35.65 -13.34
CA ARG J 468 -55.71 -35.55 -14.77
C ARG J 468 -54.38 -35.47 -15.51
N ASN J 469 -54.13 -36.43 -16.40
CA ASN J 469 -52.78 -36.63 -16.91
C ASN J 469 -52.66 -36.10 -18.35
N GLY J 470 -51.45 -36.23 -18.89
CA GLY J 470 -51.13 -35.64 -20.18
C GLY J 470 -51.89 -36.25 -21.34
N LEU J 471 -52.38 -37.47 -21.21
CA LEU J 471 -53.13 -38.05 -22.31
C LEU J 471 -54.48 -37.37 -22.48
N GLU J 472 -55.02 -36.76 -21.41
CA GLU J 472 -56.23 -35.97 -21.55
C GLU J 472 -56.02 -34.78 -22.49
N VAL J 473 -54.81 -34.19 -22.46
CA VAL J 473 -54.48 -33.10 -23.36
C VAL J 473 -54.34 -33.60 -24.79
N VAL J 474 -53.66 -34.73 -24.97
CA VAL J 474 -53.56 -35.35 -26.29
C VAL J 474 -54.95 -35.61 -26.87
N LYS J 475 -55.85 -36.19 -26.06
CA LYS J 475 -57.20 -36.48 -26.55
C LYS J 475 -57.93 -35.22 -26.95
N ALA J 476 -57.84 -34.17 -26.13
CA ALA J 476 -58.58 -32.93 -26.41
C ALA J 476 -58.10 -32.31 -27.71
N LEU J 477 -56.80 -32.36 -27.97
CA LEU J 477 -56.27 -31.86 -29.23
C LEU J 477 -56.77 -32.69 -30.41
N ALA J 478 -56.67 -34.02 -30.32
CA ALA J 478 -57.08 -34.87 -31.43
C ALA J 478 -58.58 -34.73 -31.71
N GLN J 479 -59.37 -34.55 -30.66
CA GLN J 479 -60.81 -34.45 -30.83
C GLN J 479 -61.28 -33.01 -31.07
N GLY J 480 -60.38 -32.04 -31.02
CA GLY J 480 -60.75 -30.65 -31.21
C GLY J 480 -60.24 -30.05 -32.50
N GLY J 481 -59.82 -30.90 -33.43
CA GLY J 481 -59.34 -30.44 -34.70
C GLY J 481 -57.85 -30.15 -34.77
N PHE J 482 -57.05 -30.70 -33.86
CA PHE J 482 -55.60 -30.48 -33.88
C PHE J 482 -54.88 -31.82 -33.82
N THR J 483 -55.13 -32.65 -34.84
CA THR J 483 -54.52 -33.98 -34.90
C THR J 483 -53.01 -33.90 -35.00
N ASP J 484 -52.51 -32.92 -35.76
CA ASP J 484 -51.06 -32.75 -35.89
C ASP J 484 -50.43 -32.41 -34.54
N VAL J 485 -51.00 -31.44 -33.82
CA VAL J 485 -50.45 -31.08 -32.51
C VAL J 485 -50.59 -32.24 -31.54
N ALA J 486 -51.72 -32.94 -31.58
CA ALA J 486 -51.91 -34.11 -30.71
C ALA J 486 -50.82 -35.14 -30.94
N GLN J 487 -50.48 -35.40 -32.21
CA GLN J 487 -49.43 -36.36 -32.51
C GLN J 487 -48.08 -35.91 -31.96
N ASP J 488 -47.75 -34.63 -32.13
CA ASP J 488 -46.49 -34.12 -31.61
C ASP J 488 -46.45 -34.22 -30.08
N MET J 489 -47.58 -33.93 -29.43
CA MET J 489 -47.66 -34.08 -27.98
C MET J 489 -47.45 -35.54 -27.57
N LEU J 490 -48.07 -36.48 -28.29
CA LEU J 490 -47.86 -37.89 -28.01
C LEU J 490 -46.40 -38.28 -28.21
N ASN J 491 -45.74 -37.72 -29.23
CA ASN J 491 -44.33 -38.05 -29.49
C ASN J 491 -43.42 -37.58 -28.36
N ILE J 492 -43.70 -36.39 -27.80
CA ILE J 492 -42.94 -35.91 -26.65
C ILE J 492 -43.10 -36.88 -25.48
N GLN J 493 -44.33 -37.39 -25.26
CA GLN J 493 -44.52 -38.34 -24.19
C GLN J 493 -43.78 -39.64 -24.46
N LYS J 494 -43.70 -40.05 -25.73
CA LYS J 494 -43.02 -41.30 -26.06
C LYS J 494 -41.52 -41.21 -25.82
N ALA J 495 -40.95 -40.00 -25.87
CA ALA J 495 -39.53 -39.84 -25.57
C ALA J 495 -39.21 -40.23 -24.13
N LYS J 496 -40.22 -40.26 -23.26
CA LYS J 496 -40.01 -40.64 -21.88
C LYS J 496 -39.92 -42.16 -21.69
N LEU J 497 -40.10 -42.94 -22.76
CA LEU J 497 -40.05 -44.39 -22.68
C LEU J 497 -38.70 -44.98 -23.07
N THR J 498 -37.86 -44.23 -23.78
CA THR J 498 -36.65 -44.79 -24.36
C THR J 498 -35.41 -44.54 -23.52
N GLY J 499 -35.43 -43.54 -22.64
CA GLY J 499 -34.25 -43.15 -21.89
C GLY J 499 -33.22 -42.36 -22.64
N ASP J 500 -33.41 -42.14 -23.95
CA ASP J 500 -32.36 -41.52 -24.75
C ASP J 500 -32.06 -40.10 -24.29
N TYR J 501 -33.10 -39.31 -24.02
CA TYR J 501 -32.85 -37.90 -23.69
C TYR J 501 -32.52 -37.70 -22.20
N LEU J 502 -32.28 -38.80 -21.47
CA LEU J 502 -31.76 -38.68 -20.11
C LEU J 502 -30.26 -38.45 -20.07
N HIS J 503 -29.58 -38.60 -21.20
CA HIS J 503 -28.13 -38.49 -21.21
C HIS J 503 -27.69 -37.03 -21.27
N THR J 504 -26.41 -36.85 -20.97
CA THR J 504 -25.79 -35.54 -20.89
C THR J 504 -26.13 -34.66 -22.08
N SER J 505 -26.71 -33.48 -21.79
CA SER J 505 -26.97 -32.40 -22.75
C SER J 505 -28.06 -32.70 -23.76
N ALA J 506 -28.86 -33.75 -23.54
CA ALA J 506 -29.80 -34.16 -24.58
C ALA J 506 -30.88 -33.12 -24.83
N ILE J 507 -31.11 -32.82 -26.10
CA ILE J 507 -32.29 -32.12 -26.59
C ILE J 507 -32.88 -32.98 -27.70
N ILE J 508 -34.02 -32.55 -28.24
CA ILE J 508 -34.72 -33.29 -29.30
C ILE J 508 -34.91 -32.34 -30.47
N VAL J 509 -34.30 -32.68 -31.61
CA VAL J 509 -34.24 -31.78 -32.76
C VAL J 509 -34.85 -32.48 -33.96
N GLY J 510 -35.20 -31.66 -34.96
CA GLY J 510 -35.64 -32.22 -36.23
C GLY J 510 -36.87 -33.09 -36.06
N ASP J 511 -36.81 -34.31 -36.59
CA ASP J 511 -37.94 -35.23 -36.55
C ASP J 511 -37.76 -36.21 -35.40
N GLY J 512 -37.84 -35.67 -34.18
CA GLY J 512 -37.74 -36.50 -33.00
C GLY J 512 -36.37 -37.10 -32.74
N GLN J 513 -35.32 -36.51 -33.30
CA GLN J 513 -33.97 -37.02 -33.14
C GLN J 513 -33.36 -36.46 -31.85
N VAL J 514 -32.96 -37.35 -30.95
CA VAL J 514 -32.28 -36.89 -29.75
C VAL J 514 -30.87 -36.48 -30.13
N LEU J 515 -30.42 -35.36 -29.60
CA LEU J 515 -29.09 -34.79 -29.85
C LEU J 515 -28.47 -34.52 -28.49
N SER J 516 -27.51 -35.35 -28.07
CA SER J 516 -26.92 -35.23 -26.75
C SER J 516 -25.41 -35.27 -26.89
N ALA J 517 -24.72 -35.21 -25.75
CA ALA J 517 -23.27 -35.32 -25.75
C ALA J 517 -22.80 -36.72 -26.06
N VAL J 518 -23.71 -37.70 -26.13
CA VAL J 518 -23.31 -39.03 -26.53
C VAL J 518 -23.21 -39.14 -28.05
N ASN J 519 -24.16 -38.57 -28.80
CA ASN J 519 -24.12 -38.66 -30.25
C ASN J 519 -23.79 -37.34 -30.92
N ASP J 520 -23.44 -36.31 -30.15
CA ASP J 520 -22.98 -35.03 -30.68
C ASP J 520 -21.79 -34.61 -29.82
N VAL J 521 -20.73 -35.40 -29.88
CA VAL J 521 -19.60 -35.20 -28.97
C VAL J 521 -18.81 -33.99 -29.41
N ASN J 522 -18.39 -33.19 -28.44
CA ASN J 522 -17.50 -32.06 -28.72
C ASN J 522 -16.08 -32.58 -28.84
N ASP J 523 -15.51 -32.48 -30.04
CA ASP J 523 -14.16 -32.96 -30.34
C ASP J 523 -13.22 -31.81 -30.72
N TYR J 524 -13.21 -30.75 -29.91
CA TYR J 524 -12.47 -29.54 -30.23
C TYR J 524 -10.97 -29.81 -30.23
N ALA J 525 -10.27 -29.32 -31.26
CA ALA J 525 -8.82 -29.45 -31.33
C ALA J 525 -8.23 -28.22 -32.00
N GLY J 526 -8.82 -27.04 -31.75
CA GLY J 526 -8.29 -25.79 -32.23
C GLY J 526 -8.98 -25.28 -33.49
N PRO J 527 -8.40 -24.25 -34.10
CA PRO J 527 -8.98 -23.66 -35.31
C PRO J 527 -9.35 -24.69 -36.38
N ALA J 528 -10.52 -24.46 -36.99
CA ALA J 528 -11.09 -25.28 -38.07
C ALA J 528 -11.55 -26.64 -37.58
N THR J 529 -11.65 -26.85 -36.26
CA THR J 529 -12.13 -28.10 -35.69
C THR J 529 -13.22 -27.81 -34.66
N GLY J 530 -13.83 -28.89 -34.17
CA GLY J 530 -14.93 -28.71 -33.22
C GLY J 530 -16.13 -28.13 -33.92
N TYR J 531 -17.00 -27.49 -33.14
CA TYR J 531 -18.16 -26.84 -33.73
C TYR J 531 -17.72 -25.64 -34.56
N ARG J 532 -18.23 -25.55 -35.79
CA ARG J 532 -18.02 -24.36 -36.62
C ARG J 532 -19.36 -23.94 -37.21
N LEU J 533 -19.66 -22.65 -37.09
CA LEU J 533 -20.86 -22.11 -37.72
C LEU J 533 -20.64 -22.08 -39.24
N GLN J 534 -21.52 -22.75 -39.98
CA GLN J 534 -21.30 -22.98 -41.41
C GLN J 534 -22.60 -23.45 -42.05
N GLY J 535 -22.56 -23.62 -43.38
CA GLY J 535 -23.65 -24.20 -44.13
C GLY J 535 -24.94 -23.44 -44.00
N GLU J 536 -26.05 -24.19 -43.99
CA GLU J 536 -27.37 -23.59 -43.95
C GLU J 536 -27.60 -22.81 -42.67
N ARG J 537 -26.98 -23.22 -41.56
CA ARG J 537 -27.16 -22.49 -40.31
C ARG J 537 -26.54 -21.10 -40.38
N TRP J 538 -25.42 -20.97 -41.09
CA TRP J 538 -24.80 -19.66 -41.24
C TRP J 538 -25.61 -18.77 -42.18
N GLU J 539 -26.17 -19.34 -43.25
CA GLU J 539 -27.05 -18.57 -44.12
C GLU J 539 -28.24 -18.03 -43.34
N GLU J 540 -28.80 -18.86 -42.46
CA GLU J 540 -29.94 -18.45 -41.64
C GLU J 540 -29.58 -17.28 -40.74
N ILE J 541 -28.36 -17.30 -40.19
CA ILE J 541 -27.92 -16.24 -39.28
C ILE J 541 -27.61 -14.96 -40.04
N LYS J 542 -27.12 -15.07 -41.28
CA LYS J 542 -26.81 -13.87 -42.06
C LYS J 542 -28.06 -13.09 -42.45
N ASN J 543 -29.20 -13.77 -42.58
CA ASN J 543 -30.38 -13.19 -43.23
C ASN J 543 -31.24 -12.45 -42.21
N ILE J 544 -30.69 -11.35 -41.71
CA ILE J 544 -31.35 -10.53 -40.69
C ILE J 544 -32.29 -9.54 -41.38
N PRO J 545 -33.33 -9.08 -40.69
CA PRO J 545 -34.13 -7.96 -41.24
C PRO J 545 -33.28 -6.72 -41.40
N GLY J 546 -33.47 -6.04 -42.52
CA GLY J 546 -32.79 -4.78 -42.79
C GLY J 546 -31.57 -4.89 -43.68
N ALA J 547 -31.04 -6.09 -43.91
CA ALA J 547 -29.88 -6.24 -44.78
C ALA J 547 -30.33 -6.11 -46.22
N LEU J 548 -29.98 -4.98 -46.84
CA LEU J 548 -30.42 -4.57 -48.15
C LEU J 548 -29.48 -5.09 -49.23
N ASP J 549 -30.01 -5.43 -50.39
CA ASP J 549 -29.15 -5.73 -51.52
C ASP J 549 -28.55 -4.42 -52.03
N PRO J 550 -27.22 -4.25 -51.95
CA PRO J 550 -26.65 -2.93 -52.25
C PRO J 550 -26.69 -2.54 -53.72
N ASN J 551 -26.92 -3.47 -54.64
CA ASN J 551 -27.18 -3.09 -56.03
C ASN J 551 -28.46 -2.28 -56.19
N GLY K 19 -36.33 3.08 12.39
CA GLY K 19 -37.73 3.17 12.77
C GLY K 19 -37.93 2.94 14.25
N PRO K 20 -39.16 3.16 14.74
CA PRO K 20 -39.42 2.96 16.17
C PRO K 20 -39.30 1.49 16.53
N GLY K 21 -38.55 1.23 17.60
CA GLY K 21 -38.55 -0.08 18.22
C GLY K 21 -39.49 -0.11 19.41
N GLY K 22 -39.33 -1.16 20.23
CA GLY K 22 -40.05 -1.26 21.49
C GLY K 22 -41.55 -1.40 21.37
N PHE K 23 -42.06 -1.90 20.25
CA PHE K 23 -43.50 -2.09 20.10
C PHE K 23 -43.89 -3.57 20.13
N LEU K 24 -42.93 -4.48 20.27
CA LEU K 24 -43.21 -5.91 20.35
C LEU K 24 -42.60 -6.45 21.64
N THR K 25 -43.44 -7.02 22.50
CA THR K 25 -42.98 -7.58 23.77
C THR K 25 -43.31 -9.06 23.81
N GLU K 26 -42.29 -9.88 24.05
CA GLU K 26 -42.49 -11.32 24.16
C GLU K 26 -43.16 -11.64 25.49
N VAL K 27 -44.25 -12.41 25.44
CA VAL K 27 -45.09 -12.67 26.60
C VAL K 27 -45.19 -14.16 26.91
N GLY K 28 -44.24 -14.95 26.42
CA GLY K 28 -44.23 -16.38 26.71
C GLY K 28 -44.42 -17.20 25.44
N GLU K 29 -44.30 -18.51 25.63
CA GLU K 29 -44.42 -19.42 24.49
C GLU K 29 -45.79 -19.31 23.85
N ALA K 30 -45.80 -19.22 22.53
CA ALA K 30 -47.06 -19.18 21.79
C ALA K 30 -47.76 -20.53 21.87
N ARG K 31 -49.04 -20.50 22.19
CA ARG K 31 -49.82 -21.70 22.40
C ARG K 31 -50.62 -22.06 21.14
N GLN K 32 -51.05 -23.32 21.10
CA GLN K 32 -51.90 -23.79 20.01
C GLN K 32 -53.20 -23.01 19.98
N GLY K 33 -53.60 -22.60 18.77
CA GLY K 33 -54.81 -21.81 18.62
C GLY K 33 -56.05 -22.62 18.95
N THR K 34 -56.89 -22.07 19.83
CA THR K 34 -58.15 -22.71 20.22
C THR K 34 -59.36 -22.08 19.52
N GLN K 35 -59.13 -21.13 18.62
CA GLN K 35 -60.21 -20.44 17.93
C GLN K 35 -59.94 -20.48 16.43
N GLN K 36 -60.91 -20.99 15.67
CA GLN K 36 -60.77 -21.06 14.23
C GLN K 36 -60.72 -19.67 13.57
N ASP K 37 -61.13 -18.63 14.28
CA ASP K 37 -61.23 -17.29 13.68
C ASP K 37 -60.00 -16.44 13.97
N GLU K 38 -58.81 -16.97 13.66
CA GLU K 38 -57.57 -16.24 13.87
C GLU K 38 -56.60 -16.48 12.73
N VAL K 39 -55.71 -15.50 12.51
CA VAL K 39 -54.54 -15.62 11.64
C VAL K 39 -53.33 -15.31 12.51
N ILE K 40 -52.27 -16.08 12.34
CA ILE K 40 -51.00 -15.81 13.01
C ILE K 40 -50.11 -15.04 12.05
N ILE K 41 -49.64 -13.88 12.48
CA ILE K 41 -48.53 -13.20 11.84
C ILE K 41 -47.26 -13.68 12.54
N ALA K 42 -46.40 -14.38 11.83
CA ALA K 42 -45.14 -14.87 12.36
C ALA K 42 -44.00 -14.02 11.80
N VAL K 43 -43.26 -13.34 12.68
CA VAL K 43 -42.20 -12.46 12.23
C VAL K 43 -40.85 -13.09 12.56
N GLY K 44 -39.84 -12.72 11.77
CA GLY K 44 -38.48 -13.17 11.96
C GLY K 44 -37.88 -12.73 13.28
N PRO K 45 -36.75 -13.33 13.65
CA PRO K 45 -36.22 -13.13 15.02
C PRO K 45 -35.62 -11.76 15.26
N ALA K 46 -35.39 -10.94 14.24
CA ALA K 46 -34.90 -9.58 14.44
C ALA K 46 -35.97 -8.52 14.16
N PHE K 47 -37.18 -8.94 13.82
CA PHE K 47 -38.24 -8.00 13.45
C PHE K 47 -38.61 -7.12 14.65
N GLY K 48 -38.57 -5.80 14.44
CA GLY K 48 -38.84 -4.86 15.51
C GLY K 48 -37.75 -4.75 16.56
N LEU K 49 -36.62 -5.43 16.35
CA LEU K 49 -35.56 -5.47 17.33
C LEU K 49 -34.31 -4.89 16.68
N ALA K 50 -33.35 -5.71 16.24
CA ALA K 50 -32.14 -5.17 15.62
C ALA K 50 -32.45 -4.46 14.32
N GLN K 51 -33.53 -4.86 13.64
CA GLN K 51 -34.01 -4.17 12.46
C GLN K 51 -35.41 -3.63 12.75
N THR K 52 -35.68 -2.40 12.31
CA THR K 52 -36.95 -1.75 12.61
C THR K 52 -37.64 -1.22 11.36
N VAL K 53 -37.06 -1.43 10.18
CA VAL K 53 -37.66 -1.01 8.92
C VAL K 53 -37.39 -2.10 7.91
N ASN K 54 -38.21 -2.14 6.85
CA ASN K 54 -38.00 -3.10 5.79
C ASN K 54 -36.89 -2.59 4.87
N ILE K 55 -36.75 -3.25 3.71
CA ILE K 55 -35.59 -3.02 2.85
C ILE K 55 -35.59 -1.63 2.22
N VAL K 56 -36.73 -0.94 2.19
CA VAL K 56 -36.78 0.42 1.66
C VAL K 56 -37.20 1.43 2.73
N GLY K 57 -37.06 1.07 4.00
CA GLY K 57 -37.25 2.03 5.07
C GLY K 57 -38.64 2.16 5.61
N ILE K 58 -39.58 1.32 5.20
CA ILE K 58 -40.90 1.38 5.83
C ILE K 58 -40.81 0.80 7.24
N PRO K 59 -41.27 1.53 8.27
CA PRO K 59 -41.16 1.01 9.64
C PRO K 59 -41.94 -0.29 9.83
N HIS K 60 -41.31 -1.22 10.55
CA HIS K 60 -41.98 -2.47 10.93
C HIS K 60 -43.28 -2.22 11.67
N LYS K 61 -43.29 -1.19 12.53
CA LYS K 61 -44.48 -0.87 13.30
C LYS K 61 -45.65 -0.53 12.38
N SER K 62 -45.38 0.23 11.32
CA SER K 62 -46.44 0.55 10.36
C SER K 62 -46.85 -0.67 9.56
N ILE K 63 -45.88 -1.53 9.17
CA ILE K 63 -46.20 -2.74 8.45
C ILE K 63 -47.16 -3.62 9.25
N LEU K 64 -46.79 -3.91 10.50
CA LEU K 64 -47.67 -4.74 11.33
C LEU K 64 -49.02 -4.07 11.54
N ARG K 65 -49.03 -2.74 11.69
CA ARG K 65 -50.31 -2.05 11.88
C ARG K 65 -51.25 -2.34 10.71
N GLU K 66 -50.73 -2.29 9.49
CA GLU K 66 -51.59 -2.47 8.32
C GLU K 66 -51.99 -3.93 8.11
N VAL K 67 -51.07 -4.87 8.34
CA VAL K 67 -51.43 -6.29 8.25
C VAL K 67 -52.53 -6.61 9.25
N ILE K 68 -52.34 -6.19 10.52
CA ILE K 68 -53.36 -6.44 11.54
C ILE K 68 -54.68 -5.79 11.16
N ALA K 69 -54.62 -4.55 10.66
CA ALA K 69 -55.85 -3.86 10.27
C ALA K 69 -56.57 -4.61 9.16
N GLY K 70 -55.83 -5.20 8.23
CA GLY K 70 -56.47 -5.95 7.17
C GLY K 70 -57.16 -7.21 7.68
N ILE K 71 -56.49 -7.91 8.60
CA ILE K 71 -57.08 -9.10 9.21
C ILE K 71 -58.34 -8.73 9.98
N GLU K 72 -58.26 -7.67 10.80
CA GLU K 72 -59.36 -7.32 11.69
C GLU K 72 -60.54 -6.74 10.93
N GLU K 73 -60.27 -6.06 9.81
CA GLU K 73 -61.33 -5.57 8.95
C GLU K 73 -62.19 -6.70 8.40
N GLU K 74 -61.63 -7.89 8.30
CA GLU K 74 -62.36 -9.07 7.86
C GLU K 74 -63.01 -9.84 9.00
N GLY K 75 -63.01 -9.27 10.21
CA GLY K 75 -63.64 -9.94 11.33
C GLY K 75 -62.86 -11.11 11.87
N ILE K 76 -61.55 -11.13 11.66
CA ILE K 76 -60.69 -12.21 12.13
C ILE K 76 -59.72 -11.61 13.14
N LYS K 77 -59.33 -12.44 14.11
CA LYS K 77 -58.39 -11.99 15.13
C LYS K 77 -56.96 -12.19 14.64
N ALA K 78 -56.10 -11.22 14.94
CA ALA K 78 -54.68 -11.33 14.61
C ALA K 78 -53.90 -11.69 15.86
N ARG K 79 -52.97 -12.63 15.70
CA ARG K 79 -52.07 -13.07 16.76
C ARG K 79 -50.66 -13.01 16.19
N VAL K 80 -49.74 -12.36 16.89
CA VAL K 80 -48.38 -12.16 16.38
C VAL K 80 -47.41 -12.99 17.21
N ILE K 81 -46.53 -13.71 16.54
CA ILE K 81 -45.53 -14.52 17.21
C ILE K 81 -44.17 -14.24 16.58
N ARG K 82 -43.12 -14.46 17.37
CA ARG K 82 -41.75 -14.38 16.89
C ARG K 82 -41.19 -15.79 16.77
N CYS K 83 -40.62 -16.11 15.62
CA CYS K 83 -40.08 -17.43 15.35
C CYS K 83 -38.56 -17.39 15.38
N PHE K 84 -37.97 -18.49 15.85
CA PHE K 84 -36.53 -18.55 16.10
C PHE K 84 -35.81 -19.70 15.40
N LYS K 85 -36.50 -20.78 15.01
CA LYS K 85 -35.77 -21.98 14.60
C LYS K 85 -35.11 -21.81 13.23
N SER K 86 -35.61 -20.90 12.42
CA SER K 86 -35.02 -20.56 11.13
C SER K 86 -35.42 -19.13 10.82
N SER K 87 -34.55 -18.41 10.13
CA SER K 87 -34.89 -17.08 9.65
C SER K 87 -35.50 -17.10 8.25
N ASP K 88 -35.59 -18.28 7.64
CA ASP K 88 -36.22 -18.42 6.34
C ASP K 88 -37.72 -18.13 6.46
N VAL K 89 -38.25 -17.28 5.57
CA VAL K 89 -39.62 -16.80 5.77
C VAL K 89 -40.64 -17.91 5.59
N ALA K 90 -40.34 -18.92 4.76
CA ALA K 90 -41.24 -20.06 4.63
C ALA K 90 -41.31 -20.83 5.94
N PHE K 91 -40.15 -21.10 6.55
CA PHE K 91 -40.17 -21.85 7.80
C PHE K 91 -40.71 -21.02 8.95
N VAL K 92 -40.45 -19.70 8.97
CA VAL K 92 -41.11 -18.82 9.93
C VAL K 92 -42.61 -18.97 9.82
N ALA K 93 -43.13 -18.97 8.59
CA ALA K 93 -44.56 -19.06 8.39
C ALA K 93 -45.09 -20.44 8.75
N VAL K 94 -44.29 -21.49 8.54
CA VAL K 94 -44.73 -22.84 8.89
C VAL K 94 -44.86 -22.99 10.41
N GLU K 95 -43.90 -22.45 11.18
CA GLU K 95 -44.07 -22.42 12.62
C GLU K 95 -45.40 -21.77 12.98
N GLY K 96 -45.73 -20.68 12.28
CA GLY K 96 -46.99 -20.00 12.53
C GLY K 96 -48.20 -20.82 12.13
N ASN K 97 -48.17 -21.48 10.96
CA ASN K 97 -49.41 -22.12 10.54
C ASN K 97 -49.72 -23.37 11.38
N ARG K 98 -48.70 -23.98 12.01
CA ARG K 98 -48.94 -25.11 12.90
C ARG K 98 -49.72 -24.68 14.14
N LEU K 99 -49.42 -23.48 14.67
CA LEU K 99 -50.04 -22.96 15.88
C LEU K 99 -51.34 -22.20 15.61
N SER K 100 -51.58 -21.81 14.35
CA SER K 100 -52.74 -21.00 14.03
C SER K 100 -54.02 -21.82 14.13
N GLY K 101 -55.02 -21.27 14.83
CA GLY K 101 -56.29 -21.97 14.96
C GLY K 101 -57.01 -22.17 13.64
N SER K 102 -56.72 -21.34 12.65
CA SER K 102 -57.28 -21.47 11.32
C SER K 102 -56.39 -22.25 10.36
N GLY K 103 -55.19 -22.62 10.78
CA GLY K 103 -54.19 -23.16 9.87
C GLY K 103 -53.54 -22.15 8.95
N ILE K 104 -53.91 -20.87 9.02
CA ILE K 104 -53.40 -19.85 8.11
C ILE K 104 -52.41 -18.97 8.86
N SER K 105 -51.27 -18.69 8.23
CA SER K 105 -50.29 -17.77 8.80
C SER K 105 -49.78 -16.82 7.72
N ILE K 106 -49.18 -15.73 8.19
CA ILE K 106 -48.43 -14.80 7.36
C ILE K 106 -47.03 -14.76 7.95
N GLY K 107 -46.02 -15.09 7.16
CA GLY K 107 -44.63 -14.95 7.58
C GLY K 107 -44.03 -13.66 7.03
N ILE K 108 -43.29 -12.94 7.87
CA ILE K 108 -42.67 -11.67 7.46
C ILE K 108 -41.25 -11.62 8.00
N GLN K 109 -40.28 -11.37 7.10
CA GLN K 109 -38.89 -11.12 7.48
C GLN K 109 -38.70 -9.62 7.76
N SER K 110 -37.62 -9.31 8.48
CA SER K 110 -37.31 -7.90 8.74
C SER K 110 -37.15 -7.11 7.45
N LYS K 111 -36.50 -7.68 6.44
CA LYS K 111 -36.35 -6.93 5.20
C LYS K 111 -37.67 -6.79 4.45
N GLY K 112 -38.71 -7.53 4.82
CA GLY K 112 -40.06 -7.24 4.38
C GLY K 112 -40.73 -8.35 3.61
N THR K 113 -39.96 -9.31 3.10
CA THR K 113 -40.51 -10.43 2.33
C THR K 113 -41.65 -11.11 3.09
N THR K 114 -42.73 -11.46 2.39
CA THR K 114 -43.95 -11.90 3.05
C THR K 114 -44.56 -13.09 2.31
N VAL K 115 -45.15 -14.00 3.07
CA VAL K 115 -45.80 -15.18 2.51
C VAL K 115 -47.07 -15.48 3.29
N ILE K 116 -48.14 -15.86 2.57
CA ILE K 116 -49.36 -16.39 3.19
C ILE K 116 -49.30 -17.90 3.08
N HIS K 117 -49.31 -18.58 4.21
CA HIS K 117 -49.04 -20.01 4.27
C HIS K 117 -50.23 -20.74 4.89
N GLN K 118 -50.21 -22.06 4.75
CA GLN K 118 -51.37 -22.87 5.12
C GLN K 118 -50.90 -24.25 5.57
N GLN K 119 -51.38 -24.65 6.75
CA GLN K 119 -51.13 -25.97 7.30
C GLN K 119 -51.46 -27.04 6.27
N GLY K 120 -50.52 -27.99 6.08
CA GLY K 120 -50.69 -29.04 5.10
C GLY K 120 -49.92 -28.85 3.81
N LEU K 121 -49.57 -27.61 3.47
CA LEU K 121 -48.75 -27.41 2.29
C LEU K 121 -47.29 -27.74 2.60
N PRO K 122 -46.52 -28.16 1.59
CA PRO K 122 -45.08 -28.28 1.78
C PRO K 122 -44.50 -26.97 2.25
N PRO K 123 -43.41 -27.01 3.03
CA PRO K 123 -42.84 -25.75 3.56
C PRO K 123 -42.57 -24.68 2.51
N LEU K 124 -42.06 -25.06 1.33
CA LEU K 124 -41.71 -24.06 0.32
C LEU K 124 -42.79 -23.88 -0.74
N SER K 125 -44.00 -24.38 -0.47
CA SER K 125 -45.19 -23.95 -1.16
C SER K 125 -45.85 -22.85 -0.31
N ASN K 126 -47.03 -22.41 -0.74
CA ASN K 126 -47.74 -21.32 -0.06
C ASN K 126 -49.08 -21.11 -0.76
N LEU K 127 -49.90 -20.23 -0.16
CA LEU K 127 -51.09 -19.75 -0.85
C LEU K 127 -50.77 -18.52 -1.71
N GLU K 128 -50.08 -17.53 -1.15
CA GLU K 128 -49.62 -16.38 -1.90
C GLU K 128 -48.21 -16.03 -1.43
N LEU K 129 -47.41 -15.51 -2.35
CA LEU K 129 -46.03 -15.18 -2.06
C LEU K 129 -45.72 -13.77 -2.55
N PHE K 130 -44.93 -13.04 -1.77
CA PHE K 130 -44.57 -11.66 -2.08
C PHE K 130 -43.06 -11.60 -2.08
N PRO K 131 -42.45 -12.00 -3.20
CA PRO K 131 -41.00 -12.27 -3.25
C PRO K 131 -40.13 -11.08 -3.64
N GLN K 132 -40.68 -9.88 -3.72
CA GLN K 132 -39.90 -8.67 -3.98
C GLN K 132 -40.28 -7.65 -2.93
N ALA K 133 -39.67 -7.79 -1.76
CA ALA K 133 -39.93 -6.87 -0.65
C ALA K 133 -39.87 -5.39 -1.01
N PRO K 134 -38.96 -4.92 -1.89
CA PRO K 134 -38.95 -3.48 -2.18
C PRO K 134 -40.26 -2.94 -2.74
N LEU K 135 -41.11 -3.79 -3.30
CA LEU K 135 -42.32 -3.33 -3.96
C LEU K 135 -43.53 -3.26 -3.04
N LEU K 136 -43.43 -3.84 -1.85
CA LEU K 136 -44.56 -3.90 -0.93
C LEU K 136 -44.75 -2.54 -0.28
N THR K 137 -45.94 -1.98 -0.41
CA THR K 137 -46.32 -0.74 0.24
C THR K 137 -47.20 -1.06 1.44
N LEU K 138 -47.46 -0.03 2.24
CA LEU K 138 -48.41 -0.20 3.34
C LEU K 138 -49.77 -0.65 2.82
N GLU K 139 -50.15 -0.21 1.62
CA GLU K 139 -51.40 -0.69 1.02
C GLU K 139 -51.32 -2.18 0.71
N THR K 140 -50.19 -2.65 0.17
CA THR K 140 -50.05 -4.09 -0.08
C THR K 140 -50.18 -4.87 1.21
N TYR K 141 -49.51 -4.41 2.27
CA TYR K 141 -49.54 -5.16 3.51
C TYR K 141 -50.96 -5.27 4.05
N ARG K 142 -51.76 -4.22 3.90
CA ARG K 142 -53.15 -4.31 4.34
C ARG K 142 -53.90 -5.36 3.53
N GLN K 143 -53.68 -5.39 2.21
CA GLN K 143 -54.36 -6.38 1.38
C GLN K 143 -53.92 -7.80 1.71
N ILE K 144 -52.63 -7.98 2.02
CA ILE K 144 -52.13 -9.28 2.46
C ILE K 144 -52.88 -9.73 3.71
N GLY K 145 -53.05 -8.83 4.67
CA GLY K 145 -53.80 -9.17 5.87
C GLY K 145 -55.25 -9.52 5.56
N LYS K 146 -55.90 -8.73 4.71
CA LYS K 146 -57.26 -9.04 4.30
C LYS K 146 -57.35 -10.42 3.68
N ASN K 147 -56.46 -10.74 2.74
CA ASN K 147 -56.56 -12.04 2.07
C ASN K 147 -56.25 -13.19 3.02
N ALA K 148 -55.27 -13.02 3.93
CA ALA K 148 -55.02 -14.08 4.91
C ALA K 148 -56.28 -14.38 5.72
N ALA K 149 -56.99 -13.33 6.16
CA ALA K 149 -58.20 -13.53 6.92
C ALA K 149 -59.26 -14.22 6.08
N ARG K 150 -59.31 -13.91 4.78
CA ARG K 150 -60.29 -14.57 3.91
C ARG K 150 -59.97 -16.04 3.75
N TYR K 151 -58.70 -16.40 3.62
CA TYR K 151 -58.35 -17.83 3.60
C TYR K 151 -58.71 -18.49 4.92
N ALA K 152 -58.51 -17.78 6.04
CA ALA K 152 -58.84 -18.34 7.33
C ALA K 152 -60.33 -18.61 7.45
N LYS K 153 -61.16 -17.80 6.79
CA LYS K 153 -62.60 -18.00 6.73
C LYS K 153 -63.03 -18.98 5.64
N ARG K 154 -62.07 -19.76 5.10
CA ARG K 154 -62.36 -20.77 4.08
C ARG K 154 -62.92 -20.14 2.81
N GLU K 155 -62.33 -19.04 2.37
CA GLU K 155 -62.73 -18.35 1.16
C GLU K 155 -61.61 -18.46 0.13
N SER K 156 -61.95 -18.15 -1.13
CA SER K 156 -61.00 -18.14 -2.23
CA SER K 156 -60.98 -18.14 -2.23
C SER K 156 -60.94 -16.73 -2.81
N PRO K 157 -60.21 -15.82 -2.17
CA PRO K 157 -60.18 -14.43 -2.64
C PRO K 157 -59.38 -14.28 -3.92
N GLN K 158 -59.66 -13.20 -4.64
CA GLN K 158 -58.77 -12.74 -5.70
C GLN K 158 -57.37 -12.55 -5.14
N PRO K 159 -56.35 -13.24 -5.65
CA PRO K 159 -54.99 -13.05 -5.13
C PRO K 159 -54.58 -11.58 -5.20
N VAL K 160 -53.72 -11.18 -4.26
CA VAL K 160 -53.20 -9.81 -4.35
C VAL K 160 -52.48 -9.65 -5.68
N PRO K 161 -52.71 -8.56 -6.42
CA PRO K 161 -52.12 -8.45 -7.77
C PRO K 161 -50.61 -8.56 -7.73
N THR K 162 -50.06 -9.28 -8.70
CA THR K 162 -48.63 -9.55 -8.74
C THR K 162 -47.82 -8.28 -8.92
N LEU K 163 -46.80 -8.11 -8.09
CA LEU K 163 -45.83 -7.03 -8.25
C LEU K 163 -44.54 -7.65 -8.75
N ASN K 164 -43.98 -7.09 -9.81
CA ASN K 164 -42.77 -7.62 -10.43
C ASN K 164 -42.02 -6.47 -11.08
N ASP K 165 -40.78 -6.24 -10.65
CA ASP K 165 -39.94 -5.19 -11.18
C ASP K 165 -38.61 -5.86 -11.53
N GLN K 166 -38.31 -5.96 -12.83
CA GLN K 166 -37.09 -6.59 -13.28
C GLN K 166 -35.82 -5.94 -12.72
N MET K 167 -35.91 -4.73 -12.16
CA MET K 167 -34.72 -4.10 -11.60
C MET K 167 -34.67 -4.18 -10.08
N ALA K 168 -35.61 -4.89 -9.44
CA ALA K 168 -35.59 -4.99 -7.98
C ALA K 168 -34.36 -5.75 -7.50
N ARG K 169 -34.03 -6.86 -8.17
CA ARG K 169 -32.80 -7.57 -7.82
C ARG K 169 -31.56 -6.71 -8.09
N PRO K 170 -31.38 -6.11 -9.28
CA PRO K 170 -30.22 -5.22 -9.49
C PRO K 170 -30.03 -4.18 -8.40
N LYS K 171 -31.12 -3.53 -7.98
CA LYS K 171 -31.02 -2.48 -6.96
C LYS K 171 -30.86 -3.04 -5.55
N TYR K 172 -31.47 -4.18 -5.23
CA TYR K 172 -31.69 -4.54 -3.84
C TYR K 172 -31.22 -5.93 -3.40
N GLN K 173 -30.82 -6.81 -4.32
CA GLN K 173 -30.47 -8.16 -3.89
C GLN K 173 -29.28 -8.17 -2.93
N ALA K 174 -28.25 -7.37 -3.21
CA ALA K 174 -27.10 -7.36 -2.32
C ALA K 174 -27.51 -6.86 -0.93
N LYS K 175 -28.37 -5.83 -0.88
CA LYS K 175 -28.87 -5.35 0.40
C LYS K 175 -29.73 -6.41 1.09
N SER K 176 -30.59 -7.08 0.33
CA SER K 176 -31.38 -8.19 0.85
C SER K 176 -30.50 -9.24 1.50
N ALA K 177 -29.42 -9.65 0.82
CA ALA K 177 -28.50 -10.62 1.40
C ALA K 177 -27.92 -10.13 2.71
N ILE K 178 -27.46 -8.87 2.75
CA ILE K 178 -26.84 -8.35 3.95
C ILE K 178 -27.85 -8.29 5.10
N LEU K 179 -29.07 -7.80 4.82
CA LEU K 179 -30.08 -7.72 5.87
C LEU K 179 -30.45 -9.11 6.38
N HIS K 180 -30.48 -10.09 5.48
CA HIS K 180 -30.84 -11.44 5.90
C HIS K 180 -29.70 -12.08 6.70
N ILE K 181 -28.46 -11.88 6.27
CA ILE K 181 -27.31 -12.32 7.06
C ILE K 181 -27.44 -11.82 8.50
N LYS K 182 -27.83 -10.55 8.65
CA LYS K 182 -27.88 -9.96 9.99
C LYS K 182 -29.06 -10.50 10.80
N GLU K 183 -30.23 -10.66 10.18
CA GLU K 183 -31.37 -11.21 10.92
C GLU K 183 -31.11 -12.66 11.30
N THR K 184 -30.40 -13.40 10.46
CA THR K 184 -30.12 -14.80 10.73
C THR K 184 -29.27 -14.99 11.99
N LYS K 185 -28.56 -13.95 12.44
CA LYS K 185 -27.78 -14.09 13.67
C LYS K 185 -28.66 -14.29 14.90
N TYR K 186 -29.96 -14.08 14.79
CA TYR K 186 -30.87 -14.19 15.92
C TYR K 186 -31.64 -15.51 15.91
N VAL K 187 -31.31 -16.41 14.99
CA VAL K 187 -31.86 -17.77 14.99
C VAL K 187 -31.39 -18.52 16.23
N VAL K 188 -32.30 -19.28 16.85
CA VAL K 188 -31.97 -20.15 17.97
C VAL K 188 -32.58 -21.51 17.68
N THR K 189 -31.73 -22.49 17.39
CA THR K 189 -32.17 -23.85 17.14
C THR K 189 -33.01 -24.39 18.30
N GLY K 190 -34.15 -24.99 17.98
CA GLY K 190 -34.95 -25.67 18.98
C GLY K 190 -35.78 -24.78 19.87
N LYS K 191 -35.73 -23.45 19.69
CA LYS K 191 -36.49 -22.53 20.54
C LYS K 191 -37.87 -22.30 19.91
N ASN K 192 -38.92 -22.63 20.67
CA ASN K 192 -40.28 -22.50 20.18
C ASN K 192 -40.70 -21.03 20.07
N PRO K 193 -41.68 -20.73 19.22
CA PRO K 193 -42.07 -19.32 19.01
C PRO K 193 -42.59 -18.67 20.28
N GLN K 194 -42.36 -17.36 20.36
CA GLN K 194 -42.84 -16.54 21.46
C GLN K 194 -44.04 -15.72 21.00
N GLU K 195 -45.12 -15.77 21.77
CA GLU K 195 -46.23 -14.85 21.54
C GLU K 195 -45.78 -13.42 21.78
N LEU K 196 -46.23 -12.49 20.95
CA LEU K 196 -45.86 -11.09 21.05
C LEU K 196 -47.07 -10.24 21.39
N ARG K 197 -46.91 -9.34 22.35
CA ARG K 197 -47.85 -8.27 22.55
C ARG K 197 -47.43 -7.09 21.68
N VAL K 198 -48.37 -6.56 20.89
CA VAL K 198 -48.09 -5.54 19.88
C VAL K 198 -48.58 -4.19 20.39
N ALA K 199 -47.70 -3.19 20.35
CA ALA K 199 -48.01 -1.84 20.84
C ALA K 199 -48.07 -0.91 19.62
N LEU K 200 -49.28 -0.72 19.10
CA LEU K 200 -49.46 0.06 17.88
C LEU K 200 -49.73 1.54 18.14
N ALA L 2 -25.02 -52.71 -23.40
CA ALA L 2 -25.17 -51.83 -24.54
C ALA L 2 -24.07 -50.76 -24.54
N ARG L 3 -23.74 -50.25 -25.72
CA ARG L 3 -22.62 -49.33 -25.89
C ARG L 3 -23.10 -48.07 -26.59
N VAL L 4 -22.19 -47.09 -26.68
CA VAL L 4 -22.51 -45.84 -27.36
C VAL L 4 -22.96 -46.11 -28.77
N SER L 5 -22.39 -47.12 -29.42
CA SER L 5 -22.81 -47.47 -30.77
C SER L 5 -24.24 -47.98 -30.83
N ASP L 6 -24.85 -48.31 -29.68
CA ASP L 6 -26.25 -48.69 -29.63
C ASP L 6 -27.17 -47.50 -29.39
N TYR L 7 -26.62 -46.31 -29.29
CA TYR L 7 -27.37 -45.11 -28.93
C TYR L 7 -27.55 -44.23 -30.15
N PRO L 8 -28.71 -43.56 -30.27
CA PRO L 8 -29.92 -43.63 -29.44
C PRO L 8 -30.71 -44.93 -29.65
N LEU L 9 -31.26 -45.48 -28.57
CA LEU L 9 -32.05 -46.71 -28.69
C LEU L 9 -33.21 -46.51 -29.66
N ALA L 10 -33.85 -45.34 -29.64
CA ALA L 10 -34.99 -45.13 -30.51
C ALA L 10 -34.63 -45.24 -31.99
N ASN L 11 -33.37 -44.97 -32.34
CA ASN L 11 -32.89 -45.11 -33.70
C ASN L 11 -32.24 -46.45 -33.97
N LYS L 12 -31.38 -46.93 -33.07
CA LYS L 12 -30.58 -48.13 -33.32
C LYS L 12 -31.33 -49.40 -32.98
N HIS L 13 -32.17 -49.39 -31.94
CA HIS L 13 -32.84 -50.60 -31.49
C HIS L 13 -34.21 -50.28 -30.90
N PRO L 14 -35.13 -49.70 -31.67
CA PRO L 14 -36.44 -49.36 -31.08
C PRO L 14 -37.13 -50.56 -30.47
N GLU L 15 -36.92 -51.75 -31.04
CA GLU L 15 -37.57 -52.96 -30.56
C GLU L 15 -37.04 -53.42 -29.20
N TRP L 16 -35.89 -52.89 -28.75
CA TRP L 16 -35.42 -53.17 -27.40
C TRP L 16 -36.26 -52.48 -26.33
N VAL L 17 -37.11 -51.53 -26.72
CA VAL L 17 -37.81 -50.67 -25.77
C VAL L 17 -39.23 -51.20 -25.60
N LYS L 18 -39.53 -51.68 -24.40
CA LYS L 18 -40.87 -52.06 -23.99
C LYS L 18 -41.27 -51.18 -22.83
N THR L 19 -42.55 -51.22 -22.47
CA THR L 19 -43.03 -50.41 -21.34
C THR L 19 -43.34 -51.32 -20.15
N ALA L 20 -43.74 -50.68 -19.04
CA ALA L 20 -43.99 -51.40 -17.80
C ALA L 20 -45.04 -52.49 -17.96
N THR L 21 -45.94 -52.34 -18.93
CA THR L 21 -46.97 -53.34 -19.23
C THR L 21 -46.67 -54.10 -20.51
N ASN L 22 -45.40 -54.13 -20.93
CA ASN L 22 -44.94 -54.88 -22.08
C ASN L 22 -45.51 -54.37 -23.41
N LYS L 23 -45.95 -53.12 -23.47
CA LYS L 23 -46.31 -52.51 -24.74
C LYS L 23 -45.04 -52.10 -25.48
N THR L 24 -45.17 -51.92 -26.79
CA THR L 24 -44.06 -51.46 -27.62
C THR L 24 -44.25 -50.00 -27.98
N LEU L 25 -43.20 -49.39 -28.54
CA LEU L 25 -43.30 -47.99 -28.95
C LEU L 25 -44.40 -47.78 -29.98
N ASP L 26 -44.61 -48.75 -30.88
CA ASP L 26 -45.63 -48.60 -31.90
C ASP L 26 -47.05 -48.75 -31.37
N ASP L 27 -47.22 -49.26 -30.15
CA ASP L 27 -48.55 -49.32 -29.56
C ASP L 27 -49.11 -47.95 -29.21
N PHE L 28 -48.25 -46.94 -29.11
CA PHE L 28 -48.67 -45.60 -28.68
C PHE L 28 -48.95 -44.75 -29.90
N THR L 29 -50.16 -44.92 -30.43
CA THR L 29 -50.70 -44.15 -31.53
C THR L 29 -51.90 -43.34 -31.02
N LEU L 30 -52.29 -42.32 -31.78
CA LEU L 30 -53.45 -41.53 -31.39
C LEU L 30 -54.70 -42.40 -31.25
N GLU L 31 -54.87 -43.35 -32.17
CA GLU L 31 -56.03 -44.23 -32.14
C GLU L 31 -56.07 -45.04 -30.85
N ASN L 32 -54.93 -45.61 -30.43
CA ASN L 32 -54.91 -46.40 -29.21
C ASN L 32 -55.08 -45.53 -27.96
N VAL L 33 -54.65 -44.27 -28.01
CA VAL L 33 -54.88 -43.38 -26.88
C VAL L 33 -56.36 -43.04 -26.76
N LEU L 34 -56.99 -42.72 -27.89
CA LEU L 34 -58.40 -42.32 -27.87
C LEU L 34 -59.30 -43.45 -27.41
N SER L 35 -59.01 -44.68 -27.83
CA SER L 35 -59.81 -45.84 -27.46
C SER L 35 -59.49 -46.37 -26.07
N ASN L 36 -58.51 -45.79 -25.39
CA ASN L 36 -58.01 -46.26 -24.10
C ASN L 36 -57.38 -47.64 -24.18
N LYS L 37 -57.05 -48.09 -25.40
CA LYS L 37 -56.28 -49.33 -25.55
C LYS L 37 -54.93 -49.23 -24.87
N VAL L 38 -54.34 -48.04 -24.85
CA VAL L 38 -53.22 -47.72 -23.97
C VAL L 38 -53.63 -46.55 -23.10
N THR L 39 -53.17 -46.57 -21.84
CA THR L 39 -53.43 -45.50 -20.89
C THR L 39 -52.12 -45.09 -20.24
N ALA L 40 -52.19 -44.15 -19.30
CA ALA L 40 -50.98 -43.64 -18.67
C ALA L 40 -50.20 -44.76 -17.98
N GLN L 41 -50.91 -45.74 -17.42
CA GLN L 41 -50.25 -46.85 -16.72
C GLN L 41 -49.37 -47.64 -17.69
N ASP L 42 -49.71 -47.65 -18.97
CA ASP L 42 -48.88 -48.33 -19.96
C ASP L 42 -47.66 -47.50 -20.32
N MET L 43 -47.71 -46.18 -20.19
CA MET L 43 -46.67 -45.28 -20.70
C MET L 43 -45.62 -45.02 -19.61
N ARG L 44 -44.87 -46.06 -19.27
CA ARG L 44 -43.81 -45.88 -18.29
C ARG L 44 -42.57 -46.68 -18.66
N ILE L 45 -41.42 -46.03 -18.52
CA ILE L 45 -40.13 -46.66 -18.82
C ILE L 45 -39.91 -47.87 -17.90
N THR L 46 -39.16 -48.85 -18.41
CA THR L 46 -38.87 -50.09 -17.70
C THR L 46 -37.51 -50.03 -17.01
N PRO L 47 -37.30 -50.89 -16.00
CA PRO L 47 -35.94 -51.04 -15.47
C PRO L 47 -34.97 -51.57 -16.50
N GLU L 48 -35.45 -52.39 -17.44
CA GLU L 48 -34.58 -52.90 -18.51
C GLU L 48 -34.03 -51.76 -19.35
N THR L 49 -34.91 -50.83 -19.75
CA THR L 49 -34.45 -49.70 -20.55
C THR L 49 -33.46 -48.84 -19.77
N LEU L 50 -33.76 -48.55 -18.50
CA LEU L 50 -32.84 -47.76 -17.69
C LEU L 50 -31.51 -48.48 -17.47
N ARG L 51 -31.51 -49.81 -17.40
CA ARG L 51 -30.24 -50.51 -17.25
C ARG L 51 -29.47 -50.56 -18.56
N LEU L 52 -30.16 -50.58 -19.70
CA LEU L 52 -29.47 -50.39 -20.97
C LEU L 52 -28.82 -49.02 -21.05
N GLN L 53 -29.54 -47.98 -20.62
CA GLN L 53 -28.97 -46.64 -20.64
C GLN L 53 -27.83 -46.50 -19.64
N ALA L 54 -27.89 -47.22 -18.52
CA ALA L 54 -26.77 -47.24 -17.58
C ALA L 54 -25.51 -47.81 -18.24
N SER L 55 -25.67 -48.90 -18.99
CA SER L 55 -24.52 -49.47 -19.69
C SER L 55 -23.96 -48.50 -20.71
N ILE L 56 -24.82 -47.76 -21.40
CA ILE L 56 -24.36 -46.77 -22.38
C ILE L 56 -23.62 -45.64 -21.66
N ALA L 57 -24.13 -45.19 -20.52
CA ALA L 57 -23.44 -44.16 -19.75
C ALA L 57 -22.05 -44.63 -19.31
N LYS L 58 -21.95 -45.88 -18.84
CA LYS L 58 -20.65 -46.43 -18.49
C LYS L 58 -19.70 -46.44 -19.69
N ASP L 59 -20.21 -46.84 -20.86
CA ASP L 59 -19.39 -46.84 -22.07
C ASP L 59 -18.97 -45.42 -22.46
N ALA L 60 -19.77 -44.42 -22.12
CA ALA L 60 -19.45 -43.02 -22.38
C ALA L 60 -18.54 -42.41 -21.32
N GLY L 61 -18.10 -43.18 -20.33
CA GLY L 61 -17.23 -42.67 -19.29
C GLY L 61 -17.95 -41.98 -18.16
N ARG L 62 -19.25 -42.24 -18.01
CA ARG L 62 -20.07 -41.49 -17.05
C ARG L 62 -20.60 -42.46 -15.99
N ASP L 63 -19.72 -42.82 -15.05
CA ASP L 63 -20.04 -43.86 -14.08
C ASP L 63 -21.07 -43.39 -13.05
N ARG L 64 -20.97 -42.12 -12.61
CA ARG L 64 -21.94 -41.62 -11.64
C ARG L 64 -23.33 -41.56 -12.26
N LEU L 65 -23.42 -41.07 -13.50
CA LEU L 65 -24.72 -41.06 -14.18
C LEU L 65 -25.28 -42.47 -14.29
N ALA L 66 -24.42 -43.45 -14.54
CA ALA L 66 -24.88 -44.84 -14.60
C ALA L 66 -25.42 -45.30 -13.26
N MET L 67 -24.76 -44.93 -12.16
CA MET L 67 -25.25 -45.27 -10.83
CA MET L 67 -25.27 -45.30 -10.84
C MET L 67 -26.64 -44.68 -10.60
N ASN L 68 -26.83 -43.43 -11.03
CA ASN L 68 -28.15 -42.79 -10.96
C ASN L 68 -29.18 -43.60 -11.73
N PHE L 69 -28.86 -44.00 -12.96
CA PHE L 69 -29.81 -44.80 -13.73
C PHE L 69 -30.10 -46.14 -13.08
N GLU L 70 -29.12 -46.74 -12.38
CA GLU L 70 -29.40 -48.00 -11.73
CA GLU L 70 -29.37 -48.01 -11.71
C GLU L 70 -30.32 -47.82 -10.52
N ARG L 71 -30.15 -46.73 -9.77
CA ARG L 71 -31.13 -46.41 -8.73
C ARG L 71 -32.51 -46.19 -9.36
N ALA L 72 -32.54 -45.45 -10.46
CA ALA L 72 -33.78 -45.21 -11.19
C ALA L 72 -34.45 -46.52 -11.59
N ALA L 73 -33.65 -47.48 -12.06
CA ALA L 73 -34.21 -48.77 -12.46
C ALA L 73 -34.87 -49.47 -11.26
N GLU L 74 -34.25 -49.41 -10.09
CA GLU L 74 -34.88 -49.95 -8.89
C GLU L 74 -36.19 -49.24 -8.58
N LEU L 75 -36.22 -47.92 -8.77
CA LEU L 75 -37.37 -47.13 -8.34
C LEU L 75 -38.57 -47.23 -9.27
N THR L 76 -38.41 -47.76 -10.48
CA THR L 76 -39.57 -47.95 -11.35
C THR L 76 -40.63 -48.83 -10.68
N ALA L 77 -40.21 -49.74 -9.80
CA ALA L 77 -41.13 -50.66 -9.13
C ALA L 77 -41.94 -49.98 -8.03
N VAL L 78 -41.57 -48.77 -7.64
CA VAL L 78 -42.18 -48.07 -6.52
C VAL L 78 -43.25 -47.13 -7.07
N PRO L 79 -44.48 -47.17 -6.55
CA PRO L 79 -45.55 -46.33 -7.12
C PRO L 79 -45.28 -44.84 -6.90
N ASP L 80 -45.92 -44.01 -7.73
CA ASP L 80 -45.67 -42.57 -7.70
C ASP L 80 -45.83 -41.98 -6.31
N ASP L 81 -46.91 -42.35 -5.62
CA ASP L 81 -47.14 -41.71 -4.32
C ASP L 81 -46.15 -42.19 -3.28
N ARG L 82 -45.67 -43.44 -3.41
CA ARG L 82 -44.65 -43.92 -2.48
C ARG L 82 -43.30 -43.25 -2.76
N ILE L 83 -42.98 -42.99 -4.03
CA ILE L 83 -41.82 -42.18 -4.38
C ILE L 83 -41.87 -40.83 -3.69
N LEU L 84 -43.03 -40.16 -3.74
CA LEU L 84 -43.14 -38.86 -3.09
C LEU L 84 -43.01 -38.98 -1.58
N GLU L 85 -43.53 -40.07 -1.00
CA GLU L 85 -43.41 -40.27 0.45
C GLU L 85 -41.95 -40.43 0.87
N ILE L 86 -41.19 -41.23 0.13
CA ILE L 86 -39.80 -41.48 0.49
C ILE L 86 -38.96 -40.23 0.28
N TYR L 87 -39.19 -39.51 -0.83
CA TYR L 87 -38.49 -38.26 -1.04
C TYR L 87 -38.74 -37.30 0.12
N ASN L 88 -40.01 -37.12 0.48
CA ASN L 88 -40.30 -36.22 1.60
CA ASN L 88 -40.35 -36.25 1.62
C ASN L 88 -39.64 -36.71 2.89
N ALA L 89 -39.61 -38.03 3.11
CA ALA L 89 -39.05 -38.56 4.35
C ALA L 89 -37.56 -38.24 4.48
N LEU L 90 -36.86 -38.09 3.36
CA LEU L 90 -35.43 -37.75 3.38
C LEU L 90 -35.17 -36.25 3.52
N ARG L 91 -36.20 -35.42 3.49
CA ARG L 91 -35.97 -34.00 3.64
C ARG L 91 -35.73 -33.68 5.11
N PRO L 92 -35.09 -32.55 5.40
CA PRO L 92 -34.66 -32.29 6.79
C PRO L 92 -35.83 -32.27 7.75
N TYR L 93 -35.63 -32.90 8.91
CA TYR L 93 -36.50 -32.86 10.08
C TYR L 93 -37.82 -33.58 9.88
N ARG L 94 -37.96 -34.39 8.81
CA ARG L 94 -39.21 -35.10 8.58
C ARG L 94 -39.32 -36.41 9.34
N SER L 95 -38.22 -37.14 9.53
CA SER L 95 -38.28 -38.55 9.92
C SER L 95 -37.43 -38.84 11.13
N THR L 96 -37.86 -39.83 11.91
CA THR L 96 -37.00 -40.44 12.91
C THR L 96 -36.06 -41.42 12.24
N LYS L 97 -34.98 -41.77 12.95
CA LYS L 97 -34.06 -42.75 12.39
C LYS L 97 -34.76 -44.08 12.16
N GLU L 98 -35.63 -44.48 13.09
CA GLU L 98 -36.35 -45.74 12.93
C GLU L 98 -37.20 -45.72 11.66
N GLU L 99 -37.85 -44.59 11.37
CA GLU L 99 -38.70 -44.49 10.19
C GLU L 99 -37.89 -44.59 8.91
N LEU L 100 -36.71 -43.96 8.89
CA LEU L 100 -35.87 -44.08 7.71
C LEU L 100 -35.39 -45.52 7.52
N LEU L 101 -34.99 -46.20 8.60
CA LEU L 101 -34.59 -47.60 8.47
C LEU L 101 -35.75 -48.49 8.03
N ALA L 102 -36.98 -48.14 8.41
CA ALA L 102 -38.15 -48.90 7.96
C ALA L 102 -38.39 -48.69 6.46
N ILE L 103 -38.13 -47.48 5.96
CA ILE L 103 -38.24 -47.23 4.53
C ILE L 103 -37.21 -48.04 3.77
N ALA L 104 -35.99 -48.15 4.32
CA ALA L 104 -34.96 -48.95 3.67
C ALA L 104 -35.33 -50.43 3.65
N ASP L 105 -35.88 -50.95 4.75
CA ASP L 105 -36.30 -52.35 4.77
C ASP L 105 -37.39 -52.61 3.74
N ASP L 106 -38.34 -51.69 3.63
CA ASP L 106 -39.40 -51.82 2.64
C ASP L 106 -38.81 -51.81 1.22
N LEU L 107 -37.94 -50.84 0.94
CA LEU L 107 -37.29 -50.79 -0.37
C LEU L 107 -36.59 -52.11 -0.69
N GLU L 108 -35.83 -52.63 0.27
CA GLU L 108 -35.10 -53.87 0.02
C GLU L 108 -36.03 -55.06 -0.12
N SER L 109 -36.97 -55.23 0.82
CA SER L 109 -37.72 -56.48 0.87
C SER L 109 -38.98 -56.48 0.02
N ARG L 110 -39.58 -55.32 -0.25
CA ARG L 110 -40.78 -55.27 -1.08
C ARG L 110 -40.47 -55.01 -2.55
N TYR L 111 -39.45 -54.20 -2.84
CA TYR L 111 -39.18 -53.77 -4.21
C TYR L 111 -37.84 -54.26 -4.74
N GLN L 112 -37.09 -55.03 -3.96
CA GLN L 112 -35.74 -55.49 -4.33
C GLN L 112 -34.86 -54.31 -4.74
N ALA L 113 -35.09 -53.16 -4.12
CA ALA L 113 -34.34 -51.93 -4.43
C ALA L 113 -33.13 -51.85 -3.49
N LYS L 114 -32.14 -52.70 -3.79
CA LYS L 114 -31.02 -52.92 -2.88
C LYS L 114 -30.14 -51.67 -2.75
N ILE L 115 -29.85 -51.01 -3.87
CA ILE L 115 -28.98 -49.83 -3.82
C ILE L 115 -29.70 -48.66 -3.14
N CYS L 116 -30.99 -48.47 -3.44
CA CYS L 116 -31.72 -47.37 -2.80
C CYS L 116 -31.90 -47.62 -1.31
N ALA L 117 -32.14 -48.87 -0.91
CA ALA L 117 -32.22 -49.18 0.52
C ALA L 117 -30.92 -48.82 1.23
N ALA L 118 -29.78 -49.20 0.63
CA ALA L 118 -28.50 -48.85 1.25
C ALA L 118 -28.31 -47.34 1.31
N PHE L 119 -28.76 -46.65 0.26
CA PHE L 119 -28.68 -45.19 0.19
C PHE L 119 -29.47 -44.54 1.32
N VAL L 120 -30.65 -45.10 1.64
CA VAL L 120 -31.48 -44.54 2.71
C VAL L 120 -30.88 -44.85 4.08
N ARG L 121 -30.37 -46.07 4.28
CA ARG L 121 -29.71 -46.38 5.55
C ARG L 121 -28.50 -45.50 5.76
N GLU L 122 -27.77 -45.18 4.68
CA GLU L 122 -26.64 -44.28 4.77
C GLU L 122 -27.07 -42.89 5.22
N ALA L 123 -28.14 -42.37 4.62
CA ALA L 123 -28.70 -41.10 5.05
C ALA L 123 -29.11 -41.17 6.52
N ALA L 124 -29.77 -42.26 6.93
CA ALA L 124 -30.22 -42.35 8.32
C ALA L 124 -29.06 -42.21 9.30
N THR L 125 -27.94 -42.89 9.04
CA THR L 125 -26.78 -42.79 9.93
C THR L 125 -26.26 -41.35 9.98
N LEU L 126 -26.13 -40.72 8.82
CA LEU L 126 -25.56 -39.38 8.79
C LEU L 126 -26.53 -38.31 9.31
N TYR L 127 -27.85 -38.54 9.20
CA TYR L 127 -28.80 -37.56 9.76
C TYR L 127 -28.78 -37.56 11.28
N VAL L 128 -28.43 -38.68 11.93
CA VAL L 128 -28.21 -38.66 13.37
C VAL L 128 -27.05 -37.74 13.69
N GLU L 129 -25.91 -37.98 13.03
CA GLU L 129 -24.69 -37.26 13.33
CA GLU L 129 -24.69 -37.26 13.35
C GLU L 129 -24.81 -35.78 12.99
N ARG L 130 -25.49 -35.46 11.88
CA ARG L 130 -25.63 -34.08 11.44
C ARG L 130 -26.95 -33.45 11.84
N LYS L 131 -27.75 -34.16 12.65
CA LYS L 131 -28.94 -33.62 13.32
C LYS L 131 -29.95 -33.07 12.32
N LYS L 132 -30.40 -33.96 11.42
CA LYS L 132 -31.42 -33.59 10.44
C LYS L 132 -32.65 -34.50 10.56
N LEU L 133 -32.82 -35.13 11.72
CA LEU L 133 -33.97 -35.96 11.99
C LEU L 133 -35.09 -35.13 12.61
N LYS L 134 -36.28 -35.72 12.64
CA LYS L 134 -37.41 -35.09 13.31
C LYS L 134 -37.03 -34.67 14.72
N GLY L 135 -37.39 -33.45 15.08
CA GLY L 135 -37.12 -32.94 16.41
C GLY L 135 -35.77 -32.29 16.58
N ASP L 136 -34.90 -32.32 15.56
CA ASP L 136 -33.59 -31.71 15.61
C ASP L 136 -33.58 -30.25 15.22
N ASP L 137 -34.73 -29.70 14.82
CA ASP L 137 -34.79 -28.31 14.37
C ASP L 137 -34.97 -27.33 15.53
CA CA M . 8.70 -7.58 34.67
K K N . 0.38 -7.39 21.94
K K O . 2.19 -15.75 34.73
C1 PGO P . 8.62 -10.10 32.65
C2 PGO P . 9.41 -8.99 31.95
C3 PGO P . 10.40 -9.60 30.97
O1 PGO P . 7.66 -9.62 33.58
O2 PGO P . 10.10 -8.19 32.91
N1 5AD Q . 2.64 -10.10 25.39
C2 5AD Q . 2.10 -10.82 26.40
N3 5AD Q . 2.77 -11.27 27.46
C4 5AD Q . 4.09 -11.01 27.57
N9 5AD Q . 5.03 -11.30 28.46
C8 5AD Q . 6.21 -10.76 28.05
N7 5AD Q . 6.06 -10.12 26.88
C5 5AD Q . 4.75 -10.22 26.52
C6 5AD Q . 3.94 -9.76 25.38
N6 5AD Q . 4.49 -9.02 24.40
C1' 5AD Q . 4.77 -12.05 29.71
C2' 5AD Q . 4.73 -13.54 29.54
C3' 5AD Q . 6.18 -13.92 29.79
C4' 5AD Q . 6.64 -12.89 30.82
C5' 5AD Q . 8.10 -12.60 30.60
O4' 5AD Q . 5.84 -11.72 30.60
O2' 5AD Q . 3.88 -13.99 30.61
O3' 5AD Q . 6.27 -15.23 30.31
CL CL R . 13.25 20.04 36.81
CL CL S . 10.40 -1.29 5.29
CO B12 T . 7.86 -17.25 27.77
N21 B12 T . 8.66 -18.17 29.13
N22 B12 T . 6.17 -17.68 28.39
N23 B12 T . 7.21 -16.16 26.42
N24 B12 T . 9.61 -16.72 27.47
C1 B12 T . 10.12 -18.25 29.10
C20 B12 T . 10.59 -19.43 28.27
C2 B12 T . 10.48 -18.43 30.60
C25 B12 T . 11.77 -19.20 30.83
C26 B12 T . 10.63 -17.12 31.40
C27 B12 T . 9.36 -16.31 31.62
O28 B12 T . 8.96 -15.60 30.71
N29 B12 T . 8.74 -16.40 32.82
C3 B12 T . 9.25 -19.15 31.16
C30 B12 T . 9.35 -20.69 31.22
C31 B12 T . 9.64 -21.23 32.63
C32 B12 T . 9.82 -22.74 32.59
O34 B12 T . 8.92 -23.48 32.21
N33 B12 T . 11.00 -23.22 33.01
C4 B12 T . 8.19 -18.69 30.19
C5 B12 T . 6.76 -18.75 30.54
C35 B12 T . 6.46 -19.17 31.96
C6 B12 T . 5.84 -18.37 29.65
C7 B12 T . 4.32 -18.50 29.79
C36 B12 T . 3.82 -19.91 30.22
C37 B12 T . 3.87 -17.37 30.73
C38 B12 T . 2.37 -17.16 30.83
O39 B12 T . 1.54 -17.92 30.36
N40 B12 T . 2.02 -16.07 31.54
C8 B12 T . 3.89 -18.17 28.38
C41 B12 T . 3.73 -19.38 27.45
C42 B12 T . 2.94 -19.00 26.20
C43 B12 T . 3.17 -19.97 25.04
O44 B12 T . 4.30 -20.29 24.72
N45 B12 T . 2.08 -20.40 24.40
C9 B12 T . 5.04 -17.36 27.87
C10 B12 T . 4.81 -16.27 26.91
C11 B12 T . 5.83 -15.73 26.25
C12 B12 T . 5.75 -14.63 25.23
C46 B12 T . 5.97 -13.32 25.94
C47 B12 T . 4.44 -14.55 24.45
C13 B12 T . 6.97 -14.96 24.39
C48 B12 T . 6.68 -15.79 23.12
C49 B12 T . 6.15 -17.21 23.37
C50 B12 T . 5.78 -17.90 22.08
O51 B12 T . 5.99 -17.37 21.00
N52 B12 T . 5.21 -19.10 22.21
C14 B12 T . 7.86 -15.60 25.45
C15 B12 T . 9.35 -15.43 25.41
C53 B12 T . 9.89 -14.65 24.23
C16 B12 T . 10.12 -15.90 26.39
C17 B12 T . 11.59 -15.68 26.71
C54 B12 T . 11.65 -14.37 27.49
C55 B12 T . 12.61 -15.61 25.57
C56 B12 T . 12.64 -16.79 24.58
C57 B12 T . 13.37 -16.39 23.32
O58 B12 T . 13.19 -15.31 22.76
N59 B12 T . 14.22 -17.27 22.80
C18 B12 T . 11.87 -16.88 27.61
C60 B12 T . 13.10 -16.69 28.53
C61 B12 T . 14.26 -17.64 28.24
O63 B12 T . 14.45 -18.11 27.12
N62 B12 T . 15.04 -17.95 29.26
C19 B12 T . 10.54 -17.03 28.32
C1P B12 T . 15.02 -17.04 21.59
C2P B12 T . 14.32 -17.66 20.38
C3P B12 T . 15.06 -17.30 19.09
O3 B12 T . 14.33 -19.08 20.52
O4 B12 T . 13.32 -21.33 20.71
O5 B12 T . 12.38 -19.65 18.96
P B12 T . 12.99 -19.93 20.32
O2 B12 T . 12.08 -19.24 21.45
C3R B12 T . 10.73 -19.67 21.62
C2R B12 T . 10.46 -20.33 22.96
O7R B12 T . 11.12 -19.56 23.96
C1R B12 T . 8.95 -20.22 23.05
O6R B12 T . 8.61 -19.03 22.36
C4R B12 T . 9.75 -18.50 21.67
C5R B12 T . 9.36 -17.98 20.29
O8R B12 T . 8.79 -19.03 19.50
N1B B12 T . 8.48 -20.04 24.44
C8B B12 T . 7.90 -20.97 25.21
C2B B12 T . 8.52 -18.89 25.07
N3B B12 T . 8.01 -19.02 26.28
C9B B12 T . 7.58 -20.29 26.50
C4B B12 T . 6.97 -21.02 27.52
C5B B12 T . 6.69 -22.38 27.32
C5M B12 T . 6.03 -23.18 28.42
C6B B12 T . 7.02 -23.06 26.02
C6M B12 T . 6.70 -24.51 25.80
C7B B12 T . 7.63 -22.32 25.00
CL CL U . -13.02 2.70 34.39
CA CA V . 31.82 22.55 14.57
K K W . 30.78 29.97 27.82
K K X . 38.36 30.74 14.46
C1 PGO Y . 34.39 23.22 16.40
C2 PGO Y . 33.59 22.18 17.17
C3 PGO Y . 34.48 21.40 18.13
O1 PGO Y . 33.60 23.98 15.49
O2 PGO Y . 32.97 21.27 16.26
N1 5AD Z . 33.70 28.51 24.11
C2 5AD Z . 34.19 29.27 23.10
N3 5AD Z . 34.66 28.77 21.95
C4 5AD Z . 34.68 27.43 21.75
N9 5AD Z . 35.07 26.65 20.76
C8 5AD Z . 34.86 25.35 21.10
N7 5AD Z . 34.31 25.27 22.34
C5 5AD Z . 34.18 26.53 22.80
C6 5AD Z . 33.68 27.16 24.03
N6 5AD Z . 33.18 26.40 25.03
C1' 5AD Z . 35.62 27.10 19.46
C2' 5AD Z . 37.08 27.47 19.52
C3' 5AD Z . 37.77 26.19 19.15
C4' 5AD Z . 36.80 25.54 18.18
C5' 5AD Z . 36.94 24.03 18.27
O4' 5AD Z . 35.49 26.00 18.56
O2' 5AD Z . 37.29 28.51 18.56
O3' 5AD Z . 39.01 26.46 18.51
CL CL AA . 28.20 17.94 44.01
CL CL BA . 5.60 12.32 13.84
CO B12 CA . 41.56 25.15 20.89
N21 B12 CA . 42.55 24.64 19.42
N22 B12 CA . 41.58 26.94 20.34
N23 B12 CA . 40.46 25.48 22.33
N24 B12 CA . 41.45 23.33 21.11
C1 B12 CA . 42.92 23.23 19.35
C20 B12 CA . 44.23 22.94 20.08
C2 B12 CA . 43.07 23.00 17.82
C25 B12 CA . 44.09 21.93 17.43
C26 B12 CA . 41.75 22.61 17.09
C27 B12 CA . 40.71 23.70 16.98
O28 B12 CA . 40.01 23.94 17.96
N29 B12 CA . 40.57 24.35 15.81
C3 B12 CA . 43.51 24.39 17.33
C30 B12 CA . 45.02 24.62 17.20
C31 B12 CA . 45.50 24.57 15.74
C32 B12 CA . 47.01 24.70 15.69
O34 B12 CA . 47.56 25.72 16.07
N33 B12 CA . 47.69 23.68 15.17
C4 B12 CA . 42.89 25.28 18.38
C5 B12 CA . 42.61 26.72 18.12
C35 B12 CA . 42.88 27.18 16.71
C6 B12 CA . 42.10 27.49 19.08
C7 B12 CA . 41.91 29.02 19.04
C36 B12 CA . 43.14 29.81 18.58
C37 B12 CA . 40.67 29.30 18.17
C38 B12 CA . 40.12 30.71 18.18
O39 B12 CA . 40.72 31.67 18.63
N40 B12 CA . 38.90 30.82 17.64
C8 B12 CA . 41.58 29.28 20.50
C41 B12 CA . 42.77 29.69 21.35
C42 B12 CA . 42.32 30.29 22.69
C43 B12 CA . 43.40 30.18 23.74
O44 B12 CA . 44.02 29.13 23.88
N45 B12 CA . 43.65 31.27 24.47
C9 B12 CA . 41.09 27.94 20.97
C10 B12 CA . 40.06 27.87 22.01
C11 B12 CA . 39.78 26.72 22.61
C12 B12 CA . 38.76 26.52 23.70
C46 B12 CA . 37.50 26.08 23.02
C47 B12 CA . 38.46 27.75 24.57
C13 B12 CA . 39.40 25.35 24.42
C48 B12 CA . 40.28 25.71 25.65
C49 B12 CA . 41.54 26.58 25.36
C50 B12 CA . 42.22 27.02 26.65
O51 B12 CA . 41.85 26.62 27.73
N52 B12 CA . 43.26 27.86 26.50
C14 B12 CA . 40.14 24.67 23.28
C15 B12 CA . 40.32 23.18 23.28
C53 B12 CA . 39.76 22.43 24.47
C16 B12 CA . 40.86 22.57 22.19
C17 B12 CA . 40.92 21.11 21.78
C54 B12 CA . 39.60 20.80 21.09
C55 B12 CA . 41.18 20.02 22.84
C56 B12 CA . 42.40 20.20 23.76
C57 B12 CA . 42.24 19.33 25.00
O58 B12 CA . 41.18 19.27 25.61
N59 B12 CA . 43.31 18.66 25.42
C18 B12 CA . 42.05 21.15 20.75
C60 B12 CA . 42.05 19.98 19.76
C61 B12 CA . 43.27 19.07 19.89
O63 B12 CA . 43.86 18.89 20.96
N62 B12 CA . 43.70 18.48 18.77
C19 B12 CA . 41.85 22.53 20.16
C1P B12 CA . 43.38 17.75 26.55
C2P B12 CA . 43.94 18.46 27.77
C3P B12 CA . 43.87 17.54 28.97
O3 B12 CA . 45.31 18.74 27.53
O4 B12 CA . 47.27 20.28 27.28
O5 B12 CA . 45.57 20.66 29.18
P B12 CA . 45.85 20.23 27.77
O2 B12 CA . 44.94 21.07 26.77
C3R B12 CA . 45.06 22.48 26.64
C2R B12 CA . 45.50 22.94 25.27
O7R B12 CA . 44.80 22.21 24.24
C1R B12 CA . 45.06 24.40 25.29
O6R B12 CA . 43.88 24.42 26.09
C4R B12 CA . 43.71 23.16 26.76
C5R B12 CA . 43.28 23.36 28.21
O8R B12 CA . 44.18 24.24 28.89
N1B B12 CA . 44.68 24.93 23.97
C8B B12 CA . 45.41 25.73 23.17
C2B B12 CA . 43.50 24.67 23.40
N3B B12 CA . 43.41 25.29 22.25
C9B B12 CA . 44.55 25.99 21.98
C4B B12 CA . 45.05 26.79 20.95
C5B B12 CA . 46.32 27.35 21.06
C5M B12 CA . 46.87 28.23 19.96
C6B B12 CA . 47.16 27.09 22.27
C6M B12 CA . 48.54 27.70 22.36
C7B B12 CA . 46.68 26.28 23.29
CL CL DA . 16.80 41.18 16.79
CA CA EA . -6.66 7.34 -33.02
K K FA . -7.71 -1.00 -45.59
K K GA . -2.31 12.56 -40.96
C1 PGO HA . -8.08 8.56 -35.63
C2 PGO HA . -8.99 7.50 -35.05
C3 PGO HA . -10.44 7.69 -35.52
O1 PGO HA . -6.71 8.32 -35.32
O2 PGO HA . -8.94 7.54 -33.63
N1 5AD IA . -7.78 3.52 -43.62
C2 5AD IA . -6.81 4.46 -43.65
N3 5AD IA . -6.74 5.50 -42.81
C4 5AD IA . -7.67 5.66 -41.86
N9 5AD IA . -7.88 6.57 -40.92
C8 5AD IA . -9.00 6.24 -40.24
N7 5AD IA . -9.55 5.10 -40.74
C5 5AD IA . -8.76 4.69 -41.75
C6 5AD IA . -8.78 3.57 -42.72
N6 5AD IA . -9.73 2.62 -42.68
C1' 5AD IA . -7.00 7.73 -40.65
C2' 5AD IA . -7.21 8.88 -41.61
C3' 5AD IA . -8.26 9.71 -40.89
C4' 5AD IA . -7.98 9.46 -39.41
C5' 5AD IA . -9.28 9.44 -38.62
O4' 5AD IA . -7.31 8.19 -39.32
O2' 5AD IA . -5.97 9.59 -41.65
O3' 5AD IA . -8.17 11.11 -41.17
CL CL JA . -25.09 -11.63 -47.35
CL CL KA . -5.79 -13.68 -14.30
CO B12 LA . -11.18 11.97 -42.96
N21 B12 LA . -11.12 13.61 -42.15
N22 B12 LA . -9.52 12.22 -43.74
N23 B12 LA . -11.40 10.25 -43.62
N24 B12 LA . -12.70 11.84 -41.93
C1 B12 LA . -12.29 14.05 -41.41
C20 B12 LA . -13.30 14.75 -42.31
C2 B12 LA . -11.73 15.01 -40.34
C25 B12 LA . -12.67 16.13 -39.92
C26 B12 LA . -11.28 14.32 -39.03
C27 B12 LA . -10.03 13.45 -39.18
O28 B12 LA . -10.14 12.32 -39.60
N29 B12 LA . -8.82 13.94 -38.87
C3 B12 LA . -10.50 15.57 -41.07
C30 B12 LA . -10.74 16.89 -41.80
C31 B12 LA . -10.09 18.09 -41.12
C32 B12 LA . -10.49 19.37 -41.83
O34 B12 LA . -10.14 19.56 -42.99
N33 B12 LA . -11.24 20.23 -41.14
C4 B12 LA . -10.16 14.45 -42.03
C5 B12 LA . -8.81 14.31 -42.64
C35 B12 LA . -7.79 15.32 -42.17
C6 B12 LA . -8.57 13.32 -43.50
C7 B12 LA . -7.30 13.09 -44.31
C36 B12 LA . -6.78 14.31 -45.07
C37 B12 LA . -6.22 12.54 -43.38
C38 B12 LA . -4.95 12.02 -44.04
O39 B12 LA . -4.68 12.23 -45.22
N40 B12 LA . -4.14 11.32 -43.26
C8 B12 LA . -7.79 12.02 -45.28
C41 B12 LA . -8.27 12.53 -46.64
C42 B12 LA . -8.35 11.41 -47.67
C43 B12 LA . -9.38 11.73 -48.74
O44 B12 LA . -10.50 12.14 -48.43
N45 B12 LA . -8.99 11.55 -50.00
C9 B12 LA . -8.94 11.41 -44.54
C10 B12 LA . -9.24 9.99 -44.72
C11 B12 LA . -10.37 9.47 -44.27
C12 B12 LA . -10.78 8.04 -44.39
C46 B12 LA . -10.39 7.31 -43.13
C47 B12 LA . -10.19 7.29 -45.59
C13 B12 LA . -12.30 8.21 -44.41
C48 B12 LA . -12.94 8.22 -45.81
C49 B12 LA . -12.58 9.46 -46.66
C50 B12 LA . -13.09 9.33 -48.08
O51 B12 LA . -13.89 8.46 -48.37
N52 B12 LA . -12.62 10.22 -48.95
C14 B12 LA . -12.44 9.49 -43.59
C15 B12 LA . -13.64 9.69 -42.72
C53 B12 LA . -14.66 8.59 -42.76
C16 B12 LA . -13.69 10.76 -41.91
C17 B12 LA . -14.63 11.08 -40.75
C54 B12 LA . -14.08 10.34 -39.55
C55 B12 LA . -16.11 10.72 -40.90
C56 B12 LA . -16.84 11.25 -42.14
C57 B12 LA . -18.14 10.48 -42.28
O58 B12 LA . -18.19 9.26 -42.11
N59 B12 LA . -19.21 11.20 -42.61
C18 B12 LA . -14.42 12.60 -40.63
C60 B12 LA . -14.78 13.19 -39.25
C61 B12 LA . -15.97 14.14 -39.32
O63 B12 LA . -16.83 14.02 -40.18
N62 B12 LA . -16.02 15.11 -38.41
C19 B12 LA . -12.96 12.74 -41.03
C1P B12 LA . -20.57 10.68 -42.80
C2P B12 LA . -20.81 10.49 -44.29
C3P B12 LA . -22.12 9.73 -44.50
O3 B12 LA . -20.91 11.75 -44.95
O4 B12 LA . -20.27 13.45 -46.68
O5 B12 LA . -20.31 10.92 -47.25
P B12 LA . -20.04 12.03 -46.28
O2 B12 LA . -18.56 11.79 -45.72
C3R B12 LA . -17.45 11.88 -46.61
C2R B12 LA . -16.55 13.02 -46.22
O7R B12 LA . -16.36 13.02 -44.80
C1R B12 LA . -15.26 12.61 -46.92
O6R B12 LA . -15.27 11.18 -46.96
C4R B12 LA . -16.53 10.68 -46.50
C5R B12 LA . -16.98 9.46 -47.30
O8R B12 LA . -17.12 9.75 -48.69
N1B B12 LA . -14.02 12.95 -46.20
C8B B12 LA . -13.16 13.93 -46.50
C2B B12 LA . -13.57 12.25 -45.16
N3B B12 LA . -12.41 12.76 -44.74
C9B B12 LA . -12.06 13.83 -45.50
C4B B12 LA . -11.01 14.75 -45.57
C5B B12 LA . -11.02 15.75 -46.56
C5M B12 LA . -9.90 16.74 -46.65
C6B B12 LA . -12.12 15.84 -47.55
C6M B12 LA . -12.10 16.91 -48.61
C7B B12 LA . -13.17 14.91 -47.48
CL CL MA . 11.53 -7.23 -39.59
CA CA NA . -33.65 -21.82 -16.44
K K OA . -23.93 -22.00 -4.83
K K PA . -37.91 -27.13 -8.46
N1 5AD QA . -28.64 -21.84 -6.25
C2 5AD QA . -29.56 -22.82 -6.20
N3 5AD QA . -30.69 -22.82 -6.94
C4 5AD QA . -30.95 -21.78 -7.76
N9 5AD QA . -31.95 -21.49 -8.58
C8 5AD QA . -31.70 -20.31 -9.18
N7 5AD QA . -30.53 -19.78 -8.77
C5 5AD QA . -30.00 -20.67 -7.88
C6 5AD QA . -28.79 -20.75 -7.03
N6 5AD QA . -27.84 -19.80 -7.08
C1' 5AD QA . -33.11 -22.37 -8.81
C2' 5AD QA . -34.16 -22.23 -7.73
C3' 5AD QA . -35.07 -21.16 -8.28
C4' 5AD QA . -34.99 -21.39 -9.77
C5' 5AD QA . -35.15 -20.07 -10.53
O4' 5AD QA . -33.69 -21.96 -10.04
O2' 5AD QA . -34.82 -23.50 -7.67
O3' 5AD QA . -36.40 -21.36 -7.83
CL CL RA . -13.59 -4.66 -2.34
CL CL SA . -14.69 -20.21 -37.24
CO B12 TA . -37.09 -18.55 -5.59
N21 B12 TA . -38.82 -18.58 -6.19
N22 B12 TA . -37.23 -20.31 -4.97
N23 B12 TA . -35.30 -18.38 -5.14
N24 B12 TA . -37.06 -16.95 -6.47
C1 B12 TA . -39.31 -17.32 -6.77
C20 B12 TA . -39.94 -16.39 -5.73
C2 B12 TA . -40.39 -17.82 -7.76
C25 B12 TA . -41.52 -16.81 -7.96
C26 B12 TA . -39.87 -18.16 -9.16
C27 B12 TA . -38.95 -19.37 -9.26
O28 B12 TA . -37.78 -19.22 -9.00
N29 B12 TA . -39.44 -20.55 -9.66
C3 B12 TA . -40.89 -19.11 -7.10
C30 B12 TA . -42.13 -18.97 -6.18
C31 B12 TA . -43.41 -19.50 -6.85
C32 B12 TA . -44.61 -19.23 -5.97
O34 B12 TA . -44.67 -19.71 -4.85
N33 B12 TA . -45.58 -18.48 -6.50
C4 B12 TA . -39.66 -19.53 -6.32
C5 B12 TA . -39.45 -20.94 -5.90
C35 B12 TA . -40.47 -21.95 -6.38
C6 B12 TA . -38.34 -21.26 -5.19
C7 B12 TA . -38.02 -22.60 -4.55
C36 B12 TA . -39.17 -23.25 -3.74
C37 B12 TA . -37.56 -23.54 -5.68
C38 B12 TA . -36.99 -24.88 -5.26
O39 B12 TA . -37.06 -25.32 -4.12
N40 B12 TA . -36.40 -25.57 -6.24
C8 B12 TA . -36.83 -22.22 -3.67
C41 B12 TA . -37.19 -21.86 -2.23
C42 B12 TA . -35.96 -21.89 -1.31
C43 B12 TA . -36.15 -21.01 -0.10
O44 B12 TA . -36.52 -19.87 -0.18
N45 B12 TA . -35.85 -21.57 1.06
C9 B12 TA . -36.33 -20.98 -4.34
C10 B12 TA . -34.90 -20.64 -4.25
C11 B12 TA . -34.46 -19.46 -4.68
C12 B12 TA . -33.03 -19.04 -4.72
C46 B12 TA . -32.52 -19.34 -6.11
C47 B12 TA . -32.14 -19.73 -3.68
C13 B12 TA . -33.17 -17.54 -4.53
C48 B12 TA . -33.03 -17.10 -3.05
C49 B12 TA . -34.14 -17.53 -2.07
C50 B12 TA . -33.82 -17.16 -0.64
O51 B12 TA . -32.95 -16.35 -0.37
N52 B12 TA . -34.56 -17.76 0.29
C14 B12 TA . -34.55 -17.34 -5.16
C15 B12 TA . -34.85 -16.05 -5.87
C53 B12 TA . -33.77 -14.99 -5.80
C16 B12 TA . -36.01 -15.93 -6.55
C17 B12 TA . -36.46 -14.89 -7.56
C54 B12 TA . -35.86 -15.32 -8.91
C55 B12 TA . -36.14 -13.41 -7.31
C56 B12 TA . -36.47 -12.83 -5.93
C57 B12 TA . -35.67 -11.55 -5.70
O58 B12 TA . -34.46 -11.49 -5.91
N59 B12 TA . -36.35 -10.50 -5.22
C18 B12 TA . -37.97 -15.13 -7.52
C60 B12 TA . -38.74 -14.58 -8.74
C61 B12 TA . -39.67 -13.43 -8.39
O63 B12 TA . -39.47 -12.66 -7.45
N62 B12 TA . -40.76 -13.29 -9.15
C19 B12 TA . -38.05 -16.62 -7.25
C1P B12 TA . -35.81 -9.18 -4.94
C2P B12 TA . -35.44 -9.04 -3.46
C3P B12 TA . -34.74 -7.71 -3.21
O3 B12 TA . -36.62 -9.08 -2.65
O4 B12 TA . -38.08 -9.97 -0.84
O5 B12 TA . -35.50 -9.90 -0.50
P B12 TA . -36.68 -10.09 -1.41
O2 B12 TA . -36.52 -11.52 -2.14
C3R B12 TA . -36.52 -12.72 -1.38
C2R B12 TA . -37.69 -13.62 -1.73
O7R B12 TA . -37.85 -13.66 -3.15
C1R B12 TA . -37.18 -14.96 -1.20
O6R B12 TA . -35.76 -14.90 -1.36
C4R B12 TA . -35.34 -13.60 -1.73
C5R B12 TA . -34.05 -13.25 -0.99
O8R B12 TA . -34.22 -13.30 0.43
N1B B12 TA . -37.63 -16.13 -1.98
C8B B12 TA . -38.58 -17.02 -1.65
C2B B12 TA . -37.10 -16.49 -3.14
N3B B12 TA . -37.68 -17.58 -3.60
C9B B12 TA . -38.64 -18.02 -2.76
C4B B12 TA . -39.56 -19.06 -2.68
C5B B12 TA . -40.41 -19.14 -1.59
C5M B12 TA . -41.41 -20.26 -1.46
C6B B12 TA . -40.34 -18.14 -0.49
C6M B12 TA . -41.26 -18.24 0.69
C7B B12 TA . -39.44 -17.09 -0.56
CL CL UA . -18.41 -40.11 -13.81
#